data_7B18
#
_entry.id   7B18
#
_cell.length_a   1.00
_cell.length_b   1.00
_cell.length_c   1.00
_cell.angle_alpha   90.00
_cell.angle_beta   90.00
_cell.angle_gamma   90.00
#
_symmetry.space_group_name_H-M   'P 1'
#
loop_
_entity.id
_entity.type
_entity.pdbx_description
1 polymer 'Spike glycoprotein'
2 polymer 'Nanobody against SARS-CoV-2 VHH E'
3 polymer 'Nanobody against spike glycoprotein VHH V'
4 branched 2-acetamido-2-deoxy-beta-D-glucopyranose-(1-4)-2-acetamido-2-deoxy-beta-D-glucopyranose
5 non-polymer 2-acetamido-2-deoxy-beta-D-glucopyranose
#
loop_
_entity_poly.entity_id
_entity_poly.type
_entity_poly.pdbx_seq_one_letter_code
_entity_poly.pdbx_strand_id
1 'polypeptide(L)'
;MFVFLVLLPLVSSQCVNLTTRTQLPPAYTNSFTRGVYYPDKVFRSSVLHSTQDLFLPFFSNVTWFHAIHVSGTNGTKRFD
NPVLPFNDGVYFASTEKSNIIRGWIFGTTLDSKTQSLLIVNNATNVVIKVCEFQFCNDPFLGVYYHKNNKSWMESEFRVY
SSANNCTFEYVSQPFLMDLEGKQGNFKNLREFVFKNIDGYFKIYSKHTPINLVRDLPQGFSALEPLVDLPIGINITRFQT
LLALHRSYLTPGDSSSGWTAGAAAYYVGYLQPRTFLLKYNENGTITDAVDCALDPLSETKCTLKSFTVEKGIYQTSNFRV
QPTESIVRFPNITNLCPFGEVFNATRFASVYAWNRKRISNCVADYSVLYNSASFSTFKCYGVSPTKLNDLCFTNVYADSF
VIRGDEVRQIAPGQTGKIADYNYKLPDDFTGCVIAWNSNNLDSKVGGNYNYLYRLFRKSNLKPFERDISTEIYQAGSTPC
NGVEGFNCYFPLQSYGFQPTNGVGYQPYRVVVLSFELLHAPATVCGPKKSTNLVKNKCVNFNFNGLTGTGVLTESNKKFL
PFQQFGRDIADTTDAVRDPQTLEILDITPCSFGGVSVITPGTNTSNQVAVLYQDVNCTEVPVAIHADQLTPTWRVYSTGS
NVFQTRAGCLIGAEHVNNSYECDIPIGAGICASYQTQTNSPGSASSVASQSIIAYTMSLGAENSVAYSNNSIAIPTNFTI
SVTTEILPVSMTKTSVDCTMYICGDSTECSNLLLQYGSFCTQLNRALTGIAVEQDKNTQEVFAQVKQIYKTPPIKDFGGF
NFSQILPDPSKPSKRSFIEDLLFNKVTLADAGFIKQYGDCLGDIAARDLICAQKFNGLTVLPPLLTDEMIAQYTSALLAG
TITSGWTFGAGAALQIPFAMQMAYRFNGIGVTQNVLYENQKLIANQFNSAIGKIQDSLSSTASALGKLQDVVNQNAQALN
TLVKQLSSNFGAISSVLNDILSRLDPPEAEVQIDRLITGRLQSLQTYVTQQLIRAAEIRASANLAATKMSECVLGQSKRV
DFCGKGYHLMSFPQSAPHGVVFLHVTYVPAQEKNFTTAPAICHDGKAHFPREGVFVSNGTHWFVTQRNFYEPQIITTDNT
FVSGNCDVVIGIVNNTVYDPLQPELDSFKEELDKYFKNHTSPDVDLGDISGINASVVNIQKEIDRLNEVAKNLNESLIDL
QELGKYEQGSGYIPEAPRDGQAYVRKDGEWVLLSTFLGRSLEVLFQGPGHHHHHHHHSAWSHPQFEKGGGSGGGGSGGSA
WSHPQFEK
;
A,B,C
2 'polypeptide(L)'
;SQVQLVETGGGFVQPGGSLRLSCAASGVTLDYYAIGWFRQAPGKEREGVSCIGSSDGRTYYSDSVKGRFTISRDNAKNTV
YLQMNSLKPEDTAVYYCALTVGTYYSGNYHYTCSDDMDYWGKGTQVTVSS
;
D,F,H
3 'polypeptide(L)'
;QVQLVETGGGLVQPGGSLRLSCAASGFTFSSYAMGWARQVPGKGLEWVSYIYSDGSTEYQDSVKGRFTISRDNAKSTVYL
QMNSLKPEDTAVYYCATEGSLGGWGRDFGSWGQGTQVTVSS
;
E,G,I
#
loop_
_chem_comp.id
_chem_comp.type
_chem_comp.name
_chem_comp.formula
NAG D-saccharide, beta linking 2-acetamido-2-deoxy-beta-D-glucopyranose 'C8 H15 N O6'
#
# COMPACT_ATOMS: atom_id res chain seq x y z
N THR A 29 25.11 -48.01 8.25
CA THR A 29 23.74 -48.47 8.08
C THR A 29 22.90 -47.43 7.32
N ASN A 30 21.97 -47.91 6.50
CA ASN A 30 21.13 -47.06 5.66
C ASN A 30 19.69 -47.20 6.11
N SER A 31 19.10 -46.10 6.59
CA SER A 31 17.69 -46.08 6.95
C SER A 31 16.84 -46.33 5.72
N PHE A 32 15.76 -47.07 5.87
CA PHE A 32 14.94 -47.50 4.73
C PHE A 32 13.50 -47.03 4.93
N THR A 33 13.16 -45.86 4.39
CA THR A 33 11.82 -45.28 4.44
C THR A 33 11.27 -45.31 5.87
N ARG A 34 12.07 -44.81 6.80
CA ARG A 34 11.80 -44.91 8.22
C ARG A 34 11.95 -43.56 8.87
N GLY A 35 11.15 -43.30 9.89
CA GLY A 35 11.29 -42.09 10.68
C GLY A 35 10.37 -40.96 10.25
N VAL A 36 9.13 -41.30 9.89
CA VAL A 36 8.15 -40.32 9.46
C VAL A 36 7.15 -40.12 10.59
N TYR A 37 7.04 -38.89 11.05
CA TYR A 37 6.18 -38.57 12.18
C TYR A 37 5.06 -37.64 11.76
N TYR A 38 3.98 -37.67 12.53
CA TYR A 38 2.84 -36.82 12.26
C TYR A 38 3.22 -35.38 12.57
N PRO A 39 3.40 -34.53 11.56
CA PRO A 39 3.97 -33.19 11.83
C PRO A 39 3.05 -32.31 12.63
N ASP A 40 1.74 -32.54 12.57
CA ASP A 40 0.77 -31.67 13.23
C ASP A 40 -0.38 -32.52 13.73
N LYS A 41 -1.27 -31.88 14.49
CA LYS A 41 -2.32 -32.57 15.23
C LYS A 41 -3.59 -32.79 14.42
N VAL A 42 -3.64 -32.37 13.17
CA VAL A 42 -4.91 -32.29 12.46
C VAL A 42 -5.20 -33.61 11.75
N PHE A 43 -6.45 -34.03 11.82
CA PHE A 43 -6.92 -35.22 11.12
C PHE A 43 -7.05 -34.94 9.64
N ARG A 44 -6.82 -35.97 8.84
CA ARG A 44 -6.96 -35.87 7.39
C ARG A 44 -7.28 -37.25 6.84
N SER A 45 -8.16 -37.32 5.86
CA SER A 45 -8.64 -38.60 5.35
C SER A 45 -8.53 -38.64 3.83
N SER A 46 -7.89 -39.70 3.32
CA SER A 46 -7.80 -39.99 1.89
C SER A 46 -7.23 -38.80 1.11
N VAL A 47 -6.18 -38.19 1.65
CA VAL A 47 -5.59 -37.01 1.04
C VAL A 47 -4.07 -37.18 1.02
N LEU A 48 -3.44 -36.49 0.08
CA LEU A 48 -1.98 -36.45 -0.04
C LEU A 48 -1.54 -35.04 0.30
N HIS A 49 -0.85 -34.88 1.42
CA HIS A 49 -0.50 -33.58 1.95
C HIS A 49 1.01 -33.39 1.95
N SER A 50 1.47 -32.28 1.41
CA SER A 50 2.90 -31.99 1.28
C SER A 50 3.29 -30.96 2.31
N THR A 51 4.18 -31.34 3.22
CA THR A 51 4.54 -30.52 4.37
C THR A 51 6.06 -30.35 4.45
N GLN A 52 6.48 -29.17 4.89
CA GLN A 52 7.89 -28.82 5.01
C GLN A 52 8.26 -28.80 6.49
N ASP A 53 9.09 -29.76 6.90
CA ASP A 53 9.45 -29.91 8.30
C ASP A 53 10.79 -30.61 8.42
N LEU A 54 11.24 -30.77 9.65
CA LEU A 54 12.51 -31.42 9.99
C LEU A 54 12.29 -32.92 10.00
N PHE A 55 12.76 -33.59 8.96
CA PHE A 55 12.56 -35.02 8.82
C PHE A 55 13.90 -35.75 8.73
N LEU A 56 13.83 -37.07 8.62
CA LEU A 56 14.88 -38.03 8.29
C LEU A 56 14.83 -38.37 6.82
N PRO A 57 15.87 -38.08 6.04
CA PRO A 57 15.81 -38.33 4.61
C PRO A 57 15.65 -39.81 4.35
N PHE A 58 14.84 -40.14 3.36
CA PHE A 58 14.69 -41.53 2.97
C PHE A 58 16.04 -42.03 2.48
N PHE A 59 16.43 -43.21 2.94
CA PHE A 59 17.68 -43.84 2.49
C PHE A 59 18.88 -42.99 2.88
N SER A 60 19.10 -42.89 4.19
CA SER A 60 20.17 -42.08 4.77
C SER A 60 21.07 -42.91 5.67
N ASN A 61 22.31 -42.46 5.81
CA ASN A 61 23.28 -43.13 6.65
C ASN A 61 22.96 -42.89 8.12
N VAL A 62 22.58 -43.95 8.83
CA VAL A 62 22.30 -43.87 10.25
C VAL A 62 23.40 -44.61 11.01
N THR A 63 24.00 -43.93 11.97
CA THR A 63 25.08 -44.51 12.75
C THR A 63 24.57 -45.65 13.61
N TRP A 64 25.31 -46.75 13.62
CA TRP A 64 24.95 -47.97 14.33
C TRP A 64 25.88 -48.14 15.53
N PHE A 65 25.30 -48.44 16.69
CA PHE A 65 26.08 -48.79 17.86
C PHE A 65 25.55 -50.12 18.40
N HIS A 66 26.48 -50.97 18.83
CA HIS A 66 26.17 -52.29 19.37
C HIS A 66 26.32 -52.30 20.89
N ALA A 67 25.81 -53.37 21.50
CA ALA A 67 26.03 -53.63 22.92
C ALA A 67 26.06 -55.16 23.07
N ILE A 68 27.26 -55.72 23.01
CA ILE A 68 27.44 -57.17 22.95
C ILE A 68 28.56 -57.57 23.89
N HIS A 69 28.34 -58.66 24.64
CA HIS A 69 29.36 -59.17 25.53
C HIS A 69 30.54 -59.76 24.77
N VAL A 70 30.28 -60.41 23.63
CA VAL A 70 31.31 -61.06 22.83
C VAL A 70 32.07 -62.10 23.66
N THR A 76 37.01 -54.44 26.05
CA THR A 76 36.16 -53.50 25.32
C THR A 76 34.71 -53.60 25.79
N LYS A 77 34.08 -54.74 25.50
CA LYS A 77 32.68 -55.04 25.79
C LYS A 77 31.72 -54.18 24.97
N ARG A 78 32.21 -53.30 24.11
CA ARG A 78 31.39 -52.40 23.30
C ARG A 78 30.43 -51.60 24.17
N PHE A 79 31.02 -50.88 25.13
CA PHE A 79 30.28 -49.96 25.99
C PHE A 79 30.38 -48.58 25.35
N ASP A 80 29.51 -48.33 24.38
CA ASP A 80 29.57 -47.14 23.53
C ASP A 80 28.38 -46.23 23.85
N ASN A 81 28.62 -45.25 24.71
CA ASN A 81 27.62 -44.25 25.08
C ASN A 81 28.25 -42.87 24.99
N PRO A 82 28.58 -42.42 23.79
CA PRO A 82 29.35 -41.18 23.63
C PRO A 82 28.43 -39.98 23.62
N VAL A 83 29.03 -38.80 23.70
CA VAL A 83 28.32 -37.54 23.56
C VAL A 83 28.25 -37.20 22.07
N LEU A 84 27.05 -36.85 21.60
CA LEU A 84 26.84 -36.58 20.19
C LEU A 84 26.22 -35.20 20.02
N PRO A 85 26.53 -34.50 18.93
CA PRO A 85 25.93 -33.19 18.70
C PRO A 85 24.42 -33.31 18.47
N PHE A 86 23.71 -32.26 18.89
CA PHE A 86 22.26 -32.14 18.72
C PHE A 86 22.02 -30.92 17.84
N ASN A 87 22.08 -31.12 16.53
CA ASN A 87 21.99 -29.99 15.61
C ASN A 87 20.54 -29.54 15.40
N ASP A 88 19.69 -30.43 14.89
CA ASP A 88 18.32 -30.07 14.61
C ASP A 88 17.33 -31.18 14.97
N GLY A 89 17.70 -32.12 15.81
CA GLY A 89 16.81 -33.21 16.18
C GLY A 89 17.49 -34.53 15.89
N VAL A 90 16.97 -35.58 16.50
CA VAL A 90 17.59 -36.91 16.44
C VAL A 90 16.52 -37.97 16.26
N TYR A 91 16.75 -38.88 15.33
CA TYR A 91 16.01 -40.11 15.27
C TYR A 91 16.80 -41.19 16.01
N PHE A 92 16.12 -41.86 16.93
CA PHE A 92 16.79 -42.76 17.87
C PHE A 92 15.99 -44.06 17.92
N ALA A 93 16.48 -45.09 17.26
CA ALA A 93 15.81 -46.38 17.34
C ALA A 93 16.61 -47.32 18.21
N SER A 94 15.90 -48.19 18.91
CA SER A 94 16.56 -49.18 19.76
C SER A 94 15.93 -50.53 19.49
N THR A 95 16.74 -51.48 19.06
CA THR A 95 16.29 -52.86 18.91
C THR A 95 16.58 -53.58 20.22
N GLU A 96 15.52 -53.94 20.94
CA GLU A 96 15.63 -54.39 22.31
C GLU A 96 15.04 -55.78 22.47
N LYS A 97 15.68 -56.55 23.35
CA LYS A 97 15.14 -57.81 23.84
C LYS A 97 15.22 -57.94 25.35
N SER A 98 15.96 -57.06 26.04
CA SER A 98 16.05 -57.12 27.49
C SER A 98 15.97 -55.74 28.14
N ASN A 99 15.53 -54.72 27.41
CA ASN A 99 15.33 -53.38 27.95
C ASN A 99 16.62 -52.80 28.52
N ILE A 100 17.75 -53.05 27.84
CA ILE A 100 19.02 -52.50 28.29
C ILE A 100 19.00 -50.98 28.22
N ILE A 101 18.48 -50.43 27.11
CA ILE A 101 18.44 -48.98 26.95
C ILE A 101 17.54 -48.38 28.01
N ARG A 102 17.98 -47.26 28.59
CA ARG A 102 17.29 -46.64 29.72
C ARG A 102 16.76 -45.26 29.37
N GLY A 103 17.62 -44.33 28.99
CA GLY A 103 17.18 -42.95 28.88
C GLY A 103 18.20 -42.06 28.21
N TRP A 104 17.97 -40.76 28.37
CA TRP A 104 18.73 -39.75 27.64
C TRP A 104 19.09 -38.60 28.56
N ILE A 105 20.17 -37.91 28.21
CA ILE A 105 20.61 -36.71 28.90
C ILE A 105 20.91 -35.65 27.85
N PHE A 106 20.36 -34.45 28.04
CA PHE A 106 20.50 -33.36 27.09
C PHE A 106 21.14 -32.16 27.77
N GLY A 107 21.92 -31.41 27.01
CA GLY A 107 22.46 -30.17 27.52
C GLY A 107 23.59 -29.68 26.65
N THR A 108 24.03 -28.46 26.96
CA THR A 108 25.13 -27.81 26.26
C THR A 108 26.46 -27.96 26.96
N THR A 109 26.53 -27.63 28.25
CA THR A 109 27.76 -27.71 29.02
C THR A 109 27.89 -29.02 29.81
N LEU A 110 26.79 -29.52 30.35
CA LEU A 110 26.79 -30.77 31.14
C LEU A 110 27.74 -30.69 32.32
N ASP A 111 27.92 -29.50 32.90
CA ASP A 111 28.80 -29.30 34.05
C ASP A 111 28.16 -28.41 35.10
N SER A 112 26.83 -28.46 35.20
CA SER A 112 26.06 -27.66 36.16
C SER A 112 26.20 -26.17 35.91
N LYS A 113 26.92 -25.78 34.85
CA LYS A 113 26.99 -24.38 34.48
C LYS A 113 25.73 -23.89 33.79
N THR A 114 25.06 -24.77 33.05
CA THR A 114 23.83 -24.44 32.34
C THR A 114 22.79 -25.52 32.61
N GLN A 115 21.52 -25.11 32.61
CA GLN A 115 20.43 -26.04 32.86
C GLN A 115 20.41 -27.15 31.81
N SER A 116 20.23 -28.38 32.27
CA SER A 116 20.21 -29.55 31.42
C SER A 116 18.91 -30.32 31.62
N LEU A 117 18.76 -31.40 30.85
CA LEU A 117 17.55 -32.18 30.86
C LEU A 117 17.90 -33.65 31.00
N LEU A 118 17.01 -34.40 31.64
CA LEU A 118 17.27 -35.79 31.97
C LEU A 118 15.98 -36.58 31.83
N ILE A 119 16.04 -37.70 31.12
CA ILE A 119 14.92 -38.61 30.99
C ILE A 119 15.42 -40.00 31.36
N VAL A 120 14.77 -40.62 32.33
CA VAL A 120 15.10 -41.98 32.74
C VAL A 120 13.84 -42.83 32.73
N ASN A 121 13.81 -43.83 31.86
CA ASN A 121 12.71 -44.80 31.84
C ASN A 121 13.03 -45.95 32.79
N ASN A 122 13.18 -45.59 34.06
CA ASN A 122 13.56 -46.55 35.09
C ASN A 122 12.54 -47.68 35.17
N ALA A 123 13.00 -48.82 35.69
CA ALA A 123 12.13 -49.99 35.80
C ALA A 123 10.90 -49.72 36.66
N THR A 124 10.96 -48.71 37.53
CA THR A 124 9.83 -48.32 38.36
C THR A 124 9.01 -47.21 37.73
N ASN A 125 9.63 -46.09 37.39
CA ASN A 125 8.93 -44.89 36.96
C ASN A 125 9.55 -44.36 35.68
N VAL A 126 8.88 -43.39 35.06
CA VAL A 126 9.41 -42.61 33.95
C VAL A 126 9.64 -41.20 34.49
N VAL A 127 10.90 -40.77 34.53
CA VAL A 127 11.29 -39.57 35.26
C VAL A 127 11.83 -38.57 34.26
N ILE A 128 11.37 -37.33 34.35
CA ILE A 128 11.83 -36.24 33.51
C ILE A 128 12.27 -35.10 34.42
N LYS A 129 13.57 -34.94 34.57
CA LYS A 129 14.15 -33.84 35.32
C LYS A 129 14.58 -32.76 34.35
N VAL A 130 14.47 -31.51 34.77
CA VAL A 130 15.02 -30.38 34.03
C VAL A 130 15.74 -29.52 35.05
N CYS A 131 17.06 -29.66 35.14
CA CYS A 131 17.79 -28.98 36.20
C CYS A 131 19.26 -28.90 35.84
N GLU A 132 19.98 -28.09 36.60
CA GLU A 132 21.43 -27.93 36.44
C GLU A 132 22.11 -29.06 37.21
N PHE A 133 22.64 -30.03 36.47
CA PHE A 133 23.26 -31.21 37.07
C PHE A 133 24.75 -31.23 36.79
N GLN A 134 25.52 -31.73 37.75
CA GLN A 134 26.95 -31.95 37.57
C GLN A 134 27.12 -33.37 37.06
N PHE A 135 26.98 -33.53 35.75
CA PHE A 135 27.13 -34.84 35.14
C PHE A 135 28.59 -35.30 35.20
N CYS A 136 28.79 -36.56 35.52
CA CYS A 136 30.14 -37.11 35.58
C CYS A 136 30.63 -37.43 34.17
N ASN A 137 31.84 -37.99 34.11
CA ASN A 137 32.42 -38.33 32.81
C ASN A 137 31.62 -39.43 32.11
N ASP A 138 31.23 -40.47 32.85
CA ASP A 138 30.53 -41.63 32.30
C ASP A 138 29.29 -41.93 33.14
N PRO A 139 28.24 -41.13 33.03
CA PRO A 139 26.98 -41.47 33.69
C PRO A 139 26.36 -42.71 33.09
N PHE A 140 25.78 -43.55 33.93
CA PHE A 140 25.17 -44.79 33.48
C PHE A 140 24.26 -45.34 34.57
N LEU A 141 23.64 -46.47 34.28
CA LEU A 141 22.82 -47.21 35.23
C LEU A 141 23.23 -48.68 35.19
N GLY A 142 23.07 -49.35 36.32
CA GLY A 142 23.47 -50.74 36.44
C GLY A 142 22.54 -51.55 37.31
N VAL A 143 22.14 -52.72 36.81
CA VAL A 143 21.25 -53.63 37.52
C VAL A 143 22.05 -54.87 37.92
N TYR A 144 22.05 -55.18 39.21
CA TYR A 144 22.76 -56.36 39.72
C TYR A 144 21.99 -57.63 39.39
N MET A 153 17.52 -56.27 39.83
CA MET A 153 17.20 -55.20 40.78
C MET A 153 18.24 -54.09 40.66
N GLU A 154 17.76 -52.85 40.50
CA GLU A 154 18.64 -51.72 40.22
C GLU A 154 19.68 -51.54 41.31
N SER A 155 20.95 -51.48 40.92
CA SER A 155 22.05 -51.41 41.86
C SER A 155 22.74 -50.04 41.85
N GLU A 156 23.14 -49.55 40.68
CA GLU A 156 23.92 -48.32 40.59
C GLU A 156 23.24 -47.34 39.64
N PHE A 157 23.36 -46.05 39.96
CA PHE A 157 22.82 -44.97 39.13
C PHE A 157 23.77 -43.80 39.27
N ARG A 158 24.68 -43.65 38.32
CA ARG A 158 25.78 -42.69 38.42
C ARG A 158 25.61 -41.66 37.30
N VAL A 159 24.84 -40.60 37.57
CA VAL A 159 24.58 -39.61 36.54
C VAL A 159 24.97 -38.22 37.01
N TYR A 160 24.40 -37.79 38.15
CA TYR A 160 24.55 -36.42 38.62
C TYR A 160 24.93 -36.43 40.09
N SER A 161 25.29 -35.26 40.59
CA SER A 161 25.67 -35.10 41.98
C SER A 161 24.90 -33.98 42.68
N SER A 162 24.59 -32.89 41.99
CA SER A 162 23.99 -31.72 42.61
C SER A 162 22.91 -31.14 41.70
N ALA A 163 21.99 -30.42 42.32
CA ALA A 163 20.92 -29.73 41.61
C ALA A 163 20.39 -28.62 42.51
N ASN A 164 20.64 -27.37 42.15
CA ASN A 164 20.37 -26.24 43.03
C ASN A 164 19.27 -25.33 42.51
N ASN A 165 19.41 -24.78 41.30
CA ASN A 165 18.48 -23.78 40.78
C ASN A 165 17.88 -24.28 39.48
N CYS A 166 16.57 -24.50 39.49
CA CYS A 166 15.84 -25.04 38.34
C CYS A 166 14.36 -25.09 38.68
N THR A 167 13.53 -25.23 37.65
CA THR A 167 12.08 -25.17 37.80
C THR A 167 11.37 -26.45 37.41
N PHE A 168 11.60 -26.95 36.20
CA PHE A 168 10.77 -28.03 35.67
C PHE A 168 11.10 -29.36 36.34
N GLU A 169 10.11 -30.25 36.35
CA GLU A 169 10.18 -31.50 37.09
C GLU A 169 8.97 -32.34 36.73
N TYR A 170 9.16 -33.66 36.65
CA TYR A 170 8.04 -34.58 36.50
C TYR A 170 8.46 -36.00 36.84
N VAL A 171 7.60 -36.70 37.57
CA VAL A 171 7.77 -38.12 37.84
C VAL A 171 6.47 -38.83 37.47
N SER A 172 6.58 -39.86 36.63
CA SER A 172 5.40 -40.52 36.11
C SER A 172 4.89 -41.56 37.10
N GLN A 173 3.81 -42.24 36.72
CA GLN A 173 3.22 -43.24 37.58
C GLN A 173 4.13 -44.47 37.67
N PRO A 174 4.31 -45.05 38.86
CA PRO A 174 5.11 -46.26 38.98
C PRO A 174 4.50 -47.42 38.23
N PHE A 175 5.36 -48.30 37.73
CA PHE A 175 4.93 -49.43 36.93
C PHE A 175 5.96 -50.55 36.94
N LYS A 187 13.68 -57.99 20.04
CA LYS A 187 12.41 -58.42 19.48
C LYS A 187 11.44 -57.27 19.36
N ASN A 188 11.79 -56.12 19.95
CA ASN A 188 10.97 -54.92 19.87
C ASN A 188 11.79 -53.81 19.25
N LEU A 189 11.13 -52.97 18.44
CA LEU A 189 11.77 -51.80 17.88
C LEU A 189 11.11 -50.59 18.52
N ARG A 190 11.89 -49.82 19.27
CA ARG A 190 11.37 -48.66 19.97
C ARG A 190 11.99 -47.43 19.32
N GLU A 191 11.18 -46.65 18.62
CA GLU A 191 11.65 -45.55 17.79
C GLU A 191 11.23 -44.23 18.39
N PHE A 192 12.17 -43.29 18.47
CA PHE A 192 11.89 -41.96 18.98
C PHE A 192 12.39 -40.91 18.00
N VAL A 193 11.79 -39.75 18.07
CA VAL A 193 12.24 -38.56 17.35
C VAL A 193 12.23 -37.41 18.33
N PHE A 194 13.37 -36.76 18.48
CA PHE A 194 13.56 -35.66 19.41
C PHE A 194 13.75 -34.37 18.62
N LYS A 195 12.99 -33.35 18.96
CA LYS A 195 13.12 -32.04 18.36
C LYS A 195 13.06 -30.98 19.44
N ASN A 196 13.65 -29.82 19.15
CA ASN A 196 13.63 -28.68 20.08
C ASN A 196 13.51 -27.41 19.26
N ILE A 197 12.37 -26.74 19.35
CA ILE A 197 12.12 -25.53 18.58
C ILE A 197 11.12 -24.65 19.33
N ASP A 198 11.32 -23.33 19.24
CA ASP A 198 10.42 -22.33 19.81
C ASP A 198 10.21 -22.54 21.30
N GLY A 199 11.27 -22.89 22.02
CA GLY A 199 11.17 -23.11 23.44
C GLY A 199 10.43 -24.37 23.83
N TYR A 200 10.17 -25.27 22.88
CA TYR A 200 9.39 -26.47 23.11
C TYR A 200 10.23 -27.68 22.74
N PHE A 201 10.26 -28.69 23.61
CA PHE A 201 10.92 -29.96 23.33
C PHE A 201 9.85 -30.98 22.98
N LYS A 202 9.90 -31.49 21.75
CA LYS A 202 8.92 -32.46 21.26
C LYS A 202 9.55 -33.84 21.19
N ILE A 203 8.83 -34.85 21.67
CA ILE A 203 9.24 -36.23 21.56
C ILE A 203 8.15 -37.01 20.83
N TYR A 204 8.54 -37.85 19.89
CA TYR A 204 7.62 -38.71 19.17
C TYR A 204 8.10 -40.14 19.34
N SER A 205 7.17 -41.08 19.43
CA SER A 205 7.53 -42.45 19.74
C SER A 205 6.72 -43.41 18.90
N LYS A 206 7.22 -44.64 18.82
CA LYS A 206 6.53 -45.72 18.15
C LYS A 206 7.12 -47.04 18.61
N HIS A 207 6.26 -48.04 18.78
CA HIS A 207 6.70 -49.39 19.10
C HIS A 207 6.31 -50.34 17.98
N THR A 208 7.22 -51.23 17.63
CA THR A 208 6.95 -52.10 16.51
C THR A 208 7.41 -53.53 16.82
N PRO A 209 6.59 -54.54 16.49
CA PRO A 209 7.00 -55.94 16.68
C PRO A 209 7.90 -56.40 15.54
N ILE A 210 9.13 -56.75 15.88
CA ILE A 210 10.14 -57.11 14.89
C ILE A 210 10.73 -58.47 15.22
N ASN A 211 11.08 -59.23 14.18
CA ASN A 211 11.66 -60.56 14.33
C ASN A 211 12.85 -60.74 13.40
N LEU A 212 13.77 -59.78 13.40
CA LEU A 212 15.04 -59.93 12.72
C LEU A 212 16.13 -60.27 13.72
N VAL A 213 17.36 -60.42 13.22
CA VAL A 213 18.49 -60.73 14.10
C VAL A 213 19.39 -59.51 14.25
N ARG A 214 19.94 -59.00 13.15
CA ARG A 214 20.83 -57.84 13.22
C ARG A 214 20.72 -57.07 11.90
N ASP A 215 19.80 -56.11 11.86
CA ASP A 215 19.45 -55.30 10.70
C ASP A 215 18.58 -54.14 11.18
N LEU A 216 18.08 -53.36 10.22
CA LEU A 216 17.12 -52.26 10.50
C LEU A 216 15.85 -52.68 9.76
N PRO A 217 14.67 -52.76 10.41
CA PRO A 217 13.49 -53.32 9.76
C PRO A 217 12.96 -52.56 8.54
N GLN A 218 12.52 -53.29 7.51
CA GLN A 218 11.90 -52.65 6.31
C GLN A 218 10.44 -52.34 6.63
N GLY A 219 9.81 -51.45 5.85
CA GLY A 219 8.37 -51.19 6.05
C GLY A 219 8.10 -49.74 6.44
N PHE A 220 6.83 -49.36 6.51
CA PHE A 220 6.47 -47.94 6.81
C PHE A 220 5.58 -47.87 8.05
N SER A 221 5.91 -46.98 9.00
CA SER A 221 5.10 -46.80 10.19
C SER A 221 5.28 -45.38 10.68
N ALA A 222 4.17 -44.64 10.79
CA ALA A 222 4.23 -43.25 11.20
C ALA A 222 4.42 -43.14 12.71
N LEU A 223 4.92 -41.99 13.13
CA LEU A 223 5.27 -41.77 14.54
C LEU A 223 4.32 -40.75 15.15
N GLU A 224 3.59 -41.18 16.26
CA GLU A 224 2.67 -40.43 17.10
C GLU A 224 3.43 -39.63 18.14
N PRO A 225 3.00 -38.41 18.45
CA PRO A 225 3.69 -37.63 19.48
C PRO A 225 3.47 -38.23 20.86
N LEU A 226 4.43 -37.98 21.75
CA LEU A 226 4.35 -38.43 23.12
C LEU A 226 4.19 -37.28 24.10
N VAL A 227 5.02 -36.23 24.00
CA VAL A 227 4.83 -35.04 24.83
C VAL A 227 5.62 -33.88 24.23
N ASP A 228 5.09 -32.68 24.42
CA ASP A 228 5.75 -31.41 24.13
C ASP A 228 5.92 -30.66 25.44
N LEU A 229 7.15 -30.64 25.94
CA LEU A 229 7.44 -29.93 27.18
C LEU A 229 7.86 -28.50 26.88
N PRO A 230 7.24 -27.48 27.49
CA PRO A 230 7.67 -26.09 27.34
C PRO A 230 8.89 -25.76 28.22
N ILE A 231 10.05 -26.25 27.81
CA ILE A 231 11.27 -26.11 28.59
C ILE A 231 11.98 -24.80 28.30
N GLY A 232 12.21 -24.49 27.02
CA GLY A 232 12.85 -23.25 26.65
C GLY A 232 14.30 -23.13 27.07
N ILE A 233 15.08 -24.19 26.87
CA ILE A 233 16.51 -24.19 27.16
C ILE A 233 17.27 -24.46 25.88
N ASN A 234 18.56 -24.14 25.91
CA ASN A 234 19.45 -24.36 24.77
C ASN A 234 20.09 -25.74 24.91
N ILE A 235 19.82 -26.60 23.94
CA ILE A 235 20.36 -27.96 23.93
C ILE A 235 21.26 -28.11 22.72
N THR A 236 22.49 -28.56 22.97
CA THR A 236 23.48 -28.74 21.91
C THR A 236 23.99 -30.16 21.80
N ARG A 237 24.05 -30.90 22.91
CA ARG A 237 24.60 -32.25 22.92
C ARG A 237 23.70 -33.16 23.74
N PHE A 238 23.85 -34.46 23.54
CA PHE A 238 23.05 -35.43 24.25
C PHE A 238 23.84 -36.72 24.41
N GLN A 239 23.34 -37.60 25.24
CA GLN A 239 23.94 -38.91 25.44
C GLN A 239 22.87 -39.92 25.87
N THR A 240 23.15 -41.19 25.61
CA THR A 240 22.23 -42.27 25.91
C THR A 240 22.62 -42.96 27.21
N LEU A 241 21.61 -43.56 27.86
CA LEU A 241 21.79 -44.29 29.11
C LEU A 241 21.34 -45.73 28.91
N LEU A 242 22.20 -46.66 29.27
CA LEU A 242 21.88 -48.07 29.09
C LEU A 242 21.52 -48.70 30.43
N ALA A 264 20.59 -53.26 20.04
CA ALA A 264 21.54 -52.24 19.59
C ALA A 264 20.80 -50.92 19.42
N TYR A 265 21.52 -49.82 19.19
CA TYR A 265 20.81 -48.58 18.96
C TYR A 265 21.37 -47.81 17.77
N TYR A 266 20.46 -47.24 17.00
CA TYR A 266 20.75 -46.49 15.80
C TYR A 266 20.41 -45.03 16.02
N VAL A 267 21.32 -44.16 15.60
CA VAL A 267 21.14 -42.72 15.71
C VAL A 267 21.24 -42.10 14.32
N GLY A 268 20.24 -41.31 13.95
CA GLY A 268 20.30 -40.51 12.75
C GLY A 268 19.93 -39.07 13.06
N TYR A 269 20.27 -38.19 12.13
CA TYR A 269 20.05 -36.76 12.30
C TYR A 269 18.94 -36.28 11.37
N LEU A 270 18.22 -35.26 11.80
CA LEU A 270 17.14 -34.66 11.05
C LEU A 270 17.62 -33.41 10.34
N GLN A 271 16.83 -32.96 9.37
CA GLN A 271 17.16 -31.82 8.53
C GLN A 271 15.87 -31.35 7.86
N PRO A 272 15.82 -30.10 7.41
CA PRO A 272 14.59 -29.58 6.82
C PRO A 272 14.37 -30.10 5.41
N ARG A 273 13.32 -30.89 5.23
CA ARG A 273 12.88 -31.30 3.89
C ARG A 273 11.39 -31.07 3.73
N THR A 274 10.88 -31.55 2.60
CA THR A 274 9.47 -31.51 2.26
C THR A 274 9.04 -32.92 1.89
N PHE A 275 7.98 -33.40 2.53
CA PHE A 275 7.51 -34.76 2.34
C PHE A 275 6.06 -34.70 1.90
N LEU A 276 5.70 -35.59 0.99
CA LEU A 276 4.32 -35.78 0.58
C LEU A 276 3.83 -37.03 1.29
N LEU A 277 2.86 -36.85 2.18
CA LEU A 277 2.39 -37.88 3.09
C LEU A 277 1.02 -38.34 2.62
N LYS A 278 0.79 -39.66 2.64
CA LYS A 278 -0.47 -40.24 2.20
C LYS A 278 -1.24 -40.71 3.42
N TYR A 279 -2.41 -40.11 3.63
CA TYR A 279 -3.31 -40.54 4.73
C TYR A 279 -4.39 -41.42 4.12
N ASN A 280 -4.80 -42.49 4.80
CA ASN A 280 -5.87 -43.39 4.30
C ASN A 280 -7.23 -42.91 4.83
N GLU A 281 -8.24 -43.76 4.80
CA GLU A 281 -9.57 -43.38 5.36
C GLU A 281 -9.35 -43.05 6.84
N ASN A 282 -8.54 -43.85 7.55
CA ASN A 282 -8.19 -43.51 8.95
C ASN A 282 -7.09 -42.47 8.87
N GLY A 283 -6.89 -41.67 9.92
CA GLY A 283 -5.89 -40.58 9.82
C GLY A 283 -4.45 -41.05 9.83
N THR A 284 -4.18 -42.32 9.49
CA THR A 284 -2.77 -42.73 9.55
C THR A 284 -2.04 -42.40 8.26
N ILE A 285 -0.71 -42.28 8.38
CA ILE A 285 0.16 -42.02 7.24
C ILE A 285 0.52 -43.37 6.65
N THR A 286 -0.09 -43.72 5.53
CA THR A 286 0.15 -45.02 4.93
C THR A 286 1.52 -45.08 4.24
N ASP A 287 1.88 -44.04 3.50
CA ASP A 287 3.20 -44.01 2.86
C ASP A 287 3.61 -42.55 2.71
N ALA A 288 4.85 -42.34 2.26
CA ALA A 288 5.34 -40.99 2.07
C ALA A 288 6.44 -41.00 1.03
N VAL A 289 6.60 -39.86 0.35
CA VAL A 289 7.70 -39.64 -0.58
C VAL A 289 8.40 -38.35 -0.18
N ASP A 290 9.71 -38.32 -0.38
CA ASP A 290 10.53 -37.16 -0.04
C ASP A 290 10.93 -36.40 -1.28
N CYS A 291 10.89 -35.07 -1.20
CA CYS A 291 10.94 -34.24 -2.39
C CYS A 291 12.36 -33.90 -2.81
N ALA A 292 13.38 -34.47 -2.19
CA ALA A 292 14.76 -34.18 -2.59
C ALA A 292 15.61 -35.44 -2.53
N LEU A 293 15.06 -36.55 -3.00
CA LEU A 293 15.79 -37.82 -3.05
C LEU A 293 16.17 -38.21 -4.47
N ASP A 294 15.22 -38.20 -5.39
CA ASP A 294 15.49 -38.53 -6.78
C ASP A 294 14.44 -37.85 -7.64
N PRO A 295 14.70 -37.71 -8.95
CA PRO A 295 13.77 -36.93 -9.79
C PRO A 295 12.34 -37.43 -9.78
N LEU A 296 12.12 -38.73 -9.70
CA LEU A 296 10.75 -39.23 -9.69
C LEU A 296 10.00 -38.72 -8.47
N SER A 297 10.69 -38.65 -7.34
CA SER A 297 10.06 -38.15 -6.12
C SER A 297 9.69 -36.68 -6.24
N GLU A 298 10.54 -35.87 -6.88
CA GLU A 298 10.18 -34.48 -7.12
C GLU A 298 9.01 -34.37 -8.08
N THR A 299 8.95 -35.24 -9.09
CA THR A 299 7.81 -35.21 -9.99
C THR A 299 6.52 -35.54 -9.25
N LYS A 300 6.58 -36.53 -8.37
CA LYS A 300 5.42 -36.86 -7.54
C LYS A 300 5.06 -35.69 -6.62
N CYS A 301 6.07 -35.01 -6.08
CA CYS A 301 5.83 -33.89 -5.19
C CYS A 301 5.15 -32.74 -5.90
N THR A 302 5.59 -32.42 -7.12
CA THR A 302 4.98 -31.34 -7.87
C THR A 302 3.59 -31.72 -8.36
N LEU A 303 3.41 -32.95 -8.82
CA LEU A 303 2.11 -33.40 -9.29
C LEU A 303 1.16 -33.76 -8.16
N LYS A 304 1.66 -33.85 -6.93
CA LYS A 304 0.85 -34.20 -5.76
C LYS A 304 0.13 -35.53 -5.96
N SER A 305 0.88 -36.53 -6.43
CA SER A 305 0.29 -37.84 -6.66
C SER A 305 1.38 -38.90 -6.57
N PHE A 306 1.00 -40.07 -6.08
CA PHE A 306 1.92 -41.20 -5.98
C PHE A 306 2.18 -41.85 -7.33
N THR A 307 1.21 -41.83 -8.22
CA THR A 307 1.38 -42.38 -9.56
C THR A 307 1.61 -41.23 -10.54
N VAL A 308 2.54 -41.43 -11.46
CA VAL A 308 2.94 -40.41 -12.44
C VAL A 308 2.65 -40.96 -13.83
N GLU A 309 1.84 -40.25 -14.59
CA GLU A 309 1.55 -40.66 -15.95
C GLU A 309 2.75 -40.40 -16.85
N LYS A 310 2.76 -41.09 -17.99
CA LYS A 310 3.83 -40.93 -18.96
C LYS A 310 3.88 -39.51 -19.48
N GLY A 311 5.07 -38.91 -19.45
CA GLY A 311 5.22 -37.57 -19.98
C GLY A 311 6.46 -36.88 -19.42
N ILE A 312 6.56 -35.60 -19.75
CA ILE A 312 7.65 -34.74 -19.30
C ILE A 312 7.08 -33.66 -18.39
N TYR A 313 7.62 -33.57 -17.18
CA TYR A 313 7.09 -32.69 -16.15
C TYR A 313 8.19 -31.78 -15.63
N GLN A 314 7.92 -30.48 -15.60
CA GLN A 314 8.86 -29.56 -14.99
C GLN A 314 8.80 -29.67 -13.48
N THR A 315 9.95 -29.78 -12.84
CA THR A 315 9.99 -30.02 -11.40
C THR A 315 10.67 -28.89 -10.63
N SER A 316 11.84 -28.46 -11.05
CA SER A 316 12.59 -27.46 -10.31
C SER A 316 13.27 -26.53 -11.29
N ASN A 317 14.22 -25.74 -10.80
CA ASN A 317 14.98 -24.82 -11.64
C ASN A 317 16.45 -24.88 -11.24
N PHE A 318 17.28 -25.29 -12.18
CA PHE A 318 18.71 -25.27 -12.00
C PHE A 318 19.24 -23.84 -12.04
N ARG A 319 20.05 -23.49 -11.05
CA ARG A 319 20.76 -22.23 -11.01
C ARG A 319 22.19 -22.51 -10.55
N VAL A 320 23.12 -21.77 -11.13
CA VAL A 320 24.54 -21.90 -10.78
C VAL A 320 24.86 -20.86 -9.74
N GLN A 321 24.99 -21.30 -8.49
CA GLN A 321 25.25 -20.39 -7.39
C GLN A 321 26.65 -19.80 -7.54
N PRO A 322 26.82 -18.50 -7.34
CA PRO A 322 28.12 -17.90 -7.59
C PRO A 322 29.08 -18.08 -6.42
N THR A 323 30.35 -18.25 -6.77
CA THR A 323 31.41 -18.34 -5.78
C THR A 323 32.44 -17.25 -6.06
N GLU A 324 33.34 -17.06 -5.10
CA GLU A 324 34.50 -16.17 -5.27
C GLU A 324 34.07 -14.73 -5.58
N SER A 325 33.51 -14.08 -4.57
CA SER A 325 33.16 -12.67 -4.68
C SER A 325 34.37 -11.83 -5.07
N ILE A 326 34.19 -10.94 -6.03
CA ILE A 326 35.25 -10.05 -6.47
C ILE A 326 34.79 -8.60 -6.34
N VAL A 327 35.68 -7.76 -5.83
CA VAL A 327 35.36 -6.30 -5.70
C VAL A 327 36.53 -5.52 -6.27
N ARG A 328 36.31 -4.81 -7.37
CA ARG A 328 37.43 -4.07 -8.04
C ARG A 328 37.15 -2.57 -7.98
N PHE A 329 38.11 -1.80 -7.51
CA PHE A 329 37.95 -0.33 -7.38
C PHE A 329 39.18 0.33 -8.01
N PRO A 330 39.18 1.64 -8.37
CA PRO A 330 40.33 2.24 -9.07
C PRO A 330 41.59 2.11 -8.21
N ASN A 331 42.74 1.84 -8.83
CA ASN A 331 43.98 1.58 -8.05
C ASN A 331 44.70 2.87 -7.64
N ILE A 332 44.22 4.04 -8.07
CA ILE A 332 44.99 5.27 -7.75
C ILE A 332 45.07 5.42 -6.23
N THR A 333 46.29 5.39 -5.68
CA THR A 333 46.46 5.59 -4.22
C THR A 333 46.18 7.06 -3.89
N ASN A 334 46.82 7.98 -4.63
CA ASN A 334 46.59 9.43 -4.42
C ASN A 334 46.79 9.77 -2.95
N LEU A 335 47.88 9.27 -2.34
CA LEU A 335 48.08 9.48 -0.89
C LEU A 335 48.19 10.99 -0.62
N CYS A 336 47.55 11.47 0.45
CA CYS A 336 47.62 12.91 0.81
C CYS A 336 49.02 13.21 1.35
N PRO A 337 49.50 14.48 1.37
CA PRO A 337 50.82 14.74 1.94
C PRO A 337 50.70 14.76 3.47
N PHE A 338 50.55 13.57 4.06
CA PHE A 338 50.38 13.45 5.53
C PHE A 338 51.64 13.98 6.21
N GLY A 339 52.75 14.06 5.48
CA GLY A 339 53.95 14.64 6.11
C GLY A 339 53.70 16.10 6.51
N GLU A 340 53.00 16.86 5.67
CA GLU A 340 52.66 18.25 6.10
C GLU A 340 51.76 18.21 7.33
N VAL A 341 50.71 17.39 7.33
CA VAL A 341 49.74 17.38 8.47
C VAL A 341 50.33 16.79 9.77
N PHE A 342 51.05 15.67 9.70
CA PHE A 342 51.51 15.00 10.95
C PHE A 342 52.99 15.27 11.23
N ASN A 343 53.85 15.09 10.23
CA ASN A 343 55.30 15.26 10.47
C ASN A 343 55.48 16.70 10.92
N ALA A 344 54.85 17.66 10.23
CA ALA A 344 54.83 19.05 10.73
C ALA A 344 56.20 19.50 11.22
N THR A 345 57.14 19.78 10.31
CA THR A 345 58.52 20.10 10.75
C THR A 345 58.44 21.20 11.81
N ARG A 346 57.56 22.18 11.64
CA ARG A 346 57.35 23.20 12.71
C ARG A 346 55.90 23.08 13.19
N PHE A 347 55.70 22.97 14.50
CA PHE A 347 54.33 22.88 15.08
C PHE A 347 54.05 24.18 15.83
N ALA A 348 52.82 24.69 15.81
CA ALA A 348 52.60 25.95 16.48
C ALA A 348 52.25 25.71 17.94
N SER A 349 52.08 26.80 18.67
CA SER A 349 51.53 26.72 20.01
C SER A 349 50.02 26.66 19.94
N VAL A 350 49.40 26.35 21.08
CA VAL A 350 47.95 26.20 21.09
C VAL A 350 47.27 27.55 21.04
N TYR A 351 47.97 28.63 21.40
CA TYR A 351 47.32 29.93 21.39
C TYR A 351 47.08 30.40 19.97
N ALA A 352 47.79 29.83 19.01
CA ALA A 352 47.55 30.06 17.59
C ALA A 352 47.71 28.71 16.90
N TRP A 353 46.62 27.97 16.80
CA TRP A 353 46.62 26.65 16.20
C TRP A 353 46.34 26.75 14.72
N ASN A 354 47.09 26.02 13.91
CA ASN A 354 46.87 26.06 12.49
C ASN A 354 45.71 25.15 12.07
N ARG A 355 44.96 25.62 11.08
CA ARG A 355 43.86 24.89 10.43
C ARG A 355 44.41 24.42 9.10
N LYS A 356 44.44 23.10 8.92
CA LYS A 356 45.03 22.55 7.72
C LYS A 356 43.94 21.92 6.86
N ARG A 357 44.08 22.11 5.55
CA ARG A 357 43.09 21.71 4.57
C ARG A 357 43.69 20.74 3.59
N ILE A 358 43.05 19.58 3.43
CA ILE A 358 43.51 18.48 2.59
C ILE A 358 42.43 18.23 1.56
N SER A 359 42.80 18.17 0.29
CA SER A 359 41.78 17.95 -0.73
C SER A 359 42.39 17.26 -1.95
N ASN A 360 41.49 16.68 -2.75
CA ASN A 360 41.83 16.05 -4.03
C ASN A 360 42.85 14.93 -3.85
N CYS A 361 42.73 14.21 -2.74
CA CYS A 361 43.53 13.02 -2.47
C CYS A 361 42.73 12.11 -1.56
N VAL A 362 43.35 11.02 -1.15
CA VAL A 362 42.71 9.98 -0.36
C VAL A 362 43.56 9.73 0.86
N ALA A 363 42.91 9.60 2.01
CA ALA A 363 43.60 9.46 3.28
C ALA A 363 43.62 7.99 3.69
N ASP A 364 44.80 7.48 4.04
CA ASP A 364 44.99 6.09 4.42
C ASP A 364 45.04 5.99 5.94
N TYR A 365 43.88 6.09 6.60
CA TYR A 365 43.87 6.09 8.06
C TYR A 365 44.21 4.73 8.66
N SER A 366 44.22 3.66 7.87
CA SER A 366 44.45 2.35 8.45
C SER A 366 45.83 2.25 9.07
N VAL A 367 46.87 2.62 8.31
CA VAL A 367 48.22 2.61 8.86
C VAL A 367 48.38 3.73 9.88
N LEU A 368 47.65 4.82 9.71
CA LEU A 368 47.72 5.91 10.68
C LEU A 368 47.29 5.44 12.07
N TYR A 369 46.20 4.69 12.13
CA TYR A 369 45.72 4.21 13.42
C TYR A 369 46.73 3.28 14.06
N ASN A 370 47.14 2.25 13.34
CA ASN A 370 48.01 1.21 13.88
C ASN A 370 49.46 1.66 13.81
N SER A 371 49.72 2.80 14.44
CA SER A 371 51.05 3.39 14.47
C SER A 371 51.53 3.53 15.90
N ALA A 372 52.82 3.28 16.11
CA ALA A 372 53.36 3.21 17.47
C ALA A 372 53.21 4.52 18.20
N SER A 373 53.53 5.64 17.55
CA SER A 373 53.54 6.92 18.25
C SER A 373 52.17 7.26 18.81
N PHE A 374 51.12 7.05 18.02
CA PHE A 374 49.84 7.68 18.30
C PHE A 374 49.22 7.02 19.52
N SER A 375 49.49 7.59 20.69
CA SER A 375 48.89 7.07 21.92
C SER A 375 47.40 7.28 21.94
N THR A 376 46.93 8.43 21.48
CA THR A 376 45.51 8.72 21.46
C THR A 376 45.04 8.86 20.01
N PHE A 377 44.11 8.01 19.62
CA PHE A 377 43.41 8.14 18.35
C PHE A 377 41.93 8.02 18.71
N LYS A 378 41.37 9.11 19.21
CA LYS A 378 40.12 9.07 19.96
C LYS A 378 39.07 9.78 19.13
N CYS A 379 38.17 9.01 18.55
CA CYS A 379 37.24 9.50 17.54
C CYS A 379 35.86 9.60 18.14
N TYR A 380 35.26 10.77 18.02
CA TYR A 380 33.95 11.02 18.59
C TYR A 380 32.92 10.97 17.47
N GLY A 381 31.88 10.18 17.66
CA GLY A 381 30.79 10.09 16.73
C GLY A 381 30.94 9.06 15.64
N VAL A 382 32.12 8.46 15.50
CA VAL A 382 32.38 7.53 14.42
C VAL A 382 33.27 6.40 14.92
N SER A 383 33.31 5.33 14.13
CA SER A 383 34.16 4.18 14.42
C SER A 383 35.58 4.46 13.94
N PRO A 384 36.58 4.37 14.80
CA PRO A 384 37.95 4.63 14.34
C PRO A 384 38.39 3.72 13.21
N THR A 385 37.92 2.48 13.18
CA THR A 385 38.28 1.59 12.07
C THR A 385 37.46 1.91 10.82
N LYS A 386 36.14 1.80 10.92
CA LYS A 386 35.26 1.87 9.75
C LYS A 386 35.19 3.25 9.13
N LEU A 387 36.00 4.20 9.59
CA LEU A 387 35.93 5.55 9.07
C LEU A 387 36.46 5.66 7.64
N ASN A 388 37.34 4.73 7.23
CA ASN A 388 37.84 4.75 5.86
C ASN A 388 36.73 4.52 4.86
N ASP A 389 35.90 3.50 5.09
CA ASP A 389 34.74 3.30 4.23
C ASP A 389 33.83 4.52 4.23
N LEU A 390 33.77 5.24 5.35
CA LEU A 390 33.03 6.49 5.38
C LEU A 390 33.70 7.53 4.50
N CYS A 391 32.89 8.35 3.86
CA CYS A 391 33.36 9.37 2.91
C CYS A 391 32.85 10.73 3.37
N PHE A 392 33.67 11.76 3.17
CA PHE A 392 33.34 13.13 3.53
C PHE A 392 33.80 14.08 2.45
N THR A 393 33.31 15.33 2.54
CA THR A 393 33.63 16.39 1.60
C THR A 393 34.83 17.20 2.07
N ASN A 394 34.74 17.76 3.27
CA ASN A 394 35.73 18.68 3.79
C ASN A 394 36.32 18.12 5.06
N VAL A 395 37.65 18.09 5.12
CA VAL A 395 38.38 17.69 6.32
C VAL A 395 39.13 18.91 6.83
N TYR A 396 39.25 19.00 8.14
CA TYR A 396 39.98 20.09 8.77
C TYR A 396 40.90 19.53 9.83
N ALA A 397 42.12 20.05 9.88
CA ALA A 397 43.11 19.63 10.86
C ALA A 397 43.43 20.77 11.83
N ASP A 398 43.50 20.46 13.12
CA ASP A 398 43.78 21.40 14.21
C ASP A 398 45.04 20.93 14.92
N SER A 399 46.18 21.55 14.64
CA SER A 399 47.45 21.02 15.11
C SER A 399 48.11 21.96 16.11
N PHE A 400 48.70 21.38 17.16
CA PHE A 400 49.36 22.16 18.19
C PHE A 400 50.15 21.23 19.10
N VAL A 401 50.78 21.82 20.12
CA VAL A 401 51.57 21.11 21.11
C VAL A 401 51.12 21.53 22.50
N ILE A 402 50.83 20.57 23.36
CA ILE A 402 50.35 20.83 24.71
C ILE A 402 51.05 19.89 25.69
N ARG A 403 50.64 19.92 26.95
CA ARG A 403 51.19 19.01 27.94
C ARG A 403 50.53 17.65 27.80
N GLY A 404 51.16 16.64 28.39
CA GLY A 404 50.56 15.32 28.39
C GLY A 404 49.28 15.25 29.20
N ASP A 405 49.11 16.14 30.18
CA ASP A 405 47.93 16.09 31.04
C ASP A 405 46.78 16.94 30.54
N GLU A 406 47.02 17.84 29.59
CA GLU A 406 45.98 18.69 29.03
C GLU A 406 45.36 18.12 27.77
N VAL A 407 45.90 17.02 27.24
CA VAL A 407 45.35 16.42 26.04
C VAL A 407 43.93 15.96 26.27
N ARG A 408 43.59 15.60 27.51
CA ARG A 408 42.23 15.18 27.80
C ARG A 408 41.24 16.31 27.64
N GLN A 409 41.70 17.56 27.70
CA GLN A 409 40.78 18.69 27.63
C GLN A 409 40.29 18.94 26.21
N ILE A 410 40.70 18.12 25.26
CA ILE A 410 40.21 18.23 23.88
C ILE A 410 39.02 17.27 23.78
N ALA A 411 37.84 17.79 24.08
CA ALA A 411 36.61 17.00 24.10
C ALA A 411 35.44 17.95 24.26
N PRO A 412 34.26 17.61 23.75
CA PRO A 412 33.09 18.45 23.99
C PRO A 412 32.67 18.41 25.45
N GLY A 413 31.95 19.44 25.87
CA GLY A 413 31.40 19.45 27.21
C GLY A 413 32.44 19.32 28.30
N GLN A 414 33.66 19.73 28.01
CA GLN A 414 34.71 19.77 29.01
C GLN A 414 35.11 21.21 29.29
N THR A 415 35.21 21.54 30.57
CA THR A 415 35.80 22.78 31.03
C THR A 415 37.29 22.57 31.23
N GLY A 416 37.97 23.64 31.64
CA GLY A 416 39.38 23.53 31.95
C GLY A 416 40.10 24.81 31.60
N LYS A 417 41.39 24.66 31.29
CA LYS A 417 42.22 25.78 30.86
C LYS A 417 42.39 25.81 29.36
N ILE A 418 42.81 24.69 28.76
CA ILE A 418 42.97 24.65 27.31
C ILE A 418 41.62 24.77 26.62
N ALA A 419 40.60 24.11 27.17
CA ALA A 419 39.29 24.11 26.53
C ALA A 419 38.66 25.50 26.53
N ASP A 420 38.74 26.21 27.66
CA ASP A 420 38.02 27.46 27.78
C ASP A 420 38.75 28.63 27.15
N TYR A 421 40.08 28.59 27.11
CA TYR A 421 40.87 29.76 26.74
C TYR A 421 41.71 29.59 25.49
N ASN A 422 41.94 28.38 25.03
CA ASN A 422 42.84 28.16 23.91
C ASN A 422 42.14 27.59 22.69
N TYR A 423 41.39 26.52 22.86
CA TYR A 423 40.87 25.72 21.76
C TYR A 423 39.70 24.89 22.27
N LYS A 424 38.52 25.13 21.71
CA LYS A 424 37.28 24.53 22.19
C LYS A 424 36.62 23.73 21.08
N LEU A 425 36.39 22.43 21.33
CA LEU A 425 35.56 21.62 20.46
C LEU A 425 34.09 21.90 20.72
N PRO A 426 33.26 21.84 19.69
CA PRO A 426 31.83 22.07 19.87
C PRO A 426 31.17 20.90 20.58
N ASP A 427 29.94 21.13 21.03
CA ASP A 427 29.15 20.05 21.60
C ASP A 427 28.85 18.98 20.57
N ASP A 428 28.67 19.37 19.31
CA ASP A 428 28.33 18.45 18.24
C ASP A 428 29.56 17.99 17.48
N PHE A 429 30.69 17.87 18.18
CA PHE A 429 31.93 17.47 17.54
C PHE A 429 31.85 16.01 17.09
N THR A 430 32.34 15.77 15.87
CA THR A 430 32.38 14.43 15.30
C THR A 430 33.68 14.33 14.52
N GLY A 431 34.69 13.71 15.12
CA GLY A 431 35.98 13.61 14.46
C GLY A 431 36.99 13.01 15.41
N CYS A 432 38.22 12.88 14.95
CA CYS A 432 39.24 12.20 15.72
C CYS A 432 40.28 13.17 16.25
N VAL A 433 40.58 13.08 17.54
CA VAL A 433 41.73 13.74 18.12
C VAL A 433 42.88 12.75 18.11
N ILE A 434 44.04 13.20 17.64
CA ILE A 434 45.20 12.34 17.48
C ILE A 434 46.36 12.96 18.23
N ALA A 435 46.75 12.34 19.33
CA ALA A 435 47.77 12.89 20.21
C ALA A 435 48.89 11.88 20.36
N TRP A 436 50.12 12.38 20.26
CA TRP A 436 51.28 11.54 20.50
C TRP A 436 52.39 12.33 21.18
N ASN A 437 53.10 11.67 22.09
CA ASN A 437 54.22 12.27 22.77
C ASN A 437 55.33 12.64 21.79
N SER A 438 55.92 13.81 22.00
CA SER A 438 57.08 14.28 21.25
C SER A 438 58.10 14.91 22.19
N ASN A 439 58.33 14.25 23.32
CA ASN A 439 59.34 14.69 24.27
C ASN A 439 60.74 14.61 23.68
N ASN A 440 60.95 13.82 22.65
CA ASN A 440 62.27 13.71 22.06
C ASN A 440 62.60 14.94 21.21
N LEU A 441 61.57 15.59 20.65
CA LEU A 441 61.79 16.62 19.64
C LEU A 441 61.51 18.03 20.16
N ASP A 442 60.37 18.24 20.83
CA ASP A 442 59.96 19.59 21.18
C ASP A 442 60.46 20.06 22.54
N SER A 443 61.00 19.19 23.38
CA SER A 443 61.63 19.65 24.61
C SER A 443 63.11 19.87 24.37
N LYS A 444 63.59 21.04 24.78
CA LYS A 444 64.98 21.42 24.67
C LYS A 444 65.59 21.35 26.06
N VAL A 445 66.86 20.97 26.12
CA VAL A 445 67.56 20.96 27.39
C VAL A 445 67.48 22.36 27.99
N GLY A 446 67.07 22.43 29.26
CA GLY A 446 66.89 23.69 29.93
C GLY A 446 65.50 24.28 29.85
N GLY A 447 64.58 23.62 29.16
CA GLY A 447 63.22 24.10 29.08
C GLY A 447 62.88 24.71 27.75
N ASN A 448 61.72 24.36 27.18
CA ASN A 448 61.30 24.93 25.91
C ASN A 448 60.34 26.06 26.18
N TYR A 449 60.78 27.29 25.90
CA TYR A 449 59.98 28.48 26.10
C TYR A 449 59.33 28.96 24.82
N ASN A 450 59.40 28.17 23.74
CA ASN A 450 58.85 28.59 22.46
C ASN A 450 57.38 28.23 22.29
N TYR A 451 56.77 27.56 23.26
CA TYR A 451 55.38 27.16 23.19
C TYR A 451 54.59 27.89 24.26
N LEU A 452 53.53 28.58 23.84
CA LEU A 452 52.81 29.51 24.69
C LEU A 452 51.32 29.18 24.67
N TYR A 453 50.64 29.49 25.76
CA TYR A 453 49.23 29.18 25.88
C TYR A 453 48.55 30.25 26.72
N ARG A 454 47.26 30.48 26.45
CA ARG A 454 46.53 31.52 27.15
C ARG A 454 46.28 31.11 28.58
N LEU A 455 46.62 32.00 29.51
CA LEU A 455 46.38 31.80 30.93
C LEU A 455 45.12 32.50 31.39
N PHE A 456 44.95 33.77 31.04
CA PHE A 456 43.78 34.54 31.43
C PHE A 456 43.14 35.19 30.22
N ARG A 457 41.83 35.40 30.31
CA ARG A 457 41.08 36.11 29.28
C ARG A 457 39.74 36.53 29.85
N LYS A 458 39.23 37.64 29.33
CA LYS A 458 37.97 38.18 29.83
C LYS A 458 36.81 37.23 29.59
N SER A 459 36.78 36.59 28.43
CA SER A 459 35.71 35.66 28.10
C SER A 459 36.26 34.32 27.65
N ASN A 460 35.42 33.30 27.79
CA ASN A 460 35.75 31.99 27.26
C ASN A 460 35.50 31.96 25.74
N LEU A 461 35.72 30.81 25.12
CA LEU A 461 35.77 30.71 23.67
C LEU A 461 34.54 29.98 23.12
N LYS A 462 34.04 30.48 22.00
CA LYS A 462 33.08 29.74 21.20
C LYS A 462 33.81 28.69 20.37
N PRO A 463 33.14 27.60 19.98
CA PRO A 463 33.86 26.46 19.41
C PRO A 463 34.55 26.80 18.11
N PHE A 464 35.73 26.18 17.91
CA PHE A 464 36.56 26.42 16.74
C PHE A 464 36.88 27.90 16.55
N GLU A 465 37.42 28.51 17.62
CA GLU A 465 37.80 29.91 17.58
C GLU A 465 39.26 30.06 17.98
N ARG A 466 39.98 30.91 17.26
CA ARG A 466 41.37 31.23 17.51
C ARG A 466 41.48 32.70 17.91
N ASP A 467 42.46 32.98 18.76
CA ASP A 467 42.68 34.33 19.31
C ASP A 467 44.05 34.85 18.89
N ILE A 468 44.10 35.52 17.73
CA ILE A 468 45.34 36.07 17.24
C ILE A 468 45.87 37.15 18.17
N SER A 469 44.99 38.02 18.65
CA SER A 469 45.42 39.16 19.45
C SER A 469 46.04 38.71 20.76
N THR A 470 47.12 39.38 21.16
CA THR A 470 47.82 39.12 22.42
C THR A 470 48.16 40.42 23.13
N GLU A 471 47.22 41.35 23.18
CA GLU A 471 47.43 42.53 23.98
C GLU A 471 47.43 42.15 25.45
N ILE A 472 48.12 42.95 26.26
CA ILE A 472 48.31 42.59 27.65
C ILE A 472 46.97 42.64 28.36
N TYR A 473 46.76 41.72 29.28
CA TYR A 473 45.45 41.53 29.87
C TYR A 473 45.16 42.68 30.82
N GLN A 474 43.92 42.73 31.31
CA GLN A 474 43.53 43.64 32.37
C GLN A 474 42.45 42.98 33.21
N ALA A 475 42.84 42.39 34.34
CA ALA A 475 41.88 41.93 35.31
C ALA A 475 41.59 43.00 36.35
N GLY A 476 42.62 43.62 36.89
CA GLY A 476 42.41 44.60 37.95
C GLY A 476 41.54 45.75 37.49
N SER A 477 40.44 45.94 38.22
CA SER A 477 39.40 46.86 37.76
C SER A 477 39.94 48.25 37.49
N THR A 478 41.10 48.57 38.02
CA THR A 478 41.69 49.86 37.72
C THR A 478 42.18 49.88 36.27
N PRO A 479 42.09 51.04 35.60
CA PRO A 479 42.60 51.12 34.22
C PRO A 479 44.11 50.93 34.19
N CYS A 480 44.55 49.85 33.53
CA CYS A 480 45.94 49.44 33.61
C CYS A 480 46.85 50.18 32.64
N ASN A 481 46.29 50.88 31.67
CA ASN A 481 47.00 51.83 30.85
C ASN A 481 48.18 51.21 30.11
N GLY A 482 48.05 49.95 29.69
CA GLY A 482 49.15 49.31 28.99
C GLY A 482 50.40 49.12 29.83
N VAL A 483 50.25 48.63 31.05
CA VAL A 483 51.36 48.47 31.98
C VAL A 483 51.42 47.02 32.42
N GLU A 484 52.62 46.49 32.55
CA GLU A 484 52.81 45.11 33.01
C GLU A 484 53.18 45.09 34.49
N GLY A 485 52.33 44.48 35.29
CA GLY A 485 52.55 44.41 36.73
C GLY A 485 51.43 43.61 37.37
N PHE A 486 51.28 43.78 38.68
CA PHE A 486 50.24 43.06 39.40
C PHE A 486 48.87 43.49 38.90
N ASN A 487 47.95 42.53 38.81
CA ASN A 487 46.64 42.68 38.17
C ASN A 487 46.76 42.95 36.68
N CYS A 488 47.97 42.94 36.12
CA CYS A 488 48.19 43.36 34.75
C CYS A 488 49.18 42.46 34.04
N TYR A 489 49.01 41.15 34.15
CA TYR A 489 50.01 40.24 33.64
C TYR A 489 49.79 39.92 32.17
N PHE A 490 50.84 39.38 31.55
CA PHE A 490 50.78 38.99 30.16
C PHE A 490 49.82 37.81 29.99
N PRO A 491 49.00 37.79 28.95
CA PRO A 491 48.07 36.67 28.74
C PRO A 491 48.74 35.31 28.52
N LEU A 492 49.89 35.27 27.87
CA LEU A 492 50.49 33.99 27.51
C LEU A 492 51.40 33.47 28.63
N GLN A 493 51.48 32.14 28.75
CA GLN A 493 52.43 31.47 29.62
C GLN A 493 53.18 30.44 28.80
N SER A 494 54.43 30.18 29.17
CA SER A 494 55.23 29.16 28.51
C SER A 494 55.14 27.83 29.26
N TYR A 495 55.02 26.74 28.51
CA TYR A 495 54.89 25.42 29.11
C TYR A 495 56.13 25.02 29.90
N GLY A 496 57.30 25.41 29.45
CA GLY A 496 58.52 24.99 30.12
C GLY A 496 58.73 23.49 30.05
N PHE A 497 58.57 22.92 28.86
CA PHE A 497 58.87 21.51 28.67
C PHE A 497 60.33 21.22 28.95
N GLN A 498 60.60 20.13 29.67
CA GLN A 498 61.95 19.66 29.82
C GLN A 498 61.95 18.15 29.59
N PRO A 499 63.02 17.60 29.00
CA PRO A 499 63.09 16.13 28.86
C PRO A 499 63.13 15.41 30.19
N THR A 500 63.58 16.09 31.26
CA THR A 500 63.62 15.50 32.58
C THR A 500 62.29 15.60 33.30
N ASN A 501 61.31 16.34 32.75
CA ASN A 501 60.07 16.59 33.46
C ASN A 501 59.28 15.30 33.67
N GLY A 502 58.14 15.44 34.33
CA GLY A 502 57.35 14.30 34.70
C GLY A 502 56.83 13.56 33.48
N VAL A 503 56.29 12.37 33.75
CA VAL A 503 55.86 11.46 32.70
C VAL A 503 54.69 11.99 31.89
N GLY A 504 53.98 12.99 32.40
CA GLY A 504 52.83 13.52 31.71
C GLY A 504 52.96 15.01 31.49
N TYR A 505 54.12 15.56 31.84
CA TYR A 505 54.43 16.95 31.57
C TYR A 505 55.10 17.13 30.22
N GLN A 506 55.49 16.05 29.54
CA GLN A 506 56.25 16.19 28.32
C GLN A 506 55.35 16.68 27.19
N PRO A 507 55.94 17.25 26.13
CA PRO A 507 55.13 17.75 25.03
C PRO A 507 54.36 16.64 24.32
N TYR A 508 53.14 16.95 23.95
CA TYR A 508 52.29 16.06 23.18
C TYR A 508 51.81 16.85 21.99
N ARG A 509 52.15 16.37 20.80
CA ARG A 509 51.64 16.98 19.58
C ARG A 509 50.28 16.40 19.27
N VAL A 510 49.31 17.28 19.06
CA VAL A 510 47.92 16.90 18.89
C VAL A 510 47.41 17.50 17.58
N VAL A 511 46.82 16.66 16.74
CA VAL A 511 46.14 17.08 15.52
C VAL A 511 44.72 16.55 15.56
N VAL A 512 43.77 17.46 15.39
CA VAL A 512 42.35 17.16 15.55
C VAL A 512 41.72 17.24 14.17
N LEU A 513 41.30 16.09 13.65
CA LEU A 513 40.66 16.00 12.36
C LEU A 513 39.16 16.06 12.58
N SER A 514 38.57 17.19 12.22
CA SER A 514 37.13 17.37 12.26
C SER A 514 36.61 17.24 10.83
N PHE A 515 35.56 16.44 10.67
CA PHE A 515 35.03 16.11 9.36
C PHE A 515 33.75 16.91 9.15
N GLU A 516 33.77 17.83 8.18
CA GLU A 516 32.60 18.64 7.89
C GLU A 516 32.09 18.35 6.50
N LEU A 517 30.76 18.27 6.37
CA LEU A 517 30.07 18.05 5.12
C LEU A 517 29.48 19.36 4.63
N LEU A 518 29.79 19.73 3.39
CA LEU A 518 29.28 20.92 2.75
C LEU A 518 28.11 20.54 1.84
N HIS A 519 27.66 21.51 1.05
CA HIS A 519 26.61 21.22 0.08
C HIS A 519 27.22 20.55 -1.15
N ALA A 520 28.02 19.52 -0.92
CA ALA A 520 28.54 18.67 -1.98
C ALA A 520 28.44 17.24 -1.52
N PRO A 521 28.33 16.29 -2.45
CA PRO A 521 28.43 14.89 -2.05
C PRO A 521 29.83 14.60 -1.52
N ALA A 522 29.89 13.71 -0.55
CA ALA A 522 31.18 13.27 -0.01
C ALA A 522 32.03 12.66 -1.12
N THR A 523 33.27 13.13 -1.24
CA THR A 523 34.21 12.64 -2.25
C THR A 523 35.58 12.28 -1.69
N VAL A 524 35.79 12.44 -0.38
CA VAL A 524 37.07 12.13 0.26
C VAL A 524 36.87 10.83 1.04
N CYS A 525 37.61 9.79 0.65
CA CYS A 525 37.30 8.42 1.07
C CYS A 525 38.58 7.68 1.43
N GLY A 526 38.48 6.36 1.48
CA GLY A 526 39.60 5.50 1.79
C GLY A 526 40.19 4.86 0.56
N PRO A 527 41.25 4.07 0.79
CA PRO A 527 41.95 3.45 -0.35
C PRO A 527 41.09 2.51 -1.17
N LYS A 528 40.12 1.83 -0.54
CA LYS A 528 39.22 0.92 -1.24
C LYS A 528 39.97 -0.19 -1.97
N LYS A 529 40.63 -1.07 -1.21
CA LYS A 529 41.43 -2.14 -1.79
C LYS A 529 40.57 -3.07 -2.62
N SER A 530 41.10 -3.52 -3.76
CA SER A 530 40.38 -4.34 -4.71
C SER A 530 40.90 -5.76 -4.69
N THR A 531 39.99 -6.73 -4.63
CA THR A 531 40.37 -8.13 -4.71
C THR A 531 40.72 -8.51 -6.14
N ASN A 532 41.36 -9.67 -6.29
CA ASN A 532 41.79 -10.10 -7.61
C ASN A 532 40.61 -10.52 -8.46
N LEU A 533 40.78 -10.40 -9.78
CA LEU A 533 39.76 -10.78 -10.73
C LEU A 533 39.80 -12.28 -11.01
N VAL A 534 38.66 -12.80 -11.48
CA VAL A 534 38.56 -14.18 -11.94
C VAL A 534 37.51 -14.23 -13.04
N LYS A 535 37.78 -15.04 -14.06
CA LYS A 535 36.89 -15.14 -15.21
C LYS A 535 36.58 -16.58 -15.51
N ASN A 536 35.57 -16.77 -16.36
CA ASN A 536 35.12 -18.09 -16.82
C ASN A 536 34.61 -18.95 -15.66
N LYS A 537 34.20 -18.31 -14.57
CA LYS A 537 33.42 -18.95 -13.53
C LYS A 537 32.58 -17.86 -12.89
N CYS A 538 31.29 -18.12 -12.72
CA CYS A 538 30.38 -17.01 -12.46
C CYS A 538 30.51 -16.59 -11.00
N VAL A 539 30.82 -15.31 -10.80
CA VAL A 539 31.09 -14.72 -9.50
C VAL A 539 30.15 -13.55 -9.31
N ASN A 540 30.04 -13.09 -8.07
CA ASN A 540 29.35 -11.84 -7.80
C ASN A 540 30.40 -10.74 -7.62
N PHE A 541 30.20 -9.66 -8.36
CA PHE A 541 31.20 -8.63 -8.56
C PHE A 541 30.68 -7.26 -8.13
N ASN A 542 31.64 -6.42 -7.72
CA ASN A 542 31.41 -5.01 -7.39
C ASN A 542 32.44 -4.17 -8.14
N PHE A 543 32.08 -3.66 -9.31
CA PHE A 543 32.96 -2.81 -10.10
C PHE A 543 32.57 -1.36 -9.90
N ASN A 544 33.44 -0.58 -9.25
CA ASN A 544 33.26 0.86 -9.08
C ASN A 544 31.94 1.21 -8.40
N GLY A 545 31.33 0.25 -7.72
CA GLY A 545 30.07 0.46 -7.04
C GLY A 545 28.87 -0.18 -7.71
N LEU A 546 28.98 -0.59 -8.96
CA LEU A 546 27.91 -1.34 -9.60
C LEU A 546 28.09 -2.81 -9.29
N THR A 547 27.04 -3.43 -8.78
CA THR A 547 27.09 -4.81 -8.31
C THR A 547 26.33 -5.72 -9.26
N GLY A 548 26.71 -6.99 -9.26
CA GLY A 548 26.01 -7.96 -10.08
C GLY A 548 26.53 -9.36 -9.84
N THR A 549 25.92 -10.30 -10.54
CA THR A 549 26.36 -11.69 -10.56
C THR A 549 26.44 -12.15 -12.00
N GLY A 550 27.55 -12.79 -12.36
CA GLY A 550 27.70 -13.26 -13.72
C GLY A 550 29.09 -13.78 -13.93
N VAL A 551 29.33 -14.26 -15.14
CA VAL A 551 30.63 -14.76 -15.55
C VAL A 551 31.26 -13.76 -16.50
N LEU A 552 32.54 -13.51 -16.32
CA LEU A 552 33.29 -12.51 -17.06
C LEU A 552 34.11 -13.16 -18.15
N THR A 553 34.09 -12.55 -19.33
CA THR A 553 34.79 -13.10 -20.48
C THR A 553 35.53 -12.00 -21.22
N GLU A 554 36.51 -12.41 -22.02
CA GLU A 554 37.18 -11.48 -22.92
C GLU A 554 36.17 -10.93 -23.92
N SER A 555 36.48 -9.73 -24.44
CA SER A 555 35.58 -9.05 -25.35
C SER A 555 36.36 -8.42 -26.49
N ASN A 556 35.72 -8.36 -27.65
CA ASN A 556 36.24 -7.61 -28.78
C ASN A 556 35.60 -6.23 -28.91
N LYS A 557 34.77 -5.84 -27.95
CA LYS A 557 34.12 -4.53 -28.01
C LYS A 557 35.15 -3.42 -27.84
N LYS A 558 34.90 -2.30 -28.50
CA LYS A 558 35.80 -1.15 -28.48
C LYS A 558 35.10 0.00 -27.78
N PHE A 559 35.30 0.11 -26.46
CA PHE A 559 34.77 1.24 -25.73
C PHE A 559 35.51 2.51 -26.12
N LEU A 560 34.80 3.62 -26.09
CA LEU A 560 35.47 4.91 -26.16
C LEU A 560 36.23 5.14 -24.86
N PRO A 561 37.29 5.95 -24.89
CA PRO A 561 38.15 6.05 -23.70
C PRO A 561 37.45 6.46 -22.43
N PHE A 562 36.43 7.31 -22.49
CA PHE A 562 35.76 7.78 -21.30
C PHE A 562 34.70 6.82 -20.80
N GLN A 563 34.28 5.85 -21.60
CA GLN A 563 33.13 5.01 -21.30
C GLN A 563 33.54 3.94 -20.31
N GLN A 564 32.72 3.71 -19.30
CA GLN A 564 33.03 2.73 -18.26
C GLN A 564 32.42 1.37 -18.54
N PHE A 565 31.10 1.30 -18.58
CA PHE A 565 30.39 0.03 -18.72
C PHE A 565 29.33 0.14 -19.80
N GLY A 566 28.98 -1.00 -20.39
CA GLY A 566 28.08 -1.04 -21.53
C GLY A 566 26.76 -1.70 -21.18
N ARG A 567 25.71 -1.32 -21.91
CA ARG A 567 24.39 -1.87 -21.72
C ARG A 567 23.80 -2.23 -23.06
N ASP A 568 22.92 -3.23 -23.05
CA ASP A 568 22.16 -3.61 -24.24
C ASP A 568 20.75 -3.06 -24.15
N ILE A 569 19.92 -3.44 -25.13
CA ILE A 569 18.50 -3.15 -25.05
C ILE A 569 17.95 -3.74 -23.75
N ALA A 570 16.86 -3.15 -23.25
CA ALA A 570 16.24 -3.46 -21.97
C ALA A 570 17.11 -3.05 -20.80
N ASP A 571 18.16 -2.25 -21.05
CA ASP A 571 18.96 -1.63 -20.00
C ASP A 571 19.55 -2.68 -19.06
N THR A 572 20.32 -3.59 -19.65
CA THR A 572 21.01 -4.62 -18.89
C THR A 572 22.50 -4.49 -19.15
N THR A 573 23.29 -4.58 -18.07
CA THR A 573 24.73 -4.45 -18.19
C THR A 573 25.31 -5.66 -18.90
N ASP A 574 26.14 -5.41 -19.91
CA ASP A 574 26.71 -6.50 -20.69
C ASP A 574 28.22 -6.49 -20.73
N ALA A 575 28.87 -5.38 -20.40
CA ALA A 575 30.31 -5.29 -20.42
C ALA A 575 30.75 -4.30 -19.36
N VAL A 576 32.02 -4.36 -18.98
CA VAL A 576 32.57 -3.37 -18.06
C VAL A 576 34.09 -3.32 -18.21
N ARG A 577 34.65 -2.14 -17.99
CA ARG A 577 36.09 -1.99 -17.80
C ARG A 577 36.41 -2.26 -16.34
N ASP A 578 37.43 -3.08 -16.12
CA ASP A 578 38.02 -3.14 -14.81
C ASP A 578 38.83 -1.88 -14.56
N PRO A 579 38.72 -1.27 -13.39
CA PRO A 579 39.46 -0.03 -13.14
C PRO A 579 40.96 -0.22 -12.98
N GLN A 580 41.45 -1.46 -12.96
CA GLN A 580 42.87 -1.69 -12.73
C GLN A 580 43.67 -1.58 -14.03
N THR A 581 43.45 -2.51 -14.97
CA THR A 581 44.27 -2.53 -16.18
C THR A 581 43.49 -2.17 -17.43
N LEU A 582 42.26 -1.65 -17.29
CA LEU A 582 41.53 -1.06 -18.40
C LEU A 582 41.31 -2.04 -19.54
N GLU A 583 40.59 -3.12 -19.26
CA GLU A 583 40.22 -4.10 -20.27
C GLU A 583 38.72 -4.30 -20.27
N ILE A 584 38.17 -4.46 -21.47
CA ILE A 584 36.74 -4.62 -21.67
C ILE A 584 36.42 -6.07 -21.42
N LEU A 585 35.51 -6.35 -20.49
CA LEU A 585 35.14 -7.73 -20.20
C LEU A 585 33.63 -7.86 -20.16
N ASP A 586 33.13 -8.88 -20.87
CA ASP A 586 31.69 -9.14 -20.93
C ASP A 586 31.20 -9.83 -19.67
N ILE A 587 29.96 -9.55 -19.33
CA ILE A 587 29.24 -10.13 -18.21
C ILE A 587 28.06 -10.90 -18.77
N THR A 588 28.01 -12.20 -18.51
CA THR A 588 26.86 -12.98 -18.95
C THR A 588 26.34 -13.80 -17.79
N PRO A 589 25.03 -13.92 -17.64
CA PRO A 589 24.47 -14.64 -16.49
C PRO A 589 24.80 -16.12 -16.57
N CYS A 590 25.28 -16.67 -15.45
CA CYS A 590 25.64 -18.07 -15.50
C CYS A 590 24.38 -18.93 -15.55
N SER A 591 24.56 -20.16 -16.03
CA SER A 591 23.46 -20.92 -16.56
C SER A 591 22.35 -21.11 -15.53
N PHE A 592 21.13 -20.84 -15.97
CA PHE A 592 19.93 -21.19 -15.24
C PHE A 592 18.98 -21.82 -16.24
N GLY A 593 18.04 -22.59 -15.72
CA GLY A 593 17.04 -23.20 -16.59
C GLY A 593 16.24 -24.27 -15.90
N GLY A 594 15.02 -24.49 -16.36
CA GLY A 594 14.17 -25.46 -15.72
C GLY A 594 14.70 -26.87 -15.87
N VAL A 595 14.46 -27.67 -14.86
CA VAL A 595 14.74 -29.10 -14.88
C VAL A 595 13.44 -29.83 -15.20
N SER A 596 13.50 -30.71 -16.19
CA SER A 596 12.33 -31.48 -16.61
C SER A 596 12.62 -32.94 -16.38
N VAL A 597 11.62 -33.69 -15.96
CA VAL A 597 11.76 -35.12 -15.71
C VAL A 597 10.89 -35.85 -16.72
N ILE A 598 11.52 -36.75 -17.46
CA ILE A 598 10.85 -37.54 -18.48
C ILE A 598 10.60 -38.91 -17.89
N THR A 599 9.33 -39.27 -17.74
CA THR A 599 8.93 -40.49 -17.08
C THR A 599 8.09 -41.35 -18.02
N PRO A 600 8.43 -42.63 -18.16
CA PRO A 600 7.61 -43.54 -18.96
C PRO A 600 6.40 -44.12 -18.24
N GLY A 601 6.01 -43.58 -17.09
CA GLY A 601 4.85 -44.05 -16.37
C GLY A 601 5.21 -44.93 -15.20
N THR A 602 4.59 -44.72 -14.04
CA THR A 602 5.06 -45.44 -12.86
C THR A 602 4.92 -46.95 -13.00
N ASN A 603 3.74 -47.48 -13.35
CA ASN A 603 3.68 -48.94 -13.45
C ASN A 603 4.39 -49.46 -14.70
N THR A 604 4.74 -48.59 -15.64
CA THR A 604 5.50 -49.06 -16.79
C THR A 604 6.97 -49.19 -16.45
N SER A 605 7.50 -48.24 -15.68
CA SER A 605 8.88 -48.31 -15.23
C SER A 605 9.07 -47.32 -14.09
N ASN A 606 10.24 -47.36 -13.49
CA ASN A 606 10.58 -46.46 -12.42
C ASN A 606 11.73 -45.56 -12.82
N GLN A 607 12.38 -45.84 -13.94
CA GLN A 607 13.48 -45.02 -14.41
C GLN A 607 12.96 -43.67 -14.90
N VAL A 608 13.87 -42.69 -14.94
CA VAL A 608 13.56 -41.36 -15.42
C VAL A 608 14.72 -40.87 -16.26
N ALA A 609 14.46 -39.82 -17.03
CA ALA A 609 15.50 -39.04 -17.67
C ALA A 609 15.36 -37.60 -17.20
N VAL A 610 16.45 -36.86 -17.18
CA VAL A 610 16.43 -35.48 -16.70
C VAL A 610 16.93 -34.57 -17.81
N LEU A 611 16.12 -33.57 -18.15
CA LEU A 611 16.41 -32.63 -19.21
C LEU A 611 16.70 -31.29 -18.56
N TYR A 612 17.96 -30.90 -18.58
CA TYR A 612 18.40 -29.62 -18.05
C TYR A 612 18.34 -28.62 -19.20
N GLN A 613 17.48 -27.62 -19.07
CA GLN A 613 17.10 -26.84 -20.23
C GLN A 613 18.07 -25.70 -20.47
N ASP A 614 18.44 -25.52 -21.74
CA ASP A 614 19.27 -24.40 -22.19
C ASP A 614 20.60 -24.36 -21.46
N VAL A 615 21.16 -25.51 -21.13
CA VAL A 615 22.46 -25.58 -20.51
C VAL A 615 23.26 -26.70 -21.18
N ASN A 616 24.52 -26.40 -21.49
CA ASN A 616 25.43 -27.37 -22.07
C ASN A 616 26.12 -28.02 -20.88
N CYS A 617 25.61 -29.18 -20.46
CA CYS A 617 25.85 -29.64 -19.10
C CYS A 617 27.08 -30.52 -18.98
N THR A 618 28.12 -30.23 -19.75
CA THR A 618 29.44 -30.66 -19.34
C THR A 618 29.79 -30.11 -17.96
N GLU A 619 29.17 -28.99 -17.58
CA GLU A 619 29.26 -28.46 -16.23
C GLU A 619 27.90 -28.56 -15.54
N VAL A 620 27.87 -29.28 -14.43
CA VAL A 620 26.70 -29.35 -13.56
C VAL A 620 27.15 -29.23 -12.10
N ASN A 641 25.64 -41.50 -21.13
CA ASN A 641 24.22 -41.20 -21.17
C ASN A 641 23.96 -39.71 -21.04
N VAL A 642 24.93 -38.90 -21.42
CA VAL A 642 24.74 -37.47 -21.51
C VAL A 642 24.65 -37.09 -22.98
N PHE A 643 23.51 -36.54 -23.39
CA PHE A 643 23.22 -36.25 -24.78
C PHE A 643 22.77 -34.80 -24.91
N GLN A 644 23.47 -34.03 -25.74
CA GLN A 644 23.19 -32.62 -25.89
C GLN A 644 22.19 -32.39 -27.02
N THR A 645 21.09 -31.72 -26.70
CA THR A 645 20.01 -31.41 -27.62
C THR A 645 19.87 -29.90 -27.70
N ARG A 646 19.21 -29.43 -28.77
CA ARG A 646 18.92 -28.01 -28.85
C ARG A 646 18.03 -27.54 -27.72
N ALA A 647 17.35 -28.46 -27.04
CA ALA A 647 16.51 -28.14 -25.91
C ALA A 647 17.20 -28.27 -24.58
N GLY A 648 18.50 -28.58 -24.57
CA GLY A 648 19.23 -28.69 -23.33
C GLY A 648 20.16 -29.88 -23.29
N CYS A 649 20.22 -30.57 -22.17
CA CYS A 649 20.94 -31.83 -22.12
C CYS A 649 20.09 -32.88 -21.44
N LEU A 650 20.18 -34.09 -21.96
CA LEU A 650 19.49 -35.26 -21.45
C LEU A 650 20.48 -36.11 -20.69
N ILE A 651 20.16 -36.42 -19.44
CA ILE A 651 20.93 -37.36 -18.65
C ILE A 651 20.00 -38.51 -18.31
N GLY A 652 20.36 -39.70 -18.75
CA GLY A 652 19.56 -40.88 -18.47
C GLY A 652 18.88 -41.50 -19.67
N ALA A 653 19.12 -40.98 -20.87
CA ALA A 653 18.53 -41.54 -22.09
C ALA A 653 19.63 -41.86 -23.09
N GLU A 654 19.52 -43.02 -23.72
CA GLU A 654 20.49 -43.47 -24.70
C GLU A 654 20.06 -43.02 -26.08
N HIS A 655 20.93 -42.31 -26.76
CA HIS A 655 20.63 -41.84 -28.11
C HIS A 655 20.67 -43.00 -29.08
N VAL A 656 19.69 -43.05 -29.98
CA VAL A 656 19.58 -44.12 -30.96
C VAL A 656 19.42 -43.49 -32.33
N ASN A 657 20.00 -44.15 -33.34
CA ASN A 657 19.90 -43.66 -34.71
C ASN A 657 18.50 -43.85 -35.27
N ASN A 658 17.79 -44.88 -34.79
CA ASN A 658 16.46 -45.19 -35.30
C ASN A 658 15.50 -44.03 -35.06
N SER A 659 14.59 -43.84 -36.02
CA SER A 659 13.56 -42.83 -35.94
C SER A 659 12.20 -43.49 -35.78
N TYR A 660 11.47 -43.12 -34.74
CA TYR A 660 10.21 -43.75 -34.37
C TYR A 660 9.14 -42.69 -34.26
N GLU A 661 7.88 -43.11 -34.37
CA GLU A 661 6.76 -42.21 -34.14
C GLU A 661 6.68 -41.93 -32.65
N CYS A 662 7.23 -40.81 -32.23
CA CYS A 662 7.65 -40.70 -30.84
C CYS A 662 6.49 -40.35 -29.92
N ASP A 663 6.76 -40.53 -28.62
CA ASP A 663 5.75 -40.56 -27.58
C ASP A 663 5.88 -39.39 -26.59
N ILE A 664 7.04 -39.25 -25.94
CA ILE A 664 7.27 -38.16 -25.00
C ILE A 664 8.06 -37.08 -25.72
N PRO A 665 7.53 -35.88 -25.89
CA PRO A 665 8.25 -34.85 -26.64
C PRO A 665 9.27 -34.14 -25.78
N ILE A 666 10.41 -33.83 -26.40
CA ILE A 666 11.47 -33.07 -25.75
C ILE A 666 11.66 -31.72 -26.44
N GLY A 667 11.94 -31.71 -27.72
CA GLY A 667 12.12 -30.46 -28.44
C GLY A 667 13.12 -30.62 -29.56
N ALA A 668 13.04 -29.70 -30.51
CA ALA A 668 13.91 -29.69 -31.67
C ALA A 668 13.85 -31.02 -32.41
N GLY A 669 12.71 -31.69 -32.32
CA GLY A 669 12.52 -32.96 -32.97
C GLY A 669 13.02 -34.15 -32.22
N ILE A 670 13.81 -33.96 -31.20
CA ILE A 670 14.21 -35.05 -30.33
C ILE A 670 13.07 -35.33 -29.38
N CYS A 671 12.74 -36.61 -29.22
CA CYS A 671 11.67 -37.00 -28.33
C CYS A 671 11.77 -38.48 -28.00
N ALA A 672 11.65 -38.79 -26.72
CA ALA A 672 12.09 -40.05 -26.14
C ALA A 672 10.92 -40.96 -25.81
N SER A 673 11.26 -42.21 -25.50
CA SER A 673 10.27 -43.26 -25.25
C SER A 673 10.94 -44.39 -24.47
N TYR A 674 10.20 -45.48 -24.28
CA TYR A 674 10.65 -46.62 -23.50
C TYR A 674 10.75 -47.87 -24.38
N SER A 691 14.94 -49.44 -21.02
CA SER A 691 15.74 -48.22 -21.05
C SER A 691 15.01 -47.10 -21.78
N ILE A 692 15.31 -45.87 -21.41
CA ILE A 692 14.73 -44.71 -22.06
C ILE A 692 15.60 -44.32 -23.24
N ILE A 693 15.01 -44.24 -24.44
CA ILE A 693 15.75 -43.93 -25.65
C ILE A 693 15.27 -42.61 -26.22
N ALA A 694 16.22 -41.79 -26.66
CA ALA A 694 15.96 -40.52 -27.32
C ALA A 694 16.33 -40.62 -28.78
N TYR A 695 15.56 -39.95 -29.64
CA TYR A 695 15.72 -40.09 -31.08
C TYR A 695 15.06 -38.91 -31.78
N THR A 696 15.42 -38.74 -33.04
CA THR A 696 14.74 -37.80 -33.91
C THR A 696 13.48 -38.44 -34.45
N MET A 697 12.35 -37.77 -34.27
CA MET A 697 11.08 -38.38 -34.58
C MET A 697 10.90 -38.55 -36.08
N SER A 698 10.29 -39.67 -36.46
CA SER A 698 10.00 -39.96 -37.86
C SER A 698 8.60 -39.46 -38.18
N LEU A 699 8.49 -38.67 -39.25
CA LEU A 699 7.21 -38.06 -39.57
C LEU A 699 6.19 -39.10 -40.02
N GLY A 700 6.64 -40.15 -40.68
CA GLY A 700 5.74 -41.22 -41.05
C GLY A 700 6.41 -42.19 -42.00
N ALA A 701 5.63 -43.21 -42.37
CA ALA A 701 6.09 -44.17 -43.36
C ALA A 701 6.25 -43.48 -44.70
N GLU A 702 7.38 -43.71 -45.35
CA GLU A 702 7.70 -43.07 -46.61
C GLU A 702 7.20 -43.95 -47.75
N ASN A 703 6.26 -43.44 -48.53
CA ASN A 703 5.78 -44.15 -49.70
C ASN A 703 5.74 -43.20 -50.88
N SER A 704 6.01 -43.75 -52.06
CA SER A 704 6.06 -42.98 -53.30
C SER A 704 4.98 -43.52 -54.23
N VAL A 705 4.02 -42.65 -54.56
CA VAL A 705 2.93 -43.07 -55.44
C VAL A 705 3.47 -43.30 -56.84
N ALA A 706 3.07 -44.40 -57.46
CA ALA A 706 3.56 -44.74 -58.79
C ALA A 706 2.91 -43.83 -59.82
N TYR A 707 3.38 -42.60 -59.91
CA TYR A 707 2.80 -41.65 -60.84
C TYR A 707 3.23 -41.95 -62.27
N SER A 708 2.27 -41.88 -63.18
CA SER A 708 2.52 -42.00 -64.60
C SER A 708 1.44 -41.21 -65.33
N ASN A 709 1.69 -40.93 -66.60
CA ASN A 709 0.76 -40.11 -67.37
C ASN A 709 -0.29 -40.92 -68.10
N ASN A 710 -0.31 -42.23 -67.95
CA ASN A 710 -1.40 -43.07 -68.45
C ASN A 710 -1.75 -44.15 -67.43
N SER A 711 -1.66 -43.81 -66.16
CA SER A 711 -1.90 -44.78 -65.10
C SER A 711 -2.86 -44.20 -64.08
N ILE A 712 -3.87 -44.98 -63.73
CA ILE A 712 -4.84 -44.61 -62.71
C ILE A 712 -4.96 -45.76 -61.74
N ALA A 713 -5.41 -45.46 -60.54
CA ALA A 713 -5.70 -46.46 -59.53
C ALA A 713 -7.15 -46.28 -59.10
N ILE A 714 -7.95 -47.32 -59.28
CA ILE A 714 -9.38 -47.27 -59.00
C ILE A 714 -9.68 -48.28 -57.90
N PRO A 715 -10.42 -47.91 -56.86
CA PRO A 715 -10.70 -48.86 -55.80
C PRO A 715 -11.78 -49.85 -56.19
N THR A 716 -11.54 -51.10 -55.87
CA THR A 716 -12.45 -52.18 -56.17
C THR A 716 -13.25 -52.64 -54.96
N ASN A 717 -13.11 -51.96 -53.82
CA ASN A 717 -13.88 -52.31 -52.63
C ASN A 717 -13.86 -51.11 -51.71
N PHE A 718 -14.49 -51.25 -50.55
CA PHE A 718 -14.60 -50.12 -49.64
C PHE A 718 -14.76 -50.61 -48.21
N THR A 719 -14.57 -49.68 -47.28
CA THR A 719 -14.81 -49.90 -45.86
C THR A 719 -15.71 -48.79 -45.34
N ILE A 720 -16.66 -49.15 -44.50
CA ILE A 720 -17.48 -48.17 -43.80
C ILE A 720 -16.86 -47.94 -42.43
N SER A 721 -16.24 -46.79 -42.24
CA SER A 721 -15.48 -46.50 -41.03
C SER A 721 -16.24 -45.55 -40.13
N VAL A 722 -16.28 -45.87 -38.84
CA VAL A 722 -16.95 -45.04 -37.85
C VAL A 722 -15.91 -44.49 -36.90
N THR A 723 -15.80 -43.17 -36.85
CA THR A 723 -14.84 -42.47 -36.01
C THR A 723 -15.58 -41.69 -34.92
N THR A 724 -14.86 -41.33 -33.87
CA THR A 724 -15.43 -40.58 -32.77
C THR A 724 -14.73 -39.24 -32.67
N GLU A 725 -15.51 -38.18 -32.49
CA GLU A 725 -14.96 -36.85 -32.22
C GLU A 725 -15.62 -36.29 -30.97
N ILE A 726 -14.80 -35.92 -30.00
CA ILE A 726 -15.27 -35.39 -28.71
C ILE A 726 -15.20 -33.88 -28.78
N LEU A 727 -16.28 -33.21 -28.42
CA LEU A 727 -16.28 -31.76 -28.40
C LEU A 727 -16.87 -31.24 -27.09
N PRO A 728 -16.08 -30.51 -26.30
CA PRO A 728 -16.64 -29.85 -25.12
C PRO A 728 -17.69 -28.83 -25.51
N VAL A 729 -18.75 -28.76 -24.73
CA VAL A 729 -19.89 -27.89 -24.99
C VAL A 729 -20.12 -26.92 -23.85
N SER A 730 -20.02 -27.40 -22.62
CA SER A 730 -20.34 -26.59 -21.46
C SER A 730 -19.27 -26.77 -20.40
N MET A 731 -19.30 -25.88 -19.42
CA MET A 731 -18.49 -26.00 -18.22
C MET A 731 -19.33 -25.57 -17.02
N THR A 732 -18.83 -25.87 -15.84
CA THR A 732 -19.60 -25.72 -14.61
C THR A 732 -19.96 -24.27 -14.37
N LYS A 733 -21.25 -24.03 -14.10
CA LYS A 733 -21.75 -22.71 -13.74
C LYS A 733 -21.37 -22.44 -12.29
N THR A 734 -20.36 -21.62 -12.08
CA THR A 734 -19.84 -21.34 -10.75
C THR A 734 -20.06 -19.88 -10.41
N SER A 735 -20.59 -19.62 -9.24
CA SER A 735 -20.79 -18.28 -8.73
C SER A 735 -20.00 -18.10 -7.45
N VAL A 736 -19.32 -16.96 -7.35
CA VAL A 736 -18.55 -16.63 -6.17
C VAL A 736 -19.10 -15.32 -5.62
N ASP A 737 -19.55 -15.35 -4.38
CA ASP A 737 -19.99 -14.13 -3.70
C ASP A 737 -18.75 -13.39 -3.22
N CYS A 738 -18.49 -12.22 -3.80
CA CYS A 738 -17.22 -11.55 -3.56
C CYS A 738 -17.07 -11.17 -2.10
N THR A 739 -18.08 -10.53 -1.51
CA THR A 739 -17.94 -10.04 -0.14
C THR A 739 -17.85 -11.17 0.86
N MET A 740 -18.60 -12.26 0.64
CA MET A 740 -18.51 -13.40 1.52
C MET A 740 -17.15 -14.09 1.40
N TYR A 741 -16.61 -14.16 0.18
CA TYR A 741 -15.31 -14.78 -0.01
C TYR A 741 -14.22 -13.97 0.66
N ILE A 742 -14.19 -12.66 0.38
CA ILE A 742 -13.05 -11.85 0.75
C ILE A 742 -13.09 -11.51 2.23
N CYS A 743 -14.27 -11.52 2.83
CA CYS A 743 -14.45 -11.02 4.19
C CYS A 743 -14.98 -12.06 5.16
N GLY A 744 -15.94 -12.89 4.76
CA GLY A 744 -16.40 -13.92 5.65
C GLY A 744 -17.17 -13.37 6.83
N ASP A 745 -18.33 -12.81 6.55
CA ASP A 745 -19.27 -12.23 7.52
C ASP A 745 -18.56 -11.55 8.69
N SER A 746 -17.70 -10.60 8.33
CA SER A 746 -17.13 -9.64 9.25
C SER A 746 -17.53 -8.25 8.78
N THR A 747 -18.23 -7.51 9.65
CA THR A 747 -18.87 -6.27 9.22
C THR A 747 -17.85 -5.21 8.83
N GLU A 748 -16.79 -5.06 9.61
CA GLU A 748 -15.78 -4.04 9.32
C GLU A 748 -15.01 -4.35 8.04
N CYS A 749 -14.74 -5.62 7.76
CA CYS A 749 -14.19 -5.98 6.46
C CYS A 749 -15.13 -5.56 5.34
N SER A 750 -16.44 -5.75 5.51
CA SER A 750 -17.38 -5.35 4.49
C SER A 750 -17.36 -3.84 4.30
N ASN A 751 -17.20 -3.09 5.39
CA ASN A 751 -17.14 -1.64 5.29
C ASN A 751 -15.91 -1.21 4.51
N LEU A 752 -14.77 -1.85 4.77
CA LEU A 752 -13.57 -1.54 4.01
C LEU A 752 -13.71 -1.91 2.54
N LEU A 753 -14.42 -2.99 2.23
CA LEU A 753 -14.70 -3.28 0.82
C LEU A 753 -15.54 -2.18 0.19
N LEU A 754 -16.68 -1.85 0.80
CA LEU A 754 -17.55 -0.88 0.15
C LEU A 754 -16.87 0.47 0.05
N GLN A 755 -15.89 0.70 0.91
CA GLN A 755 -15.03 1.87 0.79
C GLN A 755 -13.96 1.67 -0.27
N TYR A 756 -13.72 0.43 -0.69
CA TYR A 756 -12.66 0.17 -1.64
C TYR A 756 -13.11 0.53 -3.06
N GLY A 757 -14.24 -0.03 -3.48
CA GLY A 757 -14.82 0.32 -4.77
C GLY A 757 -16.12 -0.40 -5.08
N SER A 758 -16.34 -0.70 -6.35
CA SER A 758 -17.45 -1.53 -6.81
C SER A 758 -16.92 -2.69 -7.64
N PHE A 759 -15.84 -3.31 -7.17
CA PHE A 759 -15.26 -4.45 -7.87
C PHE A 759 -16.14 -5.69 -7.75
N CYS A 760 -16.79 -5.83 -6.60
CA CYS A 760 -17.58 -7.02 -6.33
C CYS A 760 -18.69 -7.21 -7.35
N THR A 761 -19.37 -6.12 -7.69
CA THR A 761 -20.45 -6.21 -8.68
C THR A 761 -19.92 -6.65 -10.03
N GLN A 762 -18.77 -6.13 -10.45
CA GLN A 762 -18.21 -6.53 -11.74
C GLN A 762 -17.87 -8.02 -11.74
N LEU A 763 -17.26 -8.51 -10.68
CA LEU A 763 -16.89 -9.92 -10.66
C LEU A 763 -18.13 -10.83 -10.67
N ASN A 764 -19.15 -10.46 -9.88
CA ASN A 764 -20.39 -11.23 -9.89
C ASN A 764 -21.04 -11.21 -11.25
N ARG A 765 -21.04 -10.05 -11.91
CA ARG A 765 -21.69 -9.95 -13.21
C ARG A 765 -20.94 -10.76 -14.26
N ALA A 766 -19.61 -10.79 -14.18
CA ALA A 766 -18.84 -11.62 -15.10
C ALA A 766 -19.17 -13.09 -14.93
N LEU A 767 -19.23 -13.57 -13.69
CA LEU A 767 -19.54 -14.98 -13.49
C LEU A 767 -20.95 -15.32 -13.93
N THR A 768 -21.92 -14.42 -13.69
CA THR A 768 -23.28 -14.67 -14.14
C THR A 768 -23.36 -14.73 -15.66
N GLY A 769 -22.63 -13.84 -16.33
CA GLY A 769 -22.57 -13.91 -17.78
C GLY A 769 -22.03 -15.23 -18.27
N ILE A 770 -20.99 -15.73 -17.61
CA ILE A 770 -20.43 -17.03 -18.00
C ILE A 770 -21.46 -18.14 -17.84
N ALA A 771 -22.19 -18.13 -16.73
CA ALA A 771 -23.17 -19.19 -16.50
C ALA A 771 -24.29 -19.17 -17.54
N VAL A 772 -24.83 -17.99 -17.82
CA VAL A 772 -25.88 -17.89 -18.82
C VAL A 772 -25.34 -18.32 -20.19
N GLU A 773 -24.09 -17.96 -20.47
CA GLU A 773 -23.46 -18.38 -21.72
C GLU A 773 -23.37 -19.90 -21.79
N GLN A 774 -23.14 -20.56 -20.66
CA GLN A 774 -23.00 -22.01 -20.69
C GLN A 774 -24.32 -22.66 -21.03
N ASP A 775 -25.40 -22.17 -20.42
CA ASP A 775 -26.74 -22.66 -20.79
C ASP A 775 -27.03 -22.40 -22.26
N LYS A 776 -26.64 -21.23 -22.77
CA LYS A 776 -26.86 -20.92 -24.17
C LYS A 776 -26.07 -21.86 -25.07
N ASN A 777 -24.86 -22.23 -24.67
CA ASN A 777 -24.08 -23.19 -25.46
C ASN A 777 -24.80 -24.52 -25.57
N THR A 778 -25.30 -25.04 -24.45
CA THR A 778 -26.01 -26.31 -24.51
C THR A 778 -27.27 -26.20 -25.38
N GLN A 779 -28.03 -25.11 -25.23
CA GLN A 779 -29.20 -24.90 -26.07
C GLN A 779 -28.82 -24.87 -27.55
N GLU A 780 -27.74 -24.18 -27.88
CA GLU A 780 -27.36 -24.02 -29.28
C GLU A 780 -26.92 -25.34 -29.89
N VAL A 781 -26.16 -26.14 -29.13
CA VAL A 781 -25.67 -27.40 -29.69
C VAL A 781 -26.81 -28.40 -29.85
N PHE A 782 -27.65 -28.54 -28.83
CA PHE A 782 -28.59 -29.65 -28.80
C PHE A 782 -29.99 -29.30 -29.27
N ALA A 783 -30.53 -28.15 -28.87
CA ALA A 783 -31.91 -27.77 -29.18
C ALA A 783 -31.96 -27.20 -30.59
N GLN A 784 -31.95 -28.09 -31.57
CA GLN A 784 -32.07 -27.71 -32.97
C GLN A 784 -33.33 -28.24 -33.62
N VAL A 785 -33.80 -29.40 -33.19
CA VAL A 785 -35.09 -29.91 -33.63
C VAL A 785 -36.19 -29.30 -32.76
N LYS A 786 -37.30 -28.95 -33.40
CA LYS A 786 -38.48 -28.49 -32.67
C LYS A 786 -39.44 -29.61 -32.37
N GLN A 787 -39.25 -30.78 -32.98
CA GLN A 787 -40.12 -31.93 -32.81
C GLN A 787 -39.31 -33.08 -32.23
N ILE A 788 -39.87 -33.77 -31.26
CA ILE A 788 -39.21 -34.91 -30.63
C ILE A 788 -39.70 -36.16 -31.35
N TYR A 789 -38.81 -36.84 -32.05
CA TYR A 789 -39.17 -37.98 -32.87
C TYR A 789 -38.92 -39.28 -32.13
N LYS A 790 -39.63 -40.32 -32.54
CA LYS A 790 -39.52 -41.65 -31.95
C LYS A 790 -39.23 -42.66 -33.03
N THR A 791 -38.33 -43.58 -32.75
CA THR A 791 -38.10 -44.66 -33.67
C THR A 791 -39.25 -45.66 -33.59
N PRO A 792 -39.63 -46.28 -34.71
CA PRO A 792 -40.78 -47.17 -34.69
C PRO A 792 -40.47 -48.43 -33.90
N PRO A 793 -41.49 -49.08 -33.32
CA PRO A 793 -41.24 -50.34 -32.61
C PRO A 793 -40.62 -51.40 -33.49
N ILE A 794 -41.07 -51.53 -34.74
CA ILE A 794 -40.54 -52.53 -35.66
C ILE A 794 -39.24 -51.99 -36.26
N LYS A 795 -38.12 -52.51 -35.80
CA LYS A 795 -36.81 -52.00 -36.22
C LYS A 795 -36.27 -52.88 -37.35
N ASP A 796 -36.83 -52.66 -38.53
CA ASP A 796 -36.39 -53.29 -39.77
C ASP A 796 -35.76 -52.20 -40.62
N PHE A 797 -34.50 -51.93 -40.37
CA PHE A 797 -33.77 -50.86 -41.05
C PHE A 797 -32.91 -51.41 -42.18
N GLY A 798 -33.36 -52.50 -42.80
CA GLY A 798 -32.61 -53.11 -43.88
C GLY A 798 -31.34 -53.79 -43.45
N GLY A 799 -31.26 -54.22 -42.20
CA GLY A 799 -30.08 -54.86 -41.68
C GLY A 799 -29.19 -53.96 -40.87
N PHE A 800 -29.30 -52.65 -41.00
CA PHE A 800 -28.52 -51.74 -40.19
C PHE A 800 -29.08 -51.75 -38.77
N ASN A 801 -28.19 -51.95 -37.81
CA ASN A 801 -28.58 -52.33 -36.46
C ASN A 801 -28.17 -51.21 -35.52
N PHE A 802 -29.11 -50.32 -35.21
CA PHE A 802 -28.87 -49.10 -34.47
C PHE A 802 -29.11 -49.26 -32.98
N SER A 803 -29.58 -50.43 -32.55
CA SER A 803 -30.05 -50.57 -31.18
C SER A 803 -28.95 -50.33 -30.17
N GLN A 804 -27.74 -50.06 -30.64
CA GLN A 804 -26.65 -50.04 -29.71
C GLN A 804 -26.18 -48.60 -29.47
N ILE A 805 -26.73 -47.67 -30.24
CA ILE A 805 -26.65 -46.23 -29.94
C ILE A 805 -28.02 -45.59 -29.74
N LEU A 806 -29.10 -46.35 -29.88
CA LEU A 806 -30.44 -45.85 -29.58
C LEU A 806 -30.75 -46.04 -28.10
N PRO A 807 -31.72 -45.30 -27.57
CA PRO A 807 -32.06 -45.44 -26.15
C PRO A 807 -32.47 -46.86 -25.79
N ASP A 808 -32.10 -47.26 -24.57
CA ASP A 808 -32.51 -48.54 -24.03
C ASP A 808 -33.89 -48.42 -23.42
N PRO A 809 -34.87 -49.23 -23.82
CA PRO A 809 -36.18 -49.19 -23.16
C PRO A 809 -36.14 -49.65 -21.72
N SER A 810 -35.04 -50.24 -21.27
CA SER A 810 -34.91 -50.70 -19.90
C SER A 810 -34.92 -49.56 -18.89
N LYS A 811 -34.79 -48.33 -19.36
CA LYS A 811 -34.80 -47.10 -18.57
C LYS A 811 -33.67 -47.04 -17.53
N PRO A 812 -32.41 -47.37 -17.89
CA PRO A 812 -31.33 -46.84 -17.04
C PRO A 812 -31.05 -45.40 -17.45
N SER A 813 -31.97 -44.52 -17.03
CA SER A 813 -31.99 -43.10 -17.41
C SER A 813 -32.27 -42.90 -18.89
N LYS A 814 -32.96 -43.85 -19.52
CA LYS A 814 -33.44 -43.72 -20.89
C LYS A 814 -32.31 -43.33 -21.83
N ARG A 815 -31.16 -43.95 -21.63
CA ARG A 815 -29.92 -43.53 -22.26
C ARG A 815 -29.27 -44.71 -22.97
N SER A 816 -28.68 -44.44 -24.13
CA SER A 816 -28.15 -45.50 -24.98
C SER A 816 -26.92 -46.13 -24.31
N PHE A 817 -26.43 -47.21 -24.92
CA PHE A 817 -25.35 -47.96 -24.29
C PHE A 817 -24.02 -47.21 -24.41
N ILE A 818 -23.76 -46.62 -25.58
CA ILE A 818 -22.62 -45.71 -25.73
C ILE A 818 -22.66 -44.60 -24.71
N GLU A 819 -23.80 -43.94 -24.57
CA GLU A 819 -23.87 -42.80 -23.65
C GLU A 819 -23.65 -43.25 -22.22
N ASP A 820 -24.11 -44.47 -21.89
CA ASP A 820 -23.84 -45.00 -20.56
C ASP A 820 -22.35 -45.21 -20.34
N LEU A 821 -21.66 -45.75 -21.33
CA LEU A 821 -20.20 -45.87 -21.23
C LEU A 821 -19.56 -44.50 -21.04
N LEU A 822 -20.02 -43.52 -21.80
CA LEU A 822 -19.42 -42.19 -21.74
C LEU A 822 -19.62 -41.54 -20.38
N PHE A 823 -20.81 -41.70 -19.81
CA PHE A 823 -21.08 -41.11 -18.51
C PHE A 823 -20.33 -41.83 -17.40
N ASN A 824 -20.19 -43.15 -17.51
CA ASN A 824 -19.44 -43.87 -16.48
C ASN A 824 -17.94 -43.68 -16.64
N LYS A 825 -17.50 -43.17 -17.79
CA LYS A 825 -16.06 -43.15 -18.06
C LYS A 825 -15.41 -41.90 -17.46
N VAL A 826 -16.03 -40.73 -17.61
CA VAL A 826 -15.54 -39.52 -16.95
C VAL A 826 -16.46 -39.18 -15.78
N THR A 827 -15.87 -39.02 -14.60
CA THR A 827 -16.61 -38.81 -13.37
C THR A 827 -16.32 -37.42 -12.82
N LEU A 828 -17.37 -36.73 -12.39
CA LEU A 828 -17.25 -35.38 -11.86
C LEU A 828 -16.47 -35.38 -10.54
N PHE A 855 -16.72 -23.81 -0.39
CA PHE A 855 -17.82 -23.66 0.56
C PHE A 855 -17.62 -22.40 1.37
N ASN A 856 -16.88 -21.45 0.78
CA ASN A 856 -16.67 -20.13 1.34
C ASN A 856 -17.03 -19.04 0.31
N GLY A 857 -18.32 -18.88 0.10
CA GLY A 857 -18.85 -18.01 -0.93
C GLY A 857 -19.02 -18.68 -2.27
N LEU A 858 -18.73 -19.96 -2.40
CA LEU A 858 -18.81 -20.67 -3.65
C LEU A 858 -20.18 -21.29 -3.84
N THR A 859 -20.60 -21.39 -5.09
CA THR A 859 -21.87 -22.02 -5.43
C THR A 859 -21.74 -22.62 -6.83
N VAL A 860 -22.35 -23.77 -7.01
CA VAL A 860 -22.44 -24.43 -8.31
C VAL A 860 -23.91 -24.44 -8.70
N LEU A 861 -24.24 -23.67 -9.70
CA LEU A 861 -25.61 -23.58 -10.17
C LEU A 861 -25.91 -24.73 -11.13
N PRO A 862 -27.03 -25.41 -10.96
CA PRO A 862 -27.35 -26.53 -11.83
C PRO A 862 -27.64 -26.07 -13.25
N PRO A 863 -27.27 -26.86 -14.24
CA PRO A 863 -27.58 -26.49 -15.62
C PRO A 863 -29.08 -26.54 -15.89
N LEU A 864 -29.50 -25.74 -16.86
CA LEU A 864 -30.92 -25.65 -17.18
C LEU A 864 -31.47 -26.96 -17.71
N LEU A 865 -30.74 -27.60 -18.62
CA LEU A 865 -31.14 -28.89 -19.15
C LEU A 865 -30.47 -29.99 -18.34
N THR A 866 -31.27 -30.91 -17.84
CA THR A 866 -30.74 -32.05 -17.14
C THR A 866 -30.17 -33.05 -18.15
N ASP A 867 -29.50 -34.08 -17.64
CA ASP A 867 -28.91 -35.08 -18.52
C ASP A 867 -29.98 -35.87 -19.25
N GLU A 868 -31.12 -36.11 -18.62
CA GLU A 868 -32.24 -36.75 -19.28
C GLU A 868 -32.70 -35.96 -20.48
N MET A 869 -32.76 -34.63 -20.36
CA MET A 869 -33.25 -33.81 -21.45
C MET A 869 -32.27 -33.78 -22.62
N ILE A 870 -30.97 -33.71 -22.32
CA ILE A 870 -29.98 -33.76 -23.39
C ILE A 870 -30.04 -35.10 -24.11
N ALA A 871 -30.21 -36.18 -23.34
CA ALA A 871 -30.35 -37.50 -23.96
C ALA A 871 -31.60 -37.57 -24.82
N GLN A 872 -32.68 -36.94 -24.38
CA GLN A 872 -33.91 -36.92 -25.15
C GLN A 872 -33.74 -36.16 -26.46
N TYR A 873 -33.04 -35.02 -26.41
CA TYR A 873 -32.74 -34.27 -27.62
C TYR A 873 -31.91 -35.10 -28.59
N THR A 874 -30.90 -35.78 -28.08
CA THR A 874 -30.07 -36.62 -28.94
C THR A 874 -30.88 -37.75 -29.55
N SER A 875 -31.77 -38.35 -28.77
CA SER A 875 -32.64 -39.40 -29.30
C SER A 875 -33.54 -38.87 -30.40
N ALA A 876 -34.07 -37.66 -30.23
CA ALA A 876 -34.88 -37.06 -31.29
C ALA A 876 -34.08 -36.87 -32.56
N LEU A 877 -32.85 -36.37 -32.44
CA LEU A 877 -31.99 -36.21 -33.60
C LEU A 877 -31.71 -37.54 -34.28
N LEU A 878 -31.42 -38.58 -33.50
CA LEU A 878 -31.15 -39.90 -34.07
C LEU A 878 -32.37 -40.48 -34.78
N ALA A 879 -33.55 -40.38 -34.17
CA ALA A 879 -34.75 -40.89 -34.79
C ALA A 879 -35.06 -40.16 -36.09
N GLY A 880 -34.93 -38.84 -36.08
CA GLY A 880 -35.13 -38.08 -37.30
C GLY A 880 -34.14 -38.46 -38.38
N THR A 881 -32.87 -38.66 -38.00
CA THR A 881 -31.85 -39.01 -38.98
C THR A 881 -32.11 -40.38 -39.59
N ILE A 882 -32.47 -41.36 -38.77
CA ILE A 882 -32.59 -42.72 -39.28
C ILE A 882 -33.95 -43.02 -39.89
N THR A 883 -34.94 -42.15 -39.68
CA THR A 883 -36.26 -42.36 -40.27
C THR A 883 -36.62 -41.34 -41.34
N SER A 884 -36.09 -40.13 -41.25
CA SER A 884 -36.38 -39.10 -42.25
C SER A 884 -35.19 -38.74 -43.12
N GLY A 885 -33.97 -38.81 -42.60
CA GLY A 885 -32.79 -38.47 -43.36
C GLY A 885 -32.29 -37.08 -43.04
N TRP A 886 -31.96 -36.31 -44.07
CA TRP A 886 -31.62 -34.91 -43.91
C TRP A 886 -32.83 -33.99 -44.00
N THR A 887 -34.03 -34.56 -44.15
CA THR A 887 -35.20 -33.73 -44.41
C THR A 887 -35.63 -32.94 -43.19
N PHE A 888 -35.58 -33.55 -42.00
CA PHE A 888 -36.16 -32.91 -40.83
C PHE A 888 -35.38 -31.69 -40.37
N GLY A 889 -34.17 -31.49 -40.88
CA GLY A 889 -33.45 -30.27 -40.59
C GLY A 889 -33.70 -29.14 -41.55
N ALA A 890 -34.50 -29.36 -42.57
CA ALA A 890 -34.75 -28.36 -43.61
C ALA A 890 -36.22 -28.32 -43.98
N GLY A 891 -37.08 -28.39 -42.97
CA GLY A 891 -38.50 -28.38 -43.21
C GLY A 891 -39.26 -29.49 -42.53
N ALA A 892 -40.16 -30.14 -43.26
CA ALA A 892 -40.99 -31.19 -42.71
C ALA A 892 -40.30 -32.54 -42.81
N ALA A 893 -40.49 -33.38 -41.79
CA ALA A 893 -39.84 -34.68 -41.76
C ALA A 893 -40.55 -35.66 -42.69
N LEU A 894 -39.85 -36.08 -43.72
CA LEU A 894 -40.39 -36.96 -44.75
C LEU A 894 -39.69 -38.31 -44.64
N GLN A 895 -40.46 -39.37 -44.44
CA GLN A 895 -39.89 -40.66 -44.15
C GLN A 895 -39.27 -41.28 -45.39
N ILE A 896 -38.30 -42.16 -45.17
CA ILE A 896 -37.56 -42.82 -46.23
C ILE A 896 -37.12 -44.17 -45.70
N PRO A 897 -37.09 -45.22 -46.52
CA PRO A 897 -36.90 -46.58 -46.00
C PRO A 897 -35.51 -46.88 -45.43
N PHE A 898 -34.56 -45.96 -45.54
CA PHE A 898 -33.21 -46.02 -44.97
C PHE A 898 -32.26 -46.97 -45.69
N ALA A 899 -32.77 -47.87 -46.53
CA ALA A 899 -31.86 -48.37 -47.54
C ALA A 899 -31.74 -47.34 -48.66
N MET A 900 -32.84 -46.68 -48.98
CA MET A 900 -32.83 -45.66 -50.00
C MET A 900 -32.11 -44.40 -49.54
N GLN A 901 -32.17 -44.10 -48.24
CA GLN A 901 -31.39 -42.99 -47.70
C GLN A 901 -29.90 -43.21 -47.89
N MET A 902 -29.44 -44.42 -47.58
CA MET A 902 -28.04 -44.73 -47.76
C MET A 902 -27.67 -44.72 -49.24
N ALA A 903 -28.59 -45.09 -50.12
CA ALA A 903 -28.33 -44.99 -51.55
C ALA A 903 -28.15 -43.54 -51.99
N TYR A 904 -29.00 -42.65 -51.48
CA TYR A 904 -28.84 -41.23 -51.76
C TYR A 904 -27.49 -40.72 -51.25
N ARG A 905 -27.09 -41.17 -50.07
CA ARG A 905 -25.84 -40.71 -49.51
C ARG A 905 -24.63 -41.30 -50.23
N PHE A 906 -24.80 -42.45 -50.89
CA PHE A 906 -23.76 -42.91 -51.79
C PHE A 906 -23.68 -42.03 -53.03
N ASN A 907 -24.83 -41.65 -53.59
CA ASN A 907 -24.82 -40.70 -54.70
C ASN A 907 -24.13 -39.40 -54.30
N GLY A 908 -24.28 -39.00 -53.04
CA GLY A 908 -23.66 -37.76 -52.59
C GLY A 908 -22.15 -37.76 -52.63
N ILE A 909 -21.52 -38.93 -52.75
CA ILE A 909 -20.06 -39.03 -52.76
C ILE A 909 -19.55 -39.58 -54.08
N GLY A 910 -20.40 -39.71 -55.09
CA GLY A 910 -19.95 -40.12 -56.40
C GLY A 910 -20.03 -41.59 -56.67
N VAL A 911 -20.71 -42.37 -55.83
CA VAL A 911 -20.85 -43.80 -55.99
C VAL A 911 -22.31 -44.11 -56.24
N THR A 912 -22.57 -44.86 -57.30
CA THR A 912 -23.93 -45.11 -57.78
C THR A 912 -24.71 -45.94 -56.75
N GLN A 913 -26.05 -45.80 -56.82
CA GLN A 913 -26.94 -46.51 -55.91
C GLN A 913 -26.74 -48.02 -55.94
N ASN A 914 -26.47 -48.57 -57.12
CA ASN A 914 -26.33 -50.01 -57.25
C ASN A 914 -25.23 -50.56 -56.37
N VAL A 915 -24.25 -49.74 -56.03
CA VAL A 915 -23.19 -50.19 -55.14
C VAL A 915 -23.75 -50.48 -53.75
N LEU A 916 -24.65 -49.63 -53.27
CA LEU A 916 -25.36 -49.93 -52.04
C LEU A 916 -26.27 -51.13 -52.20
N TYR A 917 -27.12 -51.11 -53.23
CA TYR A 917 -28.16 -52.12 -53.33
C TYR A 917 -27.61 -53.50 -53.61
N GLU A 918 -26.46 -53.60 -54.27
CA GLU A 918 -25.83 -54.87 -54.56
C GLU A 918 -24.82 -55.29 -53.51
N ASN A 919 -24.60 -54.48 -52.48
CA ASN A 919 -23.74 -54.85 -51.37
C ASN A 919 -24.38 -54.49 -50.04
N GLN A 920 -25.71 -54.60 -49.95
CA GLN A 920 -26.43 -54.08 -48.79
C GLN A 920 -26.12 -54.87 -47.53
N LYS A 921 -26.10 -56.20 -47.62
CA LYS A 921 -25.76 -57.01 -46.46
C LYS A 921 -24.33 -56.73 -46.02
N LEU A 922 -23.41 -56.61 -46.98
CA LEU A 922 -22.01 -56.35 -46.65
C LEU A 922 -21.84 -55.00 -45.97
N ILE A 923 -22.49 -53.96 -46.50
CA ILE A 923 -22.38 -52.64 -45.90
C ILE A 923 -23.04 -52.60 -44.54
N ALA A 924 -24.17 -53.29 -44.38
CA ALA A 924 -24.80 -53.39 -43.07
C ALA A 924 -23.89 -54.05 -42.05
N ASN A 925 -23.23 -55.14 -42.46
CA ASN A 925 -22.33 -55.82 -41.54
C ASN A 925 -21.14 -54.94 -41.17
N GLN A 926 -20.61 -54.20 -42.15
CA GLN A 926 -19.51 -53.29 -41.86
C GLN A 926 -19.95 -52.19 -40.89
N PHE A 927 -21.15 -51.64 -41.09
CA PHE A 927 -21.66 -50.61 -40.19
C PHE A 927 -21.80 -51.14 -38.78
N ASN A 928 -22.42 -52.32 -38.62
CA ASN A 928 -22.63 -52.88 -37.30
C ASN A 928 -21.30 -53.21 -36.63
N SER A 929 -20.36 -53.78 -37.38
CA SER A 929 -19.06 -54.11 -36.82
C SER A 929 -18.30 -52.87 -36.40
N ALA A 930 -18.41 -51.79 -37.17
CA ALA A 930 -17.74 -50.55 -36.80
C ALA A 930 -18.32 -49.98 -35.51
N ILE A 931 -19.65 -49.99 -35.37
CA ILE A 931 -20.26 -49.49 -34.14
C ILE A 931 -19.85 -50.35 -32.95
N GLY A 932 -19.79 -51.67 -33.15
CA GLY A 932 -19.32 -52.53 -32.07
C GLY A 932 -17.87 -52.28 -31.71
N LYS A 933 -17.04 -51.98 -32.70
CA LYS A 933 -15.64 -51.67 -32.43
C LYS A 933 -15.52 -50.40 -31.61
N ILE A 934 -16.37 -49.41 -31.91
CA ILE A 934 -16.44 -48.21 -31.06
C ILE A 934 -16.86 -48.59 -29.65
N GLN A 935 -17.79 -49.55 -29.52
CA GLN A 935 -18.25 -49.95 -28.21
C GLN A 935 -17.07 -50.47 -27.39
N ASP A 936 -16.34 -51.41 -27.98
CA ASP A 936 -15.22 -52.03 -27.29
C ASP A 936 -14.12 -51.02 -26.99
N SER A 937 -13.86 -50.10 -27.93
CA SER A 937 -12.85 -49.08 -27.68
C SER A 937 -13.20 -48.23 -26.48
N LEU A 938 -14.48 -47.85 -26.37
CA LEU A 938 -14.89 -47.08 -25.19
C LEU A 938 -14.79 -47.91 -23.92
N SER A 939 -15.21 -49.19 -23.97
CA SER A 939 -15.21 -50.01 -22.77
C SER A 939 -13.79 -50.25 -22.25
N SER A 940 -12.89 -50.70 -23.12
CA SER A 940 -11.56 -51.13 -22.69
C SER A 940 -10.55 -50.00 -22.77
N THR A 941 -10.32 -49.45 -23.95
CA THR A 941 -9.34 -48.39 -24.12
C THR A 941 -9.81 -47.13 -23.40
N ALA A 942 -8.93 -46.57 -22.58
CA ALA A 942 -9.25 -45.40 -21.78
C ALA A 942 -8.70 -44.14 -22.46
N SER A 943 -8.91 -43.00 -21.79
CA SER A 943 -8.41 -41.70 -22.22
C SER A 943 -8.95 -41.28 -23.58
N ALA A 944 -10.09 -41.82 -24.01
CA ALA A 944 -10.73 -41.34 -25.22
C ALA A 944 -11.65 -40.15 -24.95
N LEU A 945 -11.79 -39.75 -23.69
CA LEU A 945 -12.58 -38.58 -23.33
C LEU A 945 -11.69 -37.59 -22.59
N GLY A 946 -10.49 -37.37 -23.11
CA GLY A 946 -9.54 -36.52 -22.41
C GLY A 946 -9.89 -35.05 -22.47
N LYS A 947 -10.67 -34.64 -23.46
CA LYS A 947 -11.01 -33.23 -23.59
C LYS A 947 -11.96 -32.78 -22.48
N LEU A 948 -13.03 -33.55 -22.27
CA LEU A 948 -13.98 -33.20 -21.22
C LEU A 948 -13.35 -33.31 -19.84
N GLN A 949 -12.57 -34.37 -19.61
CA GLN A 949 -11.86 -34.49 -18.35
C GLN A 949 -10.86 -33.35 -18.18
N ASP A 950 -10.26 -32.90 -19.28
CA ASP A 950 -9.32 -31.79 -19.20
C ASP A 950 -10.01 -30.52 -18.75
N VAL A 951 -11.18 -30.23 -19.32
CA VAL A 951 -11.85 -28.98 -18.94
C VAL A 951 -12.34 -29.05 -17.50
N VAL A 952 -12.84 -30.21 -17.07
CA VAL A 952 -13.31 -30.29 -15.68
C VAL A 952 -12.13 -30.22 -14.71
N ASN A 953 -10.99 -30.82 -15.06
CA ASN A 953 -9.81 -30.69 -14.23
C ASN A 953 -9.33 -29.26 -14.14
N GLN A 954 -9.34 -28.55 -15.26
CA GLN A 954 -8.89 -27.16 -15.27
C GLN A 954 -9.76 -26.31 -14.36
N ASN A 955 -11.08 -26.47 -14.46
CA ASN A 955 -11.96 -25.68 -13.61
C ASN A 955 -11.79 -26.04 -12.14
N ALA A 956 -11.70 -27.33 -11.82
CA ALA A 956 -11.55 -27.73 -10.43
C ALA A 956 -10.23 -27.24 -9.86
N GLN A 957 -9.17 -27.30 -10.65
CA GLN A 957 -7.86 -26.82 -10.22
C GLN A 957 -7.86 -25.32 -9.98
N ALA A 958 -8.48 -24.56 -10.88
CA ALA A 958 -8.55 -23.12 -10.69
C ALA A 958 -9.34 -22.77 -9.44
N LEU A 959 -10.40 -23.53 -9.17
CA LEU A 959 -11.21 -23.20 -8.01
C LEU A 959 -10.52 -23.63 -6.72
N ASN A 960 -9.74 -24.71 -6.78
CA ASN A 960 -8.95 -25.13 -5.64
C ASN A 960 -7.87 -24.10 -5.31
N THR A 961 -7.19 -23.58 -6.34
CA THR A 961 -6.19 -22.56 -6.07
C THR A 961 -6.80 -21.24 -5.65
N LEU A 962 -8.07 -20.99 -6.01
CA LEU A 962 -8.77 -19.85 -5.45
C LEU A 962 -9.02 -20.03 -3.96
N VAL A 963 -9.54 -21.19 -3.56
CA VAL A 963 -9.85 -21.41 -2.16
C VAL A 963 -8.58 -21.46 -1.32
N LYS A 964 -7.47 -21.95 -1.88
CA LYS A 964 -6.25 -22.09 -1.11
C LYS A 964 -5.57 -20.75 -0.87
N GLN A 965 -5.78 -19.77 -1.75
CA GLN A 965 -5.25 -18.43 -1.52
C GLN A 965 -5.86 -17.76 -0.31
N LEU A 966 -6.96 -18.30 0.21
CA LEU A 966 -7.60 -17.71 1.38
C LEU A 966 -6.78 -17.98 2.64
N SER A 967 -5.74 -18.79 2.53
CA SER A 967 -4.85 -19.12 3.64
C SER A 967 -3.49 -18.44 3.53
N SER A 968 -3.40 -17.39 2.71
CA SER A 968 -2.18 -16.63 2.54
C SER A 968 -2.35 -15.26 3.17
N ASN A 969 -1.38 -14.86 3.97
CA ASN A 969 -1.55 -13.63 4.74
C ASN A 969 -1.21 -12.38 3.95
N PHE A 970 -0.54 -12.52 2.82
CA PHE A 970 -0.22 -11.41 1.93
C PHE A 970 0.52 -10.30 2.64
N GLY A 971 1.28 -10.62 3.67
CA GLY A 971 1.98 -9.63 4.45
C GLY A 971 1.34 -9.28 5.76
N ALA A 972 0.10 -9.70 5.99
CA ALA A 972 -0.58 -9.37 7.22
C ALA A 972 -0.04 -10.23 8.37
N ILE A 973 -0.47 -9.89 9.59
CA ILE A 973 -0.01 -10.61 10.75
C ILE A 973 -0.52 -12.04 10.73
N SER A 974 -1.77 -12.23 10.35
CA SER A 974 -2.34 -13.56 10.21
C SER A 974 -3.21 -13.62 8.96
N SER A 975 -3.40 -14.84 8.47
CA SER A 975 -4.23 -15.09 7.31
C SER A 975 -5.69 -15.25 7.66
N VAL A 976 -6.05 -15.14 8.94
CA VAL A 976 -7.43 -15.23 9.40
C VAL A 976 -7.83 -13.87 9.94
N LEU A 977 -9.01 -13.40 9.55
CA LEU A 977 -9.43 -12.06 9.93
C LEU A 977 -9.76 -11.96 11.40
N ASN A 978 -10.33 -13.01 11.97
CA ASN A 978 -10.79 -12.95 13.36
C ASN A 978 -9.63 -12.73 14.31
N ASP A 979 -8.48 -13.33 14.03
CA ASP A 979 -7.32 -13.13 14.91
C ASP A 979 -6.81 -11.70 14.84
N ILE A 980 -6.75 -11.12 13.63
CA ILE A 980 -6.34 -9.72 13.52
C ILE A 980 -7.32 -8.83 14.26
N LEU A 981 -8.61 -9.13 14.18
CA LEU A 981 -9.60 -8.32 14.88
C LEU A 981 -9.47 -8.46 16.39
N SER A 982 -9.38 -9.69 16.88
CA SER A 982 -9.33 -9.96 18.31
C SER A 982 -7.92 -9.95 18.87
N ARG A 983 -6.97 -9.36 18.13
CA ARG A 983 -5.59 -9.27 18.56
C ARG A 983 -4.94 -7.94 18.30
N LEU A 984 -5.55 -7.06 17.50
CA LEU A 984 -5.00 -5.74 17.23
C LEU A 984 -6.05 -4.67 17.47
N ASP A 985 -5.57 -3.46 17.77
CA ASP A 985 -6.43 -2.30 17.93
C ASP A 985 -6.98 -1.86 16.56
N PRO A 986 -8.08 -1.10 16.55
CA PRO A 986 -8.80 -0.84 15.29
C PRO A 986 -7.95 -0.22 14.19
N PRO A 987 -7.03 0.71 14.48
CA PRO A 987 -6.21 1.26 13.37
C PRO A 987 -5.29 0.26 12.69
N GLU A 988 -4.41 -0.39 13.47
CA GLU A 988 -3.54 -1.40 12.88
C GLU A 988 -4.34 -2.59 12.37
N ALA A 989 -5.47 -2.89 13.02
CA ALA A 989 -6.36 -3.89 12.47
C ALA A 989 -6.81 -3.48 11.07
N GLU A 990 -7.15 -2.21 10.89
CA GLU A 990 -7.61 -1.74 9.59
C GLU A 990 -6.51 -1.89 8.55
N VAL A 991 -5.27 -1.58 8.93
CA VAL A 991 -4.16 -1.71 7.99
C VAL A 991 -4.01 -3.16 7.53
N GLN A 992 -4.03 -4.09 8.49
CA GLN A 992 -3.88 -5.51 8.15
C GLN A 992 -5.06 -6.01 7.31
N ILE A 993 -6.28 -5.59 7.68
CA ILE A 993 -7.46 -5.98 6.92
C ILE A 993 -7.33 -5.48 5.49
N ASP A 994 -6.84 -4.26 5.31
CA ASP A 994 -6.68 -3.72 3.97
C ASP A 994 -5.72 -4.55 3.15
N ARG A 995 -4.61 -4.97 3.75
CA ARG A 995 -3.67 -5.79 3.00
C ARG A 995 -4.31 -7.11 2.57
N LEU A 996 -5.06 -7.73 3.48
CA LEU A 996 -5.74 -8.97 3.11
C LEU A 996 -6.77 -8.75 2.01
N ILE A 997 -7.50 -7.64 2.07
CA ILE A 997 -8.49 -7.32 1.04
C ILE A 997 -7.83 -7.16 -0.32
N THR A 998 -6.71 -6.45 -0.37
CA THR A 998 -6.01 -6.30 -1.65
C THR A 998 -5.56 -7.65 -2.19
N GLY A 999 -5.01 -8.49 -1.32
CA GLY A 999 -4.56 -9.80 -1.78
C GLY A 999 -5.70 -10.62 -2.34
N ARG A 1000 -6.84 -10.61 -1.66
CA ARG A 1000 -7.94 -11.45 -2.08
C ARG A 1000 -8.67 -10.90 -3.29
N LEU A 1001 -8.71 -9.58 -3.48
CA LEU A 1001 -9.21 -9.05 -4.74
C LEU A 1001 -8.31 -9.41 -5.91
N GLN A 1002 -6.99 -9.38 -5.71
CA GLN A 1002 -6.13 -9.86 -6.79
C GLN A 1002 -6.40 -11.32 -7.09
N SER A 1003 -6.59 -12.14 -6.05
CA SER A 1003 -6.87 -13.55 -6.26
C SER A 1003 -8.17 -13.76 -7.04
N LEU A 1004 -9.24 -13.13 -6.58
CA LEU A 1004 -10.54 -13.30 -7.22
C LEU A 1004 -10.55 -12.75 -8.64
N GLN A 1005 -9.87 -11.62 -8.87
CA GLN A 1005 -9.84 -11.05 -10.20
C GLN A 1005 -9.04 -11.93 -11.16
N THR A 1006 -7.96 -12.53 -10.67
CA THR A 1006 -7.23 -13.48 -11.50
C THR A 1006 -8.11 -14.66 -11.87
N TYR A 1007 -8.86 -15.20 -10.89
CA TYR A 1007 -9.75 -16.32 -11.18
C TYR A 1007 -10.80 -15.94 -12.21
N VAL A 1008 -11.38 -14.75 -12.09
CA VAL A 1008 -12.45 -14.37 -13.00
C VAL A 1008 -11.92 -14.13 -14.40
N THR A 1009 -10.74 -13.51 -14.53
CA THR A 1009 -10.15 -13.31 -15.85
C THR A 1009 -9.84 -14.64 -16.53
N GLN A 1010 -9.24 -15.57 -15.76
CA GLN A 1010 -8.98 -16.89 -16.31
C GLN A 1010 -10.27 -17.59 -16.73
N GLN A 1011 -11.31 -17.47 -15.92
CA GLN A 1011 -12.58 -18.11 -16.25
C GLN A 1011 -13.20 -17.49 -17.49
N LEU A 1012 -13.06 -16.19 -17.68
CA LEU A 1012 -13.57 -15.56 -18.89
C LEU A 1012 -12.85 -16.07 -20.13
N ILE A 1013 -11.53 -16.20 -20.05
CA ILE A 1013 -10.79 -16.74 -21.18
C ILE A 1013 -11.16 -18.19 -21.45
N ARG A 1014 -11.31 -18.98 -20.39
CA ARG A 1014 -11.73 -20.37 -20.56
C ARG A 1014 -13.14 -20.47 -21.13
N ALA A 1015 -14.02 -19.56 -20.74
CA ALA A 1015 -15.36 -19.51 -21.31
C ALA A 1015 -15.31 -19.17 -22.78
N ALA A 1016 -14.41 -18.29 -23.19
CA ALA A 1016 -14.25 -18.03 -24.61
C ALA A 1016 -13.81 -19.28 -25.36
N GLU A 1017 -12.87 -20.03 -24.79
CA GLU A 1017 -12.44 -21.30 -25.39
C GLU A 1017 -13.62 -22.25 -25.56
N ILE A 1018 -14.39 -22.43 -24.49
CA ILE A 1018 -15.48 -23.39 -24.52
C ILE A 1018 -16.59 -22.91 -25.45
N ARG A 1019 -16.76 -21.60 -25.59
CA ARG A 1019 -17.76 -21.08 -26.51
C ARG A 1019 -17.34 -21.33 -27.96
N ALA A 1020 -16.05 -21.23 -28.25
CA ALA A 1020 -15.57 -21.65 -29.57
C ALA A 1020 -15.85 -23.13 -29.80
N SER A 1021 -15.58 -23.96 -28.80
CA SER A 1021 -15.84 -25.39 -28.94
C SER A 1021 -17.33 -25.67 -29.14
N ALA A 1022 -18.19 -24.94 -28.44
CA ALA A 1022 -19.63 -25.13 -28.56
C ALA A 1022 -20.15 -24.67 -29.91
N ASN A 1023 -19.60 -23.56 -30.44
CA ASN A 1023 -19.99 -23.12 -31.77
C ASN A 1023 -19.56 -24.13 -32.82
N LEU A 1024 -18.37 -24.70 -32.68
CA LEU A 1024 -17.95 -25.73 -33.60
C LEU A 1024 -18.82 -26.97 -33.48
N ALA A 1025 -19.23 -27.32 -32.27
CA ALA A 1025 -20.11 -28.46 -32.08
C ALA A 1025 -21.48 -28.22 -32.71
N ALA A 1026 -22.01 -27.01 -32.58
CA ALA A 1026 -23.28 -26.69 -33.22
C ALA A 1026 -23.16 -26.76 -34.74
N THR A 1027 -22.05 -26.26 -35.28
CA THR A 1027 -21.83 -26.34 -36.72
C THR A 1027 -21.71 -27.79 -37.18
N LYS A 1028 -21.03 -28.62 -36.40
CA LYS A 1028 -20.92 -30.03 -36.76
C LYS A 1028 -22.25 -30.75 -36.67
N MET A 1029 -23.08 -30.42 -35.68
CA MET A 1029 -24.35 -31.11 -35.59
C MET A 1029 -25.30 -30.64 -36.67
N SER A 1030 -25.12 -29.42 -37.16
CA SER A 1030 -25.87 -29.00 -38.34
C SER A 1030 -25.40 -29.72 -39.59
N GLU A 1031 -24.14 -29.57 -39.97
CA GLU A 1031 -23.67 -30.01 -41.27
C GLU A 1031 -23.25 -31.47 -41.33
N CYS A 1032 -23.09 -32.16 -40.21
CA CYS A 1032 -22.77 -33.56 -40.18
C CYS A 1032 -23.94 -34.45 -39.81
N VAL A 1033 -24.82 -33.99 -38.94
CA VAL A 1033 -25.93 -34.82 -38.47
C VAL A 1033 -27.22 -34.53 -39.22
N LEU A 1034 -27.54 -33.25 -39.43
CA LEU A 1034 -28.74 -32.92 -40.19
C LEU A 1034 -28.52 -32.96 -41.69
N GLY A 1035 -27.30 -33.20 -42.16
CA GLY A 1035 -27.08 -33.36 -43.59
C GLY A 1035 -25.71 -33.93 -43.86
N GLN A 1036 -25.48 -34.25 -45.13
CA GLN A 1036 -24.20 -34.76 -45.60
C GLN A 1036 -23.30 -33.60 -45.98
N SER A 1037 -22.02 -33.72 -45.63
CA SER A 1037 -21.06 -32.64 -45.76
C SER A 1037 -20.06 -32.93 -46.87
N LYS A 1038 -19.86 -31.96 -47.75
CA LYS A 1038 -18.81 -32.02 -48.75
C LYS A 1038 -17.48 -31.50 -48.24
N ARG A 1039 -17.47 -30.88 -47.06
CA ARG A 1039 -16.22 -30.37 -46.50
C ARG A 1039 -15.32 -31.52 -46.07
N VAL A 1040 -14.03 -31.36 -46.33
CA VAL A 1040 -13.07 -32.44 -46.12
C VAL A 1040 -12.55 -32.37 -44.70
N ASP A 1041 -12.48 -33.52 -44.04
CA ASP A 1041 -12.00 -33.68 -42.66
C ASP A 1041 -12.91 -33.00 -41.65
N PHE A 1042 -13.99 -32.35 -42.09
CA PHE A 1042 -14.89 -31.71 -41.15
C PHE A 1042 -15.72 -32.74 -40.39
N CYS A 1043 -16.26 -33.72 -41.10
CA CYS A 1043 -17.05 -34.78 -40.49
C CYS A 1043 -16.32 -36.12 -40.57
N GLY A 1044 -15.03 -36.10 -40.31
CA GLY A 1044 -14.26 -37.32 -40.17
C GLY A 1044 -13.33 -37.56 -41.35
N LYS A 1045 -12.45 -38.53 -41.17
CA LYS A 1045 -11.57 -38.99 -42.24
C LYS A 1045 -12.37 -39.84 -43.22
N GLY A 1046 -12.34 -39.47 -44.48
CA GLY A 1046 -12.99 -40.24 -45.53
C GLY A 1046 -14.17 -39.52 -46.11
N TYR A 1047 -14.75 -40.15 -47.14
CA TYR A 1047 -15.95 -39.63 -47.77
C TYR A 1047 -17.11 -39.77 -46.81
N HIS A 1048 -17.56 -38.65 -46.26
CA HIS A 1048 -18.53 -38.66 -45.20
C HIS A 1048 -19.89 -39.13 -45.70
N LEU A 1049 -20.46 -40.10 -44.98
CA LEU A 1049 -21.79 -40.62 -45.27
C LEU A 1049 -22.84 -40.06 -44.31
N MET A 1050 -22.61 -40.17 -43.01
CA MET A 1050 -23.51 -39.56 -42.05
C MET A 1050 -22.84 -39.45 -40.70
N SER A 1051 -23.58 -38.99 -39.71
CA SER A 1051 -23.05 -38.81 -38.37
C SER A 1051 -24.16 -38.98 -37.36
N PHE A 1052 -23.79 -39.40 -36.16
CA PHE A 1052 -24.74 -39.64 -35.08
C PHE A 1052 -24.26 -38.97 -33.81
N PRO A 1053 -25.09 -38.16 -33.16
CA PRO A 1053 -24.67 -37.54 -31.90
C PRO A 1053 -24.86 -38.47 -30.72
N GLN A 1054 -23.99 -38.28 -29.73
CA GLN A 1054 -24.14 -38.93 -28.43
C GLN A 1054 -23.82 -37.89 -27.37
N SER A 1055 -24.52 -37.95 -26.26
CA SER A 1055 -24.26 -37.01 -25.19
C SER A 1055 -23.08 -37.46 -24.36
N ALA A 1056 -22.48 -36.51 -23.65
CA ALA A 1056 -21.44 -36.77 -22.69
C ALA A 1056 -21.63 -35.81 -21.54
N PRO A 1057 -20.96 -36.01 -20.40
CA PRO A 1057 -21.28 -35.19 -19.22
C PRO A 1057 -21.24 -33.70 -19.46
N HIS A 1058 -20.29 -33.19 -20.25
CA HIS A 1058 -20.28 -31.77 -20.58
C HIS A 1058 -19.89 -31.56 -22.03
N GLY A 1059 -20.43 -32.37 -22.92
CA GLY A 1059 -19.99 -32.31 -24.29
C GLY A 1059 -20.73 -33.28 -25.17
N VAL A 1060 -20.25 -33.40 -26.40
CA VAL A 1060 -20.90 -34.21 -27.41
C VAL A 1060 -19.87 -35.14 -28.03
N VAL A 1061 -20.32 -36.32 -28.43
CA VAL A 1061 -19.50 -37.32 -29.10
C VAL A 1061 -20.15 -37.62 -30.44
N PHE A 1062 -19.50 -37.21 -31.52
CA PHE A 1062 -20.00 -37.45 -32.86
C PHE A 1062 -19.40 -38.74 -33.39
N LEU A 1063 -20.27 -39.66 -33.80
CA LEU A 1063 -19.86 -40.87 -34.50
C LEU A 1063 -20.01 -40.59 -35.99
N HIS A 1064 -18.88 -40.43 -36.67
CA HIS A 1064 -18.86 -40.08 -38.08
C HIS A 1064 -18.72 -41.36 -38.90
N VAL A 1065 -19.71 -41.63 -39.74
CA VAL A 1065 -19.69 -42.77 -40.63
C VAL A 1065 -19.24 -42.29 -42.00
N THR A 1066 -18.11 -42.82 -42.47
CA THR A 1066 -17.45 -42.39 -43.69
C THR A 1066 -17.16 -43.60 -44.58
N TYR A 1067 -16.94 -43.31 -45.86
CA TYR A 1067 -16.67 -44.31 -46.89
C TYR A 1067 -15.20 -44.20 -47.26
N VAL A 1068 -14.43 -45.23 -46.96
CA VAL A 1068 -12.99 -45.26 -47.22
C VAL A 1068 -12.74 -46.26 -48.34
N PRO A 1069 -12.31 -45.84 -49.52
CA PRO A 1069 -12.04 -46.80 -50.60
C PRO A 1069 -10.88 -47.72 -50.24
N ALA A 1070 -10.90 -48.92 -50.81
CA ALA A 1070 -9.88 -49.91 -50.49
C ALA A 1070 -9.80 -50.91 -51.62
N GLN A 1071 -8.71 -51.67 -51.62
CA GLN A 1071 -8.41 -52.70 -52.61
C GLN A 1071 -8.36 -52.10 -54.02
N GLU A 1072 -7.37 -51.24 -54.20
CA GLU A 1072 -7.21 -50.51 -55.44
C GLU A 1072 -6.44 -51.32 -56.46
N LYS A 1073 -6.77 -51.07 -57.73
CA LYS A 1073 -6.08 -51.71 -58.84
C LYS A 1073 -5.64 -50.68 -59.85
N ASN A 1074 -4.52 -50.95 -60.51
CA ASN A 1074 -4.01 -50.08 -61.55
C ASN A 1074 -4.73 -50.33 -62.87
N PHE A 1075 -4.84 -49.28 -63.65
CA PHE A 1075 -5.45 -49.34 -64.97
C PHE A 1075 -4.75 -48.30 -65.83
N THR A 1076 -4.91 -48.42 -67.14
CA THR A 1076 -4.37 -47.46 -68.09
C THR A 1076 -5.50 -46.57 -68.58
N THR A 1077 -5.30 -45.27 -68.49
CA THR A 1077 -6.31 -44.29 -68.85
C THR A 1077 -5.99 -43.59 -70.16
N ALA A 1078 -6.91 -42.74 -70.55
CA ALA A 1078 -6.80 -41.89 -71.71
C ALA A 1078 -7.77 -40.73 -71.54
N PRO A 1079 -7.36 -39.51 -71.88
CA PRO A 1079 -8.30 -38.39 -71.80
C PRO A 1079 -9.54 -38.56 -72.66
N ALA A 1080 -9.44 -39.18 -73.83
CA ALA A 1080 -10.58 -39.30 -74.72
C ALA A 1080 -10.38 -40.49 -75.65
N ILE A 1081 -11.45 -40.85 -76.34
CA ILE A 1081 -11.43 -41.93 -77.33
C ILE A 1081 -11.75 -41.32 -78.68
N CYS A 1082 -10.89 -41.57 -79.67
CA CYS A 1082 -11.12 -41.06 -81.02
C CYS A 1082 -11.82 -42.15 -81.83
N HIS A 1083 -13.10 -41.95 -82.12
CA HIS A 1083 -13.84 -42.85 -82.97
C HIS A 1083 -14.55 -42.05 -84.03
N ASP A 1084 -14.54 -42.55 -85.27
CA ASP A 1084 -15.02 -41.84 -86.45
C ASP A 1084 -14.43 -40.44 -86.55
N GLY A 1085 -13.17 -40.30 -86.19
CA GLY A 1085 -12.53 -39.01 -86.27
C GLY A 1085 -13.04 -37.98 -85.30
N LYS A 1086 -13.87 -38.38 -84.33
CA LYS A 1086 -14.39 -37.44 -83.34
C LYS A 1086 -14.04 -37.94 -81.96
N ALA A 1087 -13.77 -36.99 -81.06
CA ALA A 1087 -13.29 -37.28 -79.72
C ALA A 1087 -14.44 -37.49 -78.76
N HIS A 1088 -14.23 -38.39 -77.81
CA HIS A 1088 -15.27 -38.85 -76.91
C HIS A 1088 -14.76 -38.78 -75.48
N PHE A 1089 -15.47 -38.03 -74.64
CA PHE A 1089 -15.14 -37.83 -73.24
C PHE A 1089 -16.25 -38.37 -72.35
N PRO A 1090 -15.91 -38.96 -71.22
CA PRO A 1090 -16.94 -39.55 -70.36
C PRO A 1090 -17.89 -38.49 -69.81
N ARG A 1091 -19.17 -38.84 -69.73
CA ARG A 1091 -20.11 -37.95 -69.08
C ARG A 1091 -19.83 -37.87 -67.59
N GLU A 1092 -19.70 -39.02 -66.94
CA GLU A 1092 -19.30 -39.08 -65.55
C GLU A 1092 -18.51 -40.39 -65.38
N GLY A 1093 -17.22 -40.26 -65.12
CA GLY A 1093 -16.40 -41.44 -64.98
C GLY A 1093 -15.05 -41.23 -65.61
N VAL A 1094 -14.44 -42.33 -66.00
CA VAL A 1094 -13.07 -42.35 -66.47
C VAL A 1094 -12.89 -43.58 -67.36
N PHE A 1095 -12.08 -43.41 -68.40
CA PHE A 1095 -11.81 -44.49 -69.34
C PHE A 1095 -10.61 -45.29 -68.88
N VAL A 1096 -10.79 -46.60 -68.72
CA VAL A 1096 -9.72 -47.48 -68.26
C VAL A 1096 -9.63 -48.70 -69.18
N SER A 1097 -8.53 -49.43 -69.05
CA SER A 1097 -8.33 -50.64 -69.83
C SER A 1097 -7.64 -51.67 -68.98
N ASN A 1098 -8.01 -52.94 -69.16
CA ASN A 1098 -7.33 -54.02 -68.45
C ASN A 1098 -6.13 -54.56 -69.23
N GLY A 1099 -5.75 -53.88 -70.31
CA GLY A 1099 -4.66 -54.35 -71.13
C GLY A 1099 -5.03 -54.43 -72.60
N THR A 1100 -6.26 -54.87 -72.88
CA THR A 1100 -6.70 -55.04 -74.26
C THR A 1100 -8.05 -54.45 -74.59
N HIS A 1101 -8.94 -54.23 -73.62
CA HIS A 1101 -10.26 -53.69 -73.89
C HIS A 1101 -10.48 -52.41 -73.09
N TRP A 1102 -11.20 -51.47 -73.66
CA TRP A 1102 -11.46 -50.18 -73.04
C TRP A 1102 -12.87 -50.12 -72.49
N PHE A 1103 -12.98 -49.66 -71.24
CA PHE A 1103 -14.24 -49.55 -70.54
C PHE A 1103 -14.33 -48.15 -69.96
N VAL A 1104 -15.54 -47.77 -69.54
CA VAL A 1104 -15.77 -46.57 -68.77
C VAL A 1104 -16.26 -46.98 -67.39
N THR A 1105 -15.67 -46.41 -66.36
CA THR A 1105 -16.04 -46.72 -64.99
C THR A 1105 -16.32 -45.44 -64.24
N GLN A 1106 -17.05 -45.54 -63.14
CA GLN A 1106 -17.15 -44.42 -62.24
C GLN A 1106 -15.85 -44.25 -61.47
N ARG A 1107 -15.67 -43.08 -60.88
CA ARG A 1107 -14.37 -42.67 -60.42
C ARG A 1107 -13.96 -43.39 -59.14
N ASN A 1108 -14.91 -43.68 -58.27
CA ASN A 1108 -14.63 -44.18 -56.93
C ASN A 1108 -14.96 -45.65 -56.75
N PHE A 1109 -15.31 -46.36 -57.81
CA PHE A 1109 -15.63 -47.77 -57.71
C PHE A 1109 -15.44 -48.41 -59.07
N TYR A 1110 -14.80 -49.56 -59.10
CA TYR A 1110 -14.48 -50.21 -60.38
C TYR A 1110 -15.73 -50.93 -60.85
N GLU A 1111 -16.54 -50.25 -61.65
CA GLU A 1111 -17.71 -50.84 -62.28
C GLU A 1111 -17.59 -50.58 -63.78
N PRO A 1112 -16.96 -51.48 -64.52
CA PRO A 1112 -16.72 -51.24 -65.94
C PRO A 1112 -18.02 -51.24 -66.73
N GLN A 1113 -18.00 -50.53 -67.85
CA GLN A 1113 -19.11 -50.55 -68.79
C GLN A 1113 -18.56 -50.37 -70.20
N ILE A 1114 -19.30 -50.91 -71.17
CA ILE A 1114 -18.90 -50.79 -72.55
C ILE A 1114 -19.08 -49.36 -73.01
N ILE A 1115 -18.04 -48.80 -73.62
CA ILE A 1115 -18.09 -47.41 -74.05
C ILE A 1115 -19.13 -47.25 -75.13
N THR A 1116 -20.18 -46.48 -74.83
CA THR A 1116 -21.26 -46.25 -75.77
C THR A 1116 -21.51 -44.75 -75.90
N THR A 1117 -22.36 -44.41 -76.86
CA THR A 1117 -22.82 -43.03 -76.99
C THR A 1117 -23.73 -42.61 -75.85
N ASP A 1118 -24.21 -43.56 -75.04
CA ASP A 1118 -25.03 -43.20 -73.89
C ASP A 1118 -24.17 -42.62 -72.77
N ASN A 1119 -22.98 -43.18 -72.53
CA ASN A 1119 -22.13 -42.73 -71.44
C ASN A 1119 -20.91 -41.96 -71.93
N THR A 1120 -21.03 -41.26 -73.05
CA THR A 1120 -19.94 -40.46 -73.57
C THR A 1120 -20.51 -39.29 -74.35
N PHE A 1121 -19.79 -38.17 -74.36
CA PHE A 1121 -20.18 -37.02 -75.18
C PHE A 1121 -19.05 -36.65 -76.11
N VAL A 1122 -19.40 -36.11 -77.25
CA VAL A 1122 -18.46 -35.77 -78.31
C VAL A 1122 -18.06 -34.31 -78.19
N SER A 1123 -16.79 -34.03 -78.46
CA SER A 1123 -16.30 -32.66 -78.38
C SER A 1123 -15.12 -32.52 -79.35
N GLY A 1124 -15.41 -32.03 -80.54
CA GLY A 1124 -14.37 -31.74 -81.50
C GLY A 1124 -13.80 -32.99 -82.16
N ASN A 1125 -12.75 -32.77 -82.93
CA ASN A 1125 -12.03 -33.84 -83.60
C ASN A 1125 -10.95 -34.37 -82.66
N CYS A 1126 -10.23 -35.39 -83.12
CA CYS A 1126 -9.31 -36.11 -82.26
C CYS A 1126 -7.86 -35.79 -82.59
N ASP A 1127 -7.58 -34.52 -82.86
CA ASP A 1127 -6.23 -34.03 -83.08
C ASP A 1127 -5.80 -32.93 -82.13
N VAL A 1128 -6.67 -32.48 -81.23
CA VAL A 1128 -6.33 -31.44 -80.28
C VAL A 1128 -6.04 -31.98 -78.89
N VAL A 1129 -6.61 -33.12 -78.50
CA VAL A 1129 -6.39 -33.66 -77.17
C VAL A 1129 -5.09 -34.47 -77.16
N ILE A 1130 -4.29 -34.24 -76.13
CA ILE A 1130 -3.02 -34.94 -75.96
C ILE A 1130 -3.30 -36.21 -75.15
N GLY A 1131 -2.97 -37.36 -75.72
CA GLY A 1131 -3.15 -38.62 -75.01
C GLY A 1131 -4.34 -39.39 -75.48
N ILE A 1132 -4.96 -38.94 -76.58
CA ILE A 1132 -6.16 -39.58 -77.06
C ILE A 1132 -5.82 -40.95 -77.64
N VAL A 1133 -6.74 -41.90 -77.48
CA VAL A 1133 -6.51 -43.27 -77.92
C VAL A 1133 -7.65 -43.72 -78.83
N ASN A 1134 -7.34 -44.70 -79.65
CA ASN A 1134 -8.20 -45.18 -80.73
C ASN A 1134 -9.01 -46.36 -80.21
N ASN A 1135 -10.33 -46.24 -80.26
CA ASN A 1135 -11.15 -47.39 -79.86
C ASN A 1135 -12.58 -47.15 -80.32
N THR A 1136 -13.36 -48.23 -80.35
CA THR A 1136 -14.72 -48.18 -80.86
C THR A 1136 -15.69 -47.72 -79.78
N VAL A 1137 -16.68 -46.94 -80.18
CA VAL A 1137 -17.72 -46.46 -79.30
C VAL A 1137 -19.04 -47.06 -79.78
N TYR A 1138 -19.61 -47.94 -78.97
CA TYR A 1138 -20.76 -48.71 -79.40
C TYR A 1138 -21.99 -47.83 -79.50
N ASP A 1139 -22.70 -47.96 -80.61
CA ASP A 1139 -23.95 -47.24 -80.83
C ASP A 1139 -25.10 -48.23 -80.73
N PRO A 1140 -26.00 -48.10 -79.75
CA PRO A 1140 -27.09 -49.06 -79.59
C PRO A 1140 -28.24 -48.83 -80.58
N LEU A 1141 -27.90 -48.72 -81.87
CA LEU A 1141 -28.90 -48.49 -82.90
C LEU A 1141 -28.75 -49.50 -84.04
N GLN A 1142 -27.51 -49.83 -84.40
CA GLN A 1142 -27.28 -50.78 -85.48
C GLN A 1142 -27.90 -52.14 -85.20
N PRO A 1143 -27.76 -52.74 -84.01
CA PRO A 1143 -28.51 -53.98 -83.74
C PRO A 1143 -30.01 -53.78 -83.81
N GLU A 1144 -30.51 -52.60 -83.46
CA GLU A 1144 -31.95 -52.36 -83.52
C GLU A 1144 -32.43 -52.18 -84.95
N LEU A 1145 -31.55 -51.74 -85.85
CA LEU A 1145 -31.96 -51.56 -87.23
C LEU A 1145 -32.32 -52.89 -87.89
N ASP A 1146 -31.53 -53.92 -87.65
CA ASP A 1146 -31.78 -55.23 -88.25
C ASP A 1146 -32.93 -55.96 -87.55
N GLN B 14 45.01 45.02 -9.18
CA GLN B 14 44.47 46.28 -9.66
C GLN B 14 44.16 46.21 -11.15
N CYS B 15 43.01 46.74 -11.54
CA CYS B 15 42.57 46.75 -12.92
C CYS B 15 42.06 48.14 -13.29
N VAL B 16 42.14 48.46 -14.58
CA VAL B 16 41.69 49.74 -15.10
C VAL B 16 40.59 49.48 -16.12
N ASN B 17 39.45 50.15 -15.96
CA ASN B 17 38.35 49.98 -16.90
C ASN B 17 38.80 50.38 -18.30
N LEU B 18 38.48 49.53 -19.26
CA LEU B 18 38.84 49.76 -20.65
C LEU B 18 37.74 50.52 -21.37
N THR B 19 38.11 51.58 -22.08
CA THR B 19 37.19 52.33 -22.89
C THR B 19 37.22 51.79 -24.32
N THR B 20 36.56 52.49 -25.23
CA THR B 20 36.44 52.07 -26.63
C THR B 20 35.80 50.69 -26.76
N ALA B 27 23.65 40.24 -31.95
CA ALA B 27 23.75 39.44 -33.18
C ALA B 27 23.52 37.96 -32.87
N TYR B 28 22.65 37.34 -33.65
CA TYR B 28 22.21 35.97 -33.42
C TYR B 28 22.57 35.10 -34.62
N THR B 29 22.65 33.79 -34.39
CA THR B 29 22.83 32.85 -35.50
C THR B 29 22.14 31.54 -35.14
N ASN B 30 21.95 30.70 -36.16
CA ASN B 30 21.23 29.44 -36.01
C ASN B 30 22.18 28.25 -36.03
N SER B 31 21.98 27.33 -35.07
CA SER B 31 22.85 26.18 -34.91
C SER B 31 22.20 24.95 -35.52
N PHE B 32 22.70 24.51 -36.66
CA PHE B 32 22.14 23.36 -37.38
C PHE B 32 22.58 22.08 -36.68
N THR B 33 21.70 21.54 -35.84
CA THR B 33 21.91 20.23 -35.21
C THR B 33 23.25 20.18 -34.49
N ARG B 34 23.40 21.01 -33.49
CA ARG B 34 24.69 21.23 -32.85
C ARG B 34 24.54 21.05 -31.34
N GLY B 35 25.67 20.76 -30.70
CA GLY B 35 25.75 20.76 -29.25
C GLY B 35 25.09 19.62 -28.51
N VAL B 36 25.18 18.41 -29.03
CA VAL B 36 24.70 17.22 -28.35
C VAL B 36 25.89 16.54 -27.69
N TYR B 37 25.70 16.05 -26.48
CA TYR B 37 26.79 15.49 -25.71
C TYR B 37 26.38 14.15 -25.13
N TYR B 38 27.37 13.33 -24.82
CA TYR B 38 27.12 12.06 -24.17
C TYR B 38 26.65 12.31 -22.75
N PRO B 39 25.41 11.97 -22.40
CA PRO B 39 24.89 12.32 -21.07
C PRO B 39 25.27 11.35 -19.96
N ASP B 40 25.96 10.27 -20.28
CA ASP B 40 26.23 9.22 -19.31
C ASP B 40 27.50 8.49 -19.67
N LYS B 41 28.04 7.76 -18.69
CA LYS B 41 29.30 7.04 -18.84
C LYS B 41 29.14 5.68 -19.47
N VAL B 42 28.06 5.45 -20.19
CA VAL B 42 27.68 4.11 -20.65
C VAL B 42 28.04 3.94 -22.12
N PHE B 43 28.24 2.69 -22.51
CA PHE B 43 28.54 2.32 -23.88
C PHE B 43 27.32 1.64 -24.48
N ARG B 44 26.93 2.05 -25.67
CA ARG B 44 25.83 1.42 -26.37
C ARG B 44 26.19 1.29 -27.84
N SER B 45 25.75 0.20 -28.45
CA SER B 45 26.16 -0.16 -29.80
C SER B 45 24.94 -0.47 -30.65
N SER B 46 24.83 0.21 -31.78
CA SER B 46 23.79 -0.04 -32.79
C SER B 46 22.39 0.04 -32.18
N VAL B 47 22.17 1.06 -31.35
CA VAL B 47 20.89 1.26 -30.69
C VAL B 47 20.48 2.72 -30.83
N LEU B 48 19.19 2.96 -30.63
CA LEU B 48 18.63 4.29 -30.51
C LEU B 48 18.18 4.48 -29.08
N HIS B 49 18.75 5.48 -28.40
CA HIS B 49 18.51 5.68 -26.98
C HIS B 49 17.82 7.01 -26.72
N SER B 50 16.77 6.98 -25.92
CA SER B 50 16.00 8.17 -25.61
C SER B 50 16.35 8.65 -24.22
N THR B 51 16.88 9.87 -24.13
CA THR B 51 17.31 10.42 -22.86
C THR B 51 16.74 11.80 -22.68
N GLN B 52 16.35 12.10 -21.44
CA GLN B 52 15.78 13.38 -21.06
C GLN B 52 16.81 14.09 -20.17
N ASP B 53 17.29 15.24 -20.61
CA ASP B 53 18.31 15.96 -19.86
C ASP B 53 18.41 17.37 -20.43
N LEU B 54 19.35 18.14 -19.90
CA LEU B 54 19.53 19.52 -20.31
C LEU B 54 20.40 19.54 -21.56
N PHE B 55 19.79 19.81 -22.70
CA PHE B 55 20.51 19.87 -23.95
C PHE B 55 20.32 21.24 -24.60
N LEU B 56 21.00 21.43 -25.72
CA LEU B 56 20.79 22.59 -26.56
C LEU B 56 19.71 22.27 -27.58
N PRO B 57 18.61 23.04 -27.63
CA PRO B 57 17.59 22.77 -28.64
C PRO B 57 18.14 22.85 -30.05
N PHE B 58 17.66 21.96 -30.91
CA PHE B 58 18.12 21.93 -32.29
C PHE B 58 17.60 23.14 -33.03
N PHE B 59 18.38 23.61 -34.01
CA PHE B 59 18.03 24.77 -34.83
C PHE B 59 17.69 25.97 -33.95
N SER B 60 18.56 26.22 -32.97
CA SER B 60 18.34 27.28 -32.01
C SER B 60 19.08 28.54 -32.41
N ASN B 61 18.63 29.66 -31.85
CA ASN B 61 19.20 30.98 -32.10
C ASN B 61 20.15 31.28 -30.94
N VAL B 62 21.43 31.11 -31.21
CA VAL B 62 22.49 31.31 -30.23
C VAL B 62 23.12 32.67 -30.45
N THR B 63 23.52 33.30 -29.35
CA THR B 63 24.09 34.63 -29.37
C THR B 63 25.51 34.60 -29.93
N TRP B 64 25.84 35.61 -30.73
CA TRP B 64 27.10 35.68 -31.47
C TRP B 64 27.89 36.89 -30.98
N PHE B 65 29.12 36.65 -30.55
CA PHE B 65 30.01 37.70 -30.07
C PHE B 65 31.29 37.75 -30.88
N ASP B 80 35.26 41.62 -26.47
CA ASP B 80 33.84 41.46 -26.21
C ASP B 80 33.61 40.49 -25.08
N ASN B 81 33.36 41.01 -23.87
CA ASN B 81 33.16 40.19 -22.67
C ASN B 81 31.91 40.64 -21.94
N PRO B 82 30.74 40.44 -22.55
CA PRO B 82 29.52 41.05 -22.01
C PRO B 82 28.99 40.38 -20.74
N VAL B 83 27.79 40.78 -20.35
CA VAL B 83 27.07 40.17 -19.24
C VAL B 83 26.28 38.98 -19.78
N LEU B 84 26.56 37.79 -19.24
CA LEU B 84 25.89 36.57 -19.66
C LEU B 84 25.50 35.77 -18.42
N PRO B 85 24.21 35.51 -18.23
CA PRO B 85 23.80 34.67 -17.10
C PRO B 85 24.06 33.19 -17.37
N PHE B 86 23.89 32.40 -16.32
CA PHE B 86 24.14 30.96 -16.31
C PHE B 86 22.88 30.32 -15.74
N ASN B 87 21.91 30.04 -16.61
CA ASN B 87 20.62 29.57 -16.11
C ASN B 87 20.69 28.10 -15.69
N ASP B 88 20.93 27.21 -16.65
CA ASP B 88 21.01 25.78 -16.39
C ASP B 88 22.25 25.16 -17.01
N GLY B 89 23.12 25.97 -17.56
CA GLY B 89 24.24 25.47 -18.33
C GLY B 89 24.41 26.27 -19.60
N VAL B 90 25.58 26.18 -20.23
CA VAL B 90 25.88 27.04 -21.36
C VAL B 90 26.58 26.22 -22.44
N TYR B 91 26.21 26.47 -23.68
CA TYR B 91 26.93 25.98 -24.83
C TYR B 91 27.85 27.10 -25.32
N PHE B 92 29.15 26.81 -25.37
CA PHE B 92 30.14 27.81 -25.74
C PHE B 92 30.84 27.29 -26.97
N ALA B 93 31.14 28.16 -27.92
CA ALA B 93 31.91 27.74 -29.07
C ALA B 93 32.89 28.83 -29.46
N SER B 94 34.13 28.47 -29.70
CA SER B 94 35.14 29.41 -30.18
C SER B 94 35.48 29.02 -31.61
N THR B 95 35.14 29.88 -32.55
CA THR B 95 35.53 29.66 -33.95
C THR B 95 36.77 30.50 -34.21
N GLU B 96 37.95 29.87 -34.18
CA GLU B 96 39.19 30.61 -34.02
C GLU B 96 40.26 30.06 -34.95
N LYS B 97 41.26 30.90 -35.19
CA LYS B 97 42.44 30.55 -35.96
C LYS B 97 43.74 31.02 -35.35
N SER B 98 43.70 31.87 -34.31
CA SER B 98 44.90 32.43 -33.71
C SER B 98 44.94 32.23 -32.20
N ASN B 99 44.02 31.44 -31.65
CA ASN B 99 44.03 31.05 -30.23
C ASN B 99 43.97 32.28 -29.33
N ILE B 100 42.86 33.01 -29.45
CA ILE B 100 42.64 34.23 -28.70
C ILE B 100 41.94 33.99 -27.38
N ILE B 101 41.05 33.00 -27.33
CA ILE B 101 40.31 32.74 -26.10
C ILE B 101 41.24 32.13 -25.07
N ARG B 102 40.96 32.40 -23.79
CA ARG B 102 41.82 31.96 -22.70
C ARG B 102 41.08 31.10 -21.68
N GLY B 103 39.83 31.42 -21.38
CA GLY B 103 39.13 30.73 -20.33
C GLY B 103 37.87 31.43 -19.84
N TRP B 104 37.44 31.11 -18.62
CA TRP B 104 36.15 31.56 -18.12
C TRP B 104 36.24 31.85 -16.63
N ILE B 105 35.33 32.71 -16.18
CA ILE B 105 35.10 32.99 -14.77
C ILE B 105 33.63 32.74 -14.48
N PHE B 106 33.34 32.06 -13.39
CA PHE B 106 31.99 31.62 -13.07
C PHE B 106 31.69 32.06 -11.64
N GLY B 107 30.44 32.37 -11.36
CA GLY B 107 30.08 32.72 -10.00
C GLY B 107 28.65 33.22 -9.91
N THR B 108 28.31 33.72 -8.72
CA THR B 108 27.00 34.29 -8.46
C THR B 108 27.05 35.79 -8.22
N THR B 109 27.88 36.24 -7.27
CA THR B 109 28.02 37.65 -6.97
C THR B 109 29.25 38.27 -7.61
N LEU B 110 30.33 37.49 -7.76
CA LEU B 110 31.58 37.96 -8.36
C LEU B 110 32.20 39.10 -7.56
N ASP B 111 31.88 39.20 -6.27
CA ASP B 111 32.31 40.31 -5.44
C ASP B 111 32.84 39.82 -4.10
N SER B 112 33.57 38.70 -4.11
CA SER B 112 34.28 38.13 -2.98
C SER B 112 33.37 37.69 -1.84
N LYS B 113 32.06 37.93 -1.91
CA LYS B 113 31.14 37.47 -0.89
C LYS B 113 30.60 36.08 -1.18
N THR B 114 30.90 35.52 -2.35
CA THR B 114 30.57 34.16 -2.68
C THR B 114 31.75 33.56 -3.45
N GLN B 115 31.91 32.25 -3.33
CA GLN B 115 33.01 31.58 -4.02
C GLN B 115 32.90 31.77 -5.52
N SER B 116 34.04 31.93 -6.17
CA SER B 116 34.13 32.10 -7.61
C SER B 116 35.00 31.02 -8.20
N LEU B 117 34.69 30.65 -9.44
CA LEU B 117 35.42 29.61 -10.15
C LEU B 117 36.14 30.25 -11.31
N LEU B 118 37.32 29.71 -11.63
CA LEU B 118 38.20 30.33 -12.61
C LEU B 118 38.93 29.24 -13.36
N ILE B 119 38.80 29.23 -14.68
CA ILE B 119 39.47 28.26 -15.52
C ILE B 119 40.25 29.04 -16.58
N VAL B 120 41.57 29.00 -16.52
CA VAL B 120 42.36 29.79 -17.47
C VAL B 120 43.50 28.97 -18.04
N ASN B 121 43.71 29.09 -19.35
CA ASN B 121 44.89 28.60 -20.03
C ASN B 121 45.69 29.82 -20.47
N ASN B 122 46.56 30.30 -19.58
CA ASN B 122 47.37 31.47 -19.87
C ASN B 122 48.69 31.10 -20.56
N ALA B 123 48.57 30.31 -21.63
CA ALA B 123 49.68 29.92 -22.49
C ALA B 123 50.72 29.06 -21.77
N THR B 124 50.51 28.80 -20.48
CA THR B 124 51.42 27.95 -19.73
C THR B 124 50.74 26.68 -19.24
N ASN B 125 49.66 26.79 -18.49
CA ASN B 125 48.96 25.63 -17.96
C ASN B 125 47.45 25.90 -18.04
N VAL B 126 46.66 24.83 -17.98
CA VAL B 126 45.21 24.95 -17.86
C VAL B 126 44.86 24.80 -16.39
N VAL B 127 44.86 25.93 -15.69
CA VAL B 127 44.74 25.96 -14.25
C VAL B 127 43.31 26.30 -13.85
N ILE B 128 42.82 25.63 -12.82
CA ILE B 128 41.43 25.74 -12.37
C ILE B 128 41.48 26.02 -10.87
N LYS B 129 40.93 27.16 -10.46
CA LYS B 129 40.78 27.47 -9.04
C LYS B 129 39.32 27.71 -8.72
N VAL B 130 38.83 27.03 -7.69
CA VAL B 130 37.57 27.39 -7.06
C VAL B 130 37.95 28.19 -5.82
N CYS B 131 37.72 29.50 -5.88
CA CYS B 131 38.48 30.39 -5.03
C CYS B 131 37.86 31.78 -5.14
N GLU B 132 37.54 32.39 -4.01
CA GLU B 132 36.81 33.65 -4.00
C GLU B 132 37.75 34.79 -4.37
N PHE B 133 37.33 35.65 -5.29
CA PHE B 133 38.16 36.73 -5.81
C PHE B 133 37.38 38.04 -5.83
N GLN B 134 38.13 39.14 -5.78
CA GLN B 134 37.59 40.48 -6.01
C GLN B 134 37.76 40.80 -7.50
N PHE B 135 36.89 40.21 -8.30
CA PHE B 135 37.07 40.23 -9.75
C PHE B 135 36.88 41.63 -10.31
N CYS B 136 37.63 41.94 -11.36
CA CYS B 136 37.48 43.21 -12.04
C CYS B 136 36.19 43.25 -12.85
N ASN B 137 35.68 44.46 -13.07
CA ASN B 137 34.55 44.63 -13.98
C ASN B 137 34.96 44.29 -15.41
N ASP B 138 36.20 44.61 -15.79
CA ASP B 138 36.76 44.28 -17.09
C ASP B 138 38.07 43.53 -16.90
N PRO B 139 38.01 42.26 -16.51
CA PRO B 139 39.22 41.46 -16.37
C PRO B 139 39.61 40.79 -17.68
N PHE B 140 40.92 40.72 -17.91
CA PHE B 140 41.39 40.20 -19.19
C PHE B 140 42.85 39.73 -19.07
N LEU B 141 43.32 39.15 -20.16
CA LEU B 141 44.69 38.73 -20.35
C LEU B 141 45.29 39.48 -21.53
N GLY B 142 46.60 39.71 -21.47
CA GLY B 142 47.25 40.51 -22.49
C GLY B 142 48.59 39.98 -22.95
N VAL B 143 48.73 39.79 -24.26
CA VAL B 143 49.95 39.30 -24.89
C VAL B 143 50.60 40.47 -25.60
N TYR B 144 51.88 40.72 -25.30
CA TYR B 144 52.62 41.82 -25.91
C TYR B 144 53.42 41.28 -27.09
N TYR B 145 53.29 41.96 -28.23
CA TYR B 145 54.00 41.56 -29.45
C TYR B 145 55.19 42.47 -29.69
N TRP B 152 56.00 36.57 -29.43
CA TRP B 152 54.80 36.80 -28.65
C TRP B 152 54.93 36.23 -27.25
N MET B 153 54.49 36.99 -26.24
CA MET B 153 54.49 36.52 -24.88
C MET B 153 53.38 37.21 -24.11
N GLU B 154 52.74 36.47 -23.21
CA GLU B 154 51.66 37.02 -22.39
C GLU B 154 52.28 37.79 -21.23
N SER B 155 51.96 39.07 -21.13
CA SER B 155 52.55 39.93 -20.11
C SER B 155 51.55 40.45 -19.09
N GLU B 156 50.28 40.60 -19.45
CA GLU B 156 49.29 41.23 -18.59
C GLU B 156 48.29 40.18 -18.11
N PHE B 157 47.96 40.24 -16.82
CA PHE B 157 46.98 39.36 -16.20
C PHE B 157 46.18 40.19 -15.21
N ARG B 158 45.10 40.81 -15.68
CA ARG B 158 44.30 41.71 -14.85
C ARG B 158 42.95 41.06 -14.64
N VAL B 159 42.88 40.18 -13.66
CA VAL B 159 41.68 39.35 -13.50
C VAL B 159 41.12 39.52 -12.09
N TYR B 160 41.94 39.25 -11.09
CA TYR B 160 41.50 39.33 -9.70
C TYR B 160 42.54 40.06 -8.87
N SER B 161 42.12 40.49 -7.68
CA SER B 161 43.00 41.17 -6.75
C SER B 161 43.66 40.18 -5.78
N SER B 162 42.85 39.44 -5.02
CA SER B 162 43.39 38.52 -4.02
C SER B 162 42.30 37.51 -3.65
N ALA B 163 42.68 36.55 -2.82
CA ALA B 163 41.78 35.50 -2.36
C ALA B 163 42.07 35.20 -0.89
N ASN B 164 41.03 35.12 -0.07
CA ASN B 164 41.20 34.89 1.36
C ASN B 164 41.07 33.42 1.72
N ASN B 165 39.91 32.82 1.47
CA ASN B 165 39.68 31.40 1.70
C ASN B 165 39.51 30.75 0.34
N CYS B 166 40.38 29.79 0.04
CA CYS B 166 40.53 29.33 -1.34
C CYS B 166 40.49 27.80 -1.32
N THR B 167 39.29 27.25 -1.53
CA THR B 167 39.02 25.87 -1.17
C THR B 167 39.57 24.85 -2.15
N PHE B 168 39.73 25.19 -3.41
CA PHE B 168 40.14 24.23 -4.44
C PHE B 168 41.27 24.81 -5.25
N GLU B 169 42.03 23.92 -5.88
CA GLU B 169 43.17 24.31 -6.69
C GLU B 169 43.46 23.22 -7.70
N TYR B 170 44.15 23.56 -8.77
CA TYR B 170 44.54 22.60 -9.79
C TYR B 170 45.50 23.27 -10.75
N VAL B 171 46.56 22.55 -11.14
CA VAL B 171 47.45 22.97 -12.22
C VAL B 171 47.75 21.74 -13.08
N SER B 172 47.60 21.89 -14.39
CA SER B 172 48.01 20.81 -15.29
C SER B 172 49.45 21.01 -15.76
N PHE B 186 38.71 31.65 -40.11
CA PHE B 186 38.87 30.75 -38.98
C PHE B 186 39.16 29.33 -39.48
N LYS B 187 39.75 28.50 -38.62
CA LYS B 187 40.13 27.15 -39.00
C LYS B 187 39.66 26.08 -38.04
N ASN B 188 39.61 26.36 -36.73
CA ASN B 188 39.24 25.33 -35.77
C ASN B 188 38.14 25.85 -34.86
N LEU B 189 37.19 24.97 -34.56
CA LEU B 189 36.12 25.31 -33.62
C LEU B 189 36.23 24.42 -32.39
N ARG B 190 36.25 25.10 -31.23
CA ARG B 190 36.31 24.46 -29.92
C ARG B 190 34.92 24.57 -29.31
N GLU B 191 34.26 23.44 -29.16
CA GLU B 191 32.89 23.43 -28.68
C GLU B 191 32.85 22.86 -27.27
N PHE B 192 32.29 23.63 -26.35
CA PHE B 192 32.29 23.29 -24.94
C PHE B 192 30.86 23.36 -24.42
N VAL B 193 30.59 22.57 -23.39
CA VAL B 193 29.31 22.62 -22.67
C VAL B 193 29.63 22.64 -21.18
N PHE B 194 28.95 23.52 -20.46
CA PHE B 194 29.15 23.68 -19.03
C PHE B 194 27.84 23.43 -18.30
N LYS B 195 27.88 22.54 -17.32
CA LYS B 195 26.73 22.15 -16.53
C LYS B 195 27.09 22.21 -15.06
N ASN B 196 26.07 22.41 -14.22
CA ASN B 196 26.30 22.46 -12.78
C ASN B 196 25.13 21.74 -12.11
N ILE B 197 25.34 20.48 -11.73
CA ILE B 197 24.24 19.67 -11.23
C ILE B 197 24.71 18.85 -10.03
N ASP B 198 23.89 18.86 -8.97
CA ASP B 198 24.03 17.95 -7.83
C ASP B 198 25.41 18.02 -7.18
N GLY B 199 25.96 19.23 -7.03
CA GLY B 199 27.25 19.38 -6.40
C GLY B 199 28.43 19.02 -7.25
N TYR B 200 28.19 18.66 -8.51
CA TYR B 200 29.25 18.41 -9.48
C TYR B 200 29.20 19.48 -10.56
N PHE B 201 30.37 19.83 -11.08
CA PHE B 201 30.49 20.72 -12.22
C PHE B 201 30.96 19.89 -13.39
N LYS B 202 30.23 19.96 -14.50
CA LYS B 202 30.52 19.12 -15.66
C LYS B 202 30.99 19.98 -16.83
N ILE B 203 32.08 19.56 -17.45
CA ILE B 203 32.63 20.24 -18.63
C ILE B 203 32.82 19.22 -19.74
N TYR B 204 32.21 19.49 -20.89
CA TYR B 204 32.29 18.64 -22.07
C TYR B 204 32.93 19.43 -23.19
N SER B 205 33.62 18.74 -24.08
CA SER B 205 34.47 19.43 -25.05
C SER B 205 34.56 18.63 -26.33
N LYS B 206 34.87 19.36 -27.41
CA LYS B 206 35.36 18.72 -28.63
C LYS B 206 36.08 19.77 -29.47
N HIS B 207 37.02 19.32 -30.28
CA HIS B 207 37.84 20.18 -31.13
C HIS B 207 37.71 19.70 -32.56
N THR B 208 37.38 20.60 -33.49
CA THR B 208 37.15 20.16 -34.86
C THR B 208 37.78 21.13 -35.86
N PRO B 209 38.37 20.63 -36.95
CA PRO B 209 38.87 21.51 -38.00
C PRO B 209 37.83 21.84 -39.06
N ILE B 210 37.84 23.10 -39.49
CA ILE B 210 36.93 23.60 -40.52
C ILE B 210 37.72 24.51 -41.46
N ASN B 211 37.04 24.94 -42.53
CA ASN B 211 37.65 25.81 -43.54
C ASN B 211 36.66 26.89 -43.97
N LEU B 212 35.99 27.52 -43.02
CA LEU B 212 35.06 28.60 -43.35
C LEU B 212 35.53 29.94 -42.77
N ASP B 215 30.10 32.06 -38.92
CA ASP B 215 29.10 31.03 -39.18
C ASP B 215 29.46 29.72 -38.48
N LEU B 216 28.50 29.17 -37.73
CA LEU B 216 28.67 27.89 -37.06
C LEU B 216 28.40 26.77 -38.04
N PRO B 217 29.32 25.82 -38.22
CA PRO B 217 29.18 24.86 -39.32
C PRO B 217 28.00 23.92 -39.12
N GLN B 218 27.52 23.38 -40.24
CA GLN B 218 26.48 22.37 -40.21
C GLN B 218 27.12 21.02 -39.86
N GLY B 219 26.35 19.95 -39.99
CA GLY B 219 26.84 18.63 -39.67
C GLY B 219 26.56 18.27 -38.22
N PHE B 220 27.15 17.14 -37.81
CA PHE B 220 26.90 16.56 -36.50
C PHE B 220 28.21 16.28 -35.80
N SER B 221 28.27 16.59 -34.52
CA SER B 221 29.51 16.44 -33.76
C SER B 221 29.14 16.27 -32.29
N ALA B 222 29.27 15.05 -31.78
CA ALA B 222 28.95 14.75 -30.39
C ALA B 222 30.13 15.10 -29.50
N LEU B 223 29.85 15.67 -28.34
CA LEU B 223 30.87 16.22 -27.46
C LEU B 223 31.20 15.22 -26.36
N GLU B 224 32.45 14.75 -26.35
CA GLU B 224 33.00 13.78 -25.42
C GLU B 224 33.32 14.44 -24.09
N PRO B 225 32.84 13.87 -22.98
CA PRO B 225 33.00 14.55 -21.69
C PRO B 225 34.46 14.64 -21.31
N LEU B 226 34.80 15.76 -20.68
CA LEU B 226 36.19 16.08 -20.40
C LEU B 226 36.49 16.10 -18.91
N VAL B 227 35.78 16.89 -18.11
CA VAL B 227 36.18 17.05 -16.72
C VAL B 227 34.94 17.13 -15.84
N ASP B 228 35.06 16.58 -14.64
CA ASP B 228 34.09 16.75 -13.58
C ASP B 228 34.82 17.32 -12.38
N LEU B 229 34.18 18.26 -11.69
CA LEU B 229 34.76 18.89 -10.52
C LEU B 229 33.82 18.74 -9.34
N PRO B 230 34.30 18.33 -8.18
CA PRO B 230 33.45 18.24 -7.00
C PRO B 230 33.43 19.57 -6.25
N ILE B 231 32.73 20.55 -6.81
CA ILE B 231 32.76 21.91 -6.31
C ILE B 231 31.58 22.21 -5.41
N GLY B 232 30.36 21.99 -5.89
CA GLY B 232 29.18 22.22 -5.08
C GLY B 232 28.94 23.66 -4.70
N ILE B 233 29.18 24.58 -5.64
CA ILE B 233 28.90 26.03 -5.38
C ILE B 233 27.85 26.49 -6.42
N ASN B 234 27.03 27.47 -6.05
CA ASN B 234 26.02 27.99 -7.00
C ASN B 234 26.71 28.83 -8.08
N ILE B 235 26.31 28.69 -9.34
CA ILE B 235 26.85 29.57 -10.43
C ILE B 235 25.65 30.15 -11.18
N THR B 236 25.58 31.49 -11.32
CA THR B 236 24.43 32.15 -11.99
C THR B 236 24.94 33.30 -12.85
N ARG B 237 26.24 33.32 -13.14
CA ARG B 237 26.84 34.41 -13.89
C ARG B 237 28.18 33.96 -14.42
N PHE B 238 28.49 34.21 -15.69
CA PHE B 238 29.76 33.74 -16.23
C PHE B 238 30.30 34.77 -17.22
N GLN B 239 31.62 34.85 -17.27
CA GLN B 239 32.30 35.80 -18.14
C GLN B 239 33.54 35.15 -18.71
N THR B 240 33.91 35.56 -19.92
CA THR B 240 35.00 34.94 -20.66
C THR B 240 36.20 35.87 -20.75
N LEU B 241 37.32 35.31 -21.24
CA LEU B 241 38.57 36.03 -21.39
C LEU B 241 39.16 35.81 -22.76
N LEU B 242 39.61 36.90 -23.38
CA LEU B 242 40.21 36.87 -24.71
C LEU B 242 41.67 37.28 -24.61
N ALA B 243 42.33 37.33 -25.76
CA ALA B 243 43.69 37.84 -25.89
C ALA B 243 43.69 39.13 -26.69
N LEU B 244 44.37 40.15 -26.19
CA LEU B 244 44.44 41.44 -26.87
C LEU B 244 45.88 41.85 -27.16
N ALA B 263 38.50 37.07 -33.97
CA ALA B 263 37.94 35.95 -33.23
C ALA B 263 36.42 36.06 -33.13
N ALA B 264 35.77 34.95 -32.80
CA ALA B 264 34.32 34.93 -32.65
C ALA B 264 33.94 33.78 -31.72
N TYR B 265 33.02 34.06 -30.80
CA TYR B 265 32.54 32.99 -29.94
C TYR B 265 31.02 33.06 -29.80
N TYR B 266 30.44 31.90 -29.59
CA TYR B 266 29.02 31.66 -29.73
C TYR B 266 28.52 31.15 -28.38
N VAL B 267 27.40 31.69 -27.90
CA VAL B 267 26.84 31.26 -26.62
C VAL B 267 25.38 30.87 -26.81
N GLY B 268 25.05 29.64 -26.43
CA GLY B 268 23.67 29.19 -26.34
C GLY B 268 23.39 28.69 -24.93
N TYR B 269 22.11 28.45 -24.67
CA TYR B 269 21.68 28.06 -23.35
C TYR B 269 20.97 26.72 -23.41
N LEU B 270 20.99 26.02 -22.29
CA LEU B 270 20.50 24.65 -22.23
C LEU B 270 19.11 24.60 -21.61
N GLN B 271 18.25 23.76 -22.16
CA GLN B 271 16.90 23.55 -21.65
C GLN B 271 16.66 22.07 -21.45
N PRO B 272 15.74 21.71 -20.54
CA PRO B 272 15.43 20.28 -20.32
C PRO B 272 14.58 19.73 -21.44
N ARG B 273 15.19 18.89 -22.27
CA ARG B 273 14.53 18.35 -23.45
C ARG B 273 14.88 16.87 -23.58
N THR B 274 14.11 16.18 -24.42
CA THR B 274 14.30 14.75 -24.67
C THR B 274 14.87 14.55 -26.05
N PHE B 275 15.92 13.74 -26.15
CA PHE B 275 16.59 13.47 -27.41
C PHE B 275 16.67 11.97 -27.67
N LEU B 276 16.58 11.62 -28.95
CA LEU B 276 16.82 10.26 -29.39
C LEU B 276 18.19 10.24 -30.07
N LEU B 277 19.08 9.40 -29.57
CA LEU B 277 20.48 9.41 -29.92
C LEU B 277 20.81 8.12 -30.64
N LYS B 278 21.47 8.21 -31.78
CA LYS B 278 21.79 7.06 -32.60
C LYS B 278 23.24 6.69 -32.37
N TYR B 279 23.46 5.63 -31.59
CA TYR B 279 24.79 5.11 -31.38
C TYR B 279 25.16 4.19 -32.54
N ASN B 280 26.35 4.39 -33.10
CA ASN B 280 26.83 3.51 -34.14
C ASN B 280 27.47 2.28 -33.53
N GLU B 281 27.95 1.37 -34.38
CA GLU B 281 28.48 0.10 -33.88
C GLU B 281 29.73 0.30 -33.04
N ASN B 282 30.51 1.33 -33.33
CA ASN B 282 31.73 1.59 -32.57
C ASN B 282 31.46 2.24 -31.23
N GLY B 283 30.24 2.71 -30.98
CA GLY B 283 29.89 3.29 -29.70
C GLY B 283 29.73 4.79 -29.67
N THR B 284 29.70 5.46 -30.81
CA THR B 284 29.61 6.91 -30.88
C THR B 284 28.24 7.35 -31.36
N ILE B 285 27.87 8.59 -31.03
CA ILE B 285 26.61 9.15 -31.52
C ILE B 285 26.81 9.64 -32.94
N THR B 286 26.00 9.13 -33.85
CA THR B 286 26.08 9.51 -35.26
C THR B 286 25.05 10.57 -35.63
N ASP B 287 23.82 10.44 -35.12
CA ASP B 287 22.76 11.41 -35.31
C ASP B 287 21.94 11.52 -34.03
N ALA B 288 21.08 12.53 -33.99
CA ALA B 288 20.15 12.68 -32.89
C ALA B 288 18.96 13.50 -33.37
N VAL B 289 17.79 13.19 -32.82
CA VAL B 289 16.58 13.93 -33.11
C VAL B 289 16.02 14.49 -31.82
N ASP B 290 15.64 15.76 -31.85
CA ASP B 290 14.93 16.35 -30.74
C ASP B 290 13.51 15.77 -30.69
N CYS B 291 12.82 16.02 -29.60
CA CYS B 291 11.48 15.51 -29.47
C CYS B 291 10.43 16.59 -29.38
N ALA B 292 10.83 17.86 -29.33
CA ALA B 292 9.89 18.96 -29.29
C ALA B 292 10.17 19.98 -30.37
N LEU B 293 10.97 19.63 -31.36
CA LEU B 293 11.26 20.56 -32.44
C LEU B 293 10.07 20.69 -33.38
N ASP B 294 9.69 19.61 -34.03
CA ASP B 294 8.60 19.59 -34.99
C ASP B 294 7.84 18.29 -34.85
N PRO B 295 6.60 18.23 -35.33
CA PRO B 295 5.78 17.01 -35.15
C PRO B 295 6.43 15.73 -35.64
N LEU B 296 7.15 15.80 -36.77
CA LEU B 296 7.81 14.60 -37.28
C LEU B 296 8.84 14.07 -36.29
N SER B 297 9.59 14.97 -35.67
CA SER B 297 10.60 14.54 -34.73
C SER B 297 9.97 13.87 -33.52
N GLU B 298 8.82 14.35 -33.08
CA GLU B 298 8.19 13.76 -31.93
C GLU B 298 7.51 12.43 -32.29
N THR B 299 7.06 12.29 -33.55
CA THR B 299 6.66 10.97 -34.05
C THR B 299 7.82 10.00 -34.01
N LYS B 300 9.00 10.45 -34.45
CA LYS B 300 10.18 9.59 -34.39
C LYS B 300 10.51 9.22 -32.96
N CYS B 301 10.39 10.15 -32.04
CA CYS B 301 10.64 9.85 -30.63
C CYS B 301 9.66 8.79 -30.13
N THR B 302 8.39 8.93 -30.49
CA THR B 302 7.40 7.96 -30.05
C THR B 302 7.68 6.56 -30.60
N LEU B 303 8.08 6.47 -31.87
CA LEU B 303 8.39 5.16 -32.45
C LEU B 303 9.78 4.65 -32.12
N LYS B 304 10.67 5.50 -31.60
CA LYS B 304 12.08 5.15 -31.41
C LYS B 304 12.69 4.61 -32.69
N SER B 305 12.48 5.33 -33.78
CA SER B 305 13.08 5.00 -35.06
C SER B 305 13.30 6.27 -35.85
N PHE B 306 14.46 6.39 -36.47
CA PHE B 306 14.76 7.58 -37.27
C PHE B 306 14.05 7.56 -38.61
N THR B 307 13.41 6.46 -38.96
CA THR B 307 12.62 6.39 -40.18
C THR B 307 11.20 6.04 -39.79
N VAL B 308 10.24 6.68 -40.45
CA VAL B 308 8.83 6.52 -40.15
C VAL B 308 8.10 6.10 -41.40
N GLU B 309 7.32 5.04 -41.28
CA GLU B 309 6.55 4.49 -42.38
C GLU B 309 5.24 5.25 -42.54
N LYS B 310 4.65 5.11 -43.71
CA LYS B 310 3.39 5.79 -44.00
C LYS B 310 2.32 5.36 -43.00
N GLY B 311 1.69 6.32 -42.37
CA GLY B 311 0.62 6.04 -41.45
C GLY B 311 0.30 7.24 -40.59
N ILE B 312 -0.63 7.03 -39.68
CA ILE B 312 -1.07 8.03 -38.71
C ILE B 312 -0.68 7.53 -37.33
N TYR B 313 0.03 8.36 -36.57
CA TYR B 313 0.67 7.92 -35.35
C TYR B 313 0.24 8.81 -34.19
N GLN B 314 -0.28 8.17 -33.14
CA GLN B 314 -0.73 8.87 -31.93
C GLN B 314 0.50 9.41 -31.22
N THR B 315 0.70 10.71 -31.31
CA THR B 315 1.98 11.29 -30.93
C THR B 315 2.00 11.74 -29.48
N SER B 316 1.08 12.62 -29.10
CA SER B 316 0.98 13.07 -27.71
C SER B 316 -0.43 13.57 -27.44
N ASN B 317 -0.60 14.25 -26.31
CA ASN B 317 -1.89 14.75 -25.89
C ASN B 317 -1.91 16.27 -25.88
N PHE B 318 -3.06 16.83 -26.20
CA PHE B 318 -3.25 18.27 -26.28
C PHE B 318 -4.25 18.64 -25.19
N ARG B 319 -3.91 19.63 -24.36
CA ARG B 319 -4.73 20.00 -23.22
C ARG B 319 -4.71 21.51 -23.05
N VAL B 320 -5.90 22.11 -22.95
CA VAL B 320 -6.00 23.59 -22.74
C VAL B 320 -5.78 23.87 -21.26
N GLN B 321 -4.64 24.47 -20.91
CA GLN B 321 -4.30 24.72 -19.48
C GLN B 321 -5.20 25.81 -18.89
N PRO B 322 -5.58 25.71 -17.59
CA PRO B 322 -6.45 26.71 -16.95
C PRO B 322 -5.80 28.09 -16.75
N THR B 323 -6.58 29.16 -16.86
CA THR B 323 -6.08 30.54 -16.66
C THR B 323 -7.08 31.28 -15.77
N GLU B 324 -6.70 32.41 -15.16
CA GLU B 324 -7.68 33.24 -14.41
C GLU B 324 -8.44 32.45 -13.34
N SER B 325 -7.74 31.97 -12.31
CA SER B 325 -8.39 31.21 -11.22
C SER B 325 -9.54 32.02 -10.60
N ILE B 326 -10.69 31.39 -10.39
CA ILE B 326 -11.88 32.11 -9.85
C ILE B 326 -12.36 31.43 -8.55
N VAL B 327 -12.61 32.20 -7.51
CA VAL B 327 -13.10 31.71 -6.24
C VAL B 327 -14.34 32.50 -5.88
N ARG B 328 -15.40 31.82 -5.45
CA ARG B 328 -16.70 32.45 -5.23
C ARG B 328 -17.38 31.87 -4.00
N PHE B 329 -17.76 32.73 -3.07
CA PHE B 329 -18.51 32.39 -1.88
C PHE B 329 -19.61 33.41 -1.68
N PRO B 330 -20.68 33.06 -0.94
CA PRO B 330 -21.79 34.02 -0.80
C PRO B 330 -21.36 35.22 0.02
N ASN B 331 -21.96 36.36 -0.32
CA ASN B 331 -21.50 37.62 0.23
C ASN B 331 -21.92 37.79 1.69
N ILE B 332 -21.11 38.56 2.41
CA ILE B 332 -21.16 38.59 3.86
C ILE B 332 -22.41 39.31 4.34
N THR B 333 -23.25 38.59 5.08
CA THR B 333 -24.43 39.18 5.69
C THR B 333 -24.34 39.00 7.20
N ASN B 334 -24.88 39.95 7.95
CA ASN B 334 -24.94 39.87 9.40
C ASN B 334 -23.56 39.72 10.02
N LEU B 335 -22.70 40.74 9.89
CA LEU B 335 -21.39 40.74 10.51
C LEU B 335 -21.55 40.83 12.03
N CYS B 336 -20.52 40.39 12.74
CA CYS B 336 -20.59 40.30 14.20
C CYS B 336 -20.74 41.68 14.82
N PRO B 337 -21.48 41.84 15.96
CA PRO B 337 -21.56 43.14 16.64
C PRO B 337 -20.25 43.41 17.37
N PHE B 338 -19.18 43.70 16.63
CA PHE B 338 -17.86 43.98 17.24
C PHE B 338 -17.97 45.23 18.10
N GLY B 339 -18.85 46.15 17.74
CA GLY B 339 -18.95 47.42 18.49
C GLY B 339 -19.31 47.19 19.95
N GLU B 340 -20.17 46.23 20.24
CA GLU B 340 -20.47 45.96 21.67
C GLU B 340 -19.19 45.50 22.39
N VAL B 341 -18.44 44.56 21.80
CA VAL B 341 -17.22 44.03 22.47
C VAL B 341 -16.10 45.06 22.53
N PHE B 342 -15.88 45.83 21.46
CA PHE B 342 -14.71 46.76 21.41
C PHE B 342 -15.08 48.21 21.69
N ASN B 343 -16.03 48.77 20.93
CA ASN B 343 -16.38 50.20 21.12
C ASN B 343 -16.75 50.36 22.59
N ALA B 344 -17.77 49.65 23.06
CA ALA B 344 -18.12 49.62 24.50
C ALA B 344 -18.52 50.98 25.07
N THR B 345 -19.81 51.16 25.37
CA THR B 345 -20.26 52.42 26.01
C THR B 345 -19.52 52.53 27.35
N ARG B 346 -19.37 51.41 28.07
CA ARG B 346 -18.60 51.41 29.34
C ARG B 346 -17.77 50.13 29.41
N PHE B 347 -16.65 50.16 30.13
CA PHE B 347 -15.84 48.92 30.30
C PHE B 347 -15.65 48.67 31.80
N ALA B 348 -15.77 47.42 32.23
CA ALA B 348 -15.70 47.14 33.68
C ALA B 348 -14.26 47.14 34.17
N SER B 349 -14.05 47.08 35.49
CA SER B 349 -12.70 46.99 36.00
C SER B 349 -12.24 45.54 35.98
N VAL B 350 -10.95 45.34 36.19
CA VAL B 350 -10.39 44.01 36.03
C VAL B 350 -10.88 43.07 37.13
N TYR B 351 -11.27 43.62 38.29
CA TYR B 351 -11.63 42.73 39.40
C TYR B 351 -12.91 41.96 39.08
N ALA B 352 -13.70 42.45 38.14
CA ALA B 352 -14.91 41.77 37.66
C ALA B 352 -14.96 42.02 36.15
N TRP B 353 -14.42 41.09 35.37
CA TRP B 353 -14.27 41.28 33.94
C TRP B 353 -15.41 40.60 33.19
N ASN B 354 -16.04 41.34 32.29
CA ASN B 354 -17.15 40.77 31.54
C ASN B 354 -16.64 39.71 30.58
N ARG B 355 -17.51 38.75 30.28
CA ARG B 355 -17.15 37.53 29.58
C ARG B 355 -18.13 37.38 28.42
N LYS B 356 -17.83 38.05 27.31
CA LYS B 356 -18.77 38.18 26.20
C LYS B 356 -18.63 36.99 25.27
N ARG B 357 -19.74 36.60 24.66
CA ARG B 357 -19.77 35.52 23.70
C ARG B 357 -20.40 36.03 22.41
N ILE B 358 -19.73 35.78 21.29
CA ILE B 358 -20.14 36.25 19.98
C ILE B 358 -20.47 35.03 19.14
N SER B 359 -21.63 35.04 18.48
CA SER B 359 -22.01 33.87 17.71
C SER B 359 -22.94 34.26 16.58
N ASN B 360 -23.13 33.32 15.65
CA ASN B 360 -24.08 33.45 14.55
C ASN B 360 -23.72 34.62 13.63
N CYS B 361 -22.43 34.86 13.47
CA CYS B 361 -21.93 35.90 12.57
C CYS B 361 -20.49 35.58 12.22
N VAL B 362 -19.89 36.46 11.44
CA VAL B 362 -18.57 36.26 10.87
C VAL B 362 -17.66 37.34 11.42
N ALA B 363 -16.45 36.95 11.82
CA ALA B 363 -15.49 37.86 12.41
C ALA B 363 -14.54 38.38 11.34
N ASP B 364 -14.49 39.70 11.17
CA ASP B 364 -13.67 40.33 10.15
C ASP B 364 -12.41 40.86 10.84
N TYR B 365 -11.44 39.97 11.05
CA TYR B 365 -10.23 40.31 11.78
C TYR B 365 -9.19 41.04 10.95
N SER B 366 -9.35 41.11 9.63
CA SER B 366 -8.42 41.87 8.82
C SER B 366 -8.50 43.36 9.16
N VAL B 367 -9.68 43.94 9.04
CA VAL B 367 -9.84 45.35 9.38
C VAL B 367 -9.67 45.55 10.87
N LEU B 368 -9.92 44.51 11.66
CA LEU B 368 -9.71 44.61 13.09
C LEU B 368 -8.23 44.77 13.42
N TYR B 369 -7.37 44.07 12.69
CA TYR B 369 -5.93 44.21 12.89
C TYR B 369 -5.46 45.60 12.52
N ASN B 370 -5.59 45.96 11.25
CA ASN B 370 -5.05 47.21 10.73
C ASN B 370 -5.92 48.36 11.26
N SER B 371 -5.87 48.53 12.57
CA SER B 371 -6.57 49.60 13.25
C SER B 371 -5.56 50.45 14.00
N ALA B 372 -5.66 51.76 13.84
CA ALA B 372 -4.63 52.64 14.37
C ALA B 372 -4.58 52.56 15.90
N SER B 373 -5.74 52.58 16.55
CA SER B 373 -5.74 52.70 18.01
C SER B 373 -5.08 51.49 18.67
N PHE B 374 -5.33 50.30 18.17
CA PHE B 374 -4.92 49.08 18.88
C PHE B 374 -3.40 49.00 18.86
N SER B 375 -2.78 49.40 19.96
CA SER B 375 -1.34 49.33 20.07
C SER B 375 -0.86 47.88 20.09
N THR B 376 -1.55 47.03 20.85
CA THR B 376 -1.07 45.63 21.00
C THR B 376 -2.06 44.65 20.39
N PHE B 377 -1.60 43.82 19.44
CA PHE B 377 -2.46 42.76 18.86
C PHE B 377 -1.64 41.47 18.89
N LYS B 378 -1.41 40.92 20.08
CA LYS B 378 -0.54 39.72 20.20
C LYS B 378 -1.42 38.47 20.18
N CYS B 379 -1.18 37.57 19.23
CA CYS B 379 -2.00 36.33 19.12
C CYS B 379 -1.11 35.12 19.43
N TYR B 380 -1.57 34.24 20.32
CA TYR B 380 -0.73 33.10 20.74
C TYR B 380 -1.28 31.81 20.11
N GLY B 381 -0.40 31.01 19.49
CA GLY B 381 -0.82 29.72 18.91
C GLY B 381 -1.29 29.86 17.47
N VAL B 382 -1.56 31.09 17.00
CA VAL B 382 -2.10 31.27 15.68
C VAL B 382 -1.38 32.41 14.97
N SER B 383 -1.60 32.49 13.66
CA SER B 383 -1.10 33.59 12.84
C SER B 383 -2.06 34.77 12.94
N PRO B 384 -1.62 35.93 13.43
CA PRO B 384 -2.55 37.05 13.58
C PRO B 384 -3.25 37.44 12.30
N THR B 385 -2.55 37.42 11.17
CA THR B 385 -3.21 37.74 9.91
C THR B 385 -4.07 36.58 9.40
N LYS B 386 -3.54 35.37 9.44
CA LYS B 386 -4.14 34.23 8.77
C LYS B 386 -5.27 33.59 9.56
N LEU B 387 -5.68 34.19 10.68
CA LEU B 387 -6.69 33.57 11.52
C LEU B 387 -8.07 33.58 10.84
N ASN B 388 -8.27 34.44 9.84
CA ASN B 388 -9.55 34.50 9.14
C ASN B 388 -9.86 33.21 8.41
N ASP B 389 -8.90 32.67 7.68
CA ASP B 389 -9.10 31.37 7.04
C ASP B 389 -9.43 30.30 8.08
N LEU B 390 -8.86 30.42 9.27
CA LEU B 390 -9.18 29.51 10.36
C LEU B 390 -10.61 29.73 10.81
N CYS B 391 -11.30 28.63 11.08
CA CYS B 391 -12.69 28.65 11.53
C CYS B 391 -12.77 28.05 12.92
N PHE B 392 -13.52 28.72 13.79
CA PHE B 392 -13.67 28.36 15.20
C PHE B 392 -15.15 28.43 15.58
N THR B 393 -15.51 27.75 16.66
CA THR B 393 -16.92 27.60 17.03
C THR B 393 -17.43 28.76 17.88
N ASN B 394 -16.85 28.95 19.05
CA ASN B 394 -17.27 29.99 19.98
C ASN B 394 -16.08 30.85 20.33
N VAL B 395 -16.32 32.16 20.40
CA VAL B 395 -15.27 33.09 20.78
C VAL B 395 -15.67 33.76 22.08
N TYR B 396 -14.71 33.87 22.98
CA TYR B 396 -14.94 34.48 24.28
C TYR B 396 -14.12 35.75 24.35
N ALA B 397 -14.75 36.84 24.76
CA ALA B 397 -14.11 38.14 24.90
C ALA B 397 -14.01 38.50 26.36
N ASP B 398 -12.80 38.82 26.81
CA ASP B 398 -12.51 39.09 28.21
C ASP B 398 -12.05 40.54 28.25
N SER B 399 -12.96 41.48 28.46
CA SER B 399 -12.67 42.89 28.28
C SER B 399 -12.59 43.60 29.62
N PHE B 400 -11.69 44.57 29.71
CA PHE B 400 -11.53 45.36 30.92
C PHE B 400 -10.59 46.52 30.65
N VAL B 401 -10.25 47.24 31.72
CA VAL B 401 -9.32 48.36 31.67
C VAL B 401 -8.26 48.15 32.74
N ILE B 402 -7.00 48.32 32.37
CA ILE B 402 -5.89 48.17 33.29
C ILE B 402 -4.92 49.33 33.11
N ARG B 403 -3.81 49.28 33.85
CA ARG B 403 -2.75 50.27 33.70
C ARG B 403 -1.85 49.88 32.54
N GLY B 404 -1.23 50.89 31.92
CA GLY B 404 -0.41 50.63 30.75
C GLY B 404 0.77 49.73 31.02
N ASP B 405 1.33 49.78 32.23
CA ASP B 405 2.47 48.92 32.56
C ASP B 405 2.05 47.50 32.91
N GLU B 406 0.76 47.25 33.11
CA GLU B 406 0.26 45.93 33.46
C GLU B 406 -0.21 45.13 32.25
N VAL B 407 -0.27 45.74 31.07
CA VAL B 407 -0.70 45.01 29.88
C VAL B 407 0.26 43.87 29.59
N ARG B 408 1.51 44.01 30.00
CA ARG B 408 2.49 42.95 29.87
C ARG B 408 2.02 41.66 30.53
N GLN B 409 1.26 41.76 31.61
CA GLN B 409 1.04 40.61 32.47
C GLN B 409 0.03 39.64 31.89
N ILE B 410 -0.60 39.97 30.78
CA ILE B 410 -1.62 39.11 30.18
C ILE B 410 -0.88 38.22 29.18
N ALA B 411 -0.40 37.09 29.68
CA ALA B 411 0.34 36.11 28.89
C ALA B 411 0.34 34.81 29.66
N PRO B 412 0.56 33.67 29.01
CA PRO B 412 0.65 32.42 29.77
C PRO B 412 1.90 32.41 30.63
N GLY B 413 1.83 31.67 31.72
CA GLY B 413 3.02 31.43 32.54
C GLY B 413 3.71 32.69 33.01
N GLN B 414 2.95 33.75 33.22
CA GLN B 414 3.50 34.98 33.78
C GLN B 414 3.01 35.18 35.20
N THR B 415 3.93 35.59 36.06
CA THR B 415 3.63 35.95 37.43
C THR B 415 3.45 37.46 37.54
N GLY B 416 2.94 37.89 38.69
CA GLY B 416 2.81 39.32 38.93
C GLY B 416 1.61 39.61 39.80
N LYS B 417 0.96 40.72 39.50
CA LYS B 417 -0.23 41.14 40.23
C LYS B 417 -1.51 40.81 39.48
N ILE B 418 -1.64 41.29 38.25
CA ILE B 418 -2.84 41.01 37.46
C ILE B 418 -2.97 39.52 37.22
N ALA B 419 -1.86 38.85 36.91
CA ALA B 419 -1.90 37.43 36.66
C ALA B 419 -2.28 36.64 37.91
N ASP B 420 -1.71 37.01 39.05
CA ASP B 420 -1.90 36.19 40.24
C ASP B 420 -3.23 36.46 40.93
N TYR B 421 -3.77 37.67 40.81
CA TYR B 421 -4.88 38.10 41.65
C TYR B 421 -6.13 38.53 40.89
N ASN B 422 -6.03 38.92 39.64
CA ASN B 422 -7.17 39.47 38.93
C ASN B 422 -7.64 38.60 37.78
N TYR B 423 -6.75 38.27 36.84
CA TYR B 423 -7.13 37.61 35.61
C TYR B 423 -5.95 36.79 35.11
N LYS B 424 -6.13 35.47 35.02
CA LYS B 424 -5.04 34.57 34.66
C LYS B 424 -5.37 33.84 33.36
N LEU B 425 -4.49 34.00 32.36
CA LEU B 425 -4.58 33.20 31.15
C LEU B 425 -3.97 31.82 31.39
N PRO B 426 -4.50 30.79 30.75
CA PRO B 426 -3.94 29.46 30.93
C PRO B 426 -2.57 29.32 30.28
N ASP B 427 -1.87 28.27 30.68
CA ASP B 427 -0.61 27.93 30.03
C ASP B 427 -0.83 27.58 28.57
N ASP B 428 -1.96 26.96 28.26
CA ASP B 428 -2.24 26.53 26.86
C ASP B 428 -3.17 27.54 26.19
N PHE B 429 -2.99 28.82 26.47
CA PHE B 429 -3.91 29.86 25.91
C PHE B 429 -3.71 30.00 24.41
N THR B 430 -4.81 30.05 23.66
CA THR B 430 -4.74 30.30 22.20
C THR B 430 -5.71 31.45 21.90
N GLY B 431 -5.25 32.50 21.24
CA GLY B 431 -6.14 33.64 20.90
C GLY B 431 -5.37 34.94 20.87
N CYS B 432 -6.07 36.05 20.60
CA CYS B 432 -5.37 37.36 20.47
C CYS B 432 -5.69 38.26 21.65
N VAL B 433 -4.67 38.83 22.30
CA VAL B 433 -4.92 39.82 23.38
C VAL B 433 -4.85 41.20 22.72
N ILE B 434 -5.94 41.96 22.76
CA ILE B 434 -5.95 43.26 22.03
C ILE B 434 -5.94 44.40 23.06
N ALA B 435 -4.95 45.28 22.99
CA ALA B 435 -4.83 46.36 24.01
C ALA B 435 -4.69 47.71 23.31
N TRP B 436 -5.49 48.69 23.73
CA TRP B 436 -5.33 50.03 23.19
C TRP B 436 -5.51 51.06 24.28
N ASN B 437 -4.70 52.11 24.22
CA ASN B 437 -4.82 53.22 25.15
C ASN B 437 -6.19 53.88 25.02
N SER B 438 -6.83 54.10 26.17
CA SER B 438 -8.10 54.81 26.26
C SER B 438 -7.99 55.93 27.28
N ASN B 439 -6.81 56.55 27.34
CA ASN B 439 -6.59 57.70 28.20
C ASN B 439 -7.52 58.85 27.86
N ASN B 440 -8.05 58.88 26.64
CA ASN B 440 -8.84 60.01 26.22
C ASN B 440 -10.20 60.02 26.90
N LEU B 441 -10.79 58.85 27.15
CA LEU B 441 -12.16 58.78 27.64
C LEU B 441 -12.27 58.23 29.05
N ASP B 442 -11.38 57.32 29.44
CA ASP B 442 -11.49 56.71 30.77
C ASP B 442 -10.85 57.52 31.88
N SER B 443 -9.82 58.31 31.60
CA SER B 443 -9.21 59.14 32.62
C SER B 443 -10.09 60.34 32.91
N LYS B 444 -10.21 60.67 34.18
CA LYS B 444 -11.01 61.80 34.63
C LYS B 444 -10.08 62.78 35.32
N VAL B 445 -10.30 64.08 35.06
CA VAL B 445 -9.48 65.10 35.67
C VAL B 445 -9.59 64.99 37.18
N GLY B 446 -8.45 64.99 37.86
CA GLY B 446 -8.39 64.76 39.28
C GLY B 446 -8.24 63.30 39.67
N GLY B 447 -8.21 62.39 38.72
CA GLY B 447 -8.04 60.99 39.02
C GLY B 447 -9.33 60.20 38.89
N ASN B 448 -9.25 59.01 38.29
CA ASN B 448 -10.43 58.16 38.13
C ASN B 448 -10.38 57.07 39.18
N TYR B 449 -11.38 57.05 40.05
CA TYR B 449 -11.47 56.08 41.11
C TYR B 449 -12.48 54.98 40.82
N ASN B 450 -13.06 54.96 39.61
CA ASN B 450 -14.06 53.95 39.28
C ASN B 450 -13.46 52.67 38.74
N TYR B 451 -12.13 52.58 38.62
CA TYR B 451 -11.47 51.38 38.13
C TYR B 451 -10.67 50.77 39.26
N LEU B 452 -10.98 49.52 39.59
CA LEU B 452 -10.50 48.88 40.81
C LEU B 452 -9.81 47.57 40.46
N TYR B 453 -8.84 47.16 41.29
CA TYR B 453 -8.20 45.86 41.08
C TYR B 453 -7.87 45.25 42.42
N ARG B 454 -7.85 43.92 42.46
CA ARG B 454 -7.53 43.19 43.68
C ARG B 454 -6.04 43.27 43.97
N LEU B 455 -5.70 43.78 45.15
CA LEU B 455 -4.31 43.96 45.55
C LEU B 455 -3.78 42.79 46.36
N PHE B 456 -4.53 42.32 47.34
CA PHE B 456 -4.10 41.22 48.20
C PHE B 456 -5.14 40.12 48.14
N ARG B 457 -4.70 38.89 48.43
CA ARG B 457 -5.63 37.76 48.50
C ARG B 457 -4.96 36.59 49.20
N LYS B 458 -5.79 35.70 49.73
CA LYS B 458 -5.28 34.54 50.45
C LYS B 458 -4.59 33.56 49.49
N SER B 459 -5.15 33.36 48.31
CA SER B 459 -4.56 32.46 47.33
C SER B 459 -4.61 33.08 45.95
N ASN B 460 -3.77 32.55 45.06
CA ASN B 460 -3.74 33.00 43.68
C ASN B 460 -4.91 32.39 42.90
N LEU B 461 -4.95 32.65 41.60
CA LEU B 461 -6.10 32.31 40.78
C LEU B 461 -5.77 31.25 39.74
N LYS B 462 -6.70 30.32 39.55
CA LYS B 462 -6.65 29.37 38.45
C LYS B 462 -7.10 30.05 37.15
N PRO B 463 -6.64 29.56 36.00
CA PRO B 463 -6.88 30.28 34.74
C PRO B 463 -8.36 30.44 34.41
N PHE B 464 -8.70 31.60 33.85
CA PHE B 464 -10.08 31.97 33.55
C PHE B 464 -10.96 31.87 34.79
N GLU B 465 -10.69 32.72 35.78
CA GLU B 465 -11.47 32.75 37.00
C GLU B 465 -11.80 34.19 37.37
N ARG B 466 -13.00 34.40 37.91
CA ARG B 466 -13.47 35.70 38.34
C ARG B 466 -13.84 35.65 39.82
N ASP B 467 -13.56 36.73 40.54
CA ASP B 467 -13.82 36.81 41.98
C ASP B 467 -14.83 37.93 42.26
N ILE B 468 -16.12 37.57 42.18
CA ILE B 468 -17.17 38.53 42.50
C ILE B 468 -17.06 38.97 43.95
N SER B 469 -16.81 38.04 44.85
CA SER B 469 -16.78 38.36 46.27
C SER B 469 -15.63 39.31 46.58
N THR B 470 -15.92 40.34 47.37
CA THR B 470 -14.95 41.32 47.83
C THR B 470 -15.14 41.63 49.31
N GLU B 471 -15.32 40.58 50.11
CA GLU B 471 -15.39 40.79 51.54
C GLU B 471 -14.04 41.25 52.07
N ILE B 472 -14.06 41.96 53.19
CA ILE B 472 -12.86 42.63 53.67
C ILE B 472 -11.81 41.59 54.03
N TYR B 473 -10.60 41.83 53.54
CA TYR B 473 -9.53 40.85 53.64
C TYR B 473 -9.07 40.70 55.08
N GLN B 474 -8.54 39.52 55.40
CA GLN B 474 -7.93 39.25 56.69
C GLN B 474 -6.60 38.52 56.46
N ALA B 475 -5.50 39.25 56.62
CA ALA B 475 -4.18 38.64 56.70
C ALA B 475 -3.67 38.55 58.13
N GLY B 476 -4.02 39.53 58.97
CA GLY B 476 -3.49 39.57 60.32
C GLY B 476 -3.88 38.34 61.13
N SER B 477 -2.86 37.73 61.74
CA SER B 477 -3.08 36.48 62.43
C SER B 477 -4.13 36.61 63.52
N THR B 478 -4.30 37.79 64.08
CA THR B 478 -5.39 38.00 65.00
C THR B 478 -6.72 37.96 64.25
N PRO B 479 -7.75 37.32 64.82
CA PRO B 479 -9.05 37.30 64.15
C PRO B 479 -9.58 38.71 63.93
N CYS B 480 -9.65 39.11 62.66
CA CYS B 480 -9.95 40.49 62.30
C CYS B 480 -11.39 40.87 62.58
N ASN B 481 -12.26 39.89 62.77
CA ASN B 481 -13.62 40.10 63.26
C ASN B 481 -14.39 41.12 62.43
N GLY B 482 -14.17 41.15 61.12
CA GLY B 482 -14.90 42.09 60.28
C GLY B 482 -14.59 43.54 60.56
N VAL B 483 -13.32 43.90 60.66
CA VAL B 483 -12.90 45.26 60.97
C VAL B 483 -11.94 45.72 59.90
N GLU B 484 -12.03 47.00 59.53
CA GLU B 484 -11.11 47.59 58.56
C GLU B 484 -10.04 48.42 59.27
N GLY B 485 -8.78 48.12 58.97
CA GLY B 485 -7.67 48.78 59.64
C GLY B 485 -6.35 48.15 59.28
N PHE B 486 -5.41 48.20 60.22
CA PHE B 486 -4.09 47.62 59.99
C PHE B 486 -4.18 46.09 60.00
N ASN B 487 -3.41 45.46 59.11
CA ASN B 487 -3.48 44.04 58.80
C ASN B 487 -4.83 43.62 58.25
N CYS B 488 -5.75 44.56 58.07
CA CYS B 488 -7.11 44.25 57.65
C CYS B 488 -7.55 45.18 56.55
N TYR B 489 -6.71 45.35 55.53
CA TYR B 489 -7.00 46.34 54.52
C TYR B 489 -7.97 45.80 53.48
N PHE B 490 -8.67 46.73 52.84
CA PHE B 490 -9.65 46.37 51.83
C PHE B 490 -8.94 45.82 50.59
N PRO B 491 -9.36 44.66 50.08
CA PRO B 491 -8.62 44.05 48.97
C PRO B 491 -8.51 44.89 47.72
N LEU B 492 -9.55 45.63 47.34
CA LEU B 492 -9.51 46.39 46.11
C LEU B 492 -8.73 47.69 46.30
N GLN B 493 -7.98 48.08 45.27
CA GLN B 493 -7.27 49.35 45.25
C GLN B 493 -7.58 50.00 43.91
N SER B 494 -7.64 51.32 43.88
CA SER B 494 -8.07 52.04 42.70
C SER B 494 -6.88 52.51 41.87
N TYR B 495 -7.00 52.37 40.55
CA TYR B 495 -5.94 52.82 39.65
C TYR B 495 -5.61 54.28 39.83
N GLY B 496 -6.62 55.14 39.83
CA GLY B 496 -6.36 56.56 39.88
C GLY B 496 -5.67 57.08 38.64
N PHE B 497 -6.39 57.11 37.52
CA PHE B 497 -5.83 57.63 36.28
C PHE B 497 -5.99 59.14 36.21
N GLN B 498 -4.93 59.82 35.77
CA GLN B 498 -5.00 61.21 35.41
C GLN B 498 -4.46 61.35 34.00
N PRO B 499 -4.99 62.30 33.22
CA PRO B 499 -4.42 62.54 31.89
C PRO B 499 -2.99 63.06 31.95
N THR B 500 -2.57 63.54 33.12
CA THR B 500 -1.21 64.04 33.29
C THR B 500 -0.23 62.94 33.62
N ASN B 501 -0.68 61.73 33.93
CA ASN B 501 0.22 60.72 34.44
C ASN B 501 1.21 60.27 33.37
N GLY B 502 2.08 59.34 33.76
CA GLY B 502 3.15 58.91 32.91
C GLY B 502 2.64 58.35 31.60
N VAL B 503 3.59 58.16 30.67
CA VAL B 503 3.26 57.72 29.32
C VAL B 503 2.72 56.30 29.29
N GLY B 504 2.88 55.55 30.36
CA GLY B 504 2.45 54.18 30.42
C GLY B 504 1.65 53.88 31.67
N TYR B 505 1.28 54.92 32.40
CA TYR B 505 0.36 54.81 33.51
C TYR B 505 -1.09 54.98 33.09
N GLN B 506 -1.34 55.41 31.87
CA GLN B 506 -2.69 55.75 31.46
C GLN B 506 -3.53 54.47 31.33
N PRO B 507 -4.86 54.59 31.39
CA PRO B 507 -5.70 53.41 31.22
C PRO B 507 -5.54 52.79 29.85
N TYR B 508 -5.63 51.47 29.81
CA TYR B 508 -5.58 50.71 28.57
C TYR B 508 -6.76 49.77 28.57
N ARG B 509 -7.59 49.86 27.54
CA ARG B 509 -8.69 48.94 27.36
C ARG B 509 -8.18 47.70 26.66
N VAL B 510 -8.35 46.55 27.30
CA VAL B 510 -7.80 45.30 26.82
C VAL B 510 -8.93 44.29 26.70
N VAL B 511 -9.05 43.67 25.54
CA VAL B 511 -10.00 42.59 25.32
C VAL B 511 -9.23 41.35 24.89
N VAL B 512 -9.44 40.25 25.60
CA VAL B 512 -8.72 39.02 25.37
C VAL B 512 -9.67 38.04 24.71
N LEU B 513 -9.40 37.68 23.47
CA LEU B 513 -10.26 36.76 22.74
C LEU B 513 -9.65 35.38 22.85
N SER B 514 -10.40 34.45 23.43
CA SER B 514 -10.04 33.04 23.49
C SER B 514 -10.98 32.26 22.57
N PHE B 515 -10.41 31.41 21.74
CA PHE B 515 -11.18 30.68 20.75
C PHE B 515 -11.38 29.26 21.24
N GLU B 516 -12.64 28.86 21.44
CA GLU B 516 -12.89 27.52 21.96
C GLU B 516 -13.71 26.70 20.97
N LEU B 517 -13.24 25.47 20.76
CA LEU B 517 -13.87 24.51 19.86
C LEU B 517 -14.64 23.49 20.69
N LEU B 518 -15.90 23.29 20.36
CA LEU B 518 -16.77 22.33 21.03
C LEU B 518 -16.86 21.05 20.20
N HIS B 519 -17.76 20.16 20.61
CA HIS B 519 -17.99 18.95 19.85
C HIS B 519 -18.92 19.23 18.68
N ALA B 520 -18.61 20.28 17.92
CA ALA B 520 -19.31 20.61 16.70
C ALA B 520 -18.32 21.21 15.73
N PRO B 521 -18.56 21.08 14.43
CA PRO B 521 -17.67 21.74 13.46
C PRO B 521 -17.68 23.24 13.67
N ALA B 522 -16.58 23.88 13.30
CA ALA B 522 -16.45 25.32 13.45
C ALA B 522 -17.55 26.05 12.69
N THR B 523 -18.13 27.08 13.33
CA THR B 523 -19.22 27.86 12.77
C THR B 523 -18.87 29.33 12.56
N VAL B 524 -17.81 29.82 13.20
CA VAL B 524 -17.38 31.22 13.08
C VAL B 524 -16.12 31.24 12.23
N CYS B 525 -16.14 32.01 11.14
CA CYS B 525 -15.07 32.03 10.17
C CYS B 525 -14.72 33.48 9.83
N GLY B 526 -13.91 33.65 8.78
CA GLY B 526 -13.50 34.96 8.33
C GLY B 526 -14.24 35.39 7.08
N PRO B 527 -13.73 36.46 6.47
CA PRO B 527 -14.43 37.03 5.31
C PRO B 527 -14.63 36.09 4.14
N LYS B 528 -13.62 35.27 3.81
CA LYS B 528 -13.69 34.37 2.66
C LYS B 528 -14.04 35.13 1.39
N LYS B 529 -13.15 36.01 0.93
CA LYS B 529 -13.42 36.88 -0.20
C LYS B 529 -13.51 36.08 -1.50
N SER B 530 -14.16 36.68 -2.49
CA SER B 530 -14.40 36.08 -3.78
C SER B 530 -13.73 36.90 -4.87
N THR B 531 -13.76 36.37 -6.10
CA THR B 531 -13.22 37.04 -7.27
C THR B 531 -14.33 37.21 -8.31
N ASN B 532 -14.06 38.03 -9.31
CA ASN B 532 -15.04 38.27 -10.35
C ASN B 532 -15.17 37.04 -11.24
N LEU B 533 -16.33 36.90 -11.86
CA LEU B 533 -16.64 35.69 -12.62
C LEU B 533 -16.41 35.91 -14.11
N VAL B 534 -15.85 34.89 -14.76
CA VAL B 534 -15.55 34.93 -16.18
C VAL B 534 -16.22 33.74 -16.85
N LYS B 535 -16.78 33.96 -18.03
CA LYS B 535 -17.44 32.92 -18.79
C LYS B 535 -16.65 32.65 -20.05
N ASN B 536 -16.97 31.53 -20.70
CA ASN B 536 -16.50 31.20 -22.03
C ASN B 536 -14.99 31.09 -22.15
N LYS B 537 -14.27 30.97 -21.03
CA LYS B 537 -12.85 30.62 -21.07
C LYS B 537 -12.57 29.73 -19.86
N CYS B 538 -11.88 28.62 -20.07
CA CYS B 538 -11.87 27.61 -19.03
C CYS B 538 -10.92 28.02 -17.93
N VAL B 539 -11.44 28.07 -16.71
CA VAL B 539 -10.75 28.54 -15.53
C VAL B 539 -10.88 27.49 -14.46
N ASN B 540 -9.98 27.53 -13.49
CA ASN B 540 -10.10 26.67 -12.33
C ASN B 540 -10.79 27.42 -11.20
N PHE B 541 -11.81 26.79 -10.63
CA PHE B 541 -12.84 27.48 -9.86
C PHE B 541 -13.06 26.80 -8.52
N ASN B 542 -13.53 27.62 -7.58
CA ASN B 542 -13.93 27.19 -6.24
C ASN B 542 -15.28 27.86 -5.94
N PHE B 543 -16.36 27.18 -6.27
CA PHE B 543 -17.71 27.67 -5.98
C PHE B 543 -18.17 27.11 -4.64
N ASN B 544 -18.08 27.92 -3.60
CA ASN B 544 -18.60 27.57 -2.28
C ASN B 544 -18.09 26.22 -1.81
N GLY B 545 -16.80 25.98 -2.04
CA GLY B 545 -16.17 24.75 -1.62
C GLY B 545 -16.09 23.67 -2.67
N LEU B 546 -16.75 23.86 -3.82
CA LEU B 546 -16.70 22.89 -4.90
C LEU B 546 -15.59 23.33 -5.85
N THR B 547 -14.54 22.51 -5.96
CA THR B 547 -13.35 22.86 -6.71
C THR B 547 -13.29 22.09 -8.03
N GLY B 548 -12.81 22.75 -9.06
CA GLY B 548 -12.70 22.07 -10.35
C GLY B 548 -12.03 22.96 -11.38
N THR B 549 -12.14 22.53 -12.63
CA THR B 549 -11.56 23.26 -13.75
C THR B 549 -12.46 23.08 -14.98
N GLY B 550 -12.91 24.17 -15.57
CA GLY B 550 -13.70 24.05 -16.78
C GLY B 550 -14.09 25.41 -17.31
N VAL B 551 -14.70 25.38 -18.49
CA VAL B 551 -15.32 26.56 -19.08
C VAL B 551 -16.74 26.66 -18.58
N LEU B 552 -17.12 27.85 -18.13
CA LEU B 552 -18.44 28.11 -17.59
C LEU B 552 -19.27 28.91 -18.57
N THR B 553 -20.52 28.50 -18.71
CA THR B 553 -21.44 29.15 -19.63
C THR B 553 -22.78 29.35 -18.94
N GLU B 554 -23.61 30.20 -19.51
CA GLU B 554 -24.99 30.31 -19.07
C GLU B 554 -25.73 29.02 -19.39
N SER B 555 -26.54 28.54 -18.45
CA SER B 555 -27.28 27.30 -18.61
C SER B 555 -28.76 27.57 -18.58
N ASN B 556 -29.48 26.98 -19.54
CA ASN B 556 -30.93 27.13 -19.63
C ASN B 556 -31.70 26.19 -18.71
N LYS B 557 -31.01 25.27 -18.03
CA LYS B 557 -31.67 24.42 -17.05
C LYS B 557 -32.02 25.21 -15.80
N LYS B 558 -33.15 24.86 -15.19
CA LYS B 558 -33.69 25.59 -14.05
C LYS B 558 -33.58 24.73 -12.80
N PHE B 559 -32.83 25.22 -11.83
CA PHE B 559 -32.66 24.52 -10.56
C PHE B 559 -33.85 24.80 -9.65
N LEU B 560 -33.92 24.08 -8.57
CA LEU B 560 -34.83 24.40 -7.49
C LEU B 560 -34.12 25.28 -6.48
N PRO B 561 -34.86 26.12 -5.75
CA PRO B 561 -34.20 27.16 -4.95
C PRO B 561 -33.17 26.64 -3.96
N PHE B 562 -33.41 25.50 -3.34
CA PHE B 562 -32.52 25.04 -2.28
C PHE B 562 -31.22 24.46 -2.81
N GLN B 563 -31.27 23.79 -3.97
CA GLN B 563 -30.13 23.02 -4.42
C GLN B 563 -29.12 23.90 -5.12
N GLN B 564 -27.84 23.62 -4.87
CA GLN B 564 -26.77 24.46 -5.36
C GLN B 564 -26.23 23.98 -6.71
N PHE B 565 -25.66 22.79 -6.73
CA PHE B 565 -25.03 22.30 -7.95
C PHE B 565 -25.78 21.09 -8.47
N GLY B 566 -25.29 20.55 -9.58
CA GLY B 566 -25.94 19.42 -10.20
C GLY B 566 -24.91 18.44 -10.72
N ARG B 567 -25.20 17.16 -10.49
CA ARG B 567 -24.48 16.06 -11.14
C ARG B 567 -25.32 15.51 -12.27
N ASP B 568 -24.64 15.03 -13.30
CA ASP B 568 -25.27 14.21 -14.31
C ASP B 568 -25.09 12.74 -13.92
N ILE B 569 -25.39 11.83 -14.82
CA ILE B 569 -25.06 10.44 -14.59
C ILE B 569 -23.56 10.30 -14.43
N ALA B 570 -23.12 9.29 -13.69
CA ALA B 570 -21.73 9.01 -13.38
C ALA B 570 -21.13 10.04 -12.42
N ASP B 571 -21.97 10.85 -11.79
CA ASP B 571 -21.58 11.68 -10.65
C ASP B 571 -20.46 12.66 -11.01
N THR B 572 -20.76 13.54 -11.96
CA THR B 572 -19.87 14.63 -12.35
C THR B 572 -20.66 15.92 -12.38
N THR B 573 -20.09 16.97 -11.79
CA THR B 573 -20.78 18.25 -11.75
C THR B 573 -20.87 18.85 -13.14
N ASP B 574 -22.07 19.28 -13.52
CA ASP B 574 -22.25 19.84 -14.84
C ASP B 574 -22.82 21.25 -14.75
N ALA B 575 -23.36 21.62 -13.59
CA ALA B 575 -23.87 22.96 -13.38
C ALA B 575 -23.64 23.35 -11.93
N VAL B 576 -23.39 24.63 -11.70
CA VAL B 576 -23.17 25.15 -10.35
C VAL B 576 -23.92 26.48 -10.20
N ARG B 577 -24.49 26.70 -9.03
CA ARG B 577 -25.15 27.96 -8.73
C ARG B 577 -24.16 28.95 -8.15
N ASP B 578 -24.15 30.16 -8.71
CA ASP B 578 -23.26 31.20 -8.24
C ASP B 578 -23.74 31.69 -6.89
N PRO B 579 -22.93 31.64 -5.85
CA PRO B 579 -23.39 32.06 -4.53
C PRO B 579 -23.87 33.50 -4.47
N GLN B 580 -23.31 34.38 -5.30
CA GLN B 580 -23.64 35.80 -5.20
C GLN B 580 -24.91 36.13 -5.98
N THR B 581 -24.92 35.85 -7.26
CA THR B 581 -26.02 36.26 -8.13
C THR B 581 -27.10 35.20 -8.28
N LEU B 582 -26.89 34.00 -7.75
CA LEU B 582 -27.87 32.91 -7.83
C LEU B 582 -28.29 32.64 -9.26
N GLU B 583 -27.31 32.45 -10.15
CA GLU B 583 -27.56 32.06 -11.52
C GLU B 583 -26.81 30.77 -11.80
N ILE B 584 -27.38 29.96 -12.68
CA ILE B 584 -26.88 28.60 -12.88
C ILE B 584 -25.90 28.61 -14.03
N LEU B 585 -24.72 28.04 -13.81
CA LEU B 585 -23.63 28.06 -14.79
C LEU B 585 -23.32 26.63 -15.17
N ASP B 586 -23.42 26.32 -16.46
CA ASP B 586 -23.01 25.03 -16.97
C ASP B 586 -21.49 24.92 -17.04
N ILE B 587 -20.97 23.74 -16.75
CA ILE B 587 -19.53 23.47 -16.72
C ILE B 587 -19.20 22.48 -17.82
N THR B 588 -18.16 22.79 -18.59
CA THR B 588 -17.69 21.89 -19.64
C THR B 588 -16.17 21.83 -19.58
N PRO B 589 -15.56 20.64 -19.59
CA PRO B 589 -14.09 20.58 -19.56
C PRO B 589 -13.52 21.10 -20.87
N CYS B 590 -12.54 22.00 -20.77
CA CYS B 590 -12.06 22.57 -22.01
C CYS B 590 -11.25 21.54 -22.79
N SER B 591 -11.05 21.82 -24.07
CA SER B 591 -10.68 20.81 -25.04
C SER B 591 -9.43 20.06 -24.60
N PHE B 592 -9.54 18.74 -24.53
CA PHE B 592 -8.41 17.85 -24.49
C PHE B 592 -8.56 16.87 -25.64
N GLY B 593 -7.45 16.33 -26.09
CA GLY B 593 -7.51 15.42 -27.22
C GLY B 593 -6.15 14.82 -27.46
N GLY B 594 -6.03 14.12 -28.58
CA GLY B 594 -4.77 13.55 -29.00
C GLY B 594 -4.30 14.18 -30.28
N VAL B 595 -3.00 14.38 -30.37
CA VAL B 595 -2.39 14.81 -31.62
C VAL B 595 -1.89 13.59 -32.35
N SER B 596 -2.18 13.53 -33.64
CA SER B 596 -1.75 12.45 -34.50
C SER B 596 -1.01 13.03 -35.68
N VAL B 597 0.12 12.43 -36.05
CA VAL B 597 0.94 12.97 -37.12
C VAL B 597 0.83 12.07 -38.33
N ILE B 598 0.45 12.67 -39.45
CA ILE B 598 0.21 11.97 -40.70
C ILE B 598 1.43 12.19 -41.56
N THR B 599 2.15 11.09 -41.83
CA THR B 599 3.41 11.11 -42.54
C THR B 599 3.34 10.21 -43.75
N PRO B 600 3.71 10.72 -44.92
CA PRO B 600 3.81 9.86 -46.11
C PRO B 600 5.08 9.02 -46.17
N GLY B 601 5.80 8.90 -45.07
CA GLY B 601 7.02 8.12 -45.04
C GLY B 601 8.25 8.98 -45.18
N THR B 602 9.23 8.78 -44.31
CA THR B 602 10.48 9.54 -44.41
C THR B 602 11.19 9.26 -45.71
N ASN B 603 11.00 8.06 -46.28
CA ASN B 603 11.55 7.78 -47.60
C ASN B 603 10.95 8.69 -48.65
N THR B 604 9.67 9.01 -48.53
CA THR B 604 9.01 9.84 -49.53
C THR B 604 9.24 11.33 -49.26
N SER B 605 8.85 11.81 -48.08
CA SER B 605 9.06 13.21 -47.73
C SER B 605 8.99 13.38 -46.23
N ASN B 606 9.45 14.54 -45.76
CA ASN B 606 9.46 14.88 -44.35
C ASN B 606 8.31 15.81 -43.97
N GLN B 607 7.45 16.14 -44.93
CA GLN B 607 6.31 17.00 -44.68
C GLN B 607 5.21 16.18 -44.01
N VAL B 608 4.54 16.78 -43.03
CA VAL B 608 3.56 16.07 -42.21
C VAL B 608 2.30 16.90 -42.08
N ALA B 609 1.23 16.22 -41.66
CA ALA B 609 -0.01 16.86 -41.25
C ALA B 609 -0.24 16.55 -39.79
N VAL B 610 -0.94 17.42 -39.08
CA VAL B 610 -1.25 17.18 -37.68
C VAL B 610 -2.75 17.18 -37.49
N LEU B 611 -3.27 16.13 -36.87
CA LEU B 611 -4.69 16.00 -36.57
C LEU B 611 -4.87 16.16 -35.07
N TYR B 612 -5.64 17.17 -34.68
CA TYR B 612 -6.00 17.37 -33.29
C TYR B 612 -7.40 16.81 -33.11
N GLN B 613 -7.55 15.82 -32.24
CA GLN B 613 -8.77 15.05 -32.21
C GLN B 613 -9.84 15.72 -31.36
N ASP B 614 -11.04 15.81 -31.92
CA ASP B 614 -12.21 16.34 -31.22
C ASP B 614 -11.97 17.75 -30.69
N VAL B 615 -11.29 18.57 -31.48
CA VAL B 615 -11.02 19.95 -31.12
C VAL B 615 -11.46 20.84 -32.27
N ASN B 616 -12.54 21.59 -32.06
CA ASN B 616 -12.98 22.58 -33.03
C ASN B 616 -11.97 23.70 -33.04
N CYS B 617 -11.00 23.63 -33.94
CA CYS B 617 -9.73 24.30 -33.74
C CYS B 617 -9.69 25.68 -34.37
N THR B 618 -10.71 26.44 -33.99
CA THR B 618 -10.62 27.88 -34.21
C THR B 618 -9.92 28.27 -32.89
N GLU B 619 -9.58 27.28 -32.04
CA GLU B 619 -8.95 27.58 -30.72
C GLU B 619 -7.50 27.08 -30.58
N VAL B 620 -7.07 26.10 -31.38
CA VAL B 620 -5.70 25.51 -31.22
C VAL B 620 -4.60 26.59 -31.28
N ASN B 641 -2.82 24.78 -44.25
CA ASN B 641 -4.26 24.97 -44.32
C ASN B 641 -4.93 24.23 -43.17
N VAL B 642 -6.08 24.73 -42.73
CA VAL B 642 -6.81 24.18 -41.59
C VAL B 642 -8.15 23.67 -42.10
N PHE B 643 -8.46 22.43 -41.76
CA PHE B 643 -9.66 21.74 -42.24
C PHE B 643 -10.35 21.08 -41.06
N GLN B 644 -11.63 21.38 -40.86
CA GLN B 644 -12.38 20.75 -39.78
C GLN B 644 -12.97 19.44 -40.26
N THR B 645 -12.84 18.40 -39.44
CA THR B 645 -13.27 17.05 -39.74
C THR B 645 -14.13 16.55 -38.58
N ARG B 646 -15.01 15.59 -38.88
CA ARG B 646 -15.78 14.99 -37.80
C ARG B 646 -14.90 14.26 -36.82
N ALA B 647 -13.65 14.01 -37.20
CA ALA B 647 -12.68 13.37 -36.33
C ALA B 647 -11.82 14.36 -35.56
N GLY B 648 -11.96 15.66 -35.81
CA GLY B 648 -11.10 16.64 -35.20
C GLY B 648 -10.75 17.74 -36.18
N CYS B 649 -9.48 18.08 -36.32
CA CYS B 649 -9.14 18.97 -37.41
C CYS B 649 -7.70 18.74 -37.85
N LEU B 650 -7.50 18.99 -39.14
CA LEU B 650 -6.23 18.80 -39.82
C LEU B 650 -5.56 20.15 -40.04
N ILE B 651 -4.29 20.23 -39.70
CA ILE B 651 -3.45 21.36 -40.05
C ILE B 651 -2.32 20.81 -40.89
N GLY B 652 -2.19 21.30 -42.11
CA GLY B 652 -1.17 20.85 -43.01
C GLY B 652 -1.63 19.97 -44.14
N ALA B 653 -2.92 19.84 -44.35
CA ALA B 653 -3.46 19.04 -45.44
C ALA B 653 -4.46 19.88 -46.22
N GLU B 654 -4.43 19.74 -47.54
CA GLU B 654 -5.25 20.55 -48.43
C GLU B 654 -6.45 19.72 -48.88
N HIS B 655 -7.64 20.18 -48.54
CA HIS B 655 -8.85 19.43 -48.85
C HIS B 655 -9.13 19.44 -50.34
N VAL B 656 -9.47 18.27 -50.88
CA VAL B 656 -9.72 18.12 -52.30
C VAL B 656 -11.14 17.61 -52.49
N ASN B 657 -11.79 18.10 -53.55
CA ASN B 657 -13.16 17.70 -53.87
C ASN B 657 -13.25 16.31 -54.46
N ASN B 658 -12.25 15.89 -55.22
CA ASN B 658 -12.28 14.57 -55.84
C ASN B 658 -11.99 13.50 -54.80
N SER B 659 -12.06 12.23 -55.22
CA SER B 659 -11.99 11.12 -54.29
C SER B 659 -11.07 10.04 -54.83
N TYR B 660 -10.37 9.35 -53.91
CA TYR B 660 -9.52 8.23 -54.27
C TYR B 660 -9.68 7.11 -53.25
N GLU B 661 -9.18 5.94 -53.60
CA GLU B 661 -9.11 4.81 -52.68
C GLU B 661 -8.13 5.17 -51.59
N CYS B 662 -8.64 5.46 -50.41
CA CYS B 662 -7.81 6.17 -49.45
C CYS B 662 -6.83 5.24 -48.77
N ASP B 663 -5.63 5.76 -48.51
CA ASP B 663 -4.53 4.98 -47.98
C ASP B 663 -4.28 5.23 -46.49
N ILE B 664 -4.12 6.48 -46.07
CA ILE B 664 -3.97 6.80 -44.66
C ILE B 664 -5.36 7.10 -44.11
N PRO B 665 -5.91 6.26 -43.23
CA PRO B 665 -7.27 6.49 -42.72
C PRO B 665 -7.26 7.52 -41.61
N ILE B 666 -8.05 8.58 -41.79
CA ILE B 666 -8.06 9.67 -40.83
C ILE B 666 -9.29 9.52 -39.95
N GLY B 667 -10.46 9.46 -40.55
CA GLY B 667 -11.68 9.19 -39.81
C GLY B 667 -12.89 9.79 -40.49
N ALA B 668 -14.05 9.22 -40.16
CA ALA B 668 -15.34 9.70 -40.66
C ALA B 668 -15.39 9.74 -42.17
N GLY B 669 -14.80 8.74 -42.81
CA GLY B 669 -14.80 8.70 -44.25
C GLY B 669 -13.83 9.66 -44.90
N ILE B 670 -12.92 10.25 -44.14
CA ILE B 670 -11.94 11.18 -44.66
C ILE B 670 -10.56 10.55 -44.49
N CYS B 671 -9.78 10.57 -45.56
CA CYS B 671 -8.47 9.96 -45.61
C CYS B 671 -7.49 10.92 -46.24
N ALA B 672 -6.21 10.77 -45.92
CA ALA B 672 -5.17 11.64 -46.40
C ALA B 672 -4.13 10.86 -47.19
N SER B 673 -3.51 11.54 -48.15
CA SER B 673 -2.50 10.93 -48.99
C SER B 673 -1.52 12.00 -49.45
N TYR B 674 -0.48 11.56 -50.15
CA TYR B 674 0.55 12.45 -50.65
C TYR B 674 0.46 12.61 -52.17
N SER B 691 2.59 17.61 -51.80
CA SER B 691 1.66 18.12 -50.79
C SER B 691 0.72 17.04 -50.27
N ILE B 692 0.37 17.13 -49.00
CA ILE B 692 -0.57 16.20 -48.37
C ILE B 692 -1.97 16.71 -48.62
N ILE B 693 -2.86 15.82 -49.05
CA ILE B 693 -4.25 16.17 -49.32
C ILE B 693 -5.17 15.27 -48.51
N ALA B 694 -6.34 15.81 -48.16
CA ALA B 694 -7.39 15.07 -47.46
C ALA B 694 -8.65 15.06 -48.31
N TYR B 695 -9.37 13.94 -48.28
CA TYR B 695 -10.51 13.75 -49.15
C TYR B 695 -11.49 12.78 -48.53
N THR B 696 -12.63 12.62 -49.18
CA THR B 696 -13.60 11.59 -48.83
C THR B 696 -13.33 10.35 -49.66
N MET B 697 -13.24 9.20 -49.02
CA MET B 697 -12.76 8.01 -49.70
C MET B 697 -13.75 7.56 -50.76
N SER B 698 -13.24 6.89 -51.78
CA SER B 698 -14.08 6.32 -52.82
C SER B 698 -14.19 4.82 -52.60
N LEU B 699 -15.41 4.30 -52.63
CA LEU B 699 -15.64 2.90 -52.35
C LEU B 699 -15.36 2.00 -53.54
N GLY B 700 -15.13 2.55 -54.71
CA GLY B 700 -14.75 1.79 -55.87
C GLY B 700 -15.34 2.40 -57.12
N ALA B 701 -14.98 1.82 -58.25
CA ALA B 701 -15.56 2.25 -59.51
C ALA B 701 -17.05 1.93 -59.53
N GLU B 702 -17.82 2.81 -60.14
CA GLU B 702 -19.26 2.66 -60.27
C GLU B 702 -19.53 2.07 -61.65
N ASN B 703 -19.89 0.80 -61.69
CA ASN B 703 -20.36 0.19 -62.92
C ASN B 703 -21.74 -0.41 -62.71
N SER B 704 -22.62 -0.14 -63.65
CA SER B 704 -23.97 -0.69 -63.65
C SER B 704 -24.07 -1.70 -64.78
N VAL B 705 -24.32 -2.95 -64.42
CA VAL B 705 -24.36 -4.01 -65.42
C VAL B 705 -25.61 -3.85 -66.28
N ALA B 706 -25.51 -4.23 -67.54
CA ALA B 706 -26.59 -4.04 -68.49
C ALA B 706 -27.69 -5.06 -68.27
N TYR B 707 -28.49 -4.87 -67.23
CA TYR B 707 -29.56 -5.80 -66.93
C TYR B 707 -30.69 -5.68 -67.95
N SER B 708 -31.17 -6.82 -68.41
CA SER B 708 -32.33 -6.91 -69.26
C SER B 708 -33.03 -8.22 -68.95
N ASN B 709 -34.31 -8.30 -69.31
CA ASN B 709 -35.05 -9.52 -69.00
C ASN B 709 -34.73 -10.66 -69.95
N ASN B 710 -34.00 -10.42 -71.03
CA ASN B 710 -33.59 -11.49 -71.93
C ASN B 710 -32.15 -11.31 -72.36
N SER B 711 -31.26 -11.01 -71.42
CA SER B 711 -29.87 -10.75 -71.72
C SER B 711 -28.98 -11.52 -70.76
N ILE B 712 -27.94 -12.16 -71.29
CA ILE B 712 -26.96 -12.85 -70.47
C ILE B 712 -25.58 -12.52 -71.01
N ALA B 713 -24.58 -12.64 -70.13
CA ALA B 713 -23.19 -12.49 -70.52
C ALA B 713 -22.46 -13.74 -70.09
N ILE B 714 -21.90 -14.45 -71.07
CA ILE B 714 -21.25 -15.74 -70.85
C ILE B 714 -19.79 -15.61 -71.20
N PRO B 715 -18.86 -15.92 -70.29
CA PRO B 715 -17.45 -15.71 -70.58
C PRO B 715 -16.95 -16.63 -71.68
N THR B 716 -16.12 -16.09 -72.55
CA THR B 716 -15.54 -16.85 -73.65
C THR B 716 -14.10 -17.24 -73.41
N ASN B 717 -13.55 -16.91 -72.24
CA ASN B 717 -12.16 -17.22 -71.92
C ASN B 717 -12.04 -17.26 -70.40
N PHE B 718 -10.84 -17.55 -69.92
CA PHE B 718 -10.64 -17.63 -68.49
C PHE B 718 -9.20 -17.25 -68.17
N THR B 719 -8.97 -16.98 -66.90
CA THR B 719 -7.63 -16.80 -66.36
C THR B 719 -7.48 -17.71 -65.15
N ILE B 720 -6.30 -18.33 -65.04
CA ILE B 720 -5.96 -19.16 -63.91
C ILE B 720 -5.15 -18.30 -62.96
N SER B 721 -5.81 -17.81 -61.91
CA SER B 721 -5.19 -16.89 -60.97
C SER B 721 -4.66 -17.65 -59.77
N VAL B 722 -3.39 -17.40 -59.44
CA VAL B 722 -2.77 -17.95 -58.24
C VAL B 722 -2.58 -16.81 -57.26
N THR B 723 -3.20 -16.93 -56.10
CA THR B 723 -3.25 -15.87 -55.12
C THR B 723 -2.73 -16.38 -53.79
N THR B 724 -2.09 -15.51 -53.02
CA THR B 724 -1.50 -15.91 -51.77
C THR B 724 -2.35 -15.48 -50.58
N GLU B 725 -2.40 -16.32 -49.56
CA GLU B 725 -2.90 -15.91 -48.25
C GLU B 725 -1.95 -16.40 -47.17
N ILE B 726 -1.77 -15.59 -46.13
CA ILE B 726 -0.83 -15.89 -45.06
C ILE B 726 -1.59 -15.98 -43.75
N LEU B 727 -1.40 -17.09 -43.04
CA LEU B 727 -2.06 -17.30 -41.75
C LEU B 727 -1.02 -17.63 -40.69
N PRO B 728 -0.98 -16.89 -39.57
CA PRO B 728 -0.17 -17.33 -38.44
C PRO B 728 -0.71 -18.62 -37.87
N VAL B 729 0.20 -19.47 -37.42
CA VAL B 729 -0.13 -20.77 -36.85
C VAL B 729 0.31 -20.88 -35.40
N SER B 730 1.51 -20.40 -35.09
CA SER B 730 2.07 -20.55 -33.77
C SER B 730 2.86 -19.31 -33.41
N MET B 731 3.17 -19.19 -32.13
CA MET B 731 4.01 -18.10 -31.66
C MET B 731 5.09 -18.65 -30.75
N THR B 732 6.04 -17.78 -30.39
CA THR B 732 7.23 -18.23 -29.69
C THR B 732 6.87 -18.78 -28.32
N LYS B 733 7.49 -19.90 -27.98
CA LYS B 733 7.23 -20.58 -26.71
C LYS B 733 8.12 -19.96 -25.65
N THR B 734 7.52 -19.27 -24.69
CA THR B 734 8.26 -18.52 -23.69
C THR B 734 7.91 -19.00 -22.29
N SER B 735 8.89 -18.91 -21.40
CA SER B 735 8.71 -19.29 -20.00
C SER B 735 9.45 -18.28 -19.13
N VAL B 736 8.75 -17.72 -18.16
CA VAL B 736 9.34 -16.83 -17.17
C VAL B 736 9.19 -17.49 -15.82
N ASP B 737 10.32 -17.83 -15.19
CA ASP B 737 10.27 -18.31 -13.82
C ASP B 737 10.04 -17.12 -12.90
N CYS B 738 8.97 -17.19 -12.10
CA CYS B 738 8.51 -16.01 -11.42
C CYS B 738 9.47 -15.59 -10.31
N THR B 739 9.97 -16.55 -9.54
CA THR B 739 10.79 -16.21 -8.38
C THR B 739 12.10 -15.58 -8.78
N MET B 740 12.68 -16.01 -9.91
CA MET B 740 13.92 -15.39 -10.37
C MET B 740 13.64 -14.03 -10.98
N TYR B 741 12.47 -13.87 -11.60
CA TYR B 741 12.16 -12.60 -12.24
C TYR B 741 11.91 -11.52 -11.20
N ILE B 742 11.10 -11.83 -10.19
CA ILE B 742 10.67 -10.83 -9.23
C ILE B 742 11.91 -10.25 -8.59
N CYS B 743 12.66 -11.09 -7.92
CA CYS B 743 13.94 -10.67 -7.36
C CYS B 743 15.14 -11.49 -7.79
N GLY B 744 15.15 -12.79 -7.53
CA GLY B 744 16.29 -13.58 -7.95
C GLY B 744 17.52 -13.34 -7.10
N ASP B 745 18.23 -14.41 -6.77
CA ASP B 745 19.42 -14.40 -5.90
C ASP B 745 19.27 -13.42 -4.73
N SER B 746 18.09 -13.38 -4.13
CA SER B 746 17.82 -12.61 -2.91
C SER B 746 16.93 -13.47 -2.03
N THR B 747 17.48 -13.93 -0.91
CA THR B 747 16.74 -14.87 -0.07
C THR B 747 15.60 -14.18 0.66
N GLU B 748 15.80 -12.94 1.10
CA GLU B 748 14.75 -12.23 1.82
C GLU B 748 13.51 -12.07 0.96
N CYS B 749 13.72 -11.68 -0.29
CA CYS B 749 12.63 -11.61 -1.25
C CYS B 749 11.93 -12.94 -1.47
N SER B 750 12.67 -14.03 -1.62
CA SER B 750 12.02 -15.32 -1.80
C SER B 750 11.16 -15.66 -0.60
N ASN B 751 11.68 -15.38 0.59
CA ASN B 751 10.95 -15.69 1.81
C ASN B 751 9.65 -14.90 1.88
N LEU B 752 9.69 -13.61 1.54
CA LEU B 752 8.45 -12.86 1.71
C LEU B 752 7.62 -12.82 0.43
N LEU B 753 8.05 -13.50 -0.62
CA LEU B 753 7.16 -13.82 -1.74
C LEU B 753 6.46 -15.15 -1.54
N LEU B 754 7.03 -16.02 -0.70
CA LEU B 754 6.32 -17.25 -0.35
C LEU B 754 4.96 -16.95 0.25
N GLN B 755 4.82 -15.82 0.92
CA GLN B 755 3.59 -15.49 1.62
C GLN B 755 2.54 -14.80 0.75
N TYR B 756 2.82 -14.55 -0.52
CA TYR B 756 1.79 -13.99 -1.38
C TYR B 756 0.91 -15.06 -2.01
N GLY B 757 1.27 -16.31 -1.87
CA GLY B 757 0.36 -17.37 -2.21
C GLY B 757 0.98 -18.29 -3.22
N SER B 758 0.15 -18.69 -4.18
CA SER B 758 0.57 -19.55 -5.27
C SER B 758 0.46 -18.81 -6.59
N PHE B 759 0.65 -17.49 -6.58
CA PHE B 759 0.58 -16.73 -7.82
C PHE B 759 1.63 -17.18 -8.82
N CYS B 760 2.86 -17.40 -8.36
CA CYS B 760 3.93 -17.77 -9.25
C CYS B 760 3.62 -19.08 -9.97
N THR B 761 3.07 -20.04 -9.24
CA THR B 761 2.73 -21.33 -9.83
C THR B 761 1.65 -21.18 -10.89
N GLN B 762 0.64 -20.34 -10.63
CA GLN B 762 -0.40 -20.11 -11.62
C GLN B 762 0.18 -19.49 -12.88
N LEU B 763 1.05 -18.49 -12.73
CA LEU B 763 1.63 -17.86 -13.90
C LEU B 763 2.44 -18.87 -14.70
N ASN B 764 3.22 -19.70 -14.01
CA ASN B 764 4.01 -20.71 -14.70
C ASN B 764 3.12 -21.69 -15.46
N ARG B 765 2.03 -22.14 -14.84
CA ARG B 765 1.21 -23.13 -15.53
C ARG B 765 0.49 -22.52 -16.72
N ALA B 766 0.11 -21.25 -16.63
CA ALA B 766 -0.52 -20.60 -17.77
C ALA B 766 0.45 -20.52 -18.94
N LEU B 767 1.69 -20.12 -18.67
CA LEU B 767 2.67 -20.02 -19.75
C LEU B 767 2.99 -21.39 -20.35
N THR B 768 3.08 -22.43 -19.52
CA THR B 768 3.32 -23.76 -20.03
C THR B 768 2.17 -24.25 -20.90
N GLY B 769 0.94 -23.94 -20.51
CA GLY B 769 -0.20 -24.27 -21.34
C GLY B 769 -0.13 -23.58 -22.69
N ILE B 770 0.29 -22.32 -22.69
CA ILE B 770 0.45 -21.60 -23.96
C ILE B 770 1.46 -22.31 -24.86
N ALA B 771 2.61 -22.72 -24.30
CA ALA B 771 3.64 -23.36 -25.10
C ALA B 771 3.15 -24.67 -25.70
N VAL B 772 2.53 -25.51 -24.88
CA VAL B 772 2.00 -26.78 -25.38
C VAL B 772 0.95 -26.52 -26.45
N GLU B 773 0.17 -25.44 -26.30
CA GLU B 773 -0.84 -25.11 -27.29
C GLU B 773 -0.19 -24.76 -28.62
N GLN B 774 0.93 -24.04 -28.62
CA GLN B 774 1.59 -23.79 -29.90
C GLN B 774 2.08 -25.07 -30.57
N ASP B 775 2.62 -25.99 -29.79
CA ASP B 775 2.99 -27.27 -30.40
C ASP B 775 1.79 -27.95 -31.04
N LYS B 776 0.65 -27.95 -30.33
CA LYS B 776 -0.55 -28.58 -30.86
C LYS B 776 -1.09 -27.85 -32.09
N ASN B 777 -0.91 -26.53 -32.14
CA ASN B 777 -1.34 -25.76 -33.31
C ASN B 777 -0.57 -26.19 -34.55
N THR B 778 0.75 -26.28 -34.43
CA THR B 778 1.54 -26.74 -35.56
C THR B 778 1.17 -28.16 -35.95
N GLN B 779 0.97 -29.05 -34.97
CA GLN B 779 0.53 -30.40 -35.27
C GLN B 779 -0.76 -30.40 -36.07
N GLU B 780 -1.76 -29.66 -35.60
CA GLU B 780 -3.06 -29.68 -36.26
C GLU B 780 -2.97 -29.15 -37.68
N VAL B 781 -2.19 -28.09 -37.89
CA VAL B 781 -2.12 -27.52 -39.23
C VAL B 781 -1.39 -28.45 -40.18
N PHE B 782 -0.26 -29.02 -39.75
CA PHE B 782 0.62 -29.69 -40.70
C PHE B 782 0.57 -31.20 -40.67
N ALA B 783 0.37 -31.82 -39.50
CA ALA B 783 0.35 -33.28 -39.40
C ALA B 783 -1.01 -33.79 -39.89
N GLN B 784 -1.28 -33.53 -41.16
CA GLN B 784 -2.53 -33.93 -41.79
C GLN B 784 -2.43 -35.25 -42.51
N VAL B 785 -1.22 -35.69 -42.84
CA VAL B 785 -1.01 -36.93 -43.57
C VAL B 785 -0.09 -37.83 -42.76
N LYS B 786 -0.42 -39.12 -42.73
CA LYS B 786 0.35 -40.09 -41.98
C LYS B 786 1.50 -40.68 -42.79
N GLN B 787 1.57 -40.41 -44.08
CA GLN B 787 2.63 -40.94 -44.94
C GLN B 787 3.32 -39.80 -45.67
N ILE B 788 4.64 -39.91 -45.80
CA ILE B 788 5.43 -38.91 -46.49
C ILE B 788 5.52 -39.34 -47.95
N TYR B 789 4.74 -38.69 -48.80
CA TYR B 789 4.78 -38.93 -50.23
C TYR B 789 5.94 -38.17 -50.85
N LYS B 790 6.47 -38.70 -51.96
CA LYS B 790 7.49 -38.00 -52.69
C LYS B 790 7.16 -38.00 -54.19
N THR B 791 7.58 -36.94 -54.87
CA THR B 791 7.30 -36.81 -56.29
C THR B 791 8.20 -37.74 -57.10
N PRO B 792 7.77 -38.19 -58.27
CA PRO B 792 8.61 -39.07 -59.08
C PRO B 792 9.80 -38.33 -59.64
N PRO B 793 10.90 -39.02 -59.90
CA PRO B 793 12.09 -38.32 -60.42
C PRO B 793 11.86 -37.63 -61.75
N ILE B 794 11.08 -38.23 -62.64
CA ILE B 794 10.74 -37.63 -63.92
C ILE B 794 9.47 -36.82 -63.75
N LYS B 795 9.50 -35.57 -64.21
CA LYS B 795 8.42 -34.63 -63.96
C LYS B 795 7.71 -34.35 -65.28
N ASP B 796 6.71 -35.16 -65.61
CA ASP B 796 5.87 -34.99 -66.78
C ASP B 796 4.43 -34.76 -66.33
N PHE B 797 4.14 -33.53 -65.93
CA PHE B 797 2.87 -33.16 -65.35
C PHE B 797 1.96 -32.50 -66.39
N GLY B 798 2.11 -32.91 -67.65
CA GLY B 798 1.30 -32.34 -68.70
C GLY B 798 1.66 -30.92 -69.05
N GLY B 799 2.90 -30.51 -68.80
CA GLY B 799 3.34 -29.17 -69.07
C GLY B 799 3.31 -28.26 -67.87
N PHE B 800 2.62 -28.65 -66.81
CA PHE B 800 2.61 -27.85 -65.60
C PHE B 800 3.97 -27.93 -64.92
N ASN B 801 4.40 -26.83 -64.32
CA ASN B 801 5.72 -26.73 -63.74
C ASN B 801 5.61 -26.38 -62.26
N PHE B 802 5.82 -27.38 -61.41
CA PHE B 802 5.80 -27.20 -59.97
C PHE B 802 7.19 -27.00 -59.39
N SER B 803 8.18 -26.77 -60.25
CA SER B 803 9.56 -26.69 -59.78
C SER B 803 9.77 -25.53 -58.84
N GLN B 804 8.83 -24.60 -58.80
CA GLN B 804 8.98 -23.40 -58.00
C GLN B 804 8.36 -23.53 -56.62
N ILE B 805 7.61 -24.61 -56.38
CA ILE B 805 7.07 -24.90 -55.06
C ILE B 805 7.50 -26.25 -54.52
N LEU B 806 8.05 -27.13 -55.35
CA LEU B 806 8.62 -28.39 -54.90
C LEU B 806 10.00 -28.18 -54.28
N PRO B 807 10.44 -29.08 -53.42
CA PRO B 807 11.79 -28.96 -52.87
C PRO B 807 12.84 -29.15 -53.94
N ASP B 808 14.06 -28.72 -53.63
CA ASP B 808 15.16 -28.91 -54.55
C ASP B 808 16.30 -29.63 -53.86
N PRO B 809 17.02 -30.49 -54.60
CA PRO B 809 18.16 -31.20 -54.00
C PRO B 809 19.38 -30.33 -53.76
N SER B 810 19.29 -29.02 -53.97
CA SER B 810 20.40 -28.11 -53.71
C SER B 810 20.64 -27.88 -52.23
N LYS B 811 20.00 -28.67 -51.37
CA LYS B 811 20.16 -28.59 -49.92
C LYS B 811 20.02 -27.16 -49.39
N PRO B 812 18.88 -26.49 -49.65
CA PRO B 812 18.54 -25.26 -48.94
C PRO B 812 17.69 -25.56 -47.70
N SER B 813 18.19 -26.46 -46.85
CA SER B 813 17.39 -27.11 -45.81
C SER B 813 16.20 -27.86 -46.40
N LYS B 814 16.36 -28.35 -47.64
CA LYS B 814 15.34 -29.15 -48.32
C LYS B 814 14.01 -28.40 -48.43
N ARG B 815 14.06 -27.14 -48.83
CA ARG B 815 12.86 -26.32 -48.94
C ARG B 815 12.81 -25.63 -50.30
N SER B 816 11.59 -25.37 -50.75
CA SER B 816 11.36 -24.82 -52.08
C SER B 816 11.85 -23.38 -52.15
N PHE B 817 11.81 -22.82 -53.35
CA PHE B 817 12.39 -21.49 -53.53
C PHE B 817 11.44 -20.40 -53.03
N ILE B 818 10.13 -20.63 -53.18
CA ILE B 818 9.15 -19.73 -52.56
C ILE B 818 9.28 -19.78 -51.03
N GLU B 819 9.42 -20.97 -50.48
CA GLU B 819 9.62 -21.11 -49.05
C GLU B 819 10.90 -20.40 -48.61
N ASP B 820 11.92 -20.44 -49.45
CA ASP B 820 13.16 -19.74 -49.13
C ASP B 820 12.96 -18.24 -49.10
N LEU B 821 12.22 -17.69 -50.05
CA LEU B 821 11.92 -16.25 -50.00
C LEU B 821 11.15 -15.92 -48.73
N LEU B 822 10.15 -16.75 -48.39
CA LEU B 822 9.33 -16.47 -47.23
C LEU B 822 10.18 -16.48 -45.96
N PHE B 823 11.13 -17.40 -45.87
CA PHE B 823 11.98 -17.46 -44.68
C PHE B 823 12.96 -16.29 -44.63
N ASN B 824 13.41 -15.80 -45.78
CA ASN B 824 14.29 -14.63 -45.75
C ASN B 824 13.53 -13.34 -45.46
N LYS B 825 12.25 -13.25 -45.82
CA LYS B 825 11.54 -11.99 -45.63
C LYS B 825 11.27 -11.70 -44.16
N VAL B 826 10.86 -12.69 -43.38
CA VAL B 826 10.61 -12.49 -41.96
C VAL B 826 11.94 -12.41 -41.24
N THR B 827 12.26 -11.23 -40.71
CA THR B 827 13.50 -10.98 -39.99
C THR B 827 13.19 -10.75 -38.52
N LEU B 828 13.89 -11.47 -37.64
CA LEU B 828 13.66 -11.37 -36.21
C LEU B 828 14.15 -10.01 -35.69
N PHE B 855 17.28 -14.92 -20.03
CA PHE B 855 18.36 -13.96 -19.79
C PHE B 855 18.20 -13.27 -18.45
N ASN B 856 16.95 -13.14 -18.00
CA ASN B 856 16.63 -12.45 -16.76
C ASN B 856 15.57 -13.25 -16.00
N GLY B 857 15.67 -14.57 -16.08
CA GLY B 857 14.59 -15.45 -15.72
C GLY B 857 13.74 -15.88 -16.90
N LEU B 858 14.03 -15.36 -18.08
CA LEU B 858 13.20 -15.50 -19.26
C LEU B 858 13.87 -16.42 -20.26
N THR B 859 13.14 -17.44 -20.72
CA THR B 859 13.70 -18.42 -21.63
C THR B 859 12.71 -18.69 -22.74
N VAL B 860 13.23 -19.13 -23.88
CA VAL B 860 12.43 -19.53 -25.01
C VAL B 860 12.70 -21.01 -25.28
N LEU B 861 11.64 -21.78 -25.27
CA LEU B 861 11.73 -23.20 -25.54
C LEU B 861 11.57 -23.45 -27.04
N PRO B 862 12.38 -24.33 -27.63
CA PRO B 862 12.27 -24.55 -29.06
C PRO B 862 10.99 -25.26 -29.41
N PRO B 863 10.45 -25.04 -30.61
CA PRO B 863 9.29 -25.82 -31.04
C PRO B 863 9.63 -27.28 -31.21
N LEU B 864 8.62 -28.13 -31.00
CA LEU B 864 8.84 -29.56 -31.13
C LEU B 864 9.19 -29.94 -32.56
N LEU B 865 8.48 -29.38 -33.54
CA LEU B 865 8.77 -29.64 -34.94
C LEU B 865 9.70 -28.57 -35.49
N THR B 866 10.84 -29.01 -36.01
CA THR B 866 11.79 -28.08 -36.58
C THR B 866 11.29 -27.59 -37.93
N ASP B 867 11.98 -26.58 -38.45
CA ASP B 867 11.64 -26.02 -39.75
C ASP B 867 11.75 -27.07 -40.84
N GLU B 868 12.73 -27.96 -40.74
CA GLU B 868 12.91 -29.01 -41.74
C GLU B 868 11.72 -29.97 -41.77
N MET B 869 11.18 -30.31 -40.60
CA MET B 869 10.05 -31.25 -40.61
C MET B 869 8.75 -30.60 -41.04
N ILE B 870 8.56 -29.32 -40.74
CA ILE B 870 7.42 -28.63 -41.35
C ILE B 870 7.58 -28.58 -42.86
N ALA B 871 8.83 -28.44 -43.33
CA ALA B 871 9.08 -28.50 -44.76
C ALA B 871 8.75 -29.88 -45.32
N GLN B 872 9.03 -30.94 -44.56
CA GLN B 872 8.75 -32.28 -45.05
C GLN B 872 7.25 -32.58 -45.08
N TYR B 873 6.51 -32.17 -44.05
CA TYR B 873 5.05 -32.17 -44.16
C TYR B 873 4.54 -31.40 -45.37
N THR B 874 5.06 -30.20 -45.60
CA THR B 874 4.58 -29.43 -46.75
C THR B 874 4.89 -30.15 -48.05
N SER B 875 6.09 -30.74 -48.16
CA SER B 875 6.46 -31.48 -49.36
C SER B 875 5.59 -32.71 -49.56
N ALA B 876 5.27 -33.41 -48.47
CA ALA B 876 4.38 -34.56 -48.57
C ALA B 876 3.00 -34.15 -49.05
N LEU B 877 2.47 -33.05 -48.51
CA LEU B 877 1.16 -32.60 -48.95
C LEU B 877 1.17 -32.20 -50.42
N LEU B 878 2.24 -31.53 -50.86
CA LEU B 878 2.35 -31.18 -52.28
C LEU B 878 2.44 -32.42 -53.15
N ALA B 879 3.26 -33.39 -52.75
CA ALA B 879 3.42 -34.59 -53.56
C ALA B 879 2.11 -35.34 -53.68
N GLY B 880 1.39 -35.47 -52.57
CA GLY B 880 0.10 -36.13 -52.61
C GLY B 880 -0.90 -35.38 -53.47
N THR B 881 -0.92 -34.05 -53.37
CA THR B 881 -1.87 -33.28 -54.17
C THR B 881 -1.58 -33.41 -55.66
N ILE B 882 -0.30 -33.42 -56.04
CA ILE B 882 0.00 -33.42 -57.46
C ILE B 882 0.07 -34.82 -58.04
N THR B 883 0.12 -35.87 -57.21
CA THR B 883 0.16 -37.23 -57.73
C THR B 883 -1.12 -38.02 -57.50
N SER B 884 -2.00 -37.58 -56.60
CA SER B 884 -3.21 -38.32 -56.33
C SER B 884 -4.46 -37.47 -56.24
N GLY B 885 -4.36 -36.16 -56.25
CA GLY B 885 -5.54 -35.33 -56.15
C GLY B 885 -6.08 -35.25 -54.74
N TRP B 886 -7.39 -35.29 -54.59
CA TRP B 886 -8.02 -35.26 -53.29
C TRP B 886 -8.12 -36.63 -52.64
N THR B 887 -7.62 -37.68 -53.32
CA THR B 887 -7.87 -39.04 -52.87
C THR B 887 -7.09 -39.39 -51.62
N PHE B 888 -5.86 -38.87 -51.49
CA PHE B 888 -5.04 -39.23 -50.36
C PHE B 888 -5.50 -38.58 -49.06
N GLY B 889 -6.43 -37.64 -49.10
CA GLY B 889 -6.98 -37.07 -47.91
C GLY B 889 -8.22 -37.75 -47.39
N ALA B 890 -8.70 -38.80 -48.07
CA ALA B 890 -9.92 -39.49 -47.70
C ALA B 890 -9.76 -41.00 -47.73
N GLY B 891 -8.54 -41.49 -47.82
CA GLY B 891 -8.30 -42.91 -47.88
C GLY B 891 -6.97 -43.28 -48.50
N ALA B 892 -6.96 -44.32 -49.33
CA ALA B 892 -5.75 -44.73 -49.99
C ALA B 892 -5.38 -43.77 -51.12
N ALA B 893 -4.11 -43.39 -51.16
CA ALA B 893 -3.65 -42.49 -52.21
C ALA B 893 -3.70 -43.19 -53.56
N LEU B 894 -4.43 -42.60 -54.50
CA LEU B 894 -4.72 -43.22 -55.78
C LEU B 894 -4.16 -42.36 -56.89
N GLN B 895 -3.19 -42.88 -57.62
CA GLN B 895 -2.52 -42.09 -58.64
C GLN B 895 -3.47 -41.77 -59.78
N ILE B 896 -3.25 -40.61 -60.39
CA ILE B 896 -4.02 -40.14 -61.53
C ILE B 896 -3.16 -39.13 -62.26
N PRO B 897 -3.14 -39.12 -63.59
CA PRO B 897 -2.38 -38.09 -64.32
C PRO B 897 -2.87 -36.70 -63.95
N PHE B 898 -1.93 -35.75 -63.90
CA PHE B 898 -2.29 -34.43 -63.42
C PHE B 898 -3.23 -33.70 -64.36
N ALA B 899 -3.09 -33.90 -65.67
CA ALA B 899 -4.04 -33.32 -66.59
C ALA B 899 -5.46 -33.81 -66.28
N MET B 900 -5.61 -35.10 -65.98
CA MET B 900 -6.93 -35.62 -65.66
C MET B 900 -7.44 -35.11 -64.31
N GLN B 901 -6.57 -34.96 -63.32
CA GLN B 901 -6.99 -34.37 -62.06
C GLN B 901 -7.49 -32.95 -62.28
N MET B 902 -6.81 -32.19 -63.12
CA MET B 902 -7.24 -30.83 -63.38
C MET B 902 -8.57 -30.82 -64.13
N ALA B 903 -8.79 -31.80 -65.00
CA ALA B 903 -10.09 -31.91 -65.67
C ALA B 903 -11.20 -32.22 -64.68
N TYR B 904 -10.92 -33.11 -63.72
CA TYR B 904 -11.87 -33.40 -62.66
C TYR B 904 -12.20 -32.14 -61.87
N ARG B 905 -11.18 -31.35 -61.54
CA ARG B 905 -11.40 -30.12 -60.82
C ARG B 905 -12.15 -29.08 -61.64
N PHE B 906 -11.96 -29.09 -62.96
CA PHE B 906 -12.74 -28.24 -63.83
C PHE B 906 -14.21 -28.64 -63.81
N ASN B 907 -14.49 -29.93 -63.90
CA ASN B 907 -15.87 -30.40 -63.76
C ASN B 907 -16.45 -30.01 -62.42
N GLY B 908 -15.61 -29.95 -61.39
CA GLY B 908 -16.08 -29.50 -60.09
C GLY B 908 -16.66 -28.09 -60.12
N ILE B 909 -16.03 -27.19 -60.87
CA ILE B 909 -16.47 -25.80 -60.92
C ILE B 909 -17.49 -25.58 -62.03
N GLY B 910 -17.96 -26.64 -62.68
CA GLY B 910 -19.03 -26.52 -63.64
C GLY B 910 -18.60 -26.29 -65.06
N VAL B 911 -17.36 -26.55 -65.40
CA VAL B 911 -16.86 -26.44 -66.76
C VAL B 911 -16.49 -27.83 -67.25
N THR B 912 -16.99 -28.20 -68.43
CA THR B 912 -16.75 -29.53 -68.96
C THR B 912 -15.26 -29.74 -69.25
N GLN B 913 -14.81 -30.98 -69.08
CA GLN B 913 -13.39 -31.29 -69.09
C GLN B 913 -12.75 -31.10 -70.46
N ASN B 914 -13.55 -31.07 -71.53
CA ASN B 914 -12.99 -30.79 -72.84
C ASN B 914 -12.36 -29.41 -72.89
N VAL B 915 -12.82 -28.50 -72.04
CA VAL B 915 -12.21 -27.17 -72.00
C VAL B 915 -10.76 -27.27 -71.56
N LEU B 916 -10.47 -28.08 -70.54
CA LEU B 916 -9.08 -28.28 -70.15
C LEU B 916 -8.32 -29.05 -71.22
N TYR B 917 -8.88 -30.16 -71.68
CA TYR B 917 -8.15 -31.02 -72.60
C TYR B 917 -7.85 -30.33 -73.92
N GLU B 918 -8.61 -29.31 -74.27
CA GLU B 918 -8.41 -28.59 -75.52
C GLU B 918 -7.63 -27.31 -75.33
N ASN B 919 -7.49 -26.84 -74.10
CA ASN B 919 -6.73 -25.65 -73.75
C ASN B 919 -5.61 -25.99 -72.79
N GLN B 920 -5.02 -27.18 -72.93
CA GLN B 920 -4.10 -27.66 -71.91
C GLN B 920 -2.80 -26.88 -71.92
N LYS B 921 -2.25 -26.60 -73.10
CA LYS B 921 -1.02 -25.83 -73.16
C LYS B 921 -1.24 -24.42 -72.66
N LEU B 922 -2.38 -23.81 -73.01
CA LEU B 922 -2.68 -22.46 -72.54
C LEU B 922 -2.86 -22.43 -71.03
N ILE B 923 -3.55 -23.42 -70.47
CA ILE B 923 -3.78 -23.44 -69.03
C ILE B 923 -2.47 -23.67 -68.29
N ALA B 924 -1.62 -24.55 -68.82
CA ALA B 924 -0.34 -24.81 -68.19
C ALA B 924 0.53 -23.56 -68.23
N ASN B 925 0.55 -22.86 -69.35
CA ASN B 925 1.31 -21.62 -69.43
C ASN B 925 0.79 -20.59 -68.44
N GLN B 926 -0.53 -20.45 -68.33
CA GLN B 926 -1.09 -19.49 -67.38
C GLN B 926 -0.73 -19.85 -65.94
N PHE B 927 -0.81 -21.13 -65.60
CA PHE B 927 -0.46 -21.55 -64.24
C PHE B 927 1.02 -21.31 -63.94
N ASN B 928 1.90 -21.67 -64.87
CA ASN B 928 3.33 -21.45 -64.66
C ASN B 928 3.64 -19.97 -64.53
N SER B 929 3.02 -19.14 -65.37
CA SER B 929 3.23 -17.70 -65.28
C SER B 929 2.73 -17.15 -63.95
N ALA B 930 1.62 -17.69 -63.44
CA ALA B 930 1.09 -17.22 -62.16
C ALA B 930 2.03 -17.56 -61.01
N ILE B 931 2.60 -18.77 -61.02
CA ILE B 931 3.56 -19.13 -59.98
C ILE B 931 4.81 -18.26 -60.08
N GLY B 932 5.28 -18.01 -61.30
CA GLY B 932 6.42 -17.12 -61.46
C GLY B 932 6.11 -15.71 -61.01
N LYS B 933 4.88 -15.27 -61.23
CA LYS B 933 4.48 -13.93 -60.83
C LYS B 933 4.42 -13.79 -59.32
N ILE B 934 3.92 -14.80 -58.62
CA ILE B 934 3.90 -14.74 -57.17
C ILE B 934 5.33 -14.82 -56.62
N GLN B 935 6.19 -15.60 -57.27
CA GLN B 935 7.62 -15.54 -56.99
C GLN B 935 8.19 -14.14 -57.09
N ASP B 936 7.95 -13.45 -58.21
CA ASP B 936 8.50 -12.12 -58.39
C ASP B 936 7.95 -11.14 -57.37
N SER B 937 6.64 -11.21 -57.12
CA SER B 937 6.03 -10.34 -56.13
C SER B 937 6.63 -10.55 -54.75
N LEU B 938 6.86 -11.81 -54.38
CA LEU B 938 7.42 -12.09 -53.07
C LEU B 938 8.87 -11.66 -52.97
N SER B 939 9.63 -11.79 -54.07
CA SER B 939 11.04 -11.44 -54.04
C SER B 939 11.26 -9.94 -54.04
N SER B 940 10.46 -9.19 -54.78
CA SER B 940 10.66 -7.75 -54.92
C SER B 940 9.72 -6.94 -54.01
N THR B 941 8.43 -7.12 -54.16
CA THR B 941 7.47 -6.36 -53.38
C THR B 941 7.51 -6.78 -51.91
N ALA B 942 7.54 -5.80 -51.01
CA ALA B 942 7.57 -6.04 -49.59
C ALA B 942 6.17 -5.87 -49.00
N SER B 943 6.09 -5.90 -47.67
CA SER B 943 4.82 -5.73 -46.95
C SER B 943 3.83 -6.85 -47.29
N ALA B 944 4.34 -8.02 -47.67
CA ALA B 944 3.48 -9.16 -47.94
C ALA B 944 3.30 -10.05 -46.72
N LEU B 945 4.32 -10.19 -45.88
CA LEU B 945 4.30 -11.05 -44.71
C LEU B 945 4.10 -10.27 -43.43
N GLY B 946 3.22 -9.27 -43.47
CA GLY B 946 3.04 -8.41 -42.31
C GLY B 946 2.30 -9.06 -41.18
N LYS B 947 1.54 -10.12 -41.45
CA LYS B 947 0.80 -10.77 -40.37
C LYS B 947 1.75 -11.52 -39.44
N LEU B 948 2.64 -12.32 -40.01
CA LEU B 948 3.63 -13.02 -39.20
C LEU B 948 4.56 -12.03 -38.50
N GLN B 949 4.99 -11.00 -39.22
CA GLN B 949 5.85 -9.99 -38.63
C GLN B 949 5.13 -9.27 -37.49
N ASP B 950 3.83 -9.03 -37.64
CA ASP B 950 3.07 -8.38 -36.59
C ASP B 950 3.03 -9.25 -35.35
N VAL B 951 2.82 -10.56 -35.52
CA VAL B 951 2.81 -11.45 -34.36
C VAL B 951 4.16 -11.40 -33.65
N VAL B 952 5.24 -11.50 -34.42
CA VAL B 952 6.58 -11.50 -33.82
C VAL B 952 6.84 -10.19 -33.10
N ASN B 953 6.48 -9.07 -33.72
CA ASN B 953 6.71 -7.76 -33.12
C ASN B 953 5.92 -7.60 -31.83
N GLN B 954 4.66 -8.01 -31.83
CA GLN B 954 3.86 -7.88 -30.61
C GLN B 954 4.49 -8.68 -29.47
N ASN B 955 4.90 -9.92 -29.75
CA ASN B 955 5.48 -10.72 -28.69
C ASN B 955 6.77 -10.10 -28.17
N ALA B 956 7.65 -9.69 -29.09
CA ALA B 956 8.93 -9.12 -28.66
C ALA B 956 8.74 -7.82 -27.90
N GLN B 957 7.79 -6.99 -28.33
CA GLN B 957 7.55 -5.73 -27.65
C GLN B 957 6.96 -5.95 -26.27
N ALA B 958 6.06 -6.91 -26.12
CA ALA B 958 5.55 -7.23 -24.79
C ALA B 958 6.67 -7.73 -23.89
N LEU B 959 7.57 -8.54 -24.43
CA LEU B 959 8.62 -9.11 -23.62
C LEU B 959 9.63 -8.05 -23.18
N ASN B 960 9.97 -7.14 -24.08
CA ASN B 960 10.85 -6.02 -23.72
C ASN B 960 10.16 -5.07 -22.75
N THR B 961 8.86 -4.87 -22.88
CA THR B 961 8.16 -4.05 -21.91
C THR B 961 8.22 -4.68 -20.52
N LEU B 962 8.06 -6.01 -20.45
CA LEU B 962 8.19 -6.71 -19.18
C LEU B 962 9.56 -6.52 -18.57
N VAL B 963 10.61 -6.73 -19.36
CA VAL B 963 11.96 -6.60 -18.81
C VAL B 963 12.24 -5.15 -18.43
N LYS B 964 11.78 -4.20 -19.23
CA LYS B 964 11.99 -2.79 -18.94
C LYS B 964 11.24 -2.37 -17.68
N GLN B 965 10.12 -3.02 -17.41
CA GLN B 965 9.32 -2.70 -16.24
C GLN B 965 10.04 -3.10 -14.97
N LEU B 966 11.12 -3.86 -15.09
CA LEU B 966 11.88 -4.31 -13.93
C LEU B 966 12.83 -3.25 -13.42
N SER B 967 12.92 -2.12 -14.09
CA SER B 967 13.77 -1.00 -13.70
C SER B 967 12.95 0.13 -13.10
N SER B 968 11.88 -0.19 -12.38
CA SER B 968 10.96 0.82 -11.88
C SER B 968 10.85 0.75 -10.37
N ASN B 969 10.65 1.90 -9.75
CA ASN B 969 10.58 1.98 -8.30
C ASN B 969 9.30 1.38 -7.75
N PHE B 970 8.17 1.64 -8.41
CA PHE B 970 6.85 1.34 -7.88
C PHE B 970 6.67 1.95 -6.51
N GLY B 971 7.31 3.10 -6.29
CA GLY B 971 7.17 3.85 -5.05
C GLY B 971 8.29 3.65 -4.05
N ALA B 972 9.36 2.98 -4.40
CA ALA B 972 10.40 2.68 -3.46
C ALA B 972 11.66 3.51 -3.73
N ILE B 973 12.66 3.33 -2.87
CA ILE B 973 13.86 4.14 -2.96
C ILE B 973 14.68 3.75 -4.18
N SER B 974 14.80 2.47 -4.44
CA SER B 974 15.61 2.01 -5.55
C SER B 974 14.93 0.83 -6.25
N SER B 975 15.19 0.70 -7.53
CA SER B 975 14.66 -0.42 -8.30
C SER B 975 15.42 -1.71 -8.03
N VAL B 976 16.70 -1.63 -7.70
CA VAL B 976 17.50 -2.81 -7.47
C VAL B 976 17.42 -3.21 -6.00
N LEU B 977 17.33 -4.51 -5.74
CA LEU B 977 17.14 -4.96 -4.37
C LEU B 977 18.41 -4.91 -3.55
N ASN B 978 19.56 -5.08 -4.18
CA ASN B 978 20.80 -5.11 -3.42
C ASN B 978 21.05 -3.81 -2.68
N ASP B 979 20.78 -2.68 -3.34
CA ASP B 979 20.95 -1.39 -2.66
C ASP B 979 19.94 -1.21 -1.53
N ILE B 980 18.71 -1.69 -1.71
CA ILE B 980 17.72 -1.61 -0.64
C ILE B 980 18.18 -2.42 0.56
N LEU B 981 18.69 -3.62 0.32
CA LEU B 981 19.19 -4.43 1.42
C LEU B 981 20.39 -3.79 2.10
N SER B 982 21.31 -3.23 1.32
CA SER B 982 22.51 -2.65 1.90
C SER B 982 22.17 -1.41 2.71
N ARG B 983 21.22 -0.62 2.26
CA ARG B 983 21.07 0.73 2.73
C ARG B 983 19.79 0.95 3.56
N LEU B 984 19.02 -0.10 3.84
CA LEU B 984 17.86 0.03 4.70
C LEU B 984 17.88 -1.01 5.81
N ASP B 985 17.27 -0.65 6.94
CA ASP B 985 17.08 -1.58 8.04
C ASP B 985 15.95 -2.57 7.72
N PRO B 986 15.98 -3.76 8.32
CA PRO B 986 15.10 -4.85 7.87
C PRO B 986 13.61 -4.50 7.91
N PRO B 987 13.12 -3.71 8.90
CA PRO B 987 11.73 -3.25 8.79
C PRO B 987 11.43 -2.46 7.52
N GLU B 988 12.14 -1.33 7.33
CA GLU B 988 11.90 -0.56 6.13
C GLU B 988 12.36 -1.32 4.89
N ALA B 989 13.35 -2.20 5.04
CA ALA B 989 13.75 -3.05 3.93
C ALA B 989 12.58 -3.91 3.47
N GLU B 990 11.86 -4.51 4.40
CA GLU B 990 10.76 -5.37 3.99
C GLU B 990 9.59 -4.56 3.48
N VAL B 991 9.40 -3.34 3.97
CA VAL B 991 8.34 -2.49 3.39
C VAL B 991 8.64 -2.17 1.92
N GLN B 992 9.86 -1.70 1.65
CA GLN B 992 10.22 -1.39 0.27
C GLN B 992 10.21 -2.63 -0.61
N ILE B 993 10.70 -3.75 -0.09
CA ILE B 993 10.67 -4.98 -0.87
C ILE B 993 9.24 -5.40 -1.16
N ASP B 994 8.33 -5.16 -0.21
CA ASP B 994 6.93 -5.46 -0.46
C ASP B 994 6.43 -4.66 -1.64
N ARG B 995 6.80 -3.39 -1.73
CA ARG B 995 6.26 -2.61 -2.85
C ARG B 995 6.92 -2.98 -4.18
N LEU B 996 8.22 -3.30 -4.19
CA LEU B 996 8.79 -3.81 -5.44
C LEU B 996 8.13 -5.11 -5.87
N ILE B 997 7.89 -6.03 -4.93
CA ILE B 997 7.29 -7.30 -5.31
C ILE B 997 5.88 -7.13 -5.81
N THR B 998 5.10 -6.25 -5.17
CA THR B 998 3.73 -6.07 -5.65
C THR B 998 3.73 -5.45 -7.04
N GLY B 999 4.63 -4.49 -7.30
CA GLY B 999 4.72 -3.94 -8.64
C GLY B 999 5.11 -4.97 -9.68
N ARG B 1000 6.09 -5.80 -9.35
CA ARG B 1000 6.60 -6.77 -10.32
C ARG B 1000 5.59 -7.89 -10.56
N LEU B 1001 4.85 -8.29 -9.53
CA LEU B 1001 3.74 -9.20 -9.78
C LEU B 1001 2.68 -8.59 -10.66
N GLN B 1002 2.32 -7.32 -10.47
CA GLN B 1002 1.33 -6.74 -11.38
C GLN B 1002 1.83 -6.75 -12.81
N SER B 1003 3.11 -6.42 -13.01
CA SER B 1003 3.67 -6.45 -14.36
C SER B 1003 3.62 -7.85 -14.96
N LEU B 1004 3.98 -8.86 -14.17
CA LEU B 1004 3.98 -10.23 -14.67
C LEU B 1004 2.57 -10.73 -14.99
N GLN B 1005 1.60 -10.44 -14.13
CA GLN B 1005 0.23 -10.85 -14.42
C GLN B 1005 -0.32 -10.14 -15.64
N THR B 1006 -0.01 -8.85 -15.81
CA THR B 1006 -0.42 -8.16 -17.02
C THR B 1006 0.15 -8.84 -18.25
N TYR B 1007 1.43 -9.19 -18.19
CA TYR B 1007 2.06 -9.86 -19.31
C TYR B 1007 1.40 -11.19 -19.63
N VAL B 1008 1.11 -11.99 -18.60
CA VAL B 1008 0.56 -13.32 -18.83
C VAL B 1008 -0.87 -13.24 -19.35
N THR B 1009 -1.67 -12.30 -18.86
CA THR B 1009 -3.02 -12.16 -19.37
C THR B 1009 -3.01 -11.72 -20.83
N GLN B 1010 -2.16 -10.75 -21.17
CA GLN B 1010 -2.06 -10.33 -22.57
C GLN B 1010 -1.60 -11.50 -23.44
N GLN B 1011 -0.68 -12.32 -22.93
CA GLN B 1011 -0.18 -13.43 -23.72
C GLN B 1011 -1.23 -14.51 -23.88
N LEU B 1012 -2.09 -14.68 -22.88
CA LEU B 1012 -3.21 -15.62 -23.01
C LEU B 1012 -4.19 -15.16 -24.07
N ILE B 1013 -4.48 -13.85 -24.12
CA ILE B 1013 -5.40 -13.36 -25.16
C ILE B 1013 -4.78 -13.47 -26.55
N ARG B 1014 -3.48 -13.16 -26.67
CA ARG B 1014 -2.80 -13.38 -27.94
C ARG B 1014 -2.76 -14.86 -28.31
N ALA B 1015 -2.66 -15.73 -27.30
CA ALA B 1015 -2.71 -17.17 -27.57
C ALA B 1015 -4.06 -17.58 -28.12
N ALA B 1016 -5.13 -16.99 -27.60
CA ALA B 1016 -6.46 -17.26 -28.15
C ALA B 1016 -6.55 -16.80 -29.60
N GLU B 1017 -6.02 -15.64 -29.91
CA GLU B 1017 -6.03 -15.18 -31.30
C GLU B 1017 -5.26 -16.12 -32.22
N ILE B 1018 -4.07 -16.54 -31.80
CA ILE B 1018 -3.27 -17.43 -32.63
C ILE B 1018 -3.93 -18.80 -32.76
N ARG B 1019 -4.59 -19.26 -31.71
CA ARG B 1019 -5.33 -20.52 -31.79
C ARG B 1019 -6.45 -20.44 -32.80
N ALA B 1020 -7.21 -19.34 -32.82
CA ALA B 1020 -8.24 -19.19 -33.84
C ALA B 1020 -7.63 -19.21 -35.23
N SER B 1021 -6.50 -18.51 -35.41
CA SER B 1021 -5.84 -18.49 -36.71
C SER B 1021 -5.37 -19.88 -37.13
N ALA B 1022 -4.83 -20.65 -36.19
CA ALA B 1022 -4.32 -21.97 -36.52
C ALA B 1022 -5.46 -22.95 -36.80
N ASN B 1023 -6.58 -22.82 -36.09
CA ASN B 1023 -7.74 -23.63 -36.43
C ASN B 1023 -8.26 -23.29 -37.82
N LEU B 1024 -8.26 -22.01 -38.18
CA LEU B 1024 -8.64 -21.62 -39.54
C LEU B 1024 -7.67 -22.20 -40.56
N ALA B 1025 -6.37 -22.19 -40.26
CA ALA B 1025 -5.39 -22.75 -41.17
C ALA B 1025 -5.57 -24.26 -41.32
N ALA B 1026 -5.88 -24.95 -40.24
CA ALA B 1026 -6.15 -26.39 -40.33
C ALA B 1026 -7.37 -26.65 -41.20
N THR B 1027 -8.43 -25.85 -41.02
CA THR B 1027 -9.60 -25.97 -41.87
C THR B 1027 -9.25 -25.75 -43.33
N LYS B 1028 -8.43 -24.74 -43.62
CA LYS B 1028 -8.08 -24.41 -44.99
C LYS B 1028 -7.22 -25.51 -45.62
N MET B 1029 -6.30 -26.08 -44.84
CA MET B 1029 -5.49 -27.18 -45.34
C MET B 1029 -6.35 -28.40 -45.64
N SER B 1030 -7.31 -28.69 -44.75
CA SER B 1030 -8.16 -29.84 -44.98
C SER B 1030 -9.05 -29.64 -46.20
N GLU B 1031 -9.65 -28.47 -46.33
CA GLU B 1031 -10.70 -28.26 -47.32
C GLU B 1031 -10.21 -27.67 -48.62
N CYS B 1032 -8.94 -27.29 -48.73
CA CYS B 1032 -8.47 -26.66 -49.95
C CYS B 1032 -7.20 -27.29 -50.48
N VAL B 1033 -6.34 -27.80 -49.60
CA VAL B 1033 -5.21 -28.58 -50.08
C VAL B 1033 -5.60 -30.04 -50.30
N LEU B 1034 -6.40 -30.61 -49.41
CA LEU B 1034 -6.82 -31.98 -49.50
C LEU B 1034 -8.13 -32.17 -50.25
N GLY B 1035 -8.66 -31.11 -50.84
CA GLY B 1035 -9.90 -31.20 -51.57
C GLY B 1035 -10.14 -29.95 -52.39
N GLN B 1036 -11.37 -29.84 -52.89
CA GLN B 1036 -11.81 -28.69 -53.67
C GLN B 1036 -13.08 -28.14 -53.05
N SER B 1037 -13.06 -26.87 -52.67
CA SER B 1037 -14.13 -26.28 -51.88
C SER B 1037 -15.08 -25.48 -52.75
N LYS B 1038 -16.36 -25.71 -52.56
CA LYS B 1038 -17.42 -24.89 -53.16
C LYS B 1038 -17.71 -23.64 -52.36
N ARG B 1039 -17.15 -23.53 -51.16
CA ARG B 1039 -17.35 -22.35 -50.34
C ARG B 1039 -16.71 -21.14 -51.00
N VAL B 1040 -17.53 -20.24 -51.50
CA VAL B 1040 -17.02 -19.11 -52.27
C VAL B 1040 -16.30 -18.15 -51.35
N ASP B 1041 -15.15 -17.64 -51.83
CA ASP B 1041 -14.26 -16.73 -51.13
C ASP B 1041 -13.61 -17.37 -49.92
N PHE B 1042 -13.62 -18.69 -49.82
CA PHE B 1042 -12.92 -19.34 -48.71
C PHE B 1042 -11.47 -19.59 -49.05
N CYS B 1043 -11.17 -19.90 -50.30
CA CYS B 1043 -9.81 -20.16 -50.75
C CYS B 1043 -9.50 -19.40 -52.02
N GLY B 1044 -9.70 -18.09 -51.96
CA GLY B 1044 -9.30 -17.21 -53.03
C GLY B 1044 -10.49 -16.71 -53.81
N LYS B 1045 -10.33 -15.53 -54.41
CA LYS B 1045 -11.32 -15.03 -55.35
C LYS B 1045 -11.33 -15.91 -56.59
N GLY B 1046 -12.52 -16.19 -57.09
CA GLY B 1046 -12.68 -17.08 -58.22
C GLY B 1046 -13.15 -18.45 -57.80
N TYR B 1047 -13.46 -19.26 -58.81
CA TYR B 1047 -13.84 -20.64 -58.57
C TYR B 1047 -12.61 -21.46 -58.24
N HIS B 1048 -12.58 -22.02 -57.04
CA HIS B 1048 -11.41 -22.71 -56.56
C HIS B 1048 -11.13 -23.95 -57.39
N LEU B 1049 -9.88 -24.07 -57.84
CA LEU B 1049 -9.41 -25.27 -58.52
C LEU B 1049 -8.55 -26.11 -57.59
N MET B 1050 -7.51 -25.53 -57.00
CA MET B 1050 -6.72 -26.25 -56.02
C MET B 1050 -5.98 -25.24 -55.14
N SER B 1051 -5.15 -25.75 -54.24
CA SER B 1051 -4.34 -24.91 -53.37
C SER B 1051 -3.06 -25.66 -53.03
N PHE B 1052 -2.01 -24.89 -52.78
CA PHE B 1052 -0.73 -25.46 -52.40
C PHE B 1052 -0.22 -24.83 -51.11
N PRO B 1053 0.17 -25.62 -50.12
CA PRO B 1053 0.72 -25.04 -48.89
C PRO B 1053 2.21 -24.77 -49.03
N GLN B 1054 2.67 -23.75 -48.33
CA GLN B 1054 4.08 -23.47 -48.19
C GLN B 1054 4.32 -23.03 -46.76
N SER B 1055 5.43 -23.47 -46.19
CA SER B 1055 5.72 -23.16 -44.81
C SER B 1055 6.21 -21.72 -44.67
N ALA B 1056 6.09 -21.19 -43.46
CA ALA B 1056 6.56 -19.86 -43.15
C ALA B 1056 7.13 -19.91 -41.74
N PRO B 1057 7.89 -18.88 -41.33
CA PRO B 1057 8.52 -18.93 -40.00
C PRO B 1057 7.59 -19.33 -38.86
N HIS B 1058 6.41 -18.74 -38.77
CA HIS B 1058 5.40 -19.16 -37.80
C HIS B 1058 4.02 -19.19 -38.42
N GLY B 1059 3.90 -19.75 -39.61
CA GLY B 1059 2.60 -19.78 -40.24
C GLY B 1059 2.64 -20.53 -41.54
N VAL B 1060 1.53 -20.44 -42.27
CA VAL B 1060 1.38 -21.15 -43.52
C VAL B 1060 0.91 -20.16 -44.59
N VAL B 1061 1.45 -20.33 -45.78
CA VAL B 1061 1.14 -19.52 -46.94
C VAL B 1061 0.47 -20.41 -47.98
N PHE B 1062 -0.77 -20.11 -48.30
CA PHE B 1062 -1.51 -20.87 -49.29
C PHE B 1062 -1.45 -20.17 -50.63
N LEU B 1063 -1.07 -20.92 -51.67
CA LEU B 1063 -1.14 -20.45 -53.03
C LEU B 1063 -2.37 -21.09 -53.64
N HIS B 1064 -3.43 -20.30 -53.77
CA HIS B 1064 -4.71 -20.76 -54.27
C HIS B 1064 -4.77 -20.60 -55.77
N VAL B 1065 -5.05 -21.69 -56.47
CA VAL B 1065 -5.23 -21.69 -57.91
C VAL B 1065 -6.73 -21.68 -58.18
N THR B 1066 -7.21 -20.62 -58.81
CA THR B 1066 -8.62 -20.37 -59.03
C THR B 1066 -8.88 -20.03 -60.50
N TYR B 1067 -10.14 -20.11 -60.89
CA TYR B 1067 -10.61 -19.94 -62.26
C TYR B 1067 -11.45 -18.66 -62.31
N VAL B 1068 -10.94 -17.63 -62.97
CA VAL B 1068 -11.64 -16.35 -63.06
C VAL B 1068 -12.13 -16.19 -64.50
N PRO B 1069 -13.43 -16.13 -64.74
CA PRO B 1069 -13.92 -16.00 -66.12
C PRO B 1069 -13.53 -14.66 -66.72
N ALA B 1070 -13.38 -14.65 -68.04
CA ALA B 1070 -12.88 -13.46 -68.73
C ALA B 1070 -13.40 -13.46 -70.16
N GLN B 1071 -13.29 -12.28 -70.79
CA GLN B 1071 -13.71 -12.06 -72.17
C GLN B 1071 -15.19 -12.40 -72.35
N GLU B 1072 -15.99 -11.61 -71.66
CA GLU B 1072 -17.42 -11.76 -71.54
C GLU B 1072 -18.10 -11.42 -72.86
N LYS B 1073 -19.34 -11.88 -73.03
CA LYS B 1073 -20.01 -11.56 -74.28
C LYS B 1073 -21.53 -11.55 -74.11
N ASN B 1074 -22.10 -10.46 -74.59
CA ASN B 1074 -23.48 -10.21 -75.02
C ASN B 1074 -24.13 -11.40 -75.73
N PHE B 1075 -25.27 -11.83 -75.19
CA PHE B 1075 -26.15 -12.81 -75.82
C PHE B 1075 -27.59 -12.56 -75.38
N THR B 1076 -28.51 -13.24 -76.05
CA THR B 1076 -29.94 -13.14 -75.79
C THR B 1076 -30.45 -14.51 -75.38
N THR B 1077 -31.22 -14.57 -74.31
CA THR B 1077 -31.65 -15.84 -73.73
C THR B 1077 -33.15 -16.05 -73.86
N ALA B 1078 -33.61 -17.12 -73.23
CA ALA B 1078 -34.98 -17.59 -73.22
C ALA B 1078 -35.12 -18.64 -72.14
N PRO B 1079 -36.17 -18.58 -71.32
CA PRO B 1079 -36.38 -19.66 -70.34
C PRO B 1079 -36.57 -21.03 -70.97
N ALA B 1080 -37.18 -21.12 -72.15
CA ALA B 1080 -37.51 -22.42 -72.72
C ALA B 1080 -37.70 -22.28 -74.22
N ILE B 1081 -37.84 -23.43 -74.87
CA ILE B 1081 -38.03 -23.52 -76.31
C ILE B 1081 -39.36 -24.22 -76.55
N CYS B 1082 -40.23 -23.61 -77.35
CA CYS B 1082 -41.48 -24.25 -77.72
C CYS B 1082 -41.29 -24.99 -79.02
N HIS B 1083 -41.40 -26.31 -78.98
CA HIS B 1083 -41.40 -27.12 -80.18
C HIS B 1083 -42.49 -28.17 -80.10
N ASP B 1084 -43.31 -28.24 -81.15
CA ASP B 1084 -44.40 -29.21 -81.23
C ASP B 1084 -45.35 -29.07 -80.05
N GLY B 1085 -45.57 -27.83 -79.62
CA GLY B 1085 -46.45 -27.61 -78.49
C GLY B 1085 -45.90 -28.04 -77.16
N LYS B 1086 -44.62 -28.39 -77.09
CA LYS B 1086 -43.97 -28.81 -75.86
C LYS B 1086 -42.91 -27.81 -75.45
N ALA B 1087 -42.74 -27.66 -74.15
CA ALA B 1087 -41.76 -26.74 -73.59
C ALA B 1087 -40.49 -27.51 -73.25
N HIS B 1088 -39.38 -27.05 -73.79
CA HIS B 1088 -38.07 -27.67 -73.60
C HIS B 1088 -37.19 -26.78 -72.75
N PHE B 1089 -36.55 -27.35 -71.74
CA PHE B 1089 -35.64 -26.66 -70.86
C PHE B 1089 -34.27 -27.33 -70.92
N PRO B 1090 -33.19 -26.57 -70.78
CA PRO B 1090 -31.86 -27.18 -70.91
C PRO B 1090 -31.57 -28.13 -69.76
N ARG B 1091 -30.76 -29.14 -70.05
CA ARG B 1091 -30.33 -30.08 -69.03
C ARG B 1091 -29.29 -29.45 -68.11
N GLU B 1092 -28.15 -29.05 -68.67
CA GLU B 1092 -27.05 -28.50 -67.88
C GLU B 1092 -26.51 -27.20 -68.46
N GLY B 1093 -27.28 -26.48 -69.27
CA GLY B 1093 -26.79 -25.23 -69.80
C GLY B 1093 -27.77 -24.08 -69.78
N VAL B 1094 -27.73 -23.27 -70.83
CA VAL B 1094 -28.58 -22.10 -70.97
C VAL B 1094 -28.77 -21.84 -72.46
N PHE B 1095 -29.97 -21.40 -72.82
CA PHE B 1095 -30.29 -21.07 -74.20
C PHE B 1095 -29.72 -19.70 -74.54
N VAL B 1096 -28.98 -19.63 -75.64
CA VAL B 1096 -28.41 -18.38 -76.11
C VAL B 1096 -28.68 -18.25 -77.59
N SER B 1097 -28.55 -17.03 -78.09
CA SER B 1097 -28.70 -16.78 -79.52
C SER B 1097 -27.78 -15.64 -79.91
N ASN B 1098 -27.15 -15.76 -81.06
CA ASN B 1098 -26.32 -14.69 -81.57
C ASN B 1098 -27.13 -13.68 -82.38
N GLY B 1099 -28.45 -13.86 -82.44
CA GLY B 1099 -29.31 -12.97 -83.17
C GLY B 1099 -30.26 -13.71 -84.08
N THR B 1100 -29.82 -14.81 -84.65
CA THR B 1100 -30.67 -15.55 -85.57
C THR B 1100 -30.86 -17.00 -85.18
N HIS B 1101 -29.84 -17.66 -84.66
CA HIS B 1101 -29.90 -19.08 -84.34
C HIS B 1101 -29.81 -19.29 -82.83
N TRP B 1102 -30.50 -20.33 -82.35
CA TRP B 1102 -30.52 -20.65 -80.94
C TRP B 1102 -29.60 -21.83 -80.65
N PHE B 1103 -28.95 -21.80 -79.49
CA PHE B 1103 -27.98 -22.80 -79.07
C PHE B 1103 -28.14 -23.06 -77.58
N VAL B 1104 -27.56 -24.16 -77.13
CA VAL B 1104 -27.43 -24.48 -75.71
C VAL B 1104 -25.95 -24.41 -75.37
N THR B 1105 -25.61 -23.66 -74.33
CA THR B 1105 -24.22 -23.55 -73.92
C THR B 1105 -24.09 -23.71 -72.41
N GLN B 1106 -22.94 -24.18 -71.97
CA GLN B 1106 -22.71 -24.24 -70.53
C GLN B 1106 -22.58 -22.84 -69.97
N ARG B 1107 -22.83 -22.73 -68.67
CA ARG B 1107 -23.01 -21.42 -68.05
C ARG B 1107 -21.70 -20.65 -67.97
N ASN B 1108 -20.60 -21.33 -67.69
CA ASN B 1108 -19.34 -20.66 -67.39
C ASN B 1108 -18.38 -20.60 -68.57
N PHE B 1109 -18.81 -20.97 -69.76
CA PHE B 1109 -17.91 -20.98 -70.91
C PHE B 1109 -18.76 -21.06 -72.16
N TYR B 1110 -18.44 -20.21 -73.13
CA TYR B 1110 -19.25 -20.14 -74.34
C TYR B 1110 -18.83 -21.26 -75.28
N GLU B 1111 -19.58 -22.36 -75.27
CA GLU B 1111 -19.42 -23.47 -76.20
C GLU B 1111 -20.78 -23.76 -76.78
N PRO B 1112 -21.16 -23.07 -77.85
CA PRO B 1112 -22.52 -23.25 -78.39
C PRO B 1112 -22.73 -24.63 -78.98
N GLN B 1113 -23.95 -25.14 -78.84
CA GLN B 1113 -24.32 -26.45 -79.36
C GLN B 1113 -25.73 -26.41 -79.90
N ILE B 1114 -25.98 -27.24 -80.92
CA ILE B 1114 -27.30 -27.31 -81.51
C ILE B 1114 -28.28 -27.89 -80.51
N ILE B 1115 -29.47 -27.30 -80.43
CA ILE B 1115 -30.48 -27.79 -79.51
C ILE B 1115 -31.00 -29.12 -80.00
N THR B 1116 -30.77 -30.16 -79.20
CA THR B 1116 -31.17 -31.51 -79.57
C THR B 1116 -31.98 -32.09 -78.42
N THR B 1117 -32.44 -33.32 -78.63
CA THR B 1117 -33.17 -34.02 -77.59
C THR B 1117 -32.26 -34.53 -76.48
N ASP B 1118 -30.97 -34.72 -76.76
CA ASP B 1118 -30.08 -35.24 -75.73
C ASP B 1118 -29.72 -34.19 -74.69
N ASN B 1119 -29.70 -32.91 -75.06
CA ASN B 1119 -29.31 -31.86 -74.14
C ASN B 1119 -30.49 -31.01 -73.69
N THR B 1120 -31.71 -31.49 -73.84
CA THR B 1120 -32.87 -30.71 -73.45
C THR B 1120 -33.98 -31.66 -73.04
N PHE B 1121 -34.77 -31.25 -72.03
CA PHE B 1121 -35.86 -32.09 -71.54
C PHE B 1121 -37.18 -31.34 -71.58
N VAL B 1122 -38.26 -32.08 -71.85
CA VAL B 1122 -39.59 -31.53 -72.05
C VAL B 1122 -40.33 -31.52 -70.73
N SER B 1123 -40.99 -30.42 -70.41
CA SER B 1123 -41.73 -30.30 -69.16
C SER B 1123 -43.05 -29.57 -69.35
N GLY B 1124 -43.85 -30.00 -70.33
CA GLY B 1124 -45.23 -29.59 -70.42
C GLY B 1124 -45.53 -28.81 -71.69
N ASN B 1125 -46.57 -27.99 -71.64
CA ASN B 1125 -47.04 -27.23 -72.78
C ASN B 1125 -46.36 -25.86 -72.81
N CYS B 1126 -46.69 -25.08 -73.85
CA CYS B 1126 -46.00 -23.84 -74.12
C CYS B 1126 -46.68 -22.60 -73.56
N ASP B 1127 -47.88 -22.70 -73.02
CA ASP B 1127 -48.63 -21.53 -72.60
C ASP B 1127 -48.57 -21.29 -71.09
N VAL B 1128 -47.56 -21.82 -70.41
CA VAL B 1128 -47.42 -21.60 -68.98
C VAL B 1128 -46.13 -20.85 -68.64
N VAL B 1129 -45.11 -20.90 -69.49
CA VAL B 1129 -43.81 -20.32 -69.21
C VAL B 1129 -43.74 -18.94 -69.85
N ILE B 1130 -43.30 -17.95 -69.08
CA ILE B 1130 -43.17 -16.58 -69.57
C ILE B 1130 -41.82 -16.45 -70.27
N GLY B 1131 -41.84 -16.00 -71.53
CA GLY B 1131 -40.64 -15.74 -72.27
C GLY B 1131 -40.16 -16.86 -73.15
N ILE B 1132 -40.99 -17.86 -73.40
CA ILE B 1132 -40.61 -19.01 -74.21
C ILE B 1132 -40.39 -18.56 -75.64
N VAL B 1133 -39.36 -19.11 -76.27
CA VAL B 1133 -39.08 -18.73 -77.64
C VAL B 1133 -39.24 -19.96 -78.51
N ASN B 1134 -39.16 -19.73 -79.80
CA ASN B 1134 -40.16 -20.23 -80.72
C ASN B 1134 -39.39 -21.01 -81.75
N ASN B 1135 -39.09 -22.27 -81.50
CA ASN B 1135 -37.93 -22.81 -82.20
C ASN B 1135 -38.10 -24.31 -82.43
N THR B 1136 -37.08 -24.92 -83.04
CA THR B 1136 -37.06 -26.35 -83.33
C THR B 1136 -35.99 -27.05 -82.52
N VAL B 1137 -36.28 -28.28 -82.13
CA VAL B 1137 -35.36 -29.13 -81.39
C VAL B 1137 -35.01 -30.32 -82.27
N TYR B 1138 -33.73 -30.47 -82.57
CA TYR B 1138 -33.30 -31.51 -83.49
C TYR B 1138 -33.34 -32.89 -82.83
N ASP B 1139 -33.85 -33.86 -83.58
CA ASP B 1139 -33.94 -35.23 -83.11
C ASP B 1139 -32.92 -36.08 -83.86
N PRO B 1140 -31.93 -36.66 -83.20
CA PRO B 1140 -30.90 -37.44 -83.89
C PRO B 1140 -31.32 -38.87 -84.21
N LEU B 1141 -32.53 -39.01 -84.71
CA LEU B 1141 -33.07 -40.32 -85.07
C LEU B 1141 -33.60 -40.38 -86.49
N GLN B 1142 -34.16 -39.28 -87.00
CA GLN B 1142 -34.67 -39.28 -88.37
C GLN B 1142 -33.61 -39.60 -89.41
N PRO B 1143 -32.40 -39.02 -89.37
CA PRO B 1143 -31.39 -39.41 -90.38
C PRO B 1143 -31.04 -40.89 -90.34
N GLU B 1144 -31.03 -41.49 -89.14
CA GLU B 1144 -30.68 -42.90 -89.04
C GLU B 1144 -31.73 -43.79 -89.68
N LEU B 1145 -33.00 -43.38 -89.59
CA LEU B 1145 -34.07 -44.19 -90.18
C LEU B 1145 -33.94 -44.26 -91.71
N ASP B 1146 -33.60 -43.14 -92.34
CA ASP B 1146 -33.48 -43.09 -93.79
C ASP B 1146 -32.09 -43.48 -94.25
N GLN C 14 -45.53 30.85 34.79
CA GLN C 14 -45.67 29.55 35.42
C GLN C 14 -46.73 28.70 34.72
N CYS C 15 -46.49 27.40 34.67
CA CYS C 15 -47.39 26.46 34.01
C CYS C 15 -48.05 25.56 35.03
N VAL C 16 -49.29 25.18 34.77
CA VAL C 16 -50.09 24.36 35.67
C VAL C 16 -50.46 23.07 34.96
N ASN C 17 -50.40 21.95 35.67
CA ASN C 17 -50.81 20.67 35.10
C ASN C 17 -52.27 20.72 34.68
N LEU C 18 -52.56 20.16 33.51
CA LEU C 18 -53.93 20.12 32.99
C LEU C 18 -54.54 18.76 33.31
N THR C 19 -55.64 18.77 34.06
CA THR C 19 -56.33 17.55 34.45
C THR C 19 -57.43 17.23 33.43
N THR C 20 -58.31 16.30 33.80
CA THR C 20 -59.45 15.88 32.97
C THR C 20 -58.95 15.36 31.62
N ARG C 21 -58.23 14.24 31.68
CA ARG C 21 -57.67 13.59 30.50
C ARG C 21 -57.82 12.09 30.66
N THR C 22 -58.72 11.49 29.88
CA THR C 22 -58.94 10.06 29.94
C THR C 22 -57.90 9.33 29.09
N GLN C 23 -57.37 8.23 29.62
CA GLN C 23 -56.34 7.47 28.94
C GLN C 23 -56.99 6.52 27.92
N LEU C 24 -56.46 6.54 26.70
CA LEU C 24 -56.92 5.68 25.62
C LEU C 24 -55.74 4.97 25.00
N PRO C 25 -55.97 3.79 24.41
CA PRO C 25 -54.86 3.05 23.81
C PRO C 25 -54.28 3.81 22.64
N PRO C 26 -52.99 3.67 22.37
CA PRO C 26 -52.38 4.34 21.23
C PRO C 26 -52.94 3.83 19.91
N ALA C 27 -52.99 4.73 18.94
CA ALA C 27 -53.54 4.43 17.62
C ALA C 27 -52.44 4.49 16.58
N TYR C 28 -52.51 3.62 15.58
CA TYR C 28 -51.52 3.53 14.53
C TYR C 28 -52.19 3.63 13.17
N THR C 29 -51.54 4.34 12.24
CA THR C 29 -52.00 4.39 10.86
C THR C 29 -50.83 4.03 9.96
N ASN C 30 -51.07 4.01 8.65
CA ASN C 30 -50.06 3.56 7.70
C ASN C 30 -49.63 4.73 6.81
N SER C 31 -48.33 4.84 6.59
CA SER C 31 -47.75 5.90 5.77
C SER C 31 -47.59 5.40 4.33
N PHE C 32 -48.47 5.84 3.45
CA PHE C 32 -48.55 5.33 2.09
C PHE C 32 -47.60 6.13 1.20
N THR C 33 -46.36 5.62 1.07
CA THR C 33 -45.33 6.24 0.25
C THR C 33 -45.16 7.72 0.61
N ARG C 34 -44.83 7.97 1.86
CA ARG C 34 -44.73 9.32 2.38
C ARG C 34 -43.48 9.44 3.24
N GLY C 35 -42.98 10.66 3.36
CA GLY C 35 -41.81 10.93 4.16
C GLY C 35 -40.51 10.97 3.39
N VAL C 36 -40.56 11.09 2.07
CA VAL C 36 -39.36 11.15 1.25
C VAL C 36 -38.95 12.60 1.09
N TYR C 37 -37.67 12.87 1.21
CA TYR C 37 -37.14 14.22 1.10
C TYR C 37 -35.93 14.24 0.20
N TYR C 38 -35.49 15.45 -0.13
CA TYR C 38 -34.27 15.62 -0.89
C TYR C 38 -33.09 15.45 0.05
N PRO C 39 -32.21 14.48 -0.19
CA PRO C 39 -31.12 14.22 0.76
C PRO C 39 -29.93 15.14 0.61
N ASP C 40 -29.78 15.81 -0.53
CA ASP C 40 -28.64 16.66 -0.80
C ASP C 40 -29.08 17.90 -1.57
N LYS C 41 -28.13 18.80 -1.79
CA LYS C 41 -28.36 20.04 -2.51
C LYS C 41 -27.98 19.92 -3.97
N VAL C 42 -28.13 18.74 -4.55
CA VAL C 42 -27.68 18.45 -5.92
C VAL C 42 -28.90 18.36 -6.82
N PHE C 43 -28.84 19.09 -7.93
CA PHE C 43 -29.85 18.99 -8.97
C PHE C 43 -29.59 17.75 -9.81
N ARG C 44 -30.65 17.03 -10.11
CA ARG C 44 -30.54 15.85 -10.97
C ARG C 44 -31.74 15.83 -11.90
N SER C 45 -31.48 15.54 -13.18
CA SER C 45 -32.48 15.67 -14.22
C SER C 45 -32.61 14.37 -14.96
N SER C 46 -33.82 13.81 -14.98
CA SER C 46 -34.13 12.60 -15.75
C SER C 46 -33.20 11.45 -15.37
N VAL C 47 -33.01 11.24 -14.07
CA VAL C 47 -32.11 10.20 -13.59
C VAL C 47 -32.78 9.45 -12.44
N LEU C 48 -32.40 8.19 -12.28
CA LEU C 48 -32.82 7.35 -11.17
C LEU C 48 -31.62 7.20 -10.24
N HIS C 49 -31.71 7.80 -9.06
CA HIS C 49 -30.58 7.89 -8.14
C HIS C 49 -30.85 7.09 -6.88
N SER C 50 -29.90 6.23 -6.51
CA SER C 50 -30.02 5.39 -5.33
C SER C 50 -29.24 6.02 -4.20
N THR C 51 -29.91 6.33 -3.11
CA THR C 51 -29.30 7.00 -1.98
C THR C 51 -29.55 6.21 -0.71
N GLN C 52 -28.52 6.10 0.12
CA GLN C 52 -28.59 5.37 1.37
C GLN C 52 -28.57 6.38 2.50
N ASP C 53 -29.68 6.50 3.22
CA ASP C 53 -29.76 7.49 4.29
C ASP C 53 -30.86 7.09 5.26
N LEU C 54 -31.11 7.95 6.24
CA LEU C 54 -32.14 7.73 7.24
C LEU C 54 -33.47 8.15 6.66
N PHE C 55 -34.35 7.19 6.38
CA PHE C 55 -35.65 7.49 5.81
C PHE C 55 -36.75 6.86 6.64
N LEU C 56 -37.97 7.28 6.35
CA LEU C 56 -39.16 6.65 6.91
C LEU C 56 -39.59 5.51 6.01
N PRO C 57 -39.60 4.27 6.49
CA PRO C 57 -39.91 3.15 5.61
C PRO C 57 -41.29 3.29 4.99
N PHE C 58 -41.40 2.89 3.73
CA PHE C 58 -42.68 2.90 3.04
C PHE C 58 -43.62 1.91 3.70
N PHE C 59 -44.90 2.25 3.71
CA PHE C 59 -45.94 1.39 4.29
C PHE C 59 -45.59 0.97 5.70
N SER C 60 -45.07 1.92 6.47
CA SER C 60 -44.78 1.73 7.88
C SER C 60 -45.92 2.29 8.71
N ASN C 61 -46.12 1.72 9.89
CA ASN C 61 -47.21 2.16 10.76
C ASN C 61 -46.66 3.17 11.77
N VAL C 62 -47.32 4.32 11.85
CA VAL C 62 -46.85 5.47 12.58
C VAL C 62 -47.90 5.84 13.61
N THR C 63 -47.44 6.41 14.73
CA THR C 63 -48.32 6.73 15.84
C THR C 63 -49.18 7.92 15.46
N TRP C 64 -50.45 7.88 15.86
CA TRP C 64 -51.41 8.91 15.54
C TRP C 64 -51.93 9.51 16.83
N PHE C 65 -51.90 10.84 16.92
CA PHE C 65 -52.43 11.56 18.07
C PHE C 65 -53.52 12.51 17.59
N HIS C 66 -54.64 12.49 18.30
CA HIS C 66 -55.80 13.30 17.97
C HIS C 66 -55.90 14.49 18.92
N ALA C 67 -56.69 15.47 18.50
CA ALA C 67 -57.08 16.58 19.37
C ALA C 67 -58.51 16.93 19.00
N ILE C 68 -59.47 16.42 19.79
CA ILE C 68 -60.89 16.57 19.51
C ILE C 68 -61.63 16.81 20.82
N HIS C 69 -62.61 17.71 20.77
CA HIS C 69 -63.42 17.98 21.96
C HIS C 69 -64.30 16.80 22.32
N VAL C 70 -64.84 16.11 21.31
CA VAL C 70 -65.80 15.00 21.44
C VAL C 70 -66.80 15.22 22.56
N THR C 76 -62.05 13.68 28.88
CA THR C 76 -61.23 13.21 27.78
C THR C 76 -60.56 14.36 27.06
N LYS C 77 -61.21 14.85 26.00
CA LYS C 77 -60.78 15.99 25.20
C LYS C 77 -59.55 15.66 24.36
N ARG C 78 -58.99 14.46 24.57
CA ARG C 78 -57.83 13.96 23.83
C ARG C 78 -56.73 15.02 23.70
N PHE C 79 -56.21 15.42 24.86
CA PHE C 79 -55.09 16.35 24.92
C PHE C 79 -53.83 15.54 25.20
N ASP C 80 -53.35 14.85 24.17
CA ASP C 80 -52.22 13.94 24.27
C ASP C 80 -50.99 14.60 23.68
N ASN C 81 -49.99 14.84 24.52
CA ASN C 81 -48.72 15.43 24.10
C ASN C 81 -47.57 14.66 24.77
N PRO C 82 -47.36 13.41 24.40
CA PRO C 82 -46.33 12.62 25.08
C PRO C 82 -44.94 13.16 24.81
N VAL C 83 -44.00 12.69 25.62
CA VAL C 83 -42.59 12.98 25.44
C VAL C 83 -42.02 11.81 24.65
N LEU C 84 -41.90 11.98 23.33
CA LEU C 84 -41.61 10.80 22.53
C LEU C 84 -40.10 10.63 22.35
N PRO C 85 -39.64 9.39 22.23
CA PRO C 85 -38.22 9.17 21.96
C PRO C 85 -37.80 9.76 20.63
N PHE C 86 -36.54 10.18 20.57
CA PHE C 86 -35.89 10.73 19.37
C PHE C 86 -34.65 9.89 19.13
N ASN C 87 -34.82 8.76 18.44
CA ASN C 87 -33.72 7.81 18.30
C ASN C 87 -32.73 8.26 17.24
N ASP C 88 -33.19 8.40 15.99
CA ASP C 88 -32.32 8.81 14.91
C ASP C 88 -32.92 9.88 14.02
N GLY C 89 -34.23 10.13 14.10
CA GLY C 89 -34.87 11.12 13.29
C GLY C 89 -36.37 10.94 13.41
N VAL C 90 -37.15 11.97 13.11
CA VAL C 90 -38.58 11.92 13.35
C VAL C 90 -39.32 12.54 12.17
N TYR C 91 -40.30 11.83 11.66
CA TYR C 91 -41.24 12.40 10.70
C TYR C 91 -42.49 12.85 11.44
N PHE C 92 -42.91 14.08 11.20
CA PHE C 92 -43.98 14.70 11.96
C PHE C 92 -44.97 15.29 10.97
N ALA C 93 -46.13 14.68 10.84
CA ALA C 93 -47.16 15.20 9.96
C ALA C 93 -48.27 15.82 10.78
N SER C 94 -48.97 16.77 10.17
CA SER C 94 -50.04 17.48 10.87
C SER C 94 -51.13 17.85 9.88
N THR C 95 -52.31 17.29 10.07
CA THR C 95 -53.49 17.66 9.31
C THR C 95 -54.31 18.57 10.20
N GLU C 96 -54.48 19.82 9.76
CA GLU C 96 -55.13 20.84 10.57
C GLU C 96 -55.93 21.77 9.68
N LYS C 97 -56.84 22.51 10.33
CA LYS C 97 -57.63 23.54 9.68
C LYS C 97 -57.68 24.84 10.46
N SER C 98 -57.24 24.84 11.72
CA SER C 98 -57.31 26.04 12.54
C SER C 98 -56.03 26.28 13.34
N ASN C 99 -54.92 25.64 12.97
CA ASN C 99 -53.61 25.89 13.57
C ASN C 99 -53.62 25.63 15.07
N ILE C 100 -53.86 24.37 15.43
CA ILE C 100 -53.87 23.99 16.84
C ILE C 100 -52.46 23.81 17.37
N ILE C 101 -51.65 23.00 16.68
CA ILE C 101 -50.29 22.72 17.13
C ILE C 101 -49.32 23.68 16.45
N ARG C 102 -48.33 24.15 17.20
CA ARG C 102 -47.41 25.13 16.66
C ARG C 102 -45.93 24.82 16.82
N GLY C 103 -45.53 24.20 17.91
CA GLY C 103 -44.15 24.25 18.34
C GLY C 103 -43.58 22.89 18.66
N TRP C 104 -42.31 22.91 19.02
CA TRP C 104 -41.56 21.70 19.35
C TRP C 104 -40.55 22.02 20.44
N ILE C 105 -40.34 21.04 21.31
CA ILE C 105 -39.35 21.09 22.36
C ILE C 105 -38.49 19.85 22.25
N PHE C 106 -37.18 20.03 22.15
CA PHE C 106 -36.25 18.93 21.97
C PHE C 106 -35.20 18.97 23.06
N GLY C 107 -34.58 17.83 23.31
CA GLY C 107 -33.49 17.78 24.27
C GLY C 107 -33.17 16.34 24.63
N THR C 108 -32.39 16.23 25.70
CA THR C 108 -32.01 14.93 26.25
C THR C 108 -32.63 14.68 27.61
N THR C 109 -32.54 15.65 28.52
CA THR C 109 -33.15 15.53 29.84
C THR C 109 -34.38 16.42 30.00
N LEU C 110 -34.39 17.60 29.38
CA LEU C 110 -35.50 18.53 29.44
C LEU C 110 -35.81 18.96 30.88
N ASP C 111 -34.78 18.99 31.73
CA ASP C 111 -34.93 19.35 33.13
C ASP C 111 -33.82 20.31 33.55
N SER C 112 -33.47 21.25 32.68
CA SER C 112 -32.48 22.28 32.97
C SER C 112 -31.11 21.68 33.29
N LYS C 113 -30.84 20.48 32.78
CA LYS C 113 -29.55 19.84 32.98
C LYS C 113 -28.73 19.72 31.70
N THR C 114 -29.33 19.99 30.53
CA THR C 114 -28.60 19.95 29.28
C THR C 114 -29.29 20.89 28.30
N GLN C 115 -28.57 21.21 27.22
CA GLN C 115 -29.09 22.10 26.20
C GLN C 115 -30.37 21.54 25.60
N SER C 116 -31.39 22.37 25.51
CA SER C 116 -32.69 21.97 25.00
C SER C 116 -33.13 22.93 23.91
N LEU C 117 -33.56 22.39 22.78
CA LEU C 117 -33.98 23.20 21.64
C LEU C 117 -35.45 23.55 21.78
N LEU C 118 -35.81 24.71 21.26
CA LEU C 118 -37.16 25.24 21.35
C LEU C 118 -37.52 25.94 20.05
N ILE C 119 -38.58 25.46 19.39
CA ILE C 119 -39.10 26.08 18.19
C ILE C 119 -40.53 26.48 18.49
N VAL C 120 -40.83 27.77 18.39
CA VAL C 120 -42.16 28.27 18.71
C VAL C 120 -42.66 29.19 17.61
N ASN C 121 -43.93 29.04 17.26
CA ASN C 121 -44.62 29.92 16.33
C ASN C 121 -45.95 30.28 16.97
N ASN C 122 -45.96 31.30 17.83
CA ASN C 122 -47.19 31.61 18.54
C ASN C 122 -48.09 32.54 17.73
N ALA C 123 -47.62 33.75 17.45
CA ALA C 123 -48.50 34.63 16.70
C ALA C 123 -47.86 35.27 15.47
N THR C 124 -46.60 35.69 15.57
CA THR C 124 -46.00 36.52 14.54
C THR C 124 -44.78 35.88 13.89
N ASN C 125 -43.84 35.39 14.67
CA ASN C 125 -42.57 34.90 14.16
C ASN C 125 -42.33 33.46 14.63
N VAL C 126 -41.20 32.91 14.21
CA VAL C 126 -40.74 31.61 14.68
C VAL C 126 -39.45 31.84 15.45
N VAL C 127 -39.40 31.32 16.66
CA VAL C 127 -38.26 31.49 17.56
C VAL C 127 -37.59 30.15 17.71
N ILE C 128 -36.30 30.10 17.44
CA ILE C 128 -35.49 28.91 17.57
C ILE C 128 -34.42 29.25 18.59
N LYS C 129 -34.52 28.65 19.77
CA LYS C 129 -33.58 28.95 20.85
C LYS C 129 -33.07 27.67 21.47
N VAL C 130 -31.77 27.61 21.70
CA VAL C 130 -31.15 26.45 22.35
C VAL C 130 -30.58 26.90 23.70
N CYS C 131 -31.16 26.38 24.78
CA CYS C 131 -30.66 26.55 26.14
C CYS C 131 -31.53 25.74 27.09
N GLU C 132 -31.17 25.78 28.37
CA GLU C 132 -31.83 25.00 29.40
C GLU C 132 -33.09 25.72 29.87
N PHE C 133 -34.19 24.97 29.95
CA PHE C 133 -35.46 25.48 30.43
C PHE C 133 -36.00 24.56 31.51
N GLN C 134 -36.85 25.12 32.37
CA GLN C 134 -37.52 24.32 33.41
C GLN C 134 -38.89 23.88 32.88
N PHE C 135 -38.83 22.93 31.94
CA PHE C 135 -40.04 22.42 31.32
C PHE C 135 -40.87 21.63 32.34
N CYS C 136 -42.19 21.77 32.26
CA CYS C 136 -43.11 21.06 33.13
C CYS C 136 -43.80 19.94 32.35
N ASN C 137 -44.74 19.26 33.02
CA ASN C 137 -45.41 18.12 32.43
C ASN C 137 -46.32 18.51 31.28
N ASP C 138 -47.00 19.66 31.38
CA ASP C 138 -47.97 20.10 30.38
C ASP C 138 -47.66 21.52 29.94
N PRO C 139 -46.68 21.70 29.05
CA PRO C 139 -46.42 23.02 28.46
C PRO C 139 -47.30 23.23 27.23
N PHE C 140 -48.07 24.33 27.24
CA PHE C 140 -49.04 24.57 26.19
C PHE C 140 -49.14 26.06 25.87
N LEU C 141 -50.10 26.36 24.99
CA LEU C 141 -50.41 27.72 24.59
C LEU C 141 -51.93 27.88 24.64
N GLY C 142 -52.37 29.13 24.76
CA GLY C 142 -53.80 29.40 24.83
C GLY C 142 -54.23 30.63 24.06
N VAL C 143 -55.27 30.49 23.23
CA VAL C 143 -55.83 31.59 22.46
C VAL C 143 -57.25 31.84 22.92
N TYR C 144 -57.53 33.05 23.36
CA TYR C 144 -58.86 33.41 23.86
C TYR C 144 -59.81 33.67 22.70
N TYR C 145 -61.10 33.64 23.01
CA TYR C 145 -62.14 33.92 22.02
C TYR C 145 -63.27 34.73 22.65
N TRP C 152 -59.94 36.75 17.74
CA TRP C 152 -59.06 35.76 18.33
C TRP C 152 -57.65 36.31 18.54
N MET C 153 -57.26 36.49 19.80
CA MET C 153 -55.91 36.94 20.14
C MET C 153 -55.28 35.96 21.12
N GLU C 154 -54.00 35.66 20.90
CA GLU C 154 -53.28 34.75 21.77
C GLU C 154 -53.13 35.38 23.16
N SER C 155 -53.38 34.59 24.20
CA SER C 155 -53.34 35.08 25.57
C SER C 155 -52.32 34.35 26.43
N GLU C 156 -52.28 33.03 26.37
CA GLU C 156 -51.49 32.22 27.29
C GLU C 156 -50.31 31.56 26.58
N PHE C 157 -49.21 31.43 27.32
CA PHE C 157 -47.97 30.81 26.83
C PHE C 157 -47.26 30.25 28.05
N ARG C 158 -47.40 28.94 28.29
CA ARG C 158 -46.84 28.31 29.47
C ARG C 158 -45.99 27.13 29.03
N VAL C 159 -44.72 27.41 28.73
CA VAL C 159 -43.77 26.41 28.26
C VAL C 159 -42.61 26.24 29.21
N TYR C 160 -41.96 27.34 29.59
CA TYR C 160 -40.79 27.29 30.45
C TYR C 160 -40.89 28.37 31.53
N SER C 161 -40.09 28.17 32.58
CA SER C 161 -40.01 29.13 33.68
C SER C 161 -38.70 29.89 33.69
N SER C 162 -37.66 29.40 33.02
CA SER C 162 -36.37 30.09 33.03
C SER C 162 -35.63 29.79 31.74
N ALA C 163 -34.70 30.68 31.40
CA ALA C 163 -33.86 30.54 30.22
C ALA C 163 -32.56 31.28 30.52
N ASN C 164 -31.49 30.53 30.82
CA ASN C 164 -30.33 31.10 31.48
C ASN C 164 -29.16 31.35 30.52
N ASN C 165 -28.70 30.31 29.83
CA ASN C 165 -27.45 30.35 29.07
C ASN C 165 -27.74 29.88 27.65
N CYS C 166 -28.18 30.80 26.80
CA CYS C 166 -28.70 30.47 25.49
C CYS C 166 -27.70 30.81 24.40
N THR C 167 -27.50 29.87 23.48
CA THR C 167 -26.47 29.96 22.46
C THR C 167 -27.01 30.49 21.14
N PHE C 168 -28.00 29.82 20.57
CA PHE C 168 -28.56 30.20 19.29
C PHE C 168 -29.92 30.84 19.50
N GLU C 169 -30.23 31.83 18.68
CA GLU C 169 -31.55 32.43 18.68
C GLU C 169 -31.83 32.98 17.29
N TYR C 170 -33.07 32.89 16.87
CA TYR C 170 -33.45 33.33 15.54
C TYR C 170 -34.89 33.80 15.55
N VAL C 171 -35.22 34.70 14.62
CA VAL C 171 -36.55 35.21 14.41
C VAL C 171 -36.81 35.28 12.92
N SER C 172 -38.05 35.08 12.50
CA SER C 172 -38.44 35.30 11.12
C SER C 172 -39.36 36.51 11.02
N GLN C 173 -39.83 36.78 9.80
CA GLN C 173 -40.66 37.96 9.52
C GLN C 173 -42.05 37.81 10.14
N PRO C 174 -42.65 38.89 10.60
CA PRO C 174 -43.98 38.81 11.22
C PRO C 174 -45.08 38.53 10.19
N PHE C 175 -46.16 37.93 10.68
CA PHE C 175 -47.33 37.63 9.86
C PHE C 175 -48.53 37.48 10.79
N LEU C 176 -49.66 37.07 10.21
CA LEU C 176 -50.85 36.81 10.99
C LEU C 176 -51.82 35.93 10.20
N PHE C 186 -60.20 18.52 7.36
CA PHE C 186 -59.11 19.48 7.44
C PHE C 186 -58.67 19.91 6.05
N LYS C 187 -58.01 21.06 5.96
CA LYS C 187 -57.65 21.64 4.68
C LYS C 187 -56.16 21.90 4.51
N ASN C 188 -55.36 21.73 5.56
CA ASN C 188 -53.93 21.96 5.46
C ASN C 188 -53.18 20.71 5.92
N LEU C 189 -52.20 20.29 5.13
CA LEU C 189 -51.37 19.14 5.46
C LEU C 189 -49.92 19.60 5.50
N ARG C 190 -49.32 19.57 6.69
CA ARG C 190 -47.93 19.94 6.89
C ARG C 190 -47.13 18.67 7.14
N GLU C 191 -45.97 18.58 6.49
CA GLU C 191 -45.06 17.46 6.69
C GLU C 191 -43.70 18.01 7.09
N PHE C 192 -43.14 17.45 8.16
CA PHE C 192 -41.81 17.82 8.63
C PHE C 192 -40.96 16.58 8.83
N VAL C 193 -39.66 16.75 8.62
CA VAL C 193 -38.68 15.75 8.98
C VAL C 193 -37.60 16.44 9.80
N PHE C 194 -37.35 15.90 10.99
CA PHE C 194 -36.33 16.39 11.90
C PHE C 194 -35.21 15.36 11.91
N LYS C 195 -33.99 15.83 11.80
CA LYS C 195 -32.81 14.98 11.80
C LYS C 195 -31.72 15.67 12.60
N ASN C 196 -30.78 14.89 13.11
CA ASN C 196 -29.66 15.45 13.86
C ASN C 196 -28.45 14.58 13.62
N ILE C 197 -27.48 15.10 12.88
CA ILE C 197 -26.34 14.30 12.44
C ILE C 197 -25.14 15.21 12.19
N ASP C 198 -23.96 14.70 12.51
CA ASP C 198 -22.69 15.38 12.27
C ASP C 198 -22.64 16.75 12.95
N GLY C 199 -23.30 16.87 14.10
CA GLY C 199 -23.33 18.13 14.80
C GLY C 199 -24.26 19.16 14.23
N TYR C 200 -25.10 18.80 13.27
CA TYR C 200 -26.02 19.70 12.61
C TYR C 200 -27.45 19.22 12.86
N PHE C 201 -28.38 20.16 12.99
CA PHE C 201 -29.78 19.84 13.18
C PHE C 201 -30.55 20.26 11.93
N LYS C 202 -31.21 19.31 11.29
CA LYS C 202 -31.78 19.51 9.97
C LYS C 202 -33.29 19.41 10.01
N ILE C 203 -33.95 20.39 9.39
CA ILE C 203 -35.40 20.42 9.28
C ILE C 203 -35.78 20.52 7.82
N TYR C 204 -36.63 19.61 7.38
CA TYR C 204 -37.24 19.62 6.05
C TYR C 204 -38.74 19.75 6.22
N SER C 205 -39.41 20.37 5.25
CA SER C 205 -40.83 20.64 5.40
C SER C 205 -41.51 20.69 4.04
N LYS C 206 -42.83 20.56 4.07
CA LYS C 206 -43.69 20.65 2.89
C LYS C 206 -45.11 20.96 3.32
N HIS C 207 -45.83 21.69 2.47
CA HIS C 207 -47.23 22.02 2.70
C HIS C 207 -48.04 21.57 1.50
N THR C 208 -49.23 21.03 1.77
CA THR C 208 -50.04 20.47 0.71
C THR C 208 -51.52 20.66 1.02
N PRO C 209 -52.34 21.02 0.04
CA PRO C 209 -53.79 21.01 0.26
C PRO C 209 -54.30 19.60 0.48
N ILE C 210 -55.29 19.48 1.36
CA ILE C 210 -55.93 18.22 1.66
C ILE C 210 -57.43 18.42 1.70
N ASN C 211 -58.16 17.57 0.99
CA ASN C 211 -59.63 17.54 1.05
C ASN C 211 -60.04 16.08 1.25
N LEU C 212 -60.00 15.64 2.50
CA LEU C 212 -60.31 14.26 2.86
C LEU C 212 -60.31 14.18 4.38
N VAL C 213 -61.07 13.22 4.90
CA VAL C 213 -61.44 13.22 6.31
C VAL C 213 -60.23 12.97 7.20
N ARG C 214 -59.63 11.78 7.11
CA ARG C 214 -58.60 11.37 8.06
C ARG C 214 -57.62 10.43 7.37
N ASP C 215 -56.65 9.94 8.16
CA ASP C 215 -55.82 8.80 7.81
C ASP C 215 -54.83 9.09 6.68
N LEU C 216 -54.26 10.31 6.63
CA LEU C 216 -53.04 10.59 5.89
C LEU C 216 -53.14 10.14 4.43
N PRO C 217 -53.87 10.86 3.59
CA PRO C 217 -54.23 10.36 2.27
C PRO C 217 -53.01 10.02 1.41
N GLN C 218 -53.20 9.02 0.55
CA GLN C 218 -52.10 8.49 -0.25
C GLN C 218 -51.65 9.51 -1.31
N GLY C 219 -50.41 9.35 -1.73
CA GLY C 219 -49.82 10.24 -2.71
C GLY C 219 -48.32 10.29 -2.50
N PHE C 220 -47.66 11.10 -3.34
CA PHE C 220 -46.23 11.32 -3.20
C PHE C 220 -45.95 12.81 -3.24
N SER C 221 -45.10 13.27 -2.33
CA SER C 221 -44.68 14.66 -2.28
C SER C 221 -43.35 14.72 -1.55
N ALA C 222 -42.31 15.18 -2.23
CA ALA C 222 -40.99 15.24 -1.61
C ALA C 222 -40.90 16.47 -0.72
N LEU C 223 -40.00 16.41 0.27
CA LEU C 223 -39.84 17.46 1.25
C LEU C 223 -38.57 18.25 0.93
N GLU C 224 -38.70 19.54 0.72
CA GLU C 224 -37.56 20.39 0.42
C GLU C 224 -36.91 20.86 1.71
N PRO C 225 -35.58 20.96 1.73
CA PRO C 225 -34.90 21.33 2.97
C PRO C 225 -35.25 22.74 3.41
N LEU C 226 -35.25 22.94 4.72
CA LEU C 226 -35.75 24.18 5.30
C LEU C 226 -34.73 24.89 6.17
N VAL C 227 -33.99 24.15 7.01
CA VAL C 227 -32.96 24.80 7.82
C VAL C 227 -31.96 23.75 8.29
N ASP C 228 -30.72 24.19 8.51
CA ASP C 228 -29.63 23.33 8.98
C ASP C 228 -28.87 24.16 10.01
N LEU C 229 -29.18 23.92 11.27
CA LEU C 229 -28.66 24.71 12.39
C LEU C 229 -27.40 24.07 12.94
N PRO C 230 -26.33 24.84 13.15
CA PRO C 230 -25.09 24.30 13.71
C PRO C 230 -25.08 24.23 15.23
N ILE C 231 -26.06 23.51 15.79
CA ILE C 231 -26.24 23.49 17.23
C ILE C 231 -25.21 22.59 17.89
N GLY C 232 -25.04 21.38 17.38
CA GLY C 232 -24.06 20.46 17.95
C GLY C 232 -24.36 19.96 19.34
N ILE C 233 -25.60 19.61 19.63
CA ILE C 233 -26.00 19.06 20.92
C ILE C 233 -26.65 17.71 20.69
N ASN C 234 -26.85 16.98 21.78
CA ASN C 234 -27.51 15.67 21.75
C ASN C 234 -28.99 15.84 22.04
N ILE C 235 -29.83 15.44 21.10
CA ILE C 235 -31.27 15.46 21.25
C ILE C 235 -31.75 14.02 21.19
N THR C 236 -32.22 13.50 22.33
CA THR C 236 -32.63 12.12 22.43
C THR C 236 -34.07 11.95 22.89
N ARG C 237 -34.86 13.02 22.90
CA ARG C 237 -36.19 12.96 23.50
C ARG C 237 -36.89 14.28 23.18
N PHE C 238 -38.09 14.20 22.64
CA PHE C 238 -38.74 15.42 22.18
C PHE C 238 -40.20 15.44 22.56
N GLN C 239 -40.79 16.62 22.51
CA GLN C 239 -42.18 16.86 22.86
C GLN C 239 -42.85 17.63 21.74
N THR C 240 -44.10 18.02 21.94
CA THR C 240 -44.82 18.86 21.00
C THR C 240 -45.64 19.90 21.76
N LEU C 241 -45.94 21.00 21.08
CA LEU C 241 -46.66 22.13 21.66
C LEU C 241 -47.84 22.51 20.79
N LEU C 242 -48.98 22.77 21.43
CA LEU C 242 -50.18 23.16 20.72
C LEU C 242 -50.87 24.27 21.50
N ALA C 243 -51.74 25.00 20.82
CA ALA C 243 -52.52 26.08 21.43
C ALA C 243 -53.94 25.60 21.64
N LEU C 244 -54.44 25.75 22.87
CA LEU C 244 -55.80 25.35 23.19
C LEU C 244 -56.73 26.57 23.07
N HIS C 245 -58.03 26.29 22.98
CA HIS C 245 -59.04 27.31 22.77
C HIS C 245 -59.83 27.52 24.05
N ARG C 246 -60.03 28.79 24.41
CA ARG C 246 -60.71 29.15 25.64
C ARG C 246 -61.79 30.19 25.34
N SER C 247 -62.96 30.01 25.94
CA SER C 247 -64.09 30.91 25.73
C SER C 247 -64.81 31.20 27.05
N GLY C 252 -65.01 27.24 32.07
CA GLY C 252 -64.97 27.51 33.49
C GLY C 252 -63.60 27.91 34.00
N ASP C 253 -63.03 27.11 34.88
CA ASP C 253 -61.72 27.39 35.43
C ASP C 253 -60.63 27.17 34.38
N SER C 254 -59.44 27.70 34.68
CA SER C 254 -58.32 27.58 33.74
C SER C 254 -57.93 26.13 33.52
N SER C 255 -57.92 25.34 34.59
CA SER C 255 -57.58 23.92 34.49
C SER C 255 -58.77 23.05 34.10
N SER C 256 -59.94 23.64 33.90
CA SER C 256 -61.13 22.89 33.52
C SER C 256 -61.78 23.39 32.24
N GLY C 257 -61.70 24.70 31.97
CA GLY C 257 -62.34 25.25 30.79
C GLY C 257 -61.39 25.51 29.64
N TRP C 258 -61.40 24.62 28.65
CA TRP C 258 -60.58 24.79 27.46
C TRP C 258 -61.18 23.95 26.33
N THR C 259 -60.80 24.30 25.11
CA THR C 259 -61.18 23.53 23.93
C THR C 259 -59.90 23.15 23.19
N ALA C 260 -59.69 21.84 23.01
CA ALA C 260 -58.48 21.38 22.32
C ALA C 260 -58.45 21.84 20.87
N GLY C 261 -59.60 21.78 20.19
CA GLY C 261 -59.65 22.12 18.78
C GLY C 261 -59.23 20.94 17.92
N ALA C 262 -60.03 20.66 16.88
CA ALA C 262 -59.81 19.47 16.07
C ALA C 262 -58.50 19.57 15.29
N ALA C 263 -57.61 18.59 15.48
CA ALA C 263 -56.38 18.51 14.71
C ALA C 263 -55.86 17.08 14.83
N ALA C 264 -54.98 16.70 13.90
CA ALA C 264 -54.38 15.38 13.99
C ALA C 264 -52.89 15.49 13.70
N TYR C 265 -52.07 14.86 14.52
CA TYR C 265 -50.64 14.85 14.24
C TYR C 265 -50.08 13.44 14.35
N TYR C 266 -49.28 13.08 13.35
CA TYR C 266 -48.71 11.76 13.18
C TYR C 266 -47.21 11.82 13.40
N VAL C 267 -46.69 10.83 14.10
CA VAL C 267 -45.27 10.74 14.38
C VAL C 267 -44.75 9.38 13.93
N GLY C 268 -43.68 9.39 13.15
CA GLY C 268 -42.98 8.18 12.78
C GLY C 268 -41.49 8.37 12.97
N TYR C 269 -40.76 7.26 12.93
CA TYR C 269 -39.32 7.33 13.08
C TYR C 269 -38.65 6.97 11.76
N LEU C 270 -37.38 7.34 11.66
CA LEU C 270 -36.56 7.07 10.49
C LEU C 270 -35.47 6.10 10.87
N GLN C 271 -35.22 5.11 10.02
CA GLN C 271 -34.02 4.31 10.23
C GLN C 271 -33.26 4.23 8.91
N PRO C 272 -32.01 3.75 8.94
CA PRO C 272 -31.23 3.73 7.70
C PRO C 272 -31.73 2.74 6.66
N ARG C 273 -32.17 3.25 5.51
CA ARG C 273 -32.39 2.40 4.34
C ARG C 273 -31.91 3.07 3.07
N THR C 274 -31.90 2.27 2.01
CA THR C 274 -31.55 2.70 0.67
C THR C 274 -32.82 2.89 -0.13
N PHE C 275 -32.89 4.00 -0.86
CA PHE C 275 -34.05 4.35 -1.65
C PHE C 275 -33.61 4.60 -3.08
N LEU C 276 -34.55 4.45 -4.00
CA LEU C 276 -34.30 4.73 -5.41
C LEU C 276 -35.28 5.82 -5.84
N LEU C 277 -34.74 6.98 -6.21
CA LEU C 277 -35.50 8.20 -6.38
C LEU C 277 -35.51 8.60 -7.84
N LYS C 278 -36.67 8.95 -8.38
CA LYS C 278 -36.79 9.32 -9.78
C LYS C 278 -36.86 10.83 -9.87
N TYR C 279 -35.89 11.43 -10.54
CA TYR C 279 -35.82 12.87 -10.67
C TYR C 279 -36.42 13.31 -11.99
N ASN C 280 -37.29 14.31 -11.94
CA ASN C 280 -37.89 14.86 -13.14
C ASN C 280 -36.89 15.76 -13.86
N GLU C 281 -37.23 16.14 -15.10
CA GLU C 281 -36.39 17.11 -15.82
C GLU C 281 -36.45 18.49 -15.18
N ASN C 282 -37.55 18.84 -14.53
CA ASN C 282 -37.58 20.00 -13.65
C ASN C 282 -36.52 19.92 -12.56
N GLY C 283 -36.16 18.72 -12.12
CA GLY C 283 -35.26 18.53 -11.01
C GLY C 283 -35.91 18.07 -9.72
N THR C 284 -37.17 17.63 -9.78
CA THR C 284 -37.92 17.27 -8.59
C THR C 284 -38.07 15.76 -8.47
N ILE C 285 -38.26 15.30 -7.24
CA ILE C 285 -38.44 13.89 -6.94
C ILE C 285 -39.90 13.55 -7.17
N THR C 286 -40.15 12.56 -8.02
CA THR C 286 -41.51 12.17 -8.36
C THR C 286 -41.93 10.82 -7.81
N ASP C 287 -41.03 9.83 -7.80
CA ASP C 287 -41.33 8.50 -7.28
C ASP C 287 -40.12 7.97 -6.53
N ALA C 288 -40.36 6.96 -5.71
CA ALA C 288 -39.29 6.33 -4.93
C ALA C 288 -39.60 4.87 -4.69
N VAL C 289 -38.56 4.06 -4.63
CA VAL C 289 -38.63 2.63 -4.35
C VAL C 289 -37.85 2.36 -3.07
N ASP C 290 -38.44 1.60 -2.15
CA ASP C 290 -37.93 1.47 -0.80
C ASP C 290 -36.71 0.54 -0.74
N CYS C 291 -36.52 -0.32 -1.73
CA CYS C 291 -35.36 -1.19 -1.83
C CYS C 291 -35.33 -2.26 -0.75
N ALA C 292 -36.29 -2.27 0.17
CA ALA C 292 -36.26 -3.27 1.23
C ALA C 292 -37.63 -3.74 1.70
N LEU C 293 -38.73 -3.33 1.07
CA LEU C 293 -40.04 -3.76 1.55
C LEU C 293 -40.53 -5.01 0.82
N ASP C 294 -40.31 -5.08 -0.47
CA ASP C 294 -40.82 -6.13 -1.33
C ASP C 294 -39.65 -6.81 -2.05
N PRO C 295 -39.78 -8.07 -2.43
CA PRO C 295 -38.84 -8.62 -3.41
C PRO C 295 -38.79 -7.81 -4.71
N LEU C 296 -39.94 -7.36 -5.20
CA LEU C 296 -39.95 -6.62 -6.45
C LEU C 296 -39.29 -5.25 -6.29
N SER C 297 -39.51 -4.59 -5.16
CA SER C 297 -38.88 -3.31 -4.93
C SER C 297 -37.37 -3.45 -4.88
N GLU C 298 -36.88 -4.50 -4.23
CA GLU C 298 -35.46 -4.73 -4.16
C GLU C 298 -34.89 -5.10 -5.52
N THR C 299 -35.65 -5.83 -6.34
CA THR C 299 -35.23 -6.10 -7.72
C THR C 299 -35.11 -4.82 -8.53
N LYS C 300 -36.10 -3.94 -8.42
CA LYS C 300 -36.04 -2.65 -9.09
C LYS C 300 -34.81 -1.88 -8.64
N CYS C 301 -34.57 -1.87 -7.34
CA CYS C 301 -33.48 -1.06 -6.79
C CYS C 301 -32.13 -1.60 -7.24
N THR C 302 -32.01 -2.92 -7.37
CA THR C 302 -30.80 -3.52 -7.93
C THR C 302 -30.63 -3.18 -9.41
N LEU C 303 -31.69 -3.32 -10.20
CA LEU C 303 -31.61 -3.03 -11.63
C LEU C 303 -31.54 -1.53 -11.92
N LYS C 304 -31.77 -0.68 -10.93
CA LYS C 304 -31.81 0.77 -11.14
C LYS C 304 -32.85 1.15 -12.17
N SER C 305 -34.05 0.59 -12.04
CA SER C 305 -35.14 0.89 -12.95
C SER C 305 -36.46 0.62 -12.25
N PHE C 306 -37.47 1.42 -12.56
CA PHE C 306 -38.81 1.13 -12.04
C PHE C 306 -39.47 -0.02 -12.77
N THR C 307 -39.30 -0.10 -14.09
CA THR C 307 -39.88 -1.17 -14.88
C THR C 307 -38.87 -2.29 -15.04
N VAL C 308 -39.28 -3.50 -14.68
CA VAL C 308 -38.44 -4.68 -14.82
C VAL C 308 -39.12 -5.64 -15.78
N GLU C 309 -38.35 -6.19 -16.70
CA GLU C 309 -38.91 -7.07 -17.71
C GLU C 309 -38.88 -8.51 -17.22
N LYS C 310 -39.52 -9.38 -18.00
CA LYS C 310 -39.66 -10.78 -17.61
C LYS C 310 -38.29 -11.44 -17.51
N GLY C 311 -38.08 -12.16 -16.43
CA GLY C 311 -36.84 -12.88 -16.23
C GLY C 311 -36.60 -13.17 -14.77
N ILE C 312 -35.43 -13.73 -14.51
CA ILE C 312 -34.99 -14.08 -13.16
C ILE C 312 -33.76 -13.23 -12.84
N TYR C 313 -33.80 -12.52 -11.72
CA TYR C 313 -32.76 -11.58 -11.35
C TYR C 313 -32.20 -11.93 -9.99
N GLN C 314 -30.88 -12.09 -9.92
CA GLN C 314 -30.18 -12.40 -8.68
C GLN C 314 -30.17 -11.15 -7.83
N THR C 315 -31.04 -11.10 -6.83
CA THR C 315 -31.28 -9.82 -6.17
C THR C 315 -30.37 -9.63 -4.95
N SER C 316 -30.20 -10.65 -4.12
CA SER C 316 -29.30 -10.44 -2.99
C SER C 316 -28.82 -11.79 -2.46
N ASN C 317 -28.30 -11.79 -1.23
CA ASN C 317 -27.73 -12.99 -0.63
C ASN C 317 -28.42 -13.29 0.69
N PHE C 318 -28.37 -14.56 1.07
CA PHE C 318 -29.06 -15.13 2.21
C PHE C 318 -28.05 -15.81 3.11
N ARG C 319 -27.96 -15.38 4.35
CA ARG C 319 -27.09 -15.97 5.34
C ARG C 319 -27.87 -16.17 6.64
N VAL C 320 -27.80 -17.38 7.19
CA VAL C 320 -28.44 -17.68 8.46
C VAL C 320 -27.45 -17.36 9.58
N GLN C 321 -27.65 -16.23 10.23
CA GLN C 321 -26.72 -15.72 11.23
C GLN C 321 -26.74 -16.60 12.48
N PRO C 322 -25.60 -16.72 13.15
CA PRO C 322 -25.57 -17.50 14.39
C PRO C 322 -26.33 -16.80 15.50
N THR C 323 -27.01 -17.59 16.31
CA THR C 323 -27.77 -17.04 17.42
C THR C 323 -27.19 -17.38 18.77
N GLU C 324 -25.99 -17.97 18.82
CA GLU C 324 -25.38 -18.32 20.09
C GLU C 324 -23.87 -18.44 19.88
N SER C 325 -23.13 -18.24 20.96
CA SER C 325 -21.68 -18.35 20.95
C SER C 325 -21.28 -19.41 21.97
N ILE C 326 -20.40 -20.30 21.57
CA ILE C 326 -20.06 -21.49 22.35
C ILE C 326 -18.56 -21.60 22.49
N VAL C 327 -18.10 -21.92 23.69
CA VAL C 327 -16.70 -22.21 23.98
C VAL C 327 -16.62 -23.53 24.73
N ARG C 328 -15.70 -24.40 24.33
CA ARG C 328 -15.65 -25.75 24.86
C ARG C 328 -14.21 -26.13 25.21
N PHE C 329 -13.54 -25.27 25.96
CA PHE C 329 -12.18 -25.53 26.39
C PHE C 329 -12.15 -26.76 27.31
N PRO C 330 -10.99 -27.43 27.42
CA PRO C 330 -10.96 -28.73 28.13
C PRO C 330 -11.19 -28.62 29.63
N ASN C 331 -11.12 -29.77 30.31
CA ASN C 331 -11.32 -29.81 31.75
C ASN C 331 -10.24 -29.01 32.47
N ILE C 332 -10.64 -28.39 33.58
CA ILE C 332 -9.76 -27.51 34.35
C ILE C 332 -9.34 -28.25 35.60
N THR C 333 -8.03 -28.37 35.82
CA THR C 333 -7.48 -29.05 36.97
C THR C 333 -6.06 -28.56 37.23
N ASN C 334 -5.45 -29.13 38.27
CA ASN C 334 -4.07 -28.84 38.64
C ASN C 334 -3.85 -27.36 38.92
N LEU C 335 -4.51 -26.84 39.94
CA LEU C 335 -4.33 -25.46 40.39
C LEU C 335 -3.04 -25.35 41.16
N CYS C 336 -2.46 -24.14 41.17
CA CYS C 336 -1.15 -23.94 41.78
C CYS C 336 -1.25 -24.07 43.30
N PRO C 337 -0.20 -24.59 44.00
CA PRO C 337 -0.18 -24.62 45.46
C PRO C 337 -0.02 -23.18 45.95
N PHE C 338 -1.01 -22.33 45.66
CA PHE C 338 -0.96 -20.90 46.04
C PHE C 338 -0.89 -20.78 47.55
N GLY C 339 -1.52 -21.72 48.26
CA GLY C 339 -1.55 -21.63 49.73
C GLY C 339 -0.15 -21.63 50.30
N GLU C 340 0.75 -22.44 49.75
CA GLU C 340 2.16 -22.42 50.23
C GLU C 340 2.78 -21.03 49.97
N VAL C 341 2.59 -20.46 48.78
CA VAL C 341 3.25 -19.16 48.47
C VAL C 341 2.62 -18.04 49.32
N PHE C 342 1.30 -18.00 49.40
CA PHE C 342 0.61 -16.90 50.15
C PHE C 342 0.81 -17.04 51.65
N ASN C 343 0.61 -18.24 52.18
CA ASN C 343 0.70 -18.40 53.65
C ASN C 343 2.13 -18.23 54.16
N ALA C 344 3.10 -18.88 53.51
CA ALA C 344 4.51 -18.66 53.90
C ALA C 344 4.57 -18.63 55.42
N THR C 345 4.22 -19.72 56.10
CA THR C 345 4.09 -19.66 57.58
C THR C 345 5.36 -19.03 58.18
N ARG C 346 6.55 -19.43 57.71
CA ARG C 346 7.77 -18.74 58.16
C ARG C 346 8.01 -17.53 57.24
N PHE C 347 7.10 -16.55 57.26
CA PHE C 347 7.24 -15.33 56.42
C PHE C 347 8.51 -14.62 56.90
N ALA C 348 9.40 -14.25 55.98
CA ALA C 348 10.64 -13.68 56.48
C ALA C 348 10.50 -12.18 56.63
N SER C 349 11.54 -11.57 57.16
CA SER C 349 11.59 -10.12 57.25
C SER C 349 11.83 -9.52 55.87
N VAL C 350 11.58 -8.22 55.75
CA VAL C 350 11.74 -7.58 54.46
C VAL C 350 13.22 -7.42 54.13
N TYR C 351 14.10 -7.45 55.14
CA TYR C 351 15.51 -7.31 54.84
C TYR C 351 16.05 -8.53 54.12
N ALA C 352 15.35 -9.66 54.21
CA ALA C 352 15.69 -10.87 53.47
C ALA C 352 14.38 -11.50 53.04
N TRP C 353 13.92 -11.16 51.84
CA TRP C 353 12.62 -11.58 51.34
C TRP C 353 12.75 -12.77 50.41
N ASN C 354 11.80 -13.69 50.50
CA ASN C 354 11.85 -14.87 49.65
C ASN C 354 11.37 -14.55 48.24
N ARG C 355 11.87 -15.32 47.27
CA ARG C 355 11.71 -15.06 45.84
C ARG C 355 11.23 -16.36 45.22
N LYS C 356 9.92 -16.60 45.26
CA LYS C 356 9.39 -17.93 44.99
C LYS C 356 8.82 -18.03 43.58
N ARG C 357 9.00 -19.19 42.97
CA ARG C 357 8.68 -19.43 41.58
C ARG C 357 7.57 -20.47 41.48
N ILE C 358 6.55 -20.16 40.68
CA ILE C 358 5.37 -21.00 40.51
C ILE C 358 5.37 -21.47 39.07
N SER C 359 5.27 -22.78 38.86
CA SER C 359 5.40 -23.28 37.50
C SER C 359 4.55 -24.54 37.33
N ASN C 360 4.23 -24.81 36.06
CA ASN C 360 3.53 -26.03 35.64
C ASN C 360 2.16 -26.17 36.33
N CYS C 361 1.48 -25.05 36.50
CA CYS C 361 0.09 -25.05 36.93
C CYS C 361 -0.58 -23.77 36.43
N VAL C 362 -1.82 -23.57 36.87
CA VAL C 362 -2.66 -22.47 36.43
C VAL C 362 -3.13 -21.75 37.67
N ALA C 363 -3.06 -20.43 37.66
CA ALA C 363 -3.37 -19.62 38.83
C ALA C 363 -4.81 -19.11 38.73
N ASP C 364 -5.48 -19.02 39.87
CA ASP C 364 -6.89 -18.60 39.94
C ASP C 364 -6.97 -17.22 40.59
N TYR C 365 -6.59 -16.20 39.83
CA TYR C 365 -6.52 -14.82 40.41
C TYR C 365 -7.90 -14.23 40.71
N SER C 366 -8.96 -14.64 40.00
CA SER C 366 -10.28 -14.00 40.26
C SER C 366 -10.74 -14.28 41.69
N VAL C 367 -10.62 -15.54 42.13
CA VAL C 367 -10.97 -15.88 43.55
C VAL C 367 -9.98 -15.15 44.46
N LEU C 368 -8.73 -15.07 44.04
CA LEU C 368 -7.67 -14.39 44.84
C LEU C 368 -8.05 -12.92 45.00
N TYR C 369 -8.55 -12.27 43.94
CA TYR C 369 -8.91 -10.84 44.01
C TYR C 369 -10.05 -10.66 45.01
N ASN C 370 -11.07 -11.53 44.94
CA ASN C 370 -12.23 -11.40 45.84
C ASN C 370 -11.91 -12.14 47.14
N SER C 371 -10.93 -11.64 47.89
CA SER C 371 -10.55 -12.27 49.18
C SER C 371 -10.81 -11.28 50.31
N ALA C 372 -11.54 -11.72 51.33
CA ALA C 372 -11.90 -10.81 52.44
C ALA C 372 -10.62 -10.27 53.07
N SER C 373 -9.55 -11.07 53.07
CA SER C 373 -8.34 -10.64 53.75
C SER C 373 -7.61 -9.54 52.98
N PHE C 374 -7.51 -9.68 51.66
CA PHE C 374 -6.58 -8.87 50.90
C PHE C 374 -7.12 -7.45 50.83
N SER C 375 -6.62 -6.60 51.73
CA SER C 375 -7.02 -5.16 51.72
C SER C 375 -6.50 -4.53 50.44
N THR C 376 -5.29 -4.90 50.00
CA THR C 376 -4.70 -4.22 48.83
C THR C 376 -4.32 -5.21 47.73
N PHE C 377 -4.81 -4.99 46.50
CA PHE C 377 -4.37 -5.81 45.34
C PHE C 377 -4.10 -4.82 44.21
N LYS C 378 -3.05 -3.99 44.36
CA LYS C 378 -2.80 -2.95 43.34
C LYS C 378 -1.90 -3.52 42.24
N CYS C 379 -2.36 -3.46 41.01
CA CYS C 379 -1.59 -4.05 39.87
C CYS C 379 -1.07 -2.92 38.99
N TYR C 380 0.22 -2.94 38.71
CA TYR C 380 0.85 -1.90 37.86
C TYR C 380 1.04 -2.46 36.46
N GLY C 381 0.50 -1.78 35.44
CA GLY C 381 0.68 -2.16 34.06
C GLY C 381 -0.37 -3.10 33.52
N VAL C 382 -1.29 -3.58 34.34
CA VAL C 382 -2.24 -4.59 33.92
C VAL C 382 -3.62 -4.30 34.51
N SER C 383 -4.60 -5.07 34.06
CA SER C 383 -5.95 -5.06 34.60
C SER C 383 -6.08 -6.13 35.66
N PRO C 384 -6.38 -5.79 36.91
CA PRO C 384 -6.48 -6.82 37.95
C PRO C 384 -7.51 -7.90 37.66
N THR C 385 -8.68 -7.54 37.11
CA THR C 385 -9.68 -8.56 36.80
C THR C 385 -9.28 -9.37 35.58
N LYS C 386 -8.90 -8.70 34.50
CA LYS C 386 -8.68 -9.33 33.21
C LYS C 386 -7.34 -10.05 33.12
N LEU C 387 -6.55 -10.06 34.19
CA LEU C 387 -5.22 -10.65 34.12
C LEU C 387 -5.28 -12.16 33.94
N ASN C 388 -6.42 -12.78 34.20
CA ASN C 388 -6.59 -14.20 33.93
C ASN C 388 -6.57 -14.51 32.44
N ASP C 389 -7.31 -13.75 31.64
CA ASP C 389 -7.19 -13.88 30.19
C ASP C 389 -5.76 -13.64 29.75
N LEU C 390 -5.04 -12.78 30.45
CA LEU C 390 -3.62 -12.59 30.19
C LEU C 390 -2.84 -13.84 30.56
N CYS C 391 -1.78 -14.11 29.82
CA CYS C 391 -0.91 -15.25 30.05
C CYS C 391 0.53 -14.77 30.14
N PHE C 392 1.28 -15.34 31.08
CA PHE C 392 2.68 -14.99 31.28
C PHE C 392 3.52 -16.25 31.41
N THR C 393 4.81 -16.11 31.11
CA THR C 393 5.76 -17.22 31.17
C THR C 393 6.24 -17.46 32.59
N ASN C 394 6.84 -16.44 33.19
CA ASN C 394 7.49 -16.56 34.49
C ASN C 394 6.80 -15.64 35.47
N VAL C 395 6.39 -16.20 36.61
CA VAL C 395 5.85 -15.40 37.69
C VAL C 395 6.84 -15.45 38.84
N TYR C 396 7.07 -14.30 39.45
CA TYR C 396 7.97 -14.23 40.60
C TYR C 396 7.18 -13.67 41.76
N ALA C 397 7.23 -14.36 42.91
CA ALA C 397 6.55 -13.95 44.12
C ALA C 397 7.57 -13.44 45.12
N ASP C 398 7.27 -12.31 45.76
CA ASP C 398 8.20 -11.64 46.67
C ASP C 398 7.46 -11.41 47.98
N SER C 399 7.64 -12.28 48.96
CA SER C 399 6.79 -12.29 50.15
C SER C 399 7.57 -11.82 51.37
N PHE C 400 6.90 -11.04 52.23
CA PHE C 400 7.54 -10.57 53.45
C PHE C 400 6.49 -9.97 54.38
N VAL C 401 6.97 -9.42 55.49
CA VAL C 401 6.14 -8.81 56.52
C VAL C 401 6.69 -7.42 56.80
N ILE C 402 5.82 -6.42 56.81
CA ILE C 402 6.22 -5.06 57.10
C ILE C 402 5.13 -4.41 57.96
N ARG C 403 5.31 -3.11 58.20
CA ARG C 403 4.31 -2.35 58.92
C ARG C 403 3.25 -1.86 57.94
N GLY C 404 2.07 -1.56 58.46
CA GLY C 404 0.98 -1.14 57.60
C GLY C 404 1.17 0.23 56.97
N ASP C 405 2.05 1.04 57.55
CA ASP C 405 2.32 2.35 56.95
C ASP C 405 3.41 2.32 55.91
N GLU C 406 4.19 1.25 55.84
CA GLU C 406 5.27 1.10 54.88
C GLU C 406 4.82 0.42 53.59
N VAL C 407 3.61 -0.15 53.57
CA VAL C 407 3.16 -0.89 52.41
C VAL C 407 3.05 0.02 51.19
N ARG C 408 2.76 1.31 51.39
CA ARG C 408 2.68 2.21 50.26
C ARG C 408 4.01 2.39 49.57
N GLN C 409 5.11 2.08 50.25
CA GLN C 409 6.44 2.25 49.67
C GLN C 409 6.78 1.15 48.70
N ILE C 410 5.89 0.19 48.50
CA ILE C 410 6.08 -0.83 47.48
C ILE C 410 5.38 -0.33 46.23
N ALA C 411 6.10 0.51 45.48
CA ALA C 411 5.61 1.15 44.26
C ALA C 411 6.82 1.74 43.57
N PRO C 412 6.82 1.86 42.25
CA PRO C 412 7.98 2.41 41.55
C PRO C 412 8.17 3.88 41.90
N GLY C 413 9.42 4.32 41.86
CA GLY C 413 9.71 5.74 41.99
C GLY C 413 9.23 6.33 43.30
N GLN C 414 9.28 5.57 44.38
CA GLN C 414 8.96 6.09 45.69
C GLN C 414 10.19 6.10 46.59
N THR C 415 10.38 7.21 47.27
CA THR C 415 11.44 7.37 48.25
C THR C 415 10.91 7.01 49.63
N GLY C 416 11.83 6.64 50.50
CA GLY C 416 11.44 6.26 51.85
C GLY C 416 12.51 5.38 52.47
N LYS C 417 12.06 4.50 53.36
CA LYS C 417 12.95 3.58 54.04
C LYS C 417 12.93 2.19 53.42
N ILE C 418 11.74 1.60 53.26
CA ILE C 418 11.66 0.25 52.71
C ILE C 418 12.09 0.24 51.27
N ALA C 419 11.76 1.29 50.51
CA ALA C 419 12.12 1.34 49.10
C ALA C 419 13.62 1.53 48.93
N ASP C 420 14.22 2.44 49.70
CA ASP C 420 15.61 2.80 49.44
C ASP C 420 16.59 1.77 49.97
N TYR C 421 16.21 1.01 51.01
CA TYR C 421 17.17 0.16 51.71
C TYR C 421 16.78 -1.30 51.80
N ASN C 422 15.51 -1.65 51.62
CA ASN C 422 15.06 -3.01 51.86
C ASN C 422 14.65 -3.74 50.60
N TYR C 423 13.74 -3.15 49.82
CA TYR C 423 13.17 -3.82 48.65
C TYR C 423 12.70 -2.76 47.66
N LYS C 424 13.51 -2.51 46.64
CA LYS C 424 13.25 -1.47 45.66
C LYS C 424 12.59 -2.08 44.43
N LEU C 425 11.49 -1.47 43.98
CA LEU C 425 10.72 -1.91 42.83
C LEU C 425 11.18 -1.16 41.58
N PRO C 426 11.21 -1.82 40.43
CA PRO C 426 11.68 -1.15 39.22
C PRO C 426 10.70 -0.08 38.76
N ASP C 427 11.26 0.91 38.06
CA ASP C 427 10.42 1.91 37.43
C ASP C 427 9.47 1.28 36.41
N ASP C 428 9.93 0.22 35.75
CA ASP C 428 9.15 -0.48 34.75
C ASP C 428 8.47 -1.72 35.32
N PHE C 429 8.03 -1.63 36.57
CA PHE C 429 7.43 -2.80 37.26
C PHE C 429 6.04 -3.14 36.73
N THR C 430 5.85 -4.38 36.31
CA THR C 430 4.50 -4.82 35.90
C THR C 430 4.11 -5.98 36.82
N GLY C 431 3.07 -5.81 37.64
CA GLY C 431 2.61 -6.91 38.52
C GLY C 431 1.67 -6.42 39.60
N CYS C 432 1.28 -7.29 40.53
CA CYS C 432 0.29 -6.89 41.56
C CYS C 432 0.89 -7.00 42.96
N VAL C 433 0.78 -5.94 43.76
CA VAL C 433 1.24 -6.01 45.18
C VAL C 433 0.05 -6.45 46.02
N ILE C 434 0.22 -7.46 46.88
CA ILE C 434 -0.93 -8.01 47.65
C ILE C 434 -0.65 -7.83 49.14
N ALA C 435 -1.36 -6.89 49.79
CA ALA C 435 -1.06 -6.59 51.21
C ALA C 435 -2.24 -6.93 52.09
N TRP C 436 -2.08 -7.86 53.03
CA TRP C 436 -3.15 -8.16 53.96
C TRP C 436 -2.62 -8.17 55.37
N ASN C 437 -3.39 -7.60 56.28
CA ASN C 437 -3.06 -7.59 57.69
C ASN C 437 -3.00 -9.02 58.25
N SER C 438 -1.98 -9.27 59.07
CA SER C 438 -1.80 -10.53 59.77
C SER C 438 -1.52 -10.27 61.24
N ASN C 439 -2.19 -9.25 61.80
CA ASN C 439 -2.06 -8.92 63.22
C ASN C 439 -2.51 -10.05 64.12
N ASN C 440 -3.33 -10.97 63.61
CA ASN C 440 -3.74 -12.10 64.43
C ASN C 440 -2.58 -13.04 64.69
N LEU C 441 -1.60 -13.10 63.78
CA LEU C 441 -0.58 -14.15 63.81
C LEU C 441 0.81 -13.64 64.16
N ASP C 442 1.23 -12.51 63.60
CA ASP C 442 2.62 -12.11 63.76
C ASP C 442 2.89 -11.21 64.95
N SER C 443 1.93 -10.43 65.43
CA SER C 443 2.13 -9.67 66.64
C SER C 443 2.04 -10.60 67.84
N LYS C 444 3.02 -10.49 68.73
CA LYS C 444 3.13 -11.32 69.91
C LYS C 444 2.95 -10.44 71.12
N VAL C 445 2.32 -10.99 72.16
CA VAL C 445 2.20 -10.27 73.41
C VAL C 445 3.58 -9.83 73.87
N GLY C 446 3.72 -8.54 74.15
CA GLY C 446 4.98 -7.97 74.54
C GLY C 446 5.85 -7.47 73.42
N GLY C 447 5.43 -7.62 72.17
CA GLY C 447 6.20 -7.13 71.05
C GLY C 447 6.91 -8.23 70.29
N ASN C 448 6.83 -8.21 68.96
CA ASN C 448 7.49 -9.21 68.14
C ASN C 448 8.78 -8.63 67.60
N TYR C 449 9.89 -9.27 67.92
CA TYR C 449 11.22 -8.83 67.50
C TYR C 449 11.81 -9.71 66.42
N ASN C 450 11.01 -10.57 65.79
CA ASN C 450 11.52 -11.47 64.77
C ASN C 450 11.40 -10.90 63.36
N TYR C 451 11.00 -9.65 63.21
CA TYR C 451 10.88 -9.02 61.92
C TYR C 451 11.78 -7.79 61.90
N LEU C 452 12.70 -7.75 60.94
CA LEU C 452 13.81 -6.84 60.96
C LEU C 452 13.92 -6.11 59.63
N TYR C 453 14.36 -4.85 59.69
CA TYR C 453 14.48 -4.04 58.48
C TYR C 453 15.75 -3.22 58.55
N ARG C 454 16.31 -2.94 57.37
CA ARG C 454 17.52 -2.13 57.27
C ARG C 454 17.18 -0.69 57.58
N LEU C 455 17.89 -0.11 58.54
CA LEU C 455 17.73 1.28 58.91
C LEU C 455 18.70 2.19 58.19
N PHE C 456 19.99 1.87 58.24
CA PHE C 456 21.02 2.65 57.57
C PHE C 456 21.81 1.77 56.64
N ARG C 457 22.39 2.39 55.61
CA ARG C 457 23.25 1.71 54.66
C ARG C 457 24.06 2.75 53.90
N LYS C 458 25.24 2.33 53.42
CA LYS C 458 26.10 3.24 52.70
C LYS C 458 25.51 3.64 51.36
N SER C 459 24.88 2.70 50.65
CA SER C 459 24.34 2.96 49.33
C SER C 459 22.91 2.46 49.24
N ASN C 460 22.17 3.02 48.28
CA ASN C 460 20.80 2.60 48.06
C ASN C 460 20.77 1.33 47.20
N LEU C 461 19.56 0.89 46.84
CA LEU C 461 19.38 -0.40 46.18
C LEU C 461 18.98 -0.26 44.73
N LYS C 462 19.50 -1.15 43.90
CA LYS C 462 18.97 -1.35 42.56
C LYS C 462 17.76 -2.28 42.62
N PRO C 463 16.85 -2.22 41.65
CA PRO C 463 15.57 -2.93 41.78
C PRO C 463 15.75 -4.45 41.86
N PHE C 464 14.88 -5.07 42.64
CA PHE C 464 14.92 -6.52 42.90
C PHE C 464 16.31 -6.95 43.39
N GLU C 465 16.78 -6.30 44.46
CA GLU C 465 18.05 -6.63 45.08
C GLU C 465 17.82 -6.98 46.55
N ARG C 466 18.49 -8.02 47.00
CA ARG C 466 18.41 -8.50 48.38
C ARG C 466 19.77 -8.38 49.04
N ASP C 467 19.77 -8.03 50.33
CA ASP C 467 21.00 -7.83 51.09
C ASP C 467 21.08 -8.87 52.22
N ILE C 468 21.59 -10.04 51.86
CA ILE C 468 21.88 -11.05 52.89
C ILE C 468 22.87 -10.51 53.89
N SER C 469 23.85 -9.75 53.42
CA SER C 469 24.89 -9.25 54.31
C SER C 469 24.29 -8.32 55.36
N THR C 470 24.68 -8.53 56.61
CA THR C 470 24.24 -7.74 57.75
C THR C 470 25.42 -7.39 58.64
N GLU C 471 26.57 -7.10 58.04
CA GLU C 471 27.73 -6.76 58.84
C GLU C 471 27.48 -5.44 59.55
N ILE C 472 28.14 -5.27 60.70
CA ILE C 472 27.88 -4.09 61.52
C ILE C 472 28.31 -2.84 60.76
N TYR C 473 27.43 -1.85 60.77
CA TYR C 473 27.56 -0.72 59.88
C TYR C 473 28.69 0.19 60.33
N GLN C 474 29.21 0.97 59.39
CA GLN C 474 30.18 2.02 59.69
C GLN C 474 29.79 3.28 58.91
N ALA C 475 29.22 4.25 59.62
CA ALA C 475 29.07 5.59 59.10
C ALA C 475 30.07 6.55 59.67
N GLY C 476 30.40 6.41 60.96
CA GLY C 476 31.26 7.36 61.62
C GLY C 476 32.61 7.47 60.92
N SER C 477 33.00 8.72 60.66
CA SER C 477 34.14 8.96 59.78
C SER C 477 35.41 8.31 60.29
N THR C 478 35.48 8.05 61.59
CA THR C 478 36.58 7.27 62.10
C THR C 478 36.43 5.80 61.68
N PRO C 479 37.54 5.05 61.63
CA PRO C 479 37.41 3.60 61.41
C PRO C 479 36.70 2.94 62.59
N CYS C 480 35.52 2.38 62.32
CA CYS C 480 34.68 1.80 63.36
C CYS C 480 35.26 0.52 63.94
N ASN C 481 36.19 -0.12 63.25
CA ASN C 481 37.03 -1.17 63.80
C ASN C 481 36.23 -2.34 64.37
N GLY C 482 35.06 -2.62 63.80
CA GLY C 482 34.26 -3.73 64.31
C GLY C 482 33.79 -3.53 65.74
N VAL C 483 33.27 -2.36 66.06
CA VAL C 483 32.83 -2.03 67.40
C VAL C 483 31.40 -1.52 67.32
N GLU C 484 30.60 -1.85 68.33
CA GLU C 484 29.23 -1.36 68.40
C GLU C 484 29.10 -0.22 69.42
N GLY C 485 28.70 0.94 68.93
CA GLY C 485 28.61 2.14 69.74
C GLY C 485 28.15 3.29 68.88
N PHE C 486 28.30 4.50 69.42
CA PHE C 486 27.85 5.67 68.68
C PHE C 486 28.60 5.78 67.36
N ASN C 487 27.88 6.19 66.31
CA ASN C 487 28.33 6.15 64.91
C ASN C 487 28.65 4.75 64.44
N CYS C 488 28.26 3.72 65.19
CA CYS C 488 28.57 2.35 64.84
C CYS C 488 27.40 1.42 65.14
N TYR C 489 26.21 1.80 64.68
CA TYR C 489 25.02 1.06 65.03
C TYR C 489 24.76 -0.10 64.09
N PHE C 490 24.00 -1.06 64.60
CA PHE C 490 23.67 -2.26 63.86
C PHE C 490 22.72 -1.92 62.73
N PRO C 491 22.90 -2.50 61.53
CA PRO C 491 22.02 -2.16 60.39
C PRO C 491 20.55 -2.48 60.60
N LEU C 492 20.21 -3.55 61.32
CA LEU C 492 18.82 -3.99 61.40
C LEU C 492 18.13 -3.40 62.62
N GLN C 493 16.88 -2.97 62.43
CA GLN C 493 15.99 -2.60 63.53
C GLN C 493 14.77 -3.50 63.50
N SER C 494 14.26 -3.82 64.67
CA SER C 494 13.08 -4.68 64.80
C SER C 494 11.80 -3.86 64.81
N TYR C 495 10.75 -4.41 64.21
CA TYR C 495 9.46 -3.72 64.15
C TYR C 495 8.82 -3.57 65.51
N GLY C 496 8.85 -4.62 66.33
CA GLY C 496 8.15 -4.58 67.60
C GLY C 496 6.65 -4.53 67.44
N PHE C 497 6.08 -5.51 66.77
CA PHE C 497 4.63 -5.55 66.58
C PHE C 497 3.92 -5.93 67.87
N GLN C 498 2.75 -5.34 68.09
CA GLN C 498 1.95 -5.69 69.25
C GLN C 498 0.48 -5.77 68.82
N PRO C 499 -0.29 -6.69 69.40
CA PRO C 499 -1.73 -6.74 69.09
C PRO C 499 -2.49 -5.53 69.60
N THR C 500 -1.92 -4.81 70.56
CA THR C 500 -2.50 -3.56 71.02
C THR C 500 -2.02 -2.36 70.20
N ASN C 501 -1.06 -2.57 69.30
CA ASN C 501 -0.42 -1.47 68.61
C ASN C 501 -1.41 -0.77 67.68
N GLY C 502 -0.91 0.24 66.98
CA GLY C 502 -1.76 1.10 66.19
C GLY C 502 -2.50 0.35 65.11
N VAL C 503 -3.56 0.99 64.61
CA VAL C 503 -4.42 0.38 63.60
C VAL C 503 -3.70 0.14 62.29
N GLY C 504 -2.56 0.79 62.08
CA GLY C 504 -1.79 0.66 60.86
C GLY C 504 -0.35 0.34 61.14
N TYR C 505 -0.02 0.12 62.41
CA TYR C 505 1.30 -0.33 62.82
C TYR C 505 1.41 -1.84 62.89
N GLN C 506 0.30 -2.55 62.74
CA GLN C 506 0.31 -3.99 62.89
C GLN C 506 0.95 -4.64 61.67
N PRO C 507 1.34 -5.92 61.76
CA PRO C 507 2.00 -6.56 60.63
C PRO C 507 1.10 -6.64 59.42
N TYR C 508 1.71 -6.44 58.25
CA TYR C 508 1.04 -6.67 56.98
C TYR C 508 1.93 -7.61 56.19
N ARG C 509 1.37 -8.76 55.83
CA ARG C 509 2.06 -9.68 54.94
C ARG C 509 1.82 -9.22 53.51
N VAL C 510 2.90 -9.06 52.77
CA VAL C 510 2.89 -8.49 51.43
C VAL C 510 3.53 -9.49 50.49
N VAL C 511 2.84 -9.78 49.39
CA VAL C 511 3.37 -10.60 48.31
C VAL C 511 3.36 -9.75 47.05
N VAL C 512 4.51 -9.60 46.44
CA VAL C 512 4.67 -8.78 45.24
C VAL C 512 4.90 -9.74 44.08
N LEU C 513 3.96 -9.78 43.15
CA LEU C 513 4.06 -10.63 41.99
C LEU C 513 4.60 -9.79 40.85
N SER C 514 5.70 -10.23 40.26
CA SER C 514 6.21 -9.64 39.04
C SER C 514 6.05 -10.65 37.92
N PHE C 515 5.39 -10.24 36.85
CA PHE C 515 5.18 -11.10 35.69
C PHE C 515 6.25 -10.79 34.68
N GLU C 516 7.17 -11.73 34.45
CA GLU C 516 8.23 -11.54 33.48
C GLU C 516 8.06 -12.51 32.32
N LEU C 517 8.32 -12.00 31.12
CA LEU C 517 8.22 -12.77 29.89
C LEU C 517 9.62 -13.13 29.42
N LEU C 518 9.84 -14.43 29.19
CA LEU C 518 11.15 -14.94 28.77
C LEU C 518 11.15 -15.16 27.27
N HIS C 519 12.21 -15.79 26.77
CA HIS C 519 12.30 -16.13 25.36
C HIS C 519 11.50 -17.40 25.10
N ALA C 520 10.28 -17.44 25.61
CA ALA C 520 9.32 -18.49 25.30
C ALA C 520 7.94 -17.87 25.34
N PRO C 521 6.99 -18.39 24.57
CA PRO C 521 5.61 -17.91 24.69
C PRO C 521 5.08 -18.21 26.08
N ALA C 522 4.16 -17.38 26.54
CA ALA C 522 3.50 -17.63 27.81
C ALA C 522 2.79 -18.99 27.82
N THR C 523 3.05 -19.79 28.87
CA THR C 523 2.38 -21.07 29.07
C THR C 523 1.66 -21.15 30.41
N VAL C 524 1.54 -20.04 31.13
CA VAL C 524 0.85 -19.99 32.41
C VAL C 524 -0.30 -18.99 32.27
N CYS C 525 -1.51 -19.41 32.61
CA CYS C 525 -2.73 -18.72 32.22
C CYS C 525 -3.78 -18.85 33.32
N GLY C 526 -5.03 -18.58 32.93
CA GLY C 526 -6.17 -18.76 33.80
C GLY C 526 -7.04 -19.92 33.38
N PRO C 527 -8.18 -20.06 34.06
CA PRO C 527 -9.06 -21.21 33.79
C PRO C 527 -9.71 -21.19 32.41
N LYS C 528 -10.42 -20.13 32.06
CA LYS C 528 -11.15 -20.04 30.80
C LYS C 528 -12.15 -21.17 30.66
N LYS C 529 -13.17 -21.18 31.52
CA LYS C 529 -14.17 -22.25 31.58
C LYS C 529 -15.00 -22.29 30.31
N SER C 530 -15.59 -23.44 30.03
CA SER C 530 -16.40 -23.68 28.85
C SER C 530 -17.88 -23.49 29.14
N THR C 531 -18.68 -23.52 28.07
CA THR C 531 -20.13 -23.44 28.17
C THR C 531 -20.77 -24.75 27.72
N ASN C 532 -22.09 -24.77 27.69
CA ASN C 532 -22.82 -25.96 27.27
C ASN C 532 -22.67 -26.15 25.76
N LEU C 533 -22.97 -27.36 25.30
CA LEU C 533 -22.80 -27.72 23.90
C LEU C 533 -24.15 -27.64 23.18
N VAL C 534 -24.16 -27.01 22.02
CA VAL C 534 -25.34 -26.87 21.19
C VAL C 534 -25.02 -27.39 19.79
N LYS C 535 -25.89 -28.25 19.27
CA LYS C 535 -25.68 -28.89 17.99
C LYS C 535 -26.89 -28.67 17.10
N ASN C 536 -26.76 -29.04 15.84
CA ASN C 536 -27.86 -29.05 14.88
C ASN C 536 -28.47 -27.66 14.70
N LYS C 537 -27.76 -26.63 15.11
CA LYS C 537 -28.19 -25.24 14.93
C LYS C 537 -26.95 -24.38 15.01
N CYS C 538 -26.63 -23.68 13.93
CA CYS C 538 -25.26 -23.18 13.77
C CYS C 538 -25.00 -22.06 14.76
N VAL C 539 -23.82 -22.11 15.37
CA VAL C 539 -23.41 -21.17 16.40
C VAL C 539 -22.00 -20.71 16.12
N ASN C 540 -21.59 -19.67 16.84
CA ASN C 540 -20.20 -19.23 16.81
C ASN C 540 -19.40 -20.01 17.85
N PHE C 541 -18.41 -20.75 17.38
CA PHE C 541 -17.66 -21.67 18.21
C PHE C 541 -16.21 -21.23 18.32
N ASN C 542 -15.68 -21.41 19.54
CA ASN C 542 -14.27 -21.19 19.85
C ASN C 542 -13.80 -22.41 20.62
N PHE C 543 -13.38 -23.44 19.89
CA PHE C 543 -12.95 -24.71 20.46
C PHE C 543 -11.44 -24.68 20.54
N ASN C 544 -10.91 -24.54 21.75
CA ASN C 544 -9.47 -24.60 22.00
C ASN C 544 -8.70 -23.59 21.15
N GLY C 545 -9.27 -22.42 20.95
CA GLY C 545 -8.64 -21.39 20.15
C GLY C 545 -8.95 -21.42 18.68
N LEU C 546 -9.64 -22.46 18.20
CA LEU C 546 -10.12 -22.52 16.81
C LEU C 546 -11.48 -21.86 16.76
N THR C 547 -11.57 -20.73 16.06
CA THR C 547 -12.79 -19.95 16.00
C THR C 547 -13.46 -20.09 14.65
N GLY C 548 -14.79 -20.00 14.67
CA GLY C 548 -15.55 -20.05 13.43
C GLY C 548 -17.03 -20.00 13.72
N THR C 549 -17.82 -20.12 12.67
CA THR C 549 -19.26 -20.20 12.78
C THR C 549 -19.75 -21.38 11.96
N GLY C 550 -20.57 -22.21 12.57
CA GLY C 550 -21.06 -23.38 11.85
C GLY C 550 -21.99 -24.21 12.69
N VAL C 551 -22.61 -25.18 12.02
CA VAL C 551 -23.50 -26.11 12.68
C VAL C 551 -22.72 -27.37 13.02
N LEU C 552 -22.96 -27.88 14.23
CA LEU C 552 -22.16 -28.95 14.81
C LEU C 552 -22.99 -30.21 14.71
N THR C 553 -22.47 -31.23 14.05
CA THR C 553 -23.26 -32.38 13.69
C THR C 553 -22.62 -33.65 14.24
N GLU C 554 -23.46 -34.57 14.69
CA GLU C 554 -22.97 -35.88 15.13
C GLU C 554 -22.18 -36.54 14.00
N SER C 555 -21.00 -37.06 14.34
CA SER C 555 -20.06 -37.56 13.35
C SER C 555 -19.96 -39.08 13.41
N ASN C 556 -19.54 -39.65 12.29
CA ASN C 556 -19.23 -41.07 12.21
C ASN C 556 -17.77 -41.35 11.89
N LYS C 557 -17.02 -40.35 11.46
CA LYS C 557 -15.60 -40.53 11.17
C LYS C 557 -14.80 -40.67 12.45
N LYS C 558 -13.79 -41.52 12.42
CA LYS C 558 -13.02 -41.87 13.61
C LYS C 558 -11.64 -41.24 13.55
N PHE C 559 -11.31 -40.47 14.57
CA PHE C 559 -10.04 -39.76 14.64
C PHE C 559 -8.93 -40.69 15.10
N LEU C 560 -7.75 -40.12 15.24
CA LEU C 560 -6.71 -40.77 16.01
C LEU C 560 -6.60 -40.13 17.39
N PRO C 561 -6.30 -40.91 18.41
CA PRO C 561 -6.45 -40.42 19.78
C PRO C 561 -5.68 -39.13 20.08
N PHE C 562 -4.53 -38.92 19.46
CA PHE C 562 -3.76 -37.72 19.73
C PHE C 562 -4.24 -36.51 18.93
N GLN C 563 -5.04 -36.73 17.88
CA GLN C 563 -5.43 -35.66 16.98
C GLN C 563 -6.61 -34.87 17.54
N GLN C 564 -6.68 -33.60 17.17
CA GLN C 564 -7.70 -32.70 17.65
C GLN C 564 -8.60 -32.14 16.55
N PHE C 565 -8.03 -31.43 15.59
CA PHE C 565 -8.78 -30.73 14.57
C PHE C 565 -9.14 -31.69 13.45
N GLY C 566 -9.69 -31.15 12.37
CA GLY C 566 -9.86 -31.93 11.17
C GLY C 566 -9.95 -31.06 9.94
N ARG C 567 -9.25 -31.42 8.88
CA ARG C 567 -9.23 -30.66 7.64
C ARG C 567 -9.40 -31.60 6.47
N ASP C 568 -10.26 -31.22 5.54
CA ASP C 568 -10.40 -31.95 4.29
C ASP C 568 -9.49 -31.31 3.23
N ILE C 569 -9.67 -31.71 1.97
CA ILE C 569 -8.94 -31.09 0.89
C ILE C 569 -9.22 -29.60 0.88
N ALA C 570 -8.23 -28.81 0.48
CA ALA C 570 -8.25 -27.35 0.39
C ALA C 570 -8.08 -26.68 1.74
N ASP C 571 -7.68 -27.43 2.77
CA ASP C 571 -7.19 -26.87 4.03
C ASP C 571 -8.23 -25.97 4.68
N THR C 572 -9.37 -26.58 5.03
CA THR C 572 -10.40 -25.91 5.82
C THR C 572 -10.93 -26.89 6.86
N THR C 573 -11.29 -26.36 8.03
CA THR C 573 -11.73 -27.21 9.12
C THR C 573 -13.08 -27.84 8.80
N ASP C 574 -13.16 -29.15 8.93
CA ASP C 574 -14.41 -29.87 8.72
C ASP C 574 -14.82 -30.74 9.89
N ALA C 575 -13.98 -30.87 10.91
CA ALA C 575 -14.33 -31.65 12.10
C ALA C 575 -13.50 -31.16 13.26
N VAL C 576 -13.97 -31.41 14.47
CA VAL C 576 -13.23 -31.05 15.67
C VAL C 576 -13.70 -31.96 16.79
N ARG C 577 -12.85 -32.14 17.80
CA ARG C 577 -13.13 -33.04 18.89
C ARG C 577 -13.51 -32.26 20.16
N ILE C 584 -16.18 -36.56 19.00
CA ILE C 584 -15.89 -36.39 17.58
C ILE C 584 -17.14 -35.93 16.85
N LEU C 585 -17.03 -34.83 16.12
CA LEU C 585 -18.18 -34.18 15.52
C LEU C 585 -17.75 -33.34 14.33
N ASP C 586 -18.71 -33.06 13.44
CA ASP C 586 -18.45 -32.34 12.21
C ASP C 586 -18.88 -30.89 12.33
N ILE C 587 -18.19 -30.03 11.59
CA ILE C 587 -18.52 -28.62 11.47
C ILE C 587 -18.89 -28.36 10.02
N THR C 588 -20.10 -27.88 9.78
CA THR C 588 -20.49 -27.56 8.42
C THR C 588 -21.08 -26.15 8.39
N PRO C 589 -20.83 -25.37 7.33
CA PRO C 589 -21.32 -24.00 7.30
C PRO C 589 -22.82 -23.98 7.21
N CYS C 590 -23.46 -23.06 7.93
CA CYS C 590 -24.90 -23.05 7.82
C CYS C 590 -25.34 -22.24 6.61
N SER C 591 -26.60 -22.42 6.26
CA SER C 591 -27.08 -22.20 4.90
C SER C 591 -26.87 -20.77 4.44
N PHE C 592 -26.21 -20.60 3.30
CA PHE C 592 -26.11 -19.33 2.61
C PHE C 592 -26.33 -19.56 1.13
N GLY C 593 -26.76 -18.54 0.42
CA GLY C 593 -26.93 -18.66 -1.01
C GLY C 593 -27.68 -17.47 -1.55
N GLY C 594 -27.70 -17.39 -2.86
CA GLY C 594 -28.38 -16.28 -3.49
C GLY C 594 -29.88 -16.35 -3.33
N VAL C 595 -30.49 -15.18 -3.43
CA VAL C 595 -31.93 -15.04 -3.54
C VAL C 595 -32.20 -14.31 -4.85
N SER C 596 -33.03 -14.93 -5.69
CA SER C 596 -33.36 -14.45 -7.01
C SER C 596 -34.85 -14.27 -7.10
N VAL C 597 -35.29 -13.31 -7.90
CA VAL C 597 -36.70 -12.96 -8.00
C VAL C 597 -37.18 -13.23 -9.42
N ILE C 598 -38.23 -14.02 -9.54
CA ILE C 598 -38.86 -14.34 -10.80
C ILE C 598 -40.04 -13.41 -10.99
N THR C 599 -40.01 -12.61 -12.06
CA THR C 599 -41.02 -11.61 -12.33
C THR C 599 -41.55 -11.79 -13.74
N PRO C 600 -42.87 -11.80 -13.92
CA PRO C 600 -43.43 -11.74 -15.27
C PRO C 600 -43.32 -10.37 -15.93
N GLY C 601 -42.87 -9.36 -15.19
CA GLY C 601 -42.76 -8.02 -15.73
C GLY C 601 -43.79 -7.09 -15.14
N THR C 602 -43.39 -5.87 -14.79
CA THR C 602 -44.34 -4.92 -14.23
C THR C 602 -45.39 -4.50 -15.24
N ASN C 603 -45.10 -4.70 -16.53
CA ASN C 603 -46.09 -4.41 -17.55
C ASN C 603 -47.28 -5.35 -17.45
N THR C 604 -47.05 -6.62 -17.12
CA THR C 604 -48.12 -7.61 -17.10
C THR C 604 -48.61 -7.97 -15.71
N SER C 605 -47.78 -7.81 -14.69
CA SER C 605 -48.18 -8.19 -13.34
C SER C 605 -47.25 -7.48 -12.35
N ASN C 606 -47.46 -7.76 -11.08
CA ASN C 606 -46.67 -7.10 -10.04
C ASN C 606 -46.23 -8.12 -9.01
N GLN C 607 -46.89 -9.28 -8.98
CA GLN C 607 -46.51 -10.33 -8.06
C GLN C 607 -45.29 -11.08 -8.57
N VAL C 608 -44.48 -11.56 -7.62
CA VAL C 608 -43.18 -12.15 -7.92
C VAL C 608 -43.03 -13.45 -7.15
N ALA C 609 -42.10 -14.27 -7.61
CA ALA C 609 -41.70 -15.47 -6.90
C ALA C 609 -40.25 -15.31 -6.48
N VAL C 610 -39.83 -16.06 -5.47
CA VAL C 610 -38.47 -15.97 -4.97
C VAL C 610 -37.85 -17.35 -4.93
N LEU C 611 -36.67 -17.49 -5.51
CA LEU C 611 -35.87 -18.70 -5.43
C LEU C 611 -34.72 -18.47 -4.47
N TYR C 612 -34.73 -19.20 -3.36
CA TYR C 612 -33.64 -19.22 -2.39
C TYR C 612 -32.78 -20.40 -2.80
N GLN C 613 -31.60 -20.12 -3.34
CA GLN C 613 -30.90 -21.17 -4.06
C GLN C 613 -30.01 -22.00 -3.15
N ASP C 614 -30.06 -23.32 -3.34
CA ASP C 614 -29.31 -24.28 -2.53
C ASP C 614 -29.65 -24.18 -1.06
N VAL C 615 -30.92 -23.96 -0.75
CA VAL C 615 -31.43 -23.98 0.61
C VAL C 615 -32.70 -24.79 0.55
N ASN C 616 -32.81 -25.84 1.36
CA ASN C 616 -34.03 -26.62 1.30
C ASN C 616 -34.95 -26.04 2.35
N CYS C 617 -36.02 -25.37 1.91
CA CYS C 617 -36.54 -24.45 2.92
C CYS C 617 -37.64 -24.99 3.74
N THR C 618 -37.69 -26.31 3.96
CA THR C 618 -38.34 -26.78 5.17
C THR C 618 -37.68 -26.16 6.40
N GLU C 619 -36.43 -25.72 6.25
CA GLU C 619 -35.78 -24.87 7.24
C GLU C 619 -36.47 -23.52 7.34
N VAL C 620 -36.41 -22.71 6.29
CA VAL C 620 -37.07 -21.40 6.32
C VAL C 620 -38.40 -21.48 5.58
N ASN C 641 -47.61 -22.90 -1.27
CA ASN C 641 -46.88 -22.37 -2.41
C ASN C 641 -45.39 -22.30 -2.15
N VAL C 642 -44.86 -23.32 -1.48
CA VAL C 642 -43.43 -23.50 -1.29
C VAL C 642 -43.06 -24.84 -1.92
N PHE C 643 -42.09 -24.82 -2.83
CA PHE C 643 -41.73 -26.01 -3.60
C PHE C 643 -40.22 -26.17 -3.59
N GLN C 644 -39.75 -27.41 -3.63
CA GLN C 644 -38.34 -27.71 -3.54
C GLN C 644 -37.82 -28.19 -4.89
N THR C 645 -36.82 -27.51 -5.43
CA THR C 645 -36.20 -27.84 -6.70
C THR C 645 -34.72 -28.12 -6.46
N ARG C 646 -34.10 -28.80 -7.42
CA ARG C 646 -32.66 -29.05 -7.31
C ARG C 646 -31.89 -27.73 -7.30
N ALA C 647 -32.50 -26.66 -7.77
CA ALA C 647 -31.86 -25.36 -7.80
C ALA C 647 -32.11 -24.52 -6.55
N GLY C 648 -32.84 -25.04 -5.56
CA GLY C 648 -33.14 -24.28 -4.37
C GLY C 648 -34.56 -24.54 -3.93
N CYS C 649 -35.19 -23.53 -3.35
CA CYS C 649 -36.62 -23.62 -3.07
C CYS C 649 -37.32 -22.37 -3.57
N LEU C 650 -38.49 -22.58 -4.14
CA LEU C 650 -39.24 -21.54 -4.81
C LEU C 650 -40.48 -21.24 -3.99
N ILE C 651 -40.63 -19.98 -3.60
CA ILE C 651 -41.77 -19.52 -2.81
C ILE C 651 -42.54 -18.54 -3.69
N GLY C 652 -43.83 -18.81 -3.87
CA GLY C 652 -44.65 -17.92 -4.65
C GLY C 652 -45.02 -18.48 -6.00
N ALA C 653 -44.67 -19.72 -6.26
CA ALA C 653 -45.00 -20.37 -7.51
C ALA C 653 -45.66 -21.72 -7.23
N GLU C 654 -46.69 -22.04 -8.02
CA GLU C 654 -47.43 -23.27 -7.84
C GLU C 654 -46.97 -24.30 -8.87
N HIS C 655 -46.70 -25.52 -8.42
CA HIS C 655 -46.29 -26.61 -9.31
C HIS C 655 -47.48 -27.14 -10.11
N VAL C 656 -47.49 -26.83 -11.40
CA VAL C 656 -48.36 -27.53 -12.31
C VAL C 656 -47.66 -28.76 -12.86
N ASN C 657 -48.40 -29.86 -12.96
CA ASN C 657 -47.85 -31.13 -13.44
C ASN C 657 -47.82 -31.19 -14.96
N ASN C 658 -48.21 -30.12 -15.63
CA ASN C 658 -48.12 -30.05 -17.07
C ASN C 658 -46.66 -29.78 -17.47
N SER C 659 -46.43 -29.68 -18.77
CA SER C 659 -45.11 -29.36 -19.30
C SER C 659 -45.26 -28.42 -20.48
N TYR C 660 -44.68 -27.23 -20.36
CA TYR C 660 -44.91 -26.15 -21.30
C TYR C 660 -43.56 -25.63 -21.78
N GLU C 661 -43.51 -25.15 -23.02
CA GLU C 661 -42.31 -24.50 -23.53
C GLU C 661 -42.12 -23.19 -22.80
N CYS C 662 -41.13 -23.12 -21.92
CA CYS C 662 -41.11 -22.06 -20.93
C CYS C 662 -40.13 -20.95 -21.30
N ASP C 663 -40.23 -19.86 -20.54
CA ASP C 663 -39.57 -18.60 -20.83
C ASP C 663 -38.75 -18.06 -19.66
N ILE C 664 -39.11 -18.40 -18.42
CA ILE C 664 -38.29 -17.99 -17.29
C ILE C 664 -37.58 -19.24 -16.77
N PRO C 665 -36.30 -19.41 -17.09
CA PRO C 665 -35.57 -20.58 -16.61
C PRO C 665 -35.18 -20.47 -15.15
N ILE C 666 -35.44 -21.54 -14.41
CA ILE C 666 -35.10 -21.63 -13.00
C ILE C 666 -33.91 -22.55 -12.78
N GLY C 667 -33.93 -23.72 -13.38
CA GLY C 667 -32.81 -24.64 -13.29
C GLY C 667 -33.28 -26.06 -13.10
N ALA C 668 -32.39 -26.99 -13.41
CA ALA C 668 -32.66 -28.43 -13.28
C ALA C 668 -33.89 -28.86 -14.06
N GLY C 669 -34.11 -28.26 -15.21
CA GLY C 669 -35.26 -28.58 -16.01
C GLY C 669 -36.54 -27.92 -15.57
N ILE C 670 -36.52 -27.16 -14.47
CA ILE C 670 -37.70 -26.52 -13.92
C ILE C 670 -37.66 -25.05 -14.31
N CYS C 671 -38.82 -24.52 -14.65
CA CYS C 671 -38.93 -23.17 -15.16
C CYS C 671 -40.34 -22.65 -14.94
N ALA C 672 -40.46 -21.34 -14.85
CA ALA C 672 -41.68 -20.69 -14.41
C ALA C 672 -42.26 -19.80 -15.49
N SER C 673 -43.53 -19.43 -15.30
CA SER C 673 -44.24 -18.59 -16.23
C SER C 673 -45.47 -18.00 -15.55
N TYR C 674 -46.27 -17.28 -16.32
CA TYR C 674 -47.45 -16.57 -15.82
C TYR C 674 -48.74 -17.07 -16.48
N SER C 691 -51.38 -16.13 -11.74
CA SER C 691 -50.43 -16.71 -10.80
C SER C 691 -49.20 -17.24 -11.51
N ILE C 692 -48.06 -17.26 -10.82
CA ILE C 692 -46.82 -17.78 -11.38
C ILE C 692 -46.77 -19.28 -11.15
N ILE C 693 -46.48 -20.03 -12.21
CA ILE C 693 -46.45 -21.49 -12.15
C ILE C 693 -45.04 -21.97 -12.48
N ALA C 694 -44.66 -23.08 -11.85
CA ALA C 694 -43.37 -23.71 -12.06
C ALA C 694 -43.58 -25.13 -12.53
N TYR C 695 -42.79 -25.55 -13.51
CA TYR C 695 -43.04 -26.82 -14.19
C TYR C 695 -41.79 -27.29 -14.89
N THR C 696 -41.77 -28.58 -15.22
CA THR C 696 -40.70 -29.15 -16.00
C THR C 696 -40.86 -28.75 -17.46
N MET C 697 -39.75 -28.53 -18.14
CA MET C 697 -39.78 -28.09 -19.53
C MET C 697 -40.42 -29.15 -20.41
N SER C 698 -40.90 -28.72 -21.56
CA SER C 698 -41.31 -29.60 -22.63
C SER C 698 -40.39 -29.35 -23.81
N LEU C 699 -39.75 -30.40 -24.31
CA LEU C 699 -38.79 -30.23 -25.38
C LEU C 699 -39.47 -29.96 -26.72
N GLY C 700 -40.74 -30.29 -26.85
CA GLY C 700 -41.48 -30.10 -28.07
C GLY C 700 -42.52 -31.17 -28.23
N ALA C 701 -43.26 -31.09 -29.34
CA ALA C 701 -44.29 -32.07 -29.62
C ALA C 701 -43.66 -33.40 -29.98
N GLU C 702 -44.27 -34.48 -29.52
CA GLU C 702 -43.74 -35.83 -29.72
C GLU C 702 -44.44 -36.43 -30.93
N ASN C 703 -43.85 -36.24 -32.11
CA ASN C 703 -44.36 -36.85 -33.32
C ASN C 703 -43.40 -37.91 -33.80
N SER C 704 -43.94 -39.05 -34.19
CA SER C 704 -43.16 -40.14 -34.74
C SER C 704 -43.57 -40.33 -36.18
N VAL C 705 -42.59 -40.29 -37.09
CA VAL C 705 -42.88 -40.43 -38.50
C VAL C 705 -43.33 -41.86 -38.78
N ALA C 706 -44.09 -42.04 -39.86
CA ALA C 706 -44.61 -43.35 -40.22
C ALA C 706 -43.58 -44.11 -41.07
N TYR C 707 -42.53 -44.55 -40.38
CA TYR C 707 -41.48 -45.29 -41.05
C TYR C 707 -41.93 -46.70 -41.39
N SER C 708 -41.60 -47.13 -42.59
CA SER C 708 -41.76 -48.52 -42.98
C SER C 708 -40.89 -48.76 -44.19
N ASN C 709 -40.69 -50.03 -44.51
CA ASN C 709 -40.29 -50.41 -45.84
C ASN C 709 -41.29 -49.85 -46.84
N ASN C 710 -40.82 -49.61 -48.04
CA ASN C 710 -41.63 -49.16 -49.18
C ASN C 710 -42.64 -48.07 -48.80
N SER C 711 -42.15 -47.01 -48.17
CA SER C 711 -42.96 -45.83 -47.94
C SER C 711 -42.09 -44.59 -47.92
N ILE C 712 -42.37 -43.64 -48.80
CA ILE C 712 -41.70 -42.36 -48.86
C ILE C 712 -42.74 -41.26 -48.79
N ALA C 713 -42.30 -40.09 -48.37
CA ALA C 713 -43.13 -38.89 -48.32
C ALA C 713 -42.48 -37.83 -49.18
N ILE C 714 -43.19 -37.40 -50.21
CA ILE C 714 -42.65 -36.48 -51.22
C ILE C 714 -43.49 -35.22 -51.21
N PRO C 715 -42.89 -34.05 -51.00
CA PRO C 715 -43.69 -32.82 -50.92
C PRO C 715 -44.31 -32.48 -52.26
N THR C 716 -45.50 -31.89 -52.19
CA THR C 716 -46.24 -31.48 -53.38
C THR C 716 -46.23 -29.97 -53.58
N ASN C 717 -45.65 -29.21 -52.66
CA ASN C 717 -45.71 -27.76 -52.76
C ASN C 717 -44.56 -27.19 -51.94
N PHE C 718 -44.42 -25.87 -51.94
CA PHE C 718 -43.29 -25.26 -51.26
C PHE C 718 -43.68 -23.91 -50.68
N THR C 719 -42.84 -23.43 -49.78
CA THR C 719 -42.95 -22.09 -49.22
C THR C 719 -41.58 -21.42 -49.33
N ILE C 720 -41.57 -20.17 -49.77
CA ILE C 720 -40.33 -19.41 -49.87
C ILE C 720 -40.20 -18.57 -48.61
N SER C 721 -39.42 -19.05 -47.67
CA SER C 721 -39.28 -18.40 -46.38
C SER C 721 -38.15 -17.38 -46.40
N VAL C 722 -38.32 -16.32 -45.62
CA VAL C 722 -37.28 -15.32 -45.41
C VAL C 722 -37.06 -15.18 -43.91
N THR C 723 -35.81 -15.33 -43.50
CA THR C 723 -35.45 -15.36 -42.09
C THR C 723 -34.41 -14.28 -41.81
N THR C 724 -34.55 -13.62 -40.67
CA THR C 724 -33.66 -12.54 -40.27
C THR C 724 -32.58 -13.10 -39.36
N GLU C 725 -31.33 -12.75 -39.64
CA GLU C 725 -30.20 -13.18 -38.83
C GLU C 725 -29.28 -12.00 -38.57
N ILE C 726 -29.12 -11.64 -37.30
CA ILE C 726 -28.50 -10.39 -36.90
C ILE C 726 -27.16 -10.70 -36.25
N LEU C 727 -26.11 -10.04 -36.74
CA LEU C 727 -24.74 -10.33 -36.33
C LEU C 727 -24.02 -9.04 -35.96
N PRO C 728 -23.50 -8.91 -34.75
CA PRO C 728 -22.65 -7.77 -34.43
C PRO C 728 -21.37 -7.77 -35.27
N VAL C 729 -20.94 -6.59 -35.68
CA VAL C 729 -19.76 -6.47 -36.54
C VAL C 729 -18.71 -5.59 -35.89
N SER C 730 -19.14 -4.64 -35.08
CA SER C 730 -18.21 -3.64 -34.58
C SER C 730 -18.68 -3.16 -33.21
N MET C 731 -17.76 -2.57 -32.48
CA MET C 731 -18.04 -1.94 -31.20
C MET C 731 -17.44 -0.54 -31.20
N THR C 732 -17.82 0.25 -30.20
CA THR C 732 -17.39 1.63 -30.17
C THR C 732 -15.90 1.75 -29.89
N LYS C 733 -15.24 2.62 -30.64
CA LYS C 733 -13.80 2.85 -30.52
C LYS C 733 -13.58 3.84 -29.39
N THR C 734 -13.16 3.35 -28.24
CA THR C 734 -12.98 4.17 -27.05
C THR C 734 -11.51 4.27 -26.71
N SER C 735 -11.05 5.50 -26.50
CA SER C 735 -9.69 5.75 -26.07
C SER C 735 -9.75 6.44 -24.72
N VAL C 736 -9.03 5.90 -23.75
CA VAL C 736 -8.92 6.48 -22.42
C VAL C 736 -7.47 6.84 -22.20
N ASP C 737 -7.20 8.12 -21.97
CA ASP C 737 -5.87 8.57 -21.61
C ASP C 737 -5.62 8.20 -20.16
N CYS C 738 -4.65 7.30 -19.94
CA CYS C 738 -4.41 6.78 -18.61
C CYS C 738 -3.98 7.87 -17.64
N THR C 739 -3.12 8.78 -18.09
CA THR C 739 -2.48 9.71 -17.18
C THR C 739 -3.48 10.65 -16.54
N MET C 740 -4.33 11.28 -17.35
CA MET C 740 -5.25 12.24 -16.78
C MET C 740 -6.57 11.61 -16.34
N TYR C 741 -6.73 10.31 -16.54
CA TYR C 741 -7.75 9.58 -15.80
C TYR C 741 -7.29 9.33 -14.37
N ILE C 742 -6.07 8.81 -14.19
CA ILE C 742 -5.57 8.54 -12.86
C ILE C 742 -5.33 9.84 -12.09
N CYS C 743 -4.73 10.83 -12.76
CA CYS C 743 -4.26 12.03 -12.08
C CYS C 743 -5.19 13.22 -12.30
N GLY C 744 -5.43 13.58 -13.55
CA GLY C 744 -6.38 14.63 -13.85
C GLY C 744 -5.95 16.01 -13.39
N ASP C 745 -4.95 16.57 -14.07
CA ASP C 745 -4.45 17.93 -13.78
C ASP C 745 -3.90 18.03 -12.36
N SER C 746 -2.94 17.16 -12.06
CA SER C 746 -2.19 17.20 -10.81
C SER C 746 -0.76 16.80 -11.12
N THR C 747 0.14 17.78 -11.19
CA THR C 747 1.49 17.50 -11.66
C THR C 747 2.22 16.57 -10.70
N GLU C 748 1.97 16.71 -9.40
CA GLU C 748 2.59 15.81 -8.43
C GLU C 748 2.09 14.40 -8.60
N CYS C 749 0.81 14.24 -8.96
CA CYS C 749 0.29 12.90 -9.23
C CYS C 749 0.98 12.28 -10.44
N SER C 750 1.19 13.07 -11.49
CA SER C 750 1.88 12.53 -12.66
C SER C 750 3.31 12.17 -12.32
N ASN C 751 3.95 12.95 -11.45
CA ASN C 751 5.29 12.59 -11.00
C ASN C 751 5.27 11.27 -10.25
N LEU C 752 4.27 11.08 -9.39
CA LEU C 752 4.14 9.82 -8.68
C LEU C 752 3.75 8.66 -9.59
N LEU C 753 3.13 8.94 -10.72
CA LEU C 753 2.71 7.88 -11.63
C LEU C 753 3.82 7.44 -12.56
N LEU C 754 4.73 8.34 -12.94
CA LEU C 754 5.77 7.95 -13.87
C LEU C 754 6.79 6.99 -13.26
N GLN C 755 6.67 6.66 -11.98
CA GLN C 755 7.52 5.66 -11.35
C GLN C 755 6.89 4.27 -11.34
N TYR C 756 5.66 4.14 -11.83
CA TYR C 756 5.04 2.85 -12.07
C TYR C 756 5.40 2.26 -13.41
N GLY C 757 6.19 2.93 -14.20
CA GLY C 757 6.66 2.35 -15.43
C GLY C 757 5.74 2.65 -16.59
N SER C 758 5.75 1.73 -17.55
CA SER C 758 4.98 1.87 -18.78
C SER C 758 3.62 1.21 -18.69
N PHE C 759 2.85 1.50 -17.65
CA PHE C 759 1.48 1.01 -17.62
C PHE C 759 0.58 1.83 -18.52
N CYS C 760 0.76 3.15 -18.52
CA CYS C 760 -0.02 4.00 -19.39
C CYS C 760 0.19 3.63 -20.86
N THR C 761 1.42 3.36 -21.24
CA THR C 761 1.72 3.04 -22.64
C THR C 761 1.10 1.71 -23.04
N GLN C 762 1.16 0.72 -22.15
CA GLN C 762 0.51 -0.57 -22.43
C GLN C 762 -0.99 -0.39 -22.61
N LEU C 763 -1.63 0.34 -21.70
CA LEU C 763 -3.08 0.50 -21.81
C LEU C 763 -3.48 1.24 -23.07
N ASN C 764 -2.72 2.27 -23.44
CA ASN C 764 -2.99 2.99 -24.68
C ASN C 764 -2.81 2.07 -25.89
N ARG C 765 -1.75 1.25 -25.89
CA ARG C 765 -1.57 0.33 -27.00
C ARG C 765 -2.72 -0.64 -27.12
N ALA C 766 -3.19 -1.18 -26.00
CA ALA C 766 -4.29 -2.13 -26.04
C ALA C 766 -5.57 -1.50 -26.60
N LEU C 767 -5.91 -0.30 -26.12
CA LEU C 767 -7.13 0.32 -26.61
C LEU C 767 -7.02 0.71 -28.08
N THR C 768 -5.86 1.20 -28.51
CA THR C 768 -5.69 1.55 -29.92
C THR C 768 -5.76 0.31 -30.79
N GLY C 769 -5.24 -0.82 -30.30
CA GLY C 769 -5.42 -2.06 -31.03
C GLY C 769 -6.87 -2.44 -31.21
N ILE C 770 -7.66 -2.28 -30.15
CA ILE C 770 -9.09 -2.59 -30.26
C ILE C 770 -9.75 -1.68 -31.30
N ALA C 771 -9.39 -0.39 -31.32
CA ALA C 771 -10.00 0.53 -32.27
C ALA C 771 -9.67 0.18 -33.71
N VAL C 772 -8.39 -0.05 -34.00
CA VAL C 772 -7.99 -0.43 -35.35
C VAL C 772 -8.65 -1.74 -35.74
N GLU C 773 -8.81 -2.65 -34.77
CA GLU C 773 -9.49 -3.91 -35.03
C GLU C 773 -10.95 -3.69 -35.42
N GLN C 774 -11.62 -2.74 -34.77
CA GLN C 774 -13.03 -2.50 -35.11
C GLN C 774 -13.14 -2.01 -36.54
N ASP C 775 -12.27 -1.09 -36.93
CA ASP C 775 -12.28 -0.65 -38.33
C ASP C 775 -12.02 -1.81 -39.28
N LYS C 776 -11.07 -2.68 -38.92
CA LYS C 776 -10.78 -3.84 -39.76
C LYS C 776 -11.98 -4.79 -39.86
N ASN C 777 -12.70 -4.98 -38.76
CA ASN C 777 -13.88 -5.83 -38.80
C ASN C 777 -14.91 -5.31 -39.79
N THR C 778 -15.20 -4.01 -39.71
CA THR C 778 -16.21 -3.46 -40.63
C THR C 778 -15.74 -3.58 -42.08
N GLN C 779 -14.46 -3.28 -42.32
CA GLN C 779 -13.93 -3.35 -43.68
C GLN C 779 -13.96 -4.77 -44.21
N GLU C 780 -13.66 -5.76 -43.36
CA GLU C 780 -13.68 -7.15 -43.80
C GLU C 780 -15.09 -7.62 -44.10
N VAL C 781 -16.07 -7.22 -43.28
CA VAL C 781 -17.43 -7.68 -43.51
C VAL C 781 -18.02 -7.05 -44.77
N PHE C 782 -17.82 -5.75 -44.96
CA PHE C 782 -18.62 -5.02 -45.94
C PHE C 782 -17.89 -4.71 -47.24
N ALA C 783 -16.58 -4.86 -47.31
CA ALA C 783 -15.83 -4.52 -48.52
C ALA C 783 -15.52 -5.75 -49.35
N GLN C 784 -16.47 -6.67 -49.46
CA GLN C 784 -16.29 -7.82 -50.34
C GLN C 784 -16.19 -7.39 -51.79
N VAL C 785 -17.03 -6.46 -52.21
CA VAL C 785 -17.07 -6.07 -53.61
C VAL C 785 -15.99 -5.02 -53.90
N LYS C 786 -15.54 -5.00 -55.15
CA LYS C 786 -14.55 -4.06 -55.61
C LYS C 786 -15.14 -2.92 -56.43
N GLN C 787 -16.39 -3.06 -56.88
CA GLN C 787 -17.04 -2.07 -57.70
C GLN C 787 -18.44 -1.82 -57.15
N ILE C 788 -18.86 -0.55 -57.19
CA ILE C 788 -20.16 -0.16 -56.65
C ILE C 788 -21.19 -0.35 -57.76
N TYR C 789 -21.98 -1.40 -57.65
CA TYR C 789 -23.00 -1.71 -58.64
C TYR C 789 -24.27 -0.92 -58.35
N LYS C 790 -25.08 -0.75 -59.40
CA LYS C 790 -26.35 -0.06 -59.30
C LYS C 790 -27.42 -0.87 -60.02
N THR C 791 -28.64 -0.82 -59.49
CA THR C 791 -29.75 -1.51 -60.13
C THR C 791 -30.29 -0.67 -61.28
N PRO C 792 -30.88 -1.31 -62.28
CA PRO C 792 -31.45 -0.56 -63.40
C PRO C 792 -32.56 0.36 -62.93
N PRO C 793 -32.77 1.50 -63.60
CA PRO C 793 -33.91 2.35 -63.22
C PRO C 793 -35.25 1.65 -63.38
N ILE C 794 -35.36 0.77 -64.37
CA ILE C 794 -36.58 0.00 -64.58
C ILE C 794 -36.46 -1.32 -63.84
N LYS C 795 -37.43 -1.62 -62.98
CA LYS C 795 -37.37 -2.79 -62.12
C LYS C 795 -38.32 -3.86 -62.68
N ASP C 796 -37.80 -4.63 -63.63
CA ASP C 796 -38.52 -5.77 -64.19
C ASP C 796 -37.75 -7.03 -63.81
N PHE C 797 -38.04 -7.54 -62.62
CA PHE C 797 -37.41 -8.74 -62.10
C PHE C 797 -38.36 -9.93 -62.18
N GLY C 798 -39.30 -9.87 -63.13
CA GLY C 798 -40.26 -10.95 -63.31
C GLY C 798 -41.23 -11.10 -62.16
N GLY C 799 -41.64 -10.01 -61.54
CA GLY C 799 -42.56 -10.03 -60.45
C GLY C 799 -41.92 -9.95 -59.07
N PHE C 800 -40.63 -10.26 -58.96
CA PHE C 800 -39.97 -10.14 -57.68
C PHE C 800 -39.77 -8.66 -57.36
N ASN C 801 -40.10 -8.29 -56.14
CA ASN C 801 -40.17 -6.87 -55.77
C ASN C 801 -39.20 -6.61 -54.65
N PHE C 802 -38.16 -5.83 -54.93
CA PHE C 802 -37.03 -5.64 -54.03
C PHE C 802 -37.06 -4.27 -53.38
N SER C 803 -38.21 -3.60 -53.40
CA SER C 803 -38.29 -2.22 -52.97
C SER C 803 -37.97 -2.07 -51.49
N GLN C 804 -38.33 -3.07 -50.69
CA GLN C 804 -38.13 -2.96 -49.25
C GLN C 804 -36.66 -3.06 -48.88
N ILE C 805 -35.84 -3.66 -49.74
CA ILE C 805 -34.44 -3.90 -49.43
C ILE C 805 -33.49 -3.08 -50.29
N LEU C 806 -34.00 -2.32 -51.25
CA LEU C 806 -33.19 -1.46 -52.08
C LEU C 806 -33.32 0.00 -51.65
N PRO C 807 -32.29 0.81 -51.88
CA PRO C 807 -32.43 2.25 -51.60
C PRO C 807 -33.49 2.88 -52.47
N ASP C 808 -34.15 3.91 -51.93
CA ASP C 808 -35.28 4.48 -52.64
C ASP C 808 -34.95 5.87 -53.20
N PRO C 809 -35.60 6.27 -54.30
CA PRO C 809 -35.31 7.58 -54.89
C PRO C 809 -35.66 8.76 -54.00
N SER C 810 -36.44 8.53 -52.93
CA SER C 810 -36.73 9.60 -51.98
C SER C 810 -35.46 10.12 -51.30
N LYS C 811 -34.37 9.37 -51.36
CA LYS C 811 -33.08 9.71 -50.79
C LYS C 811 -33.17 10.16 -49.34
N PRO C 812 -33.77 9.37 -48.43
CA PRO C 812 -33.64 9.68 -47.01
C PRO C 812 -32.38 9.01 -46.45
N SER C 813 -31.24 9.66 -46.72
CA SER C 813 -29.91 9.14 -46.43
C SER C 813 -29.59 7.90 -47.26
N LYS C 814 -30.23 7.75 -48.41
CA LYS C 814 -29.95 6.68 -49.37
C LYS C 814 -29.97 5.31 -48.67
N ARG C 815 -30.97 5.10 -47.84
CA ARG C 815 -31.09 3.92 -47.01
C ARG C 815 -32.39 3.19 -47.34
N SER C 816 -32.32 1.87 -47.42
CA SER C 816 -33.51 1.09 -47.73
C SER C 816 -34.48 1.15 -46.57
N PHE C 817 -35.72 0.74 -46.83
CA PHE C 817 -36.78 1.01 -45.88
C PHE C 817 -36.62 0.12 -44.64
N ILE C 818 -36.24 -1.14 -44.84
CA ILE C 818 -35.96 -2.04 -43.72
C ILE C 818 -34.75 -1.56 -42.93
N GLU C 819 -33.70 -1.10 -43.61
CA GLU C 819 -32.56 -0.55 -42.90
C GLU C 819 -32.95 0.69 -42.11
N ASP C 820 -33.90 1.48 -42.64
CA ASP C 820 -34.38 2.63 -41.90
C ASP C 820 -35.04 2.20 -40.59
N LEU C 821 -35.87 1.15 -40.64
CA LEU C 821 -36.48 0.68 -39.40
C LEU C 821 -35.45 0.06 -38.47
N LEU C 822 -34.45 -0.62 -39.01
CA LEU C 822 -33.41 -1.16 -38.15
C LEU C 822 -32.65 -0.07 -37.43
N PHE C 823 -32.29 1.00 -38.14
CA PHE C 823 -31.57 2.09 -37.51
C PHE C 823 -32.41 2.84 -36.50
N ASN C 824 -33.70 3.04 -36.78
CA ASN C 824 -34.57 3.65 -35.78
C ASN C 824 -34.82 2.73 -34.60
N LYS C 825 -34.73 1.41 -34.79
CA LYS C 825 -35.10 0.48 -33.75
C LYS C 825 -34.09 0.48 -32.61
N VAL C 826 -32.80 0.50 -32.95
CA VAL C 826 -31.75 0.60 -31.95
C VAL C 826 -31.45 2.07 -31.70
N THR C 827 -31.70 2.53 -30.49
CA THR C 827 -31.49 3.93 -30.10
C THR C 827 -30.32 4.01 -29.14
N LEU C 828 -29.35 4.87 -29.45
CA LEU C 828 -28.17 5.02 -28.62
C LEU C 828 -28.51 5.72 -27.31
N PHE C 855 -16.51 12.36 -19.60
CA PHE C 855 -15.49 13.19 -20.20
C PHE C 855 -14.36 13.45 -19.22
N ASN C 856 -13.69 12.38 -18.81
CA ASN C 856 -12.54 12.44 -17.91
C ASN C 856 -11.37 11.70 -18.54
N GLY C 857 -11.12 11.97 -19.82
CA GLY C 857 -10.20 11.21 -20.63
C GLY C 857 -10.86 10.31 -21.64
N LEU C 858 -12.15 10.07 -21.49
CA LEU C 858 -12.87 9.23 -22.43
C LEU C 858 -13.00 9.94 -23.76
N THR C 859 -12.76 9.19 -24.84
CA THR C 859 -12.96 9.72 -26.18
C THR C 859 -13.49 8.61 -27.06
N VAL C 860 -14.41 8.98 -27.94
CA VAL C 860 -14.98 8.03 -28.90
C VAL C 860 -14.46 8.41 -30.27
N LEU C 861 -13.53 7.65 -30.78
CA LEU C 861 -13.02 7.88 -32.12
C LEU C 861 -14.06 7.47 -33.15
N PRO C 862 -14.35 8.32 -34.12
CA PRO C 862 -15.38 7.99 -35.09
C PRO C 862 -14.95 6.82 -35.94
N PRO C 863 -15.89 6.01 -36.40
CA PRO C 863 -15.55 4.91 -37.29
C PRO C 863 -15.05 5.43 -38.62
N LEU C 864 -14.13 4.68 -39.22
CA LEU C 864 -13.54 5.12 -40.48
C LEU C 864 -14.58 5.11 -41.60
N LEU C 865 -15.38 4.06 -41.67
CA LEU C 865 -16.48 3.99 -42.63
C LEU C 865 -17.73 4.52 -41.97
N THR C 866 -18.34 5.53 -42.57
CA THR C 866 -19.54 6.11 -42.02
C THR C 866 -20.73 5.19 -42.28
N ASP C 867 -21.88 5.58 -41.73
CA ASP C 867 -23.10 4.82 -41.99
C ASP C 867 -23.48 4.87 -43.46
N GLU C 868 -23.26 6.02 -44.11
CA GLU C 868 -23.58 6.14 -45.53
C GLU C 868 -22.74 5.21 -46.38
N MET C 869 -21.46 5.06 -46.06
CA MET C 869 -20.60 4.21 -46.87
C MET C 869 -20.91 2.74 -46.66
N ILE C 870 -21.25 2.35 -45.44
CA ILE C 870 -21.69 0.98 -45.19
C ILE C 870 -22.99 0.70 -45.94
N ALA C 871 -23.91 1.66 -45.94
CA ALA C 871 -25.14 1.50 -46.70
C ALA C 871 -24.85 1.38 -48.18
N GLN C 872 -23.84 2.11 -48.67
CA GLN C 872 -23.53 2.07 -50.10
C GLN C 872 -22.86 0.76 -50.50
N TYR C 873 -21.99 0.20 -49.64
CA TYR C 873 -21.58 -1.19 -49.83
C TYR C 873 -22.75 -2.17 -49.86
N THR C 874 -23.68 -2.05 -48.92
CA THR C 874 -24.80 -2.99 -48.93
C THR C 874 -25.61 -2.85 -50.20
N SER C 875 -25.79 -1.61 -50.67
CA SER C 875 -26.50 -1.39 -51.93
C SER C 875 -25.74 -1.99 -53.10
N ALA C 876 -24.41 -1.89 -53.10
CA ALA C 876 -23.62 -2.51 -54.16
C ALA C 876 -23.78 -4.03 -54.16
N LEU C 877 -23.76 -4.64 -52.98
CA LEU C 877 -23.93 -6.08 -52.86
C LEU C 877 -25.31 -6.51 -53.35
N LEU C 878 -26.36 -5.79 -52.96
CA LEU C 878 -27.69 -6.07 -53.47
C LEU C 878 -27.75 -5.95 -54.97
N ALA C 879 -27.25 -4.84 -55.51
CA ALA C 879 -27.34 -4.63 -56.95
C ALA C 879 -26.62 -5.74 -57.69
N GLY C 880 -25.44 -6.14 -57.22
CA GLY C 880 -24.74 -7.24 -57.82
C GLY C 880 -25.51 -8.54 -57.74
N THR C 881 -26.15 -8.81 -56.60
CA THR C 881 -26.89 -10.06 -56.45
C THR C 881 -28.09 -10.12 -57.39
N ILE C 882 -28.93 -9.08 -57.39
CA ILE C 882 -30.08 -9.09 -58.27
C ILE C 882 -29.66 -9.12 -59.73
N THR C 883 -28.68 -8.31 -60.12
CA THR C 883 -28.42 -8.15 -61.54
C THR C 883 -27.43 -9.15 -62.11
N SER C 884 -26.67 -9.85 -61.27
CA SER C 884 -25.62 -10.74 -61.74
C SER C 884 -25.59 -12.10 -61.09
N GLY C 885 -26.13 -12.25 -59.89
CA GLY C 885 -26.15 -13.55 -59.23
C GLY C 885 -24.91 -13.75 -58.38
N TRP C 886 -24.28 -14.92 -58.53
CA TRP C 886 -23.00 -15.17 -57.89
C TRP C 886 -21.82 -14.82 -58.78
N THR C 887 -22.07 -14.31 -59.99
CA THR C 887 -20.99 -14.11 -60.93
C THR C 887 -20.06 -12.99 -60.51
N PHE C 888 -20.56 -12.01 -59.74
CA PHE C 888 -19.77 -10.84 -59.43
C PHE C 888 -18.82 -11.07 -58.26
N GLY C 889 -19.00 -12.16 -57.52
CA GLY C 889 -18.10 -12.47 -56.43
C GLY C 889 -16.97 -13.40 -56.78
N ALA C 890 -17.03 -14.04 -57.94
CA ALA C 890 -15.98 -14.96 -58.38
C ALA C 890 -15.36 -14.52 -59.69
N GLY C 891 -15.52 -13.26 -60.04
CA GLY C 891 -14.99 -12.74 -61.28
C GLY C 891 -15.69 -11.47 -61.67
N ALA C 892 -15.85 -11.24 -62.97
CA ALA C 892 -16.50 -10.04 -63.45
C ALA C 892 -18.00 -10.26 -63.58
N ALA C 893 -18.77 -9.23 -63.23
CA ALA C 893 -20.23 -9.37 -63.13
C ALA C 893 -20.86 -9.70 -64.47
N LEU C 894 -21.62 -10.78 -64.50
CA LEU C 894 -22.32 -11.26 -65.68
C LEU C 894 -23.81 -11.07 -65.47
N GLN C 895 -24.44 -10.26 -66.31
CA GLN C 895 -25.87 -10.04 -66.16
C GLN C 895 -26.63 -11.31 -66.49
N ILE C 896 -27.73 -11.52 -65.78
CA ILE C 896 -28.62 -12.65 -66.02
C ILE C 896 -29.99 -12.31 -65.48
N PRO C 897 -31.07 -12.63 -66.17
CA PRO C 897 -32.41 -12.30 -65.66
C PRO C 897 -32.66 -12.99 -64.33
N PHE C 898 -33.38 -12.29 -63.44
CA PHE C 898 -33.55 -12.81 -62.09
C PHE C 898 -34.39 -14.08 -62.07
N ALA C 899 -35.32 -14.22 -63.01
CA ALA C 899 -36.04 -15.47 -63.13
C ALA C 899 -35.11 -16.63 -63.43
N MET C 900 -34.16 -16.43 -64.34
CA MET C 900 -33.23 -17.49 -64.70
C MET C 900 -32.22 -17.75 -63.60
N GLN C 901 -31.81 -16.70 -62.88
CA GLN C 901 -30.94 -16.89 -61.74
C GLN C 901 -31.62 -17.72 -60.67
N MET C 902 -32.91 -17.46 -60.42
CA MET C 902 -33.64 -18.24 -59.44
C MET C 902 -33.85 -19.67 -59.92
N ALA C 903 -33.98 -19.89 -61.23
CA ALA C 903 -34.02 -21.25 -61.74
C ALA C 903 -32.71 -21.99 -61.49
N TYR C 904 -31.58 -21.32 -61.70
CA TYR C 904 -30.30 -21.94 -61.37
C TYR C 904 -30.22 -22.25 -59.89
N ARG C 905 -30.73 -21.35 -59.05
CA ARG C 905 -30.66 -21.60 -57.61
C ARG C 905 -31.58 -22.73 -57.19
N PHE C 906 -32.69 -22.96 -57.90
CA PHE C 906 -33.46 -24.16 -57.67
C PHE C 906 -32.69 -25.41 -58.08
N ASN C 907 -32.03 -25.38 -59.24
CA ASN C 907 -31.17 -26.50 -59.60
C ASN C 907 -30.10 -26.75 -58.55
N GLY C 908 -29.67 -25.72 -57.85
CA GLY C 908 -28.68 -25.91 -56.80
C GLY C 908 -29.20 -26.75 -55.66
N ILE C 909 -30.49 -26.66 -55.36
CA ILE C 909 -31.05 -27.36 -54.22
C ILE C 909 -31.78 -28.62 -54.68
N GLY C 910 -31.60 -28.98 -55.95
CA GLY C 910 -32.10 -30.24 -56.45
C GLY C 910 -33.48 -30.22 -57.04
N VAL C 911 -34.01 -29.05 -57.36
CA VAL C 911 -35.34 -28.92 -57.95
C VAL C 911 -35.18 -28.35 -59.35
N THR C 912 -35.90 -28.93 -60.30
CA THR C 912 -35.72 -28.58 -61.71
C THR C 912 -36.20 -27.17 -62.01
N GLN C 913 -35.72 -26.64 -63.13
CA GLN C 913 -36.07 -25.28 -63.54
C GLN C 913 -37.55 -25.14 -63.86
N ASN C 914 -38.17 -26.18 -64.38
CA ASN C 914 -39.58 -26.10 -64.76
C ASN C 914 -40.45 -25.77 -63.56
N VAL C 915 -40.02 -26.16 -62.36
CA VAL C 915 -40.80 -25.84 -61.18
C VAL C 915 -40.96 -24.33 -61.04
N LEU C 916 -39.87 -23.59 -61.22
CA LEU C 916 -39.96 -22.15 -61.15
C LEU C 916 -40.67 -21.58 -62.37
N TYR C 917 -40.33 -22.04 -63.56
CA TYR C 917 -40.91 -21.42 -64.74
C TYR C 917 -42.40 -21.68 -64.87
N GLU C 918 -42.93 -22.72 -64.23
CA GLU C 918 -44.36 -23.01 -64.30
C GLU C 918 -45.17 -22.30 -63.23
N ASN C 919 -44.56 -21.99 -62.09
CA ASN C 919 -45.22 -21.24 -61.05
C ASN C 919 -44.35 -20.10 -60.58
N GLN C 920 -43.88 -19.32 -61.55
CA GLN C 920 -43.07 -18.14 -61.24
C GLN C 920 -43.88 -17.10 -60.48
N LYS C 921 -45.14 -16.90 -60.87
CA LYS C 921 -45.95 -15.88 -60.22
C LYS C 921 -46.20 -16.22 -58.75
N LEU C 922 -46.47 -17.49 -58.45
CA LEU C 922 -46.66 -17.92 -57.07
C LEU C 922 -45.41 -17.69 -56.24
N ILE C 923 -44.23 -18.01 -56.80
CA ILE C 923 -42.99 -17.83 -56.06
C ILE C 923 -42.72 -16.36 -55.82
N ALA C 924 -42.96 -15.53 -56.84
CA ALA C 924 -42.78 -14.09 -56.67
C ALA C 924 -43.70 -13.54 -55.60
N ASN C 925 -44.97 -13.97 -55.59
CA ASN C 925 -45.90 -13.52 -54.58
C ASN C 925 -45.46 -13.94 -53.20
N GLN C 926 -45.00 -15.19 -53.06
CA GLN C 926 -44.54 -15.69 -51.77
C GLN C 926 -43.31 -14.91 -51.29
N PHE C 927 -42.40 -14.59 -52.20
CA PHE C 927 -41.19 -13.85 -51.84
C PHE C 927 -41.53 -12.43 -51.39
N ASN C 928 -42.41 -11.75 -52.13
CA ASN C 928 -42.81 -10.42 -51.75
C ASN C 928 -43.54 -10.42 -50.41
N SER C 929 -44.41 -11.42 -50.20
CA SER C 929 -45.11 -11.52 -48.93
C SER C 929 -44.15 -11.80 -47.78
N ALA C 930 -43.12 -12.60 -48.00
CA ALA C 930 -42.15 -12.88 -46.95
C ALA C 930 -41.34 -11.64 -46.59
N ILE C 931 -40.91 -10.87 -47.60
CA ILE C 931 -40.24 -9.61 -47.31
C ILE C 931 -41.17 -8.67 -46.56
N GLY C 932 -42.45 -8.65 -46.92
CA GLY C 932 -43.41 -7.84 -46.19
C GLY C 932 -43.60 -8.28 -44.76
N LYS C 933 -43.54 -9.57 -44.50
CA LYS C 933 -43.66 -10.06 -43.13
C LYS C 933 -42.44 -9.67 -42.30
N ILE C 934 -41.25 -9.72 -42.89
CA ILE C 934 -40.06 -9.23 -42.18
C ILE C 934 -40.21 -7.74 -41.89
N GLN C 935 -40.67 -7.00 -42.88
CA GLN C 935 -41.09 -5.61 -42.69
C GLN C 935 -41.96 -5.42 -41.46
N ASP C 936 -43.09 -6.14 -41.41
CA ASP C 936 -44.05 -5.93 -40.33
C ASP C 936 -43.49 -6.35 -38.98
N SER C 937 -42.73 -7.45 -38.95
CA SER C 937 -42.12 -7.90 -37.71
C SER C 937 -41.14 -6.86 -37.17
N LEU C 938 -40.34 -6.25 -38.04
CA LEU C 938 -39.45 -5.21 -37.56
C LEU C 938 -40.21 -3.97 -37.13
N SER C 939 -41.31 -3.66 -37.81
CA SER C 939 -42.06 -2.45 -37.47
C SER C 939 -42.76 -2.58 -36.12
N SER C 940 -43.45 -3.69 -35.90
CA SER C 940 -44.29 -3.86 -34.71
C SER C 940 -43.62 -4.71 -33.64
N THR C 941 -43.23 -5.93 -33.98
CA THR C 941 -42.65 -6.83 -32.99
C THR C 941 -41.32 -6.28 -32.50
N ALA C 942 -41.13 -6.32 -31.18
CA ALA C 942 -39.94 -5.78 -30.53
C ALA C 942 -38.93 -6.88 -30.24
N SER C 943 -37.83 -6.48 -29.62
CA SER C 943 -36.73 -7.37 -29.24
C SER C 943 -36.11 -8.09 -30.43
N ALA C 944 -36.24 -7.52 -31.63
CA ALA C 944 -35.67 -8.15 -32.81
C ALA C 944 -34.16 -7.99 -32.85
N LEU C 945 -33.65 -6.83 -32.46
CA LEU C 945 -32.25 -6.46 -32.58
C LEU C 945 -31.53 -6.59 -31.25
N GLY C 946 -31.79 -7.67 -30.52
CA GLY C 946 -31.27 -7.80 -29.18
C GLY C 946 -29.76 -7.90 -29.08
N LYS C 947 -29.12 -8.59 -30.04
CA LYS C 947 -27.68 -8.79 -29.94
C LYS C 947 -26.92 -7.48 -30.00
N LEU C 948 -27.26 -6.64 -30.97
CA LEU C 948 -26.60 -5.35 -31.13
C LEU C 948 -26.83 -4.44 -29.93
N GLN C 949 -28.07 -4.41 -29.45
CA GLN C 949 -28.39 -3.60 -28.28
C GLN C 949 -27.63 -4.09 -27.06
N ASP C 950 -27.47 -5.41 -26.92
CA ASP C 950 -26.72 -5.95 -25.80
C ASP C 950 -25.27 -5.54 -25.87
N VAL C 951 -24.67 -5.56 -27.06
CA VAL C 951 -23.28 -5.13 -27.17
C VAL C 951 -23.13 -3.66 -26.79
N VAL C 952 -24.04 -2.82 -27.28
CA VAL C 952 -23.99 -1.40 -26.93
C VAL C 952 -24.18 -1.19 -25.44
N ASN C 953 -25.11 -1.92 -24.84
CA ASN C 953 -25.37 -1.81 -23.41
C ASN C 953 -24.16 -2.22 -22.59
N GLN C 954 -23.51 -3.31 -22.98
CA GLN C 954 -22.33 -3.77 -22.26
C GLN C 954 -21.20 -2.75 -22.31
N ASN C 955 -20.95 -2.18 -23.49
CA ASN C 955 -19.90 -1.17 -23.59
C ASN C 955 -20.23 0.05 -22.75
N ALA C 956 -21.47 0.52 -22.82
CA ALA C 956 -21.86 1.70 -22.04
C ALA C 956 -21.75 1.44 -20.55
N GLN C 957 -22.12 0.23 -20.12
CA GLN C 957 -22.04 -0.11 -18.72
C GLN C 957 -20.60 -0.20 -18.24
N ALA C 958 -19.70 -0.71 -19.09
CA ALA C 958 -18.28 -0.70 -18.75
C ALA C 958 -17.75 0.71 -18.56
N LEU C 959 -18.08 1.62 -19.48
CA LEU C 959 -17.64 2.99 -19.29
C LEU C 959 -18.24 3.62 -18.04
N ASN C 960 -19.51 3.36 -17.77
CA ASN C 960 -20.15 3.95 -16.60
C ASN C 960 -19.49 3.47 -15.31
N THR C 961 -19.20 2.17 -15.22
CA THR C 961 -18.57 1.70 -14.00
C THR C 961 -17.14 2.20 -13.87
N LEU C 962 -16.42 2.34 -14.98
CA LEU C 962 -15.09 2.93 -14.91
C LEU C 962 -15.15 4.37 -14.40
N VAL C 963 -16.09 5.16 -14.89
CA VAL C 963 -16.18 6.55 -14.46
C VAL C 963 -16.64 6.65 -13.01
N LYS C 964 -17.55 5.77 -12.59
CA LYS C 964 -17.98 5.79 -11.19
C LYS C 964 -16.85 5.41 -10.25
N GLN C 965 -15.96 4.50 -10.68
CA GLN C 965 -14.84 4.12 -9.83
C GLN C 965 -13.94 5.30 -9.52
N LEU C 966 -14.03 6.37 -10.28
CA LEU C 966 -13.21 7.54 -10.06
C LEU C 966 -13.69 8.33 -8.85
N SER C 967 -14.84 7.97 -8.30
CA SER C 967 -15.36 8.53 -7.07
C SER C 967 -15.10 7.63 -5.88
N SER C 968 -14.33 6.57 -6.06
CA SER C 968 -14.03 5.61 -5.00
C SER C 968 -12.78 6.04 -4.25
N ASN C 969 -12.79 5.78 -2.95
CA ASN C 969 -11.78 6.34 -2.05
C ASN C 969 -10.55 5.45 -1.98
N PHE C 970 -10.72 4.13 -2.11
CA PHE C 970 -9.62 3.18 -2.20
C PHE C 970 -8.74 3.19 -0.95
N GLY C 971 -9.32 3.51 0.19
CA GLY C 971 -8.58 3.51 1.44
C GLY C 971 -8.00 4.84 1.83
N ALA C 972 -8.02 5.83 0.96
CA ALA C 972 -7.44 7.12 1.27
C ALA C 972 -8.45 7.96 2.05
N ILE C 973 -8.13 9.23 2.23
CA ILE C 973 -9.04 10.11 2.95
C ILE C 973 -10.13 10.65 2.02
N SER C 974 -9.76 11.03 0.81
CA SER C 974 -10.71 11.61 -0.13
C SER C 974 -10.51 11.03 -1.52
N SER C 975 -11.60 10.96 -2.27
CA SER C 975 -11.56 10.52 -3.66
C SER C 975 -11.15 11.63 -4.61
N VAL C 976 -11.05 12.86 -4.12
CA VAL C 976 -10.63 14.00 -4.93
C VAL C 976 -9.19 14.33 -4.57
N LEU C 977 -8.34 14.43 -5.59
CA LEU C 977 -6.92 14.67 -5.34
C LEU C 977 -6.71 16.04 -4.73
N ASN C 978 -7.45 17.05 -5.20
CA ASN C 978 -7.22 18.42 -4.76
C ASN C 978 -7.40 18.55 -3.25
N ASP C 979 -8.37 17.86 -2.67
CA ASP C 979 -8.57 17.92 -1.23
C ASP C 979 -7.35 17.37 -0.48
N ILE C 980 -6.83 16.24 -0.95
CA ILE C 980 -5.65 15.66 -0.30
C ILE C 980 -4.45 16.58 -0.43
N LEU C 981 -4.27 17.18 -1.61
CA LEU C 981 -3.15 18.10 -1.78
C LEU C 981 -3.29 19.31 -0.86
N SER C 982 -4.50 19.87 -0.77
CA SER C 982 -4.71 21.11 -0.04
C SER C 982 -4.91 20.91 1.44
N ARG C 983 -5.01 19.68 1.93
CA ARG C 983 -5.30 19.45 3.33
C ARG C 983 -4.25 18.62 4.05
N LEU C 984 -3.28 18.05 3.36
CA LEU C 984 -2.23 17.29 4.00
C LEU C 984 -0.85 17.76 3.54
N ASP C 985 0.14 17.50 4.40
CA ASP C 985 1.54 17.75 4.10
C ASP C 985 2.08 16.70 3.13
N PRO C 986 3.12 17.02 2.37
CA PRO C 986 3.49 16.22 1.19
C PRO C 986 3.80 14.77 1.50
N PRO C 987 4.43 14.41 2.64
CA PRO C 987 4.62 12.98 2.91
C PRO C 987 3.33 12.15 2.96
N GLU C 988 2.43 12.50 3.88
CA GLU C 988 1.16 11.80 3.95
C GLU C 988 0.33 12.05 2.70
N ALA C 989 0.51 13.23 2.09
CA ALA C 989 -0.16 13.50 0.83
C ALA C 989 0.21 12.45 -0.20
N GLU C 990 1.51 12.17 -0.35
CA GLU C 990 1.92 11.22 -1.37
C GLU C 990 1.57 9.79 -0.97
N VAL C 991 1.45 9.50 0.33
CA VAL C 991 0.97 8.17 0.71
C VAL C 991 -0.46 7.96 0.23
N GLN C 992 -1.35 8.89 0.57
CA GLN C 992 -2.74 8.76 0.12
C GLN C 992 -2.84 8.78 -1.39
N ILE C 993 -2.05 9.63 -2.04
CA ILE C 993 -2.09 9.73 -3.49
C ILE C 993 -1.58 8.45 -4.13
N ASP C 994 -0.59 7.82 -3.50
CA ASP C 994 -0.10 6.54 -4.00
C ASP C 994 -1.19 5.51 -3.96
N ARG C 995 -1.98 5.50 -2.90
CA ARG C 995 -3.01 4.48 -2.84
C ARG C 995 -4.17 4.77 -3.80
N LEU C 996 -4.51 6.05 -4.03
CA LEU C 996 -5.45 6.35 -5.10
C LEU C 996 -4.90 5.95 -6.47
N ILE C 997 -3.61 6.18 -6.70
CA ILE C 997 -3.01 5.78 -7.97
C ILE C 997 -3.11 4.28 -8.17
N THR C 998 -2.82 3.51 -7.12
CA THR C 998 -2.93 2.06 -7.22
C THR C 998 -4.37 1.65 -7.54
N GLY C 999 -5.33 2.22 -6.83
CA GLY C 999 -6.73 1.86 -7.09
C GLY C 999 -7.15 2.18 -8.51
N ARG C 1000 -6.80 3.36 -9.00
CA ARG C 1000 -7.23 3.77 -10.32
C ARG C 1000 -6.50 3.00 -11.42
N LEU C 1001 -5.23 2.64 -11.19
CA LEU C 1001 -4.56 1.74 -12.12
C LEU C 1001 -5.26 0.40 -12.20
N GLN C 1002 -5.65 -0.15 -11.05
CA GLN C 1002 -6.34 -1.43 -11.06
C GLN C 1002 -7.66 -1.32 -11.82
N SER C 1003 -8.40 -0.24 -11.60
CA SER C 1003 -9.67 -0.04 -12.30
C SER C 1003 -9.46 0.04 -13.80
N LEU C 1004 -8.49 0.84 -14.25
CA LEU C 1004 -8.24 0.99 -15.67
C LEU C 1004 -7.77 -0.32 -16.30
N GLN C 1005 -6.95 -1.07 -15.58
CA GLN C 1005 -6.42 -2.31 -16.14
C GLN C 1005 -7.51 -3.38 -16.24
N THR C 1006 -8.41 -3.42 -15.24
CA THR C 1006 -9.58 -4.27 -15.36
C THR C 1006 -10.42 -3.89 -16.56
N TYR C 1007 -10.63 -2.59 -16.78
CA TYR C 1007 -11.42 -2.16 -17.93
C TYR C 1007 -10.78 -2.59 -19.23
N VAL C 1008 -9.47 -2.42 -19.35
CA VAL C 1008 -8.79 -2.76 -20.60
C VAL C 1008 -8.82 -4.26 -20.84
N THR C 1009 -8.69 -5.07 -19.78
CA THR C 1009 -8.76 -6.52 -19.96
C THR C 1009 -10.15 -6.95 -20.41
N GLN C 1010 -11.18 -6.40 -19.78
CA GLN C 1010 -12.54 -6.69 -20.21
C GLN C 1010 -12.77 -6.28 -21.65
N GLN C 1011 -12.24 -5.12 -22.04
CA GLN C 1011 -12.40 -4.66 -23.42
C GLN C 1011 -11.70 -5.58 -24.39
N LEU C 1012 -10.52 -6.10 -24.03
CA LEU C 1012 -9.82 -7.01 -24.93
C LEU C 1012 -10.60 -8.30 -25.12
N ILE C 1013 -11.17 -8.85 -24.05
CA ILE C 1013 -11.97 -10.07 -24.18
C ILE C 1013 -13.22 -9.81 -25.01
N ARG C 1014 -13.90 -8.69 -24.77
CA ARG C 1014 -15.06 -8.35 -25.60
C ARG C 1014 -14.67 -8.13 -27.05
N ALA C 1015 -13.51 -7.54 -27.29
CA ALA C 1015 -13.06 -7.31 -28.66
C ALA C 1015 -12.80 -8.63 -29.36
N ALA C 1016 -12.28 -9.61 -28.64
CA ALA C 1016 -12.13 -10.94 -29.21
C ALA C 1016 -13.49 -11.54 -29.57
N GLU C 1017 -14.48 -11.37 -28.70
CA GLU C 1017 -15.82 -11.88 -29.01
C GLU C 1017 -16.40 -11.20 -30.24
N ILE C 1018 -16.25 -9.89 -30.34
CA ILE C 1018 -16.79 -9.16 -31.49
C ILE C 1018 -16.04 -9.51 -32.75
N ARG C 1019 -14.74 -9.78 -32.66
CA ARG C 1019 -14.00 -10.25 -33.82
C ARG C 1019 -14.46 -11.62 -34.28
N ALA C 1020 -14.77 -12.52 -33.35
CA ALA C 1020 -15.36 -13.79 -33.73
C ALA C 1020 -16.68 -13.59 -34.46
N SER C 1021 -17.53 -12.71 -33.94
CA SER C 1021 -18.79 -12.42 -34.61
C SER C 1021 -18.58 -11.81 -35.98
N ALA C 1022 -17.58 -10.93 -36.12
CA ALA C 1022 -17.34 -10.28 -37.40
C ALA C 1022 -16.75 -11.24 -38.42
N ASN C 1023 -15.92 -12.16 -37.98
CA ASN C 1023 -15.40 -13.19 -38.87
C ASN C 1023 -16.53 -14.10 -39.36
N LEU C 1024 -17.45 -14.46 -38.47
CA LEU C 1024 -18.62 -15.20 -38.91
C LEU C 1024 -19.45 -14.39 -39.88
N ALA C 1025 -19.60 -13.09 -39.63
CA ALA C 1025 -20.37 -12.25 -40.53
C ALA C 1025 -19.73 -12.17 -41.92
N ALA C 1026 -18.41 -12.03 -41.96
CA ALA C 1026 -17.71 -12.01 -43.24
C ALA C 1026 -17.84 -13.34 -43.96
N THR C 1027 -17.75 -14.45 -43.24
CA THR C 1027 -17.93 -15.75 -43.86
C THR C 1027 -19.33 -15.90 -44.42
N LYS C 1028 -20.35 -15.47 -43.67
CA LYS C 1028 -21.71 -15.58 -44.16
C LYS C 1028 -21.96 -14.69 -45.36
N MET C 1029 -21.38 -13.48 -45.37
CA MET C 1029 -21.63 -12.62 -46.51
C MET C 1029 -20.88 -13.10 -47.74
N SER C 1030 -19.73 -13.76 -47.55
CA SER C 1030 -19.07 -14.39 -48.68
C SER C 1030 -19.85 -15.58 -49.20
N GLU C 1031 -20.24 -16.50 -48.31
CA GLU C 1031 -20.75 -17.80 -48.71
C GLU C 1031 -22.26 -17.84 -48.88
N CYS C 1032 -22.97 -16.76 -48.56
CA CYS C 1032 -24.42 -16.74 -48.63
C CYS C 1032 -24.99 -15.57 -49.41
N VAL C 1033 -24.26 -14.47 -49.54
CA VAL C 1033 -24.68 -13.38 -50.40
C VAL C 1033 -24.02 -13.48 -51.76
N LEU C 1034 -22.71 -13.71 -51.81
CA LEU C 1034 -22.00 -13.87 -53.08
C LEU C 1034 -22.13 -15.28 -53.64
N GLY C 1035 -22.80 -16.18 -52.95
CA GLY C 1035 -22.97 -17.52 -53.46
C GLY C 1035 -24.14 -18.20 -52.81
N GLN C 1036 -24.35 -19.45 -53.19
CA GLN C 1036 -25.41 -20.28 -52.62
C GLN C 1036 -24.78 -21.44 -51.86
N SER C 1037 -25.16 -21.58 -50.60
CA SER C 1037 -24.47 -22.47 -49.67
C SER C 1037 -25.19 -23.81 -49.59
N LYS C 1038 -24.44 -24.89 -49.73
CA LYS C 1038 -24.91 -26.24 -49.46
C LYS C 1038 -24.79 -26.61 -48.00
N ARG C 1039 -24.12 -25.78 -47.20
CA ARG C 1039 -24.08 -25.99 -45.76
C ARG C 1039 -25.46 -25.79 -45.17
N VAL C 1040 -25.87 -26.71 -44.31
CA VAL C 1040 -27.22 -26.70 -43.79
C VAL C 1040 -27.27 -25.88 -42.51
N ASP C 1041 -28.31 -25.08 -42.36
CA ASP C 1041 -28.57 -24.20 -41.23
C ASP C 1041 -27.49 -23.14 -41.06
N PHE C 1042 -26.58 -23.01 -42.02
CA PHE C 1042 -25.59 -21.94 -41.94
C PHE C 1042 -26.22 -20.61 -42.31
N CYS C 1043 -27.19 -20.62 -43.21
CA CYS C 1043 -27.92 -19.43 -43.62
C CYS C 1043 -29.41 -19.72 -43.70
N GLY C 1044 -29.96 -20.24 -42.62
CA GLY C 1044 -31.38 -20.32 -42.45
C GLY C 1044 -31.86 -21.76 -42.38
N LYS C 1045 -33.06 -21.92 -41.81
CA LYS C 1045 -33.73 -23.21 -41.81
C LYS C 1045 -34.41 -23.37 -43.16
N GLY C 1046 -33.94 -24.34 -43.94
CA GLY C 1046 -34.41 -24.58 -45.27
C GLY C 1046 -33.26 -24.79 -46.23
N TYR C 1047 -33.61 -24.97 -47.49
CA TYR C 1047 -32.62 -25.06 -48.55
C TYR C 1047 -32.31 -23.66 -49.04
N HIS C 1048 -31.05 -23.24 -48.90
CA HIS C 1048 -30.70 -21.86 -49.12
C HIS C 1048 -30.83 -21.50 -50.59
N LEU C 1049 -31.67 -20.51 -50.87
CA LEU C 1049 -31.82 -19.97 -52.20
C LEU C 1049 -30.93 -18.75 -52.41
N MET C 1050 -31.04 -17.76 -51.53
CA MET C 1050 -30.12 -16.63 -51.57
C MET C 1050 -30.16 -15.90 -50.24
N SER C 1051 -29.45 -14.77 -50.19
CA SER C 1051 -29.40 -13.96 -48.99
C SER C 1051 -29.15 -12.52 -49.38
N PHE C 1052 -29.65 -11.61 -48.54
CA PHE C 1052 -29.60 -10.18 -48.79
C PHE C 1052 -29.03 -9.50 -47.56
N PRO C 1053 -27.98 -8.72 -47.68
CA PRO C 1053 -27.46 -8.01 -46.51
C PRO C 1053 -28.19 -6.68 -46.30
N GLN C 1054 -28.25 -6.27 -45.05
CA GLN C 1054 -28.80 -4.96 -44.71
C GLN C 1054 -27.98 -4.40 -43.55
N SER C 1055 -27.57 -3.15 -43.68
CA SER C 1055 -26.75 -2.56 -42.65
C SER C 1055 -27.55 -2.40 -41.36
N ALA C 1056 -26.84 -2.48 -40.25
CA ALA C 1056 -27.38 -2.29 -38.91
C ALA C 1056 -26.45 -1.36 -38.18
N PRO C 1057 -26.92 -0.72 -37.09
CA PRO C 1057 -26.12 0.34 -36.46
C PRO C 1057 -24.69 -0.04 -36.13
N HIS C 1058 -24.43 -1.24 -35.62
CA HIS C 1058 -23.07 -1.73 -35.47
C HIS C 1058 -22.98 -3.17 -35.90
N GLY C 1059 -23.77 -3.58 -36.88
CA GLY C 1059 -23.84 -4.97 -37.24
C GLY C 1059 -24.37 -5.17 -38.64
N VAL C 1060 -24.92 -6.35 -38.90
CA VAL C 1060 -25.45 -6.68 -40.21
C VAL C 1060 -26.63 -7.60 -40.04
N VAL C 1061 -27.64 -7.40 -40.87
CA VAL C 1061 -28.87 -8.19 -40.84
C VAL C 1061 -28.97 -8.93 -42.15
N PHE C 1062 -28.95 -10.25 -42.10
CA PHE C 1062 -29.06 -11.08 -43.28
C PHE C 1062 -30.49 -11.56 -43.42
N LEU C 1063 -31.11 -11.26 -44.56
CA LEU C 1063 -32.40 -11.82 -44.91
C LEU C 1063 -32.12 -13.03 -45.80
N HIS C 1064 -32.29 -14.21 -45.22
CA HIS C 1064 -32.05 -15.44 -45.95
C HIS C 1064 -33.33 -15.93 -46.61
N VAL C 1065 -33.26 -16.14 -47.92
CA VAL C 1065 -34.36 -16.68 -48.70
C VAL C 1065 -34.10 -18.16 -48.89
N THR C 1066 -35.03 -18.99 -48.41
CA THR C 1066 -34.89 -20.44 -48.39
C THR C 1066 -36.17 -21.11 -48.91
N TYR C 1067 -36.00 -22.36 -49.33
CA TYR C 1067 -37.06 -23.20 -49.86
C TYR C 1067 -37.45 -24.19 -48.77
N VAL C 1068 -38.71 -24.15 -48.33
CA VAL C 1068 -39.18 -25.07 -47.31
C VAL C 1068 -40.28 -25.93 -47.92
N PRO C 1069 -40.08 -27.23 -48.06
CA PRO C 1069 -41.11 -28.08 -48.67
C PRO C 1069 -42.36 -28.13 -47.81
N ALA C 1070 -43.49 -28.37 -48.46
CA ALA C 1070 -44.75 -28.41 -47.75
C ALA C 1070 -45.76 -29.25 -48.53
N GLN C 1071 -46.78 -29.71 -47.82
CA GLN C 1071 -47.87 -30.52 -48.35
C GLN C 1071 -47.32 -31.80 -48.98
N GLU C 1072 -46.79 -32.65 -48.11
CA GLU C 1072 -46.23 -33.91 -48.55
C GLU C 1072 -47.32 -34.98 -48.64
N LYS C 1073 -47.00 -36.05 -49.35
CA LYS C 1073 -47.95 -37.14 -49.55
C LYS C 1073 -47.23 -38.47 -49.43
N ASN C 1074 -47.96 -39.49 -49.00
CA ASN C 1074 -47.42 -40.83 -48.85
C ASN C 1074 -47.42 -41.54 -50.20
N PHE C 1075 -46.40 -42.37 -50.41
CA PHE C 1075 -46.30 -43.18 -51.61
C PHE C 1075 -45.61 -44.49 -51.27
N THR C 1076 -45.70 -45.44 -52.20
CA THR C 1076 -44.98 -46.70 -52.11
C THR C 1076 -43.77 -46.65 -53.03
N THR C 1077 -42.61 -47.01 -52.51
CA THR C 1077 -41.37 -46.95 -53.27
C THR C 1077 -40.81 -48.35 -53.47
N ALA C 1078 -39.67 -48.39 -54.15
CA ALA C 1078 -38.93 -49.62 -54.39
C ALA C 1078 -37.54 -49.23 -54.86
N PRO C 1079 -36.51 -49.99 -54.50
CA PRO C 1079 -35.16 -49.64 -54.95
C PRO C 1079 -35.00 -49.64 -56.46
N ALA C 1080 -35.48 -50.67 -57.14
CA ALA C 1080 -35.32 -50.73 -58.58
C ALA C 1080 -36.46 -51.52 -59.20
N ILE C 1081 -36.65 -51.32 -60.51
CA ILE C 1081 -37.72 -51.95 -61.26
C ILE C 1081 -37.09 -53.07 -62.09
N CYS C 1082 -37.72 -54.23 -62.10
CA CYS C 1082 -37.24 -55.34 -62.92
C CYS C 1082 -37.98 -55.37 -64.25
N HIS C 1083 -37.22 -55.28 -65.34
CA HIS C 1083 -37.80 -55.42 -66.67
C HIS C 1083 -36.86 -56.26 -67.51
N ASP C 1084 -37.40 -57.31 -68.12
CA ASP C 1084 -36.62 -58.21 -68.97
C ASP C 1084 -35.42 -58.78 -68.22
N GLY C 1085 -35.61 -59.09 -66.94
CA GLY C 1085 -34.53 -59.64 -66.16
C GLY C 1085 -33.41 -58.68 -65.86
N LYS C 1086 -33.63 -57.40 -66.10
CA LYS C 1086 -32.63 -56.38 -65.81
C LYS C 1086 -33.18 -55.44 -64.75
N ALA C 1087 -32.31 -55.05 -63.82
CA ALA C 1087 -32.66 -54.17 -62.73
C ALA C 1087 -32.38 -52.73 -63.13
N HIS C 1088 -33.40 -51.89 -63.07
CA HIS C 1088 -33.33 -50.51 -63.52
C HIS C 1088 -33.45 -49.61 -62.31
N PHE C 1089 -32.46 -48.76 -62.11
CA PHE C 1089 -32.41 -47.79 -61.04
C PHE C 1089 -32.67 -46.39 -61.57
N PRO C 1090 -33.26 -45.50 -60.78
CA PRO C 1090 -33.56 -44.16 -61.28
C PRO C 1090 -32.29 -43.34 -61.45
N ARG C 1091 -32.19 -42.65 -62.58
CA ARG C 1091 -30.98 -41.90 -62.88
C ARG C 1091 -30.84 -40.69 -61.96
N GLU C 1092 -31.91 -39.92 -61.81
CA GLU C 1092 -31.99 -38.88 -60.80
C GLU C 1092 -33.46 -38.78 -60.43
N GLY C 1093 -33.77 -39.08 -59.18
CA GLY C 1093 -35.15 -39.16 -58.76
C GLY C 1093 -35.38 -40.40 -57.92
N VAL C 1094 -36.65 -40.81 -57.87
CA VAL C 1094 -37.10 -41.83 -56.93
C VAL C 1094 -38.34 -42.48 -57.52
N PHE C 1095 -38.45 -43.79 -57.32
CA PHE C 1095 -39.58 -44.56 -57.82
C PHE C 1095 -40.72 -44.50 -56.83
N VAL C 1096 -41.91 -44.14 -57.31
CA VAL C 1096 -43.08 -44.10 -56.46
C VAL C 1096 -44.24 -44.78 -57.18
N SER C 1097 -45.25 -45.16 -56.42
CA SER C 1097 -46.50 -45.67 -56.95
C SER C 1097 -47.65 -44.99 -56.23
N ASN C 1098 -48.70 -44.64 -56.96
CA ASN C 1098 -49.87 -44.11 -56.28
C ASN C 1098 -50.80 -45.23 -55.81
N GLY C 1099 -50.41 -46.48 -56.01
CA GLY C 1099 -51.20 -47.61 -55.61
C GLY C 1099 -51.32 -48.63 -56.73
N THR C 1100 -51.36 -48.15 -57.96
CA THR C 1100 -51.47 -49.01 -59.13
C THR C 1100 -50.30 -48.86 -60.09
N HIS C 1101 -49.92 -47.64 -60.42
CA HIS C 1101 -48.93 -47.37 -61.45
C HIS C 1101 -47.65 -46.82 -60.85
N TRP C 1102 -46.54 -47.09 -61.53
CA TRP C 1102 -45.22 -46.70 -61.07
C TRP C 1102 -44.69 -45.54 -61.91
N PHE C 1103 -44.16 -44.53 -61.23
CA PHE C 1103 -43.57 -43.36 -61.85
C PHE C 1103 -42.22 -43.07 -61.21
N VAL C 1104 -41.45 -42.22 -61.86
CA VAL C 1104 -40.19 -41.72 -61.34
C VAL C 1104 -40.32 -40.21 -61.18
N THR C 1105 -40.01 -39.72 -59.98
CA THR C 1105 -40.19 -38.31 -59.68
C THR C 1105 -38.98 -37.80 -58.93
N GLN C 1106 -38.70 -36.51 -59.08
CA GLN C 1106 -37.60 -35.92 -58.35
C GLN C 1106 -37.93 -35.90 -56.85
N ARG C 1107 -36.89 -35.79 -56.04
CA ARG C 1107 -37.03 -36.06 -54.62
C ARG C 1107 -37.78 -34.95 -53.90
N ASN C 1108 -37.47 -33.70 -54.20
CA ASN C 1108 -37.97 -32.57 -53.41
C ASN C 1108 -39.26 -31.97 -53.94
N PHE C 1109 -39.84 -32.54 -54.99
CA PHE C 1109 -41.07 -32.03 -55.56
C PHE C 1109 -41.72 -33.15 -56.34
N TYR C 1110 -43.04 -33.22 -56.30
CA TYR C 1110 -43.76 -34.32 -56.94
C TYR C 1110 -44.03 -33.99 -58.39
N GLU C 1111 -43.26 -34.58 -59.29
CA GLU C 1111 -43.52 -34.57 -60.72
C GLU C 1111 -43.45 -35.99 -61.23
N PRO C 1112 -44.57 -36.70 -61.23
CA PRO C 1112 -44.56 -38.09 -61.68
C PRO C 1112 -44.36 -38.17 -63.18
N GLN C 1113 -43.46 -39.05 -63.61
CA GLN C 1113 -43.24 -39.25 -65.02
C GLN C 1113 -42.93 -40.71 -65.33
N ILE C 1114 -43.29 -41.11 -66.54
CA ILE C 1114 -43.24 -42.50 -66.95
C ILE C 1114 -41.82 -43.03 -66.91
N ILE C 1115 -41.66 -44.24 -66.39
CA ILE C 1115 -40.35 -44.87 -66.28
C ILE C 1115 -39.88 -45.28 -67.66
N THR C 1116 -38.81 -44.68 -68.13
CA THR C 1116 -38.31 -44.91 -69.47
C THR C 1116 -36.83 -45.27 -69.40
N THR C 1117 -36.29 -45.68 -70.54
CA THR C 1117 -34.86 -45.94 -70.61
C THR C 1117 -34.04 -44.66 -70.63
N ASP C 1118 -34.68 -43.50 -70.70
CA ASP C 1118 -33.97 -42.23 -70.64
C ASP C 1118 -33.72 -41.77 -69.21
N ASN C 1119 -34.63 -42.06 -68.28
CA ASN C 1119 -34.49 -41.61 -66.90
C ASN C 1119 -34.19 -42.74 -65.93
N THR C 1120 -33.81 -43.92 -66.43
CA THR C 1120 -33.33 -45.01 -65.61
C THR C 1120 -32.09 -45.62 -66.25
N PHE C 1121 -31.28 -46.29 -65.45
CA PHE C 1121 -30.12 -47.00 -65.95
C PHE C 1121 -30.13 -48.43 -65.45
N VAL C 1122 -29.63 -49.33 -66.27
CA VAL C 1122 -29.62 -50.76 -65.97
C VAL C 1122 -28.32 -51.10 -65.25
N SER C 1123 -28.42 -51.91 -64.20
CA SER C 1123 -27.24 -52.28 -63.43
C SER C 1123 -27.30 -53.74 -62.98
N GLY C 1124 -27.61 -54.64 -63.91
CA GLY C 1124 -27.44 -56.06 -63.66
C GLY C 1124 -28.77 -56.79 -63.61
N ASN C 1125 -28.77 -57.93 -62.93
CA ASN C 1125 -29.92 -58.82 -62.85
C ASN C 1125 -30.77 -58.51 -61.61
N CYS C 1126 -31.95 -59.13 -61.57
CA CYS C 1126 -32.98 -58.76 -60.61
C CYS C 1126 -32.95 -59.58 -59.32
N ASP C 1127 -32.00 -60.50 -59.15
CA ASP C 1127 -32.01 -61.40 -58.01
C ASP C 1127 -30.97 -61.04 -56.95
N VAL C 1128 -30.52 -59.78 -56.93
CA VAL C 1128 -29.54 -59.35 -55.94
C VAL C 1128 -29.98 -58.13 -55.15
N VAL C 1129 -30.93 -57.34 -55.63
CA VAL C 1129 -31.41 -56.16 -54.92
C VAL C 1129 -32.67 -56.55 -54.16
N ILE C 1130 -32.69 -56.23 -52.87
CA ILE C 1130 -33.85 -56.51 -52.01
C ILE C 1130 -34.85 -55.38 -52.20
N GLY C 1131 -36.08 -55.74 -52.55
CA GLY C 1131 -37.12 -54.77 -52.79
C GLY C 1131 -37.45 -54.51 -54.24
N ILE C 1132 -36.88 -55.26 -55.18
CA ILE C 1132 -37.23 -55.09 -56.59
C ILE C 1132 -38.72 -55.30 -56.77
N VAL C 1133 -39.34 -54.46 -57.58
CA VAL C 1133 -40.73 -54.63 -57.96
C VAL C 1133 -40.82 -54.67 -59.49
N ASN C 1134 -41.60 -55.61 -60.00
CA ASN C 1134 -41.76 -55.77 -61.43
C ASN C 1134 -42.58 -54.64 -62.01
N ASN C 1135 -42.09 -54.04 -63.10
CA ASN C 1135 -42.93 -53.17 -63.91
C ASN C 1135 -42.23 -52.95 -65.24
N THR C 1136 -43.00 -52.48 -66.21
CA THR C 1136 -42.48 -52.22 -67.54
C THR C 1136 -41.77 -50.88 -67.59
N VAL C 1137 -40.72 -50.81 -68.42
CA VAL C 1137 -39.95 -49.59 -68.63
C VAL C 1137 -40.11 -49.25 -70.10
N TYR C 1138 -40.71 -48.09 -70.38
CA TYR C 1138 -41.06 -47.73 -71.74
C TYR C 1138 -39.81 -47.39 -72.54
N ASP C 1139 -39.71 -47.95 -73.74
CA ASP C 1139 -38.58 -47.71 -74.62
C ASP C 1139 -39.04 -46.82 -75.76
N PRO C 1140 -38.56 -45.59 -75.87
CA PRO C 1140 -39.01 -44.66 -76.92
C PRO C 1140 -38.36 -44.90 -78.28
N LEU C 1141 -38.33 -46.15 -78.69
CA LEU C 1141 -37.84 -46.57 -80.01
C LEU C 1141 -38.80 -47.50 -80.71
N GLN C 1142 -39.51 -48.35 -79.97
CA GLN C 1142 -40.52 -49.21 -80.58
C GLN C 1142 -41.60 -48.43 -81.30
N PRO C 1143 -42.16 -47.35 -80.75
CA PRO C 1143 -43.13 -46.57 -81.53
C PRO C 1143 -42.57 -46.01 -82.81
N GLU C 1144 -41.29 -45.63 -82.83
CA GLU C 1144 -40.70 -45.09 -84.04
C GLU C 1144 -40.55 -46.14 -85.13
N LEU C 1145 -40.45 -47.42 -84.74
CA LEU C 1145 -40.32 -48.48 -85.73
C LEU C 1145 -41.55 -48.57 -86.62
N ASP C 1146 -42.74 -48.47 -86.04
CA ASP C 1146 -43.98 -48.54 -86.79
C ASP C 1146 -44.77 -47.24 -86.69
N GLN D 2 62.07 18.13 41.82
CA GLN D 2 63.37 17.90 42.42
C GLN D 2 63.96 19.19 42.96
N VAL D 3 63.09 20.03 43.54
CA VAL D 3 63.48 21.31 44.11
C VAL D 3 63.00 21.40 45.56
N GLN D 4 63.86 21.89 46.43
CA GLN D 4 63.55 22.05 47.84
C GLN D 4 63.74 23.53 48.18
N LEU D 5 62.79 24.08 48.92
CA LEU D 5 62.82 25.49 49.29
C LEU D 5 62.72 25.69 50.78
N VAL D 6 63.52 26.62 51.30
CA VAL D 6 63.52 26.96 52.72
C VAL D 6 63.24 28.45 52.82
N GLU D 7 62.24 28.80 53.63
CA GLU D 7 61.81 30.17 53.85
C GLU D 7 62.09 30.56 55.30
N THR D 8 62.82 31.66 55.48
CA THR D 8 63.15 32.13 56.82
C THR D 8 62.96 33.65 56.91
N GLY D 9 62.76 34.11 58.14
CA GLY D 9 62.58 35.51 58.44
C GLY D 9 61.27 35.87 59.12
N GLY D 10 60.50 34.85 59.51
CA GLY D 10 59.23 35.06 60.17
C GLY D 10 59.37 35.16 61.68
N GLY D 11 58.37 35.75 62.33
CA GLY D 11 58.41 35.88 63.76
C GLY D 11 57.38 36.84 64.29
N PHE D 12 57.44 37.04 65.60
CA PHE D 12 56.55 37.93 66.31
C PHE D 12 57.38 39.06 66.87
N VAL D 13 56.92 40.29 66.64
CA VAL D 13 57.63 41.47 67.09
C VAL D 13 56.61 42.59 67.18
N GLN D 14 56.91 43.59 68.02
CA GLN D 14 56.02 44.71 68.17
C GLN D 14 56.00 45.50 66.87
N PRO D 15 54.91 46.21 66.60
CA PRO D 15 54.84 47.00 65.36
C PRO D 15 55.92 48.06 65.29
N GLY D 16 56.44 48.27 64.08
CA GLY D 16 57.50 49.21 63.81
C GLY D 16 58.80 48.57 63.33
N GLY D 17 59.04 47.32 63.67
CA GLY D 17 60.24 46.67 63.24
C GLY D 17 60.24 46.30 61.77
N SER D 18 61.43 45.95 61.30
CA SER D 18 61.73 45.55 59.92
C SER D 18 62.13 44.08 59.87
N LEU D 19 61.68 43.37 58.84
CA LEU D 19 62.01 41.95 58.68
C LEU D 19 62.43 41.64 57.24
N ARG D 20 63.23 40.59 57.10
CA ARG D 20 63.75 40.14 55.81
C ARG D 20 63.38 38.69 55.59
N LEU D 21 62.84 38.39 54.41
CA LEU D 21 62.41 37.04 54.05
C LEU D 21 63.32 36.44 52.99
N SER D 22 63.78 35.22 53.24
CA SER D 22 64.67 34.51 52.33
C SER D 22 64.01 33.20 51.92
N CYS D 23 64.07 32.90 50.62
CA CYS D 23 63.52 31.66 50.05
C CYS D 23 64.60 31.00 49.20
N ALA D 24 65.39 30.13 49.81
CA ALA D 24 66.45 29.45 49.07
C ALA D 24 65.89 28.41 48.12
N ALA D 25 66.50 28.34 46.93
CA ALA D 25 66.10 27.41 45.88
C ALA D 25 67.30 26.59 45.42
N SER D 26 67.14 25.28 45.40
CA SER D 26 68.20 24.38 44.98
C SER D 26 67.61 23.30 44.08
N GLY D 27 68.40 22.84 43.13
CA GLY D 27 67.96 21.80 42.23
C GLY D 27 66.94 22.22 41.19
N VAL D 28 66.83 23.51 40.89
CA VAL D 28 65.88 23.96 39.89
C VAL D 28 66.51 23.80 38.51
N THR D 29 65.73 23.28 37.56
CA THR D 29 66.20 23.07 36.21
C THR D 29 65.69 24.09 35.21
N LEU D 30 64.77 24.96 35.60
CA LEU D 30 64.22 25.95 34.68
C LEU D 30 65.22 27.08 34.50
N ASP D 31 65.55 27.39 33.24
CA ASP D 31 66.48 28.49 33.01
C ASP D 31 65.91 29.83 33.44
N TYR D 32 64.64 30.09 33.15
CA TYR D 32 64.05 31.35 33.56
C TYR D 32 62.76 31.13 34.34
N TYR D 33 62.64 31.79 35.49
CA TYR D 33 61.47 31.62 36.34
C TYR D 33 61.17 32.90 37.11
N ALA D 34 59.93 33.00 37.58
CA ALA D 34 59.45 34.13 38.35
C ALA D 34 59.20 33.65 39.77
N ILE D 35 59.70 34.41 40.75
CA ILE D 35 59.51 34.08 42.16
C ILE D 35 58.74 35.20 42.82
N GLY D 36 57.65 34.87 43.50
CA GLY D 36 56.84 35.87 44.15
C GLY D 36 56.36 35.45 45.52
N TRP D 37 55.98 36.46 46.29
CA TRP D 37 55.52 36.27 47.67
C TRP D 37 54.02 36.47 47.71
N PHE D 38 53.32 35.50 48.30
CA PHE D 38 51.87 35.53 48.48
C PHE D 38 51.57 35.47 49.96
N ARG D 39 50.77 36.39 50.46
CA ARG D 39 50.45 36.45 51.88
C ARG D 39 49.10 35.80 52.15
N GLN D 40 49.01 35.06 53.26
CA GLN D 40 47.77 34.41 53.67
C GLN D 40 47.61 34.55 55.18
N ALA D 41 46.43 34.95 55.62
CA ALA D 41 46.20 35.07 57.05
C ALA D 41 44.88 34.41 57.41
N PRO D 42 44.73 33.94 58.65
CA PRO D 42 43.44 33.36 59.04
C PRO D 42 42.34 34.40 58.87
N GLY D 43 41.22 33.95 58.32
CA GLY D 43 40.14 34.85 58.01
C GLY D 43 40.42 35.70 56.79
N LYS D 44 41.50 35.40 56.06
CA LYS D 44 41.88 36.16 54.88
C LYS D 44 42.27 35.21 53.77
N GLU D 45 42.13 35.70 52.54
CA GLU D 45 42.43 34.95 51.34
C GLU D 45 43.86 35.19 50.88
N ARG D 46 44.51 34.14 50.43
CA ARG D 46 45.88 34.26 49.95
C ARG D 46 45.89 35.17 48.71
N GLU D 47 46.87 36.09 48.68
CA GLU D 47 47.01 37.01 47.57
C GLU D 47 48.47 37.39 47.45
N GLY D 48 48.90 37.65 46.22
CA GLY D 48 50.29 38.03 46.00
C GLY D 48 50.56 39.49 46.35
N VAL D 49 51.80 39.76 46.73
CA VAL D 49 52.22 41.10 47.09
C VAL D 49 53.33 41.61 46.18
N SER D 50 54.32 40.77 45.88
CA SER D 50 55.43 41.19 45.03
C SER D 50 56.00 40.00 44.30
N CYS D 51 56.64 40.29 43.17
CA CYS D 51 57.24 39.23 42.36
C CYS D 51 58.56 39.71 41.77
N ILE D 52 59.39 38.75 41.40
CA ILE D 52 60.70 38.99 40.81
C ILE D 52 60.85 38.11 39.59
N GLY D 53 61.77 38.52 38.72
CA GLY D 53 62.11 37.86 37.48
C GLY D 53 63.56 37.40 37.39
N SER D 54 63.76 36.16 36.93
CA SER D 54 65.10 35.61 36.83
C SER D 54 65.90 36.15 35.66
N SER D 55 65.25 36.57 34.58
CA SER D 55 66.03 36.98 33.41
C SER D 55 66.82 38.25 33.72
N ASP D 56 66.16 39.27 34.27
CA ASP D 56 66.80 40.56 34.49
C ASP D 56 66.60 41.13 35.89
N GLY D 57 65.90 40.44 36.79
CA GLY D 57 65.69 40.97 38.12
C GLY D 57 64.62 42.03 38.27
N ARG D 58 63.76 42.21 37.28
CA ARG D 58 62.69 43.19 37.39
C ARG D 58 61.71 42.75 38.45
N THR D 59 61.09 43.73 39.11
CA THR D 59 60.18 43.43 40.19
C THR D 59 58.79 44.02 39.95
N TYR D 60 57.80 43.38 40.57
CA TYR D 60 56.40 43.81 40.53
C TYR D 60 55.94 44.02 41.95
N TYR D 61 55.26 45.14 42.18
CA TYR D 61 54.81 45.57 43.49
C TYR D 61 53.30 45.71 43.49
N SER D 62 52.66 45.28 44.58
CA SER D 62 51.22 45.36 44.74
C SER D 62 50.90 46.42 45.79
N ASP D 63 49.62 46.53 46.13
CA ASP D 63 49.21 47.53 47.10
C ASP D 63 49.83 47.28 48.46
N SER D 64 50.08 46.02 48.82
CA SER D 64 50.69 45.75 50.12
C SER D 64 52.14 46.19 50.18
N VAL D 65 52.80 46.32 49.03
CA VAL D 65 54.20 46.76 49.01
C VAL D 65 54.31 48.21 49.47
N LYS D 66 53.48 49.08 48.91
CA LYS D 66 53.49 50.50 49.26
C LYS D 66 54.86 51.13 49.02
N GLY D 67 55.63 50.57 48.10
CA GLY D 67 56.93 51.13 47.82
C GLY D 67 57.95 50.84 48.89
N ARG D 68 57.64 49.93 49.82
CA ARG D 68 58.48 49.58 50.95
C ARG D 68 59.23 48.27 50.73
N PHE D 69 58.51 47.26 50.25
CA PHE D 69 59.11 45.96 50.04
C PHE D 69 60.09 46.04 48.88
N THR D 70 61.25 45.40 49.04
CA THR D 70 62.29 45.37 48.01
C THR D 70 62.79 43.94 47.91
N ILE D 71 62.88 43.42 46.69
CA ILE D 71 63.32 42.04 46.47
C ILE D 71 64.61 42.07 45.66
N SER D 72 65.63 41.39 46.19
CA SER D 72 66.93 41.29 45.53
C SER D 72 67.42 39.85 45.60
N ARG D 73 67.17 39.11 44.53
CA ARG D 73 67.59 37.73 44.46
C ARG D 73 69.10 37.69 44.32
N ASP D 74 69.73 36.80 45.08
CA ASP D 74 71.17 36.66 45.02
C ASP D 74 71.57 35.31 44.44
N ASN D 75 72.39 35.35 43.40
CA ASN D 75 72.81 34.10 42.81
C ASN D 75 73.89 33.49 43.66
N ALA D 76 74.40 34.25 44.63
CA ALA D 76 75.45 33.73 45.49
C ALA D 76 74.93 32.55 46.30
N LYS D 77 73.70 32.67 46.81
CA LYS D 77 73.08 31.62 47.59
C LYS D 77 71.84 31.07 46.92
N ASN D 78 71.49 31.55 45.72
CA ASN D 78 70.30 31.12 45.00
C ASN D 78 69.08 31.27 45.88
N THR D 79 69.03 32.39 46.60
CA THR D 79 67.97 32.72 47.54
C THR D 79 67.43 34.12 47.27
N VAL D 80 66.11 34.26 47.36
CA VAL D 80 65.45 35.54 47.14
C VAL D 80 65.22 36.18 48.50
N TYR D 81 65.71 37.42 48.65
CA TYR D 81 65.59 38.20 49.87
C TYR D 81 64.70 39.40 49.64
N LEU D 82 63.70 39.56 50.49
CA LEU D 82 62.75 40.68 50.45
C LEU D 82 62.81 41.41 51.78
N GLN D 83 62.97 42.73 51.72
CA GLN D 83 63.04 43.56 52.92
C GLN D 83 61.70 44.25 53.14
N MET D 84 61.27 44.31 54.40
CA MET D 84 60.01 44.91 54.80
C MET D 84 60.26 46.08 55.75
N ASN D 85 59.69 47.23 55.41
CA ASN D 85 59.83 48.47 56.17
C ASN D 85 58.44 48.97 56.59
N SER D 86 58.31 49.38 57.86
CA SER D 86 57.06 49.91 58.43
C SER D 86 55.92 48.90 58.32
N LEU D 87 56.12 47.76 58.98
CA LEU D 87 55.13 46.69 59.02
C LEU D 87 53.91 47.14 59.80
N LYS D 88 52.70 46.78 59.28
CA LYS D 88 51.43 47.13 59.89
C LYS D 88 50.83 45.94 60.62
N PRO D 89 50.03 46.19 61.66
CA PRO D 89 49.40 45.07 62.40
C PRO D 89 48.52 44.17 61.56
N GLU D 90 47.89 44.71 60.52
CA GLU D 90 47.03 43.93 59.64
C GLU D 90 47.83 42.98 58.77
N ASP D 91 49.15 43.08 58.78
CA ASP D 91 50.00 42.24 57.94
C ASP D 91 50.35 40.92 58.60
N THR D 92 49.80 40.61 59.77
CA THR D 92 50.13 39.33 60.38
C THR D 92 49.60 38.25 59.43
N ALA D 93 50.52 37.52 58.80
CA ALA D 93 50.15 36.49 57.83
C ALA D 93 51.35 35.57 57.61
N VAL D 94 51.14 34.56 56.78
CA VAL D 94 52.16 33.60 56.40
C VAL D 94 52.50 33.93 54.95
N TYR D 95 53.76 34.21 54.71
CA TYR D 95 54.24 34.64 53.40
C TYR D 95 54.82 33.43 52.69
N TYR D 96 54.47 33.24 51.41
CA TYR D 96 54.92 32.11 50.62
C TYR D 96 55.65 32.52 49.35
N CYS D 97 56.70 31.78 49.01
CA CYS D 97 57.49 31.98 47.81
C CYS D 97 57.24 30.83 46.84
N ALA D 98 57.27 31.13 45.56
CA ALA D 98 56.95 30.14 44.54
C ALA D 98 57.77 30.38 43.28
N LEU D 99 57.84 29.34 42.45
CA LEU D 99 58.55 29.37 41.18
C LEU D 99 57.56 29.17 40.04
N THR D 100 57.64 30.01 39.03
CA THR D 100 56.79 29.92 37.86
C THR D 100 57.63 30.01 36.60
N VAL D 101 57.26 29.27 35.57
CA VAL D 101 58.05 29.24 34.36
C VAL D 101 57.86 30.56 33.60
N GLY D 102 58.96 31.17 33.19
CA GLY D 102 58.88 32.45 32.52
C GLY D 102 58.30 32.34 31.12
N THR D 103 57.91 33.48 30.58
CA THR D 103 57.27 33.60 29.28
C THR D 103 58.19 34.27 28.27
N TYR D 104 58.33 33.69 27.09
CA TYR D 104 59.16 34.29 26.05
C TYR D 104 58.29 34.62 24.84
N TYR D 105 58.18 35.92 24.54
CA TYR D 105 57.39 36.34 23.39
C TYR D 105 58.00 37.59 22.79
N SER D 106 58.07 37.61 21.47
CA SER D 106 58.59 38.76 20.71
C SER D 106 60.01 39.10 21.16
N GLY D 107 60.78 38.07 21.50
CA GLY D 107 62.16 38.24 21.90
C GLY D 107 62.33 38.82 23.29
N ASN D 108 61.27 38.90 24.07
CA ASN D 108 61.33 39.47 25.41
C ASN D 108 60.79 38.51 26.44
N TYR D 109 61.40 38.57 27.63
CA TYR D 109 61.03 37.73 28.76
C TYR D 109 59.97 38.47 29.57
N HIS D 110 58.78 37.92 29.59
CA HIS D 110 57.65 38.45 30.33
C HIS D 110 57.35 37.47 31.46
N TYR D 111 56.78 37.96 32.54
CA TYR D 111 56.49 37.11 33.70
C TYR D 111 55.04 37.24 34.12
N THR D 112 54.38 36.11 34.28
CA THR D 112 52.97 36.06 34.66
C THR D 112 52.80 35.27 35.96
N CYS D 113 52.06 35.84 36.90
CA CYS D 113 51.76 35.20 38.17
C CYS D 113 50.25 35.11 38.30
N SER D 114 49.77 33.98 38.80
CA SER D 114 48.35 33.70 38.91
C SER D 114 48.01 33.26 40.32
N ASP D 115 46.79 32.75 40.51
CA ASP D 115 46.45 32.25 41.84
C ASP D 115 47.15 30.92 42.08
N ASP D 116 47.47 30.19 41.02
CA ASP D 116 48.12 28.90 41.12
C ASP D 116 49.54 29.03 40.59
N MET D 117 50.50 28.57 41.37
CA MET D 117 51.92 28.55 41.03
C MET D 117 52.34 27.15 40.61
N ASP D 118 53.26 27.08 39.65
CA ASP D 118 53.74 25.76 39.24
C ASP D 118 54.44 25.06 40.39
N TYR D 119 55.24 25.79 41.16
CA TYR D 119 55.91 25.22 42.31
C TYR D 119 55.48 26.00 43.55
N TRP D 120 55.52 25.33 44.70
CA TRP D 120 55.10 25.93 45.96
C TRP D 120 56.02 25.51 47.09
N GLY D 121 56.03 26.33 48.13
CA GLY D 121 56.83 26.08 49.31
C GLY D 121 56.14 26.62 50.54
N LYS D 122 56.52 26.06 51.68
CA LYS D 122 55.94 26.43 52.96
C LYS D 122 56.66 27.66 53.51
N GLY D 123 55.93 28.76 53.62
CA GLY D 123 56.48 30.00 54.12
C GLY D 123 56.43 30.10 55.63
N THR D 124 56.68 31.30 56.13
CA THR D 124 56.67 31.53 57.55
C THR D 124 55.59 32.51 57.99
N GLN D 125 55.11 32.31 59.21
CA GLN D 125 54.05 33.10 59.78
C GLN D 125 54.67 34.23 60.58
N VAL D 126 54.17 35.44 60.37
CA VAL D 126 54.64 36.63 61.07
C VAL D 126 53.50 37.22 61.87
N THR D 127 53.74 37.44 63.16
CA THR D 127 52.75 38.02 64.06
C THR D 127 53.27 39.37 64.52
N VAL D 128 52.48 40.42 64.37
CA VAL D 128 52.87 41.75 64.83
C VAL D 128 51.90 42.16 65.94
N SER D 129 52.28 41.91 67.18
CA SER D 129 51.43 42.21 68.34
C SER D 129 52.00 43.40 69.08
N SER D 130 51.14 44.36 69.39
CA SER D 130 51.54 45.56 70.13
C SER D 130 51.70 45.29 71.62
N GLN E 1 43.68 13.23 43.57
CA GLN E 1 42.46 12.71 42.95
C GLN E 1 42.69 11.31 42.42
N VAL E 2 42.99 11.22 41.12
CA VAL E 2 43.23 9.93 40.48
C VAL E 2 44.67 9.53 40.74
N GLN E 3 44.86 8.33 41.30
CA GLN E 3 46.17 7.79 41.60
C GLN E 3 46.32 6.43 40.96
N LEU E 4 47.49 6.18 40.39
CA LEU E 4 47.79 4.93 39.71
C LEU E 4 49.04 4.32 40.31
N VAL E 5 48.98 3.04 40.63
CA VAL E 5 50.12 2.32 41.16
C VAL E 5 50.35 1.11 40.27
N GLU E 6 51.62 0.85 39.95
CA GLU E 6 52.02 -0.25 39.09
C GLU E 6 53.05 -1.11 39.79
N THR E 7 52.83 -2.41 39.79
CA THR E 7 53.79 -3.33 40.40
C THR E 7 54.07 -4.46 39.45
N GLY E 8 55.31 -4.94 39.48
CA GLY E 8 55.72 -6.05 38.62
C GLY E 8 56.95 -5.76 37.79
N GLY E 9 57.49 -4.56 37.86
CA GLY E 9 58.66 -4.25 37.08
C GLY E 9 59.93 -4.85 37.65
N GLY E 10 60.97 -4.89 36.84
CA GLY E 10 62.23 -5.45 37.29
C GLY E 10 63.04 -6.00 36.14
N LEU E 11 64.05 -6.78 36.51
CA LEU E 11 64.96 -7.44 35.59
C LEU E 11 64.28 -8.59 34.88
N VAL E 12 64.76 -8.90 33.67
CA VAL E 12 64.19 -9.96 32.86
C VAL E 12 65.30 -10.91 32.43
N GLN E 13 65.05 -12.19 32.60
CA GLN E 13 65.90 -13.29 32.19
C GLN E 13 65.70 -13.52 30.71
N PRO E 14 66.66 -14.14 30.02
CA PRO E 14 66.44 -14.42 28.61
C PRO E 14 65.20 -15.26 28.44
N GLY E 15 64.20 -14.70 27.78
CA GLY E 15 63.00 -15.49 27.66
C GLY E 15 62.03 -15.46 28.83
N GLY E 16 62.25 -14.62 29.86
CA GLY E 16 61.35 -14.63 30.98
C GLY E 16 60.04 -13.93 30.72
N SER E 17 59.13 -14.10 31.69
CA SER E 17 57.78 -13.56 31.66
C SER E 17 57.54 -12.71 32.90
N LEU E 18 56.82 -11.60 32.72
CA LEU E 18 56.53 -10.70 33.83
C LEU E 18 55.07 -10.33 33.86
N ARG E 19 54.60 -9.97 35.05
CA ARG E 19 53.22 -9.54 35.20
C ARG E 19 53.19 -8.16 35.84
N LEU E 20 52.34 -7.30 35.32
CA LEU E 20 52.18 -5.95 35.82
C LEU E 20 50.73 -5.70 36.19
N SER E 21 50.53 -5.06 37.32
CA SER E 21 49.20 -4.73 37.82
C SER E 21 49.13 -3.23 38.01
N CYS E 22 47.98 -2.64 37.71
CA CYS E 22 47.83 -1.19 37.87
C CYS E 22 46.50 -0.99 38.60
N ALA E 23 46.61 -0.78 39.90
CA ALA E 23 45.45 -0.62 40.78
C ALA E 23 45.08 0.85 40.88
N ALA E 24 44.10 1.25 40.08
CA ALA E 24 43.64 2.61 40.10
C ALA E 24 42.72 2.84 41.29
N SER E 25 42.56 4.09 41.67
CA SER E 25 41.72 4.42 42.80
C SER E 25 41.24 5.85 42.64
N GLY E 26 40.20 6.19 43.40
CA GLY E 26 39.63 7.52 43.37
C GLY E 26 38.61 7.75 42.28
N PHE E 27 38.29 6.73 41.49
CA PHE E 27 37.32 6.83 40.42
C PHE E 27 36.82 5.44 40.07
N THR E 28 35.83 5.39 39.17
CA THR E 28 35.22 4.13 38.77
C THR E 28 36.15 3.40 37.80
N PHE E 29 36.71 2.28 38.25
CA PHE E 29 37.63 1.51 37.42
C PHE E 29 36.89 0.73 36.33
N SER E 30 35.69 0.23 36.65
CA SER E 30 34.98 -0.61 35.69
C SER E 30 34.61 0.17 34.42
N SER E 31 34.13 1.39 34.57
CA SER E 31 33.71 2.13 33.39
C SER E 31 34.91 2.57 32.56
N TYR E 32 35.94 3.11 33.22
CA TYR E 32 37.06 3.62 32.47
C TYR E 32 37.92 2.47 31.96
N ALA E 33 38.63 2.74 30.87
CA ALA E 33 39.52 1.77 30.26
C ALA E 33 40.97 2.06 30.58
N MET E 34 41.74 1.00 30.68
CA MET E 34 43.15 1.08 31.01
C MET E 34 43.98 0.92 29.76
N GLY E 35 45.26 1.25 29.88
CA GLY E 35 46.15 1.13 28.76
C GLY E 35 47.57 1.04 29.26
N TRP E 36 48.44 0.48 28.41
CA TRP E 36 49.83 0.32 28.75
C TRP E 36 50.65 0.84 27.58
N ALA E 37 51.80 1.41 27.91
CA ALA E 37 52.65 1.95 26.86
C ALA E 37 54.09 1.79 27.33
N ARG E 38 55.01 1.83 26.38
CA ARG E 38 56.40 1.69 26.72
C ARG E 38 57.18 2.82 26.10
N GLN E 39 58.32 3.14 26.72
CA GLN E 39 59.18 4.22 26.28
C GLN E 39 60.63 3.79 26.36
N VAL E 40 61.24 3.53 25.22
CA VAL E 40 62.67 3.24 25.25
C VAL E 40 63.41 4.53 25.56
N PRO E 41 64.42 4.51 26.43
CA PRO E 41 65.18 5.74 26.68
C PRO E 41 65.78 6.28 25.39
N GLY E 42 65.72 7.59 25.24
CA GLY E 42 66.19 8.25 24.02
C GLY E 42 65.24 8.24 22.86
N LYS E 43 64.06 7.64 23.01
CA LYS E 43 63.05 7.58 21.96
C LYS E 43 61.70 7.93 22.57
N GLY E 44 60.74 8.20 21.71
CA GLY E 44 59.43 8.58 22.20
C GLY E 44 58.61 7.42 22.72
N LEU E 45 57.48 7.79 23.31
CA LEU E 45 56.55 6.84 23.88
C LEU E 45 55.90 5.99 22.79
N GLU E 46 55.68 4.72 23.12
CA GLU E 46 55.08 3.78 22.18
C GLU E 46 54.11 2.90 22.97
N TRP E 47 52.83 2.94 22.60
CA TRP E 47 51.84 2.14 23.28
C TRP E 47 52.05 0.66 22.97
N VAL E 48 51.79 -0.18 23.97
CA VAL E 48 51.98 -1.61 23.84
C VAL E 48 50.65 -2.37 23.87
N SER E 49 49.69 -1.90 24.66
CA SER E 49 48.42 -2.60 24.78
C SER E 49 47.34 -1.64 25.24
N TYR E 50 46.09 -2.06 25.04
CA TYR E 50 44.92 -1.31 25.44
C TYR E 50 43.80 -2.27 25.76
N ILE E 51 42.85 -1.78 26.56
CA ILE E 51 41.68 -2.53 27.00
C ILE E 51 40.51 -1.58 27.07
N TYR E 52 39.33 -2.10 26.73
CA TYR E 52 38.08 -1.37 26.71
C TYR E 52 37.20 -1.76 27.88
N SER E 53 36.11 -1.03 28.04
CA SER E 53 35.19 -1.35 29.11
C SER E 53 34.32 -2.56 28.79
N ASP E 54 34.30 -3.00 27.53
CA ASP E 54 33.52 -4.14 27.11
C ASP E 54 34.35 -5.43 26.99
N GLY E 55 35.59 -5.44 27.49
CA GLY E 55 36.43 -6.62 27.38
C GLY E 55 37.32 -6.66 26.15
N SER E 56 37.17 -5.73 25.23
CA SER E 56 37.98 -5.65 24.03
C SER E 56 39.44 -5.29 24.35
N THR E 57 40.36 -5.90 23.61
CA THR E 57 41.78 -5.68 23.81
C THR E 57 42.45 -5.29 22.50
N GLU E 58 43.43 -4.39 22.58
CA GLU E 58 44.22 -3.95 21.43
C GLU E 58 45.70 -4.19 21.72
N TYR E 59 46.42 -4.72 20.73
CA TYR E 59 47.83 -5.04 20.87
C TYR E 59 48.65 -4.46 19.73
N GLN E 60 49.83 -3.94 20.05
CA GLN E 60 50.73 -3.40 19.04
C GLN E 60 51.29 -4.49 18.15
N ASP E 61 51.48 -4.16 16.88
CA ASP E 61 52.01 -5.13 15.93
C ASP E 61 53.44 -5.56 16.29
N SER E 62 54.25 -4.63 16.80
CA SER E 62 55.62 -4.99 17.16
C SER E 62 55.67 -5.99 18.31
N VAL E 63 54.64 -6.02 19.15
CA VAL E 63 54.57 -6.94 20.28
C VAL E 63 53.33 -7.81 20.19
N LYS E 64 52.77 -7.96 18.99
CA LYS E 64 51.57 -8.76 18.81
C LYS E 64 51.89 -10.23 19.07
N GLY E 65 50.97 -10.90 19.77
CA GLY E 65 51.12 -12.30 20.11
C GLY E 65 51.96 -12.58 21.35
N ARG E 66 52.48 -11.56 22.01
CA ARG E 66 53.29 -11.76 23.20
C ARG E 66 52.79 -11.00 24.42
N PHE E 67 51.86 -10.06 24.27
CA PHE E 67 51.33 -9.27 25.37
C PHE E 67 49.88 -9.66 25.63
N THR E 68 49.54 -9.78 26.90
CA THR E 68 48.20 -10.15 27.34
C THR E 68 47.67 -9.08 28.29
N ILE E 69 46.44 -8.62 28.07
CA ILE E 69 45.82 -7.60 28.92
C ILE E 69 44.41 -8.02 29.27
N SER E 70 44.01 -7.76 30.52
CA SER E 70 42.68 -8.13 31.01
C SER E 70 42.31 -7.24 32.19
N ARG E 71 41.17 -7.55 32.81
CA ARG E 71 40.65 -6.84 33.96
C ARG E 71 40.32 -7.79 35.10
N ASP E 72 40.48 -7.30 36.33
CA ASP E 72 40.11 -8.03 37.53
C ASP E 72 39.07 -7.17 38.24
N ASN E 73 37.79 -7.37 37.87
CA ASN E 73 36.70 -6.56 38.41
C ASN E 73 36.50 -6.77 39.90
N ALA E 74 36.92 -7.91 40.46
CA ALA E 74 36.78 -8.11 41.89
C ALA E 74 37.65 -7.10 42.62
N LYS E 75 38.85 -6.87 42.09
CA LYS E 75 39.79 -5.94 42.67
C LYS E 75 39.97 -4.69 41.83
N SER E 76 39.29 -4.60 40.69
CA SER E 76 39.41 -3.43 39.83
C SER E 76 40.86 -3.17 39.43
N THR E 77 41.60 -4.21 39.09
CA THR E 77 43.01 -4.06 38.73
C THR E 77 43.27 -4.62 37.34
N VAL E 78 43.98 -3.84 36.52
CA VAL E 78 44.34 -4.23 35.16
C VAL E 78 45.69 -4.94 35.19
N TYR E 79 45.78 -5.99 34.38
CA TYR E 79 46.93 -6.86 34.27
C TYR E 79 47.61 -6.79 32.91
N LEU E 80 48.94 -6.96 32.93
CA LEU E 80 49.79 -6.95 31.74
C LEU E 80 50.76 -8.13 31.83
N GLN E 81 50.43 -9.20 31.14
CA GLN E 81 51.23 -10.41 31.13
C GLN E 81 52.16 -10.34 29.93
N MET E 82 53.45 -10.55 30.19
CA MET E 82 54.47 -10.56 29.17
C MET E 82 55.12 -11.93 29.08
N ASN E 83 55.15 -12.47 27.87
CA ASN E 83 55.74 -13.77 27.62
C ASN E 83 56.81 -13.62 26.55
N SER E 84 57.95 -14.25 26.76
CA SER E 84 59.08 -14.26 25.83
C SER E 84 59.60 -12.88 25.40
N LEU E 85 60.09 -12.07 26.35
CA LEU E 85 60.62 -10.77 25.97
C LEU E 85 61.93 -10.92 25.20
N LYS E 86 62.01 -10.23 24.10
CA LYS E 86 63.25 -10.28 23.37
C LYS E 86 64.23 -9.34 24.07
N PRO E 87 65.52 -9.60 23.98
CA PRO E 87 66.46 -8.68 24.63
C PRO E 87 66.39 -7.26 24.09
N GLU E 88 65.87 -7.04 22.87
CA GLU E 88 65.76 -5.69 22.33
C GLU E 88 64.46 -5.00 22.75
N ASP E 89 63.81 -5.47 23.81
CA ASP E 89 62.55 -4.91 24.32
C ASP E 89 62.77 -4.18 25.65
N THR E 90 63.90 -3.49 25.76
CA THR E 90 64.29 -2.75 26.97
C THR E 90 63.65 -1.36 26.98
N ALA E 91 62.59 -1.20 27.78
CA ALA E 91 61.92 0.10 27.84
C ALA E 91 61.20 0.22 29.18
N VAL E 92 60.64 1.39 29.44
CA VAL E 92 59.92 1.64 30.68
C VAL E 92 58.43 1.70 30.37
N TYR E 93 57.66 0.86 31.06
CA TYR E 93 56.23 0.74 30.85
C TYR E 93 55.42 1.63 31.79
N TYR E 94 54.39 2.27 31.25
CA TYR E 94 53.52 3.17 31.98
C TYR E 94 52.09 2.71 31.84
N CYS E 95 51.32 2.90 32.92
CA CYS E 95 49.90 2.61 32.97
C CYS E 95 49.12 3.90 32.76
N ALA E 96 48.14 3.86 31.86
CA ALA E 96 47.38 5.04 31.48
C ALA E 96 45.89 4.74 31.65
N THR E 97 45.13 5.80 31.92
CA THR E 97 43.69 5.70 32.09
C THR E 97 42.96 6.60 31.11
N GLU E 98 41.72 6.24 30.81
CA GLU E 98 40.94 7.04 29.90
C GLU E 98 40.62 8.40 30.52
N GLY E 99 40.75 9.46 29.73
CA GLY E 99 40.44 10.79 30.23
C GLY E 99 38.96 11.10 30.31
N SER E 100 38.11 10.36 29.60
CA SER E 100 36.68 10.61 29.63
C SER E 100 35.95 9.29 29.39
N LEU E 101 34.64 9.39 29.11
CA LEU E 101 33.79 8.25 28.86
C LEU E 101 33.28 8.19 27.43
N GLY E 102 32.74 9.30 26.91
CA GLY E 102 32.23 9.33 25.56
C GLY E 102 33.33 9.29 24.52
N GLY E 103 32.96 8.83 23.33
CA GLY E 103 33.93 8.73 22.25
C GLY E 103 34.45 7.31 22.08
N TRP E 104 34.94 7.02 20.88
CA TRP E 104 35.45 5.69 20.60
C TRP E 104 36.91 5.81 20.20
N GLY E 105 37.73 4.95 20.79
CA GLY E 105 39.14 4.87 20.53
C GLY E 105 39.96 4.92 21.80
N ARG E 106 41.26 4.87 21.62
CA ARG E 106 42.20 4.93 22.72
C ARG E 106 42.20 6.30 23.38
N ASP E 107 42.23 6.31 24.70
CA ASP E 107 42.23 7.55 25.46
C ASP E 107 43.21 7.41 26.62
N PHE E 108 44.35 8.09 26.51
CA PHE E 108 45.42 8.09 27.50
C PHE E 108 45.51 9.50 28.06
N GLY E 109 44.75 9.76 29.11
CA GLY E 109 44.71 11.08 29.72
C GLY E 109 45.64 11.20 30.90
N SER E 110 45.89 10.09 31.60
CA SER E 110 46.74 10.08 32.77
C SER E 110 47.80 9.01 32.62
N TRP E 111 48.91 9.20 33.34
CA TRP E 111 50.05 8.31 33.35
C TRP E 111 50.49 8.02 34.77
N GLY E 112 51.03 6.81 34.98
CA GLY E 112 51.52 6.39 36.27
C GLY E 112 53.01 6.59 36.43
N GLN E 113 53.55 6.04 37.51
CA GLN E 113 54.97 6.15 37.79
C GLN E 113 55.80 5.45 36.72
N GLY E 114 55.38 4.26 36.31
CA GLY E 114 56.09 3.52 35.29
C GLY E 114 57.13 2.60 35.89
N THR E 115 57.20 1.37 35.38
CA THR E 115 58.15 0.37 35.83
C THR E 115 59.20 0.18 34.75
N GLN E 116 60.46 0.26 35.17
CA GLN E 116 61.59 0.11 34.27
C GLN E 116 62.01 -1.34 34.19
N VAL E 117 62.15 -1.85 32.98
CA VAL E 117 62.58 -3.22 32.76
C VAL E 117 63.74 -3.18 31.77
N THR E 118 64.79 -3.92 32.08
CA THR E 118 66.01 -4.02 31.29
C THR E 118 66.48 -5.45 31.29
N VAL E 119 67.26 -5.78 30.29
CA VAL E 119 67.74 -7.13 30.11
C VAL E 119 69.11 -7.28 30.76
N SER E 120 69.23 -8.26 31.64
CA SER E 120 70.47 -8.54 32.33
C SER E 120 70.72 -10.03 32.18
N SER E 121 71.98 -10.40 32.16
CA SER E 121 72.33 -11.79 32.01
C SER E 121 73.64 -12.08 32.71
N GLN F 2 5.60 64.54 40.10
CA GLN F 2 5.65 65.98 40.31
C GLN F 2 5.21 66.33 41.73
N VAL F 3 5.59 65.50 42.69
CA VAL F 3 5.25 65.70 44.10
C VAL F 3 6.53 65.69 44.92
N GLN F 4 6.64 66.62 45.87
CA GLN F 4 7.80 66.72 46.74
C GLN F 4 7.35 66.63 48.19
N LEU F 5 8.07 65.85 48.98
CA LEU F 5 7.73 65.62 50.37
C LEU F 5 8.91 65.94 51.29
N VAL F 6 8.63 66.61 52.40
CA VAL F 6 9.64 66.95 53.40
C VAL F 6 9.18 66.39 54.73
N GLU F 7 10.06 65.62 55.37
CA GLU F 7 9.80 64.98 56.67
C GLU F 7 10.70 65.60 57.72
N THR F 8 10.11 66.10 58.80
CA THR F 8 10.90 66.70 59.87
C THR F 8 10.37 66.25 61.22
N GLY F 9 11.25 66.31 62.22
CA GLY F 9 10.94 65.95 63.58
C GLY F 9 11.79 64.83 64.16
N GLY F 10 12.82 64.41 63.42
CA GLY F 10 13.71 63.35 63.87
C GLY F 10 14.88 63.86 64.68
N GLY F 11 15.48 62.96 65.46
CA GLY F 11 16.61 63.33 66.27
C GLY F 11 16.94 62.28 67.30
N PHE F 12 17.91 62.60 68.14
CA PHE F 12 18.36 61.75 69.22
C PHE F 12 18.03 62.46 70.51
N VAL F 13 17.39 61.75 71.44
CA VAL F 13 16.98 62.34 72.70
C VAL F 13 16.81 61.23 73.72
N GLN F 14 16.96 61.58 74.99
CA GLN F 14 16.78 60.61 76.06
C GLN F 14 15.33 60.16 76.14
N PRO F 15 15.08 58.94 76.62
CA PRO F 15 13.70 58.46 76.73
C PRO F 15 12.87 59.35 77.64
N GLY F 16 11.59 59.51 77.27
CA GLY F 16 10.67 60.35 77.98
C GLY F 16 10.20 61.55 77.19
N GLY F 17 10.99 62.02 76.23
CA GLY F 17 10.55 63.16 75.46
C GLY F 17 9.47 62.83 74.46
N SER F 18 8.88 63.91 73.95
CA SER F 18 7.80 63.90 72.96
C SER F 18 8.28 64.48 71.64
N LEU F 19 7.83 63.90 70.53
CA LEU F 19 8.22 64.39 69.21
C LEU F 19 7.04 64.49 68.26
N ARG F 20 7.16 65.38 67.28
CA ARG F 20 6.15 65.64 66.28
C ARG F 20 6.78 65.46 64.91
N LEU F 21 6.13 64.69 64.04
CA LEU F 21 6.62 64.43 62.70
C LEU F 21 5.74 65.11 61.67
N SER F 22 6.36 65.83 60.74
CA SER F 22 5.65 66.56 59.70
C SER F 22 6.11 66.07 58.34
N CYS F 23 5.15 65.84 57.45
CA CYS F 23 5.42 65.40 56.06
C CYS F 23 4.66 66.33 55.11
N ALA F 24 5.30 67.41 54.70
CA ALA F 24 4.65 68.34 53.79
C ALA F 24 4.53 67.77 52.38
N ALA F 25 3.38 68.02 51.75
CA ALA F 25 3.09 67.55 50.40
C ALA F 25 2.68 68.72 49.53
N SER F 26 3.33 68.85 48.38
CA SER F 26 3.03 69.92 47.45
C SER F 26 3.01 69.36 46.04
N GLY F 27 2.16 69.93 45.19
CA GLY F 27 2.09 69.49 43.82
C GLY F 27 1.40 68.16 43.63
N VAL F 28 0.60 67.72 44.60
CA VAL F 28 -0.10 66.45 44.49
C VAL F 28 -1.38 66.66 43.68
N THR F 29 -1.64 65.74 42.76
CA THR F 29 -2.82 65.80 41.91
C THR F 29 -3.92 64.83 42.30
N LEU F 30 -3.69 63.94 43.26
CA LEU F 30 -4.70 62.98 43.65
C LEU F 30 -5.75 63.65 44.52
N ASP F 31 -7.02 63.52 44.13
CA ASP F 31 -8.10 64.09 44.94
C ASP F 31 -8.19 63.41 46.29
N TYR F 32 -8.06 62.09 46.32
CA TYR F 32 -8.12 61.36 47.57
C TYR F 32 -6.88 60.47 47.67
N TYR F 33 -6.20 60.52 48.81
CA TYR F 33 -4.99 59.74 49.00
C TYR F 33 -4.83 59.36 50.46
N ALA F 34 -4.01 58.34 50.68
CA ALA F 34 -3.70 57.82 52.00
C ALA F 34 -2.24 58.14 52.29
N ILE F 35 -1.99 58.68 53.48
CA ILE F 35 -0.63 59.01 53.91
C ILE F 35 -0.32 58.21 55.15
N GLY F 36 0.78 57.47 55.14
CA GLY F 36 1.13 56.66 56.29
C GLY F 36 2.60 56.72 56.64
N TRP F 37 2.88 56.36 57.89
CA TRP F 37 4.22 56.38 58.42
C TRP F 37 4.70 54.93 58.55
N PHE F 38 5.88 54.66 58.00
CA PHE F 38 6.51 53.35 58.05
C PHE F 38 7.84 53.45 58.76
N ARG F 39 8.05 52.61 59.77
CA ARG F 39 9.29 52.66 60.54
C ARG F 39 10.26 51.59 60.05
N GLN F 40 11.54 51.95 60.00
CA GLN F 40 12.60 51.05 59.58
C GLN F 40 13.82 51.26 60.47
N ALA F 41 14.40 50.17 60.95
CA ALA F 41 15.58 50.27 61.80
C ALA F 41 16.63 49.29 61.33
N PRO F 42 17.91 49.58 61.58
CA PRO F 42 18.95 48.62 61.20
C PRO F 42 18.69 47.29 61.88
N GLY F 43 18.87 46.22 61.12
CA GLY F 43 18.55 44.90 61.62
C GLY F 43 17.07 44.64 61.68
N LYS F 44 16.25 45.54 61.11
CA LYS F 44 14.81 45.42 61.14
C LYS F 44 14.24 45.75 59.77
N GLU F 45 13.06 45.19 59.51
CA GLU F 45 12.34 45.35 58.26
C GLU F 45 11.37 46.52 58.36
N ARG F 46 11.27 47.27 57.27
CA ARG F 46 10.36 48.41 57.24
C ARG F 46 8.91 47.93 57.41
N GLU F 47 8.16 48.62 58.26
CA GLU F 47 6.76 48.29 58.50
C GLU F 47 6.02 49.55 58.89
N GLY F 48 4.73 49.59 58.52
CA GLY F 48 3.91 50.74 58.86
C GLY F 48 3.44 50.73 60.30
N VAL F 49 3.20 51.93 60.83
CA VAL F 49 2.74 52.10 62.19
C VAL F 49 1.38 52.77 62.26
N SER F 50 1.16 53.81 61.45
CA SER F 50 -0.10 54.53 61.48
C SER F 50 -0.34 55.14 60.11
N CYS F 51 -1.62 55.38 59.81
CA CYS F 51 -1.97 55.96 58.52
C CYS F 51 -3.15 56.90 58.69
N ILE F 52 -3.29 57.80 57.73
CA ILE F 52 -4.34 58.79 57.68
C ILE F 52 -4.96 58.78 56.30
N GLY F 53 -6.19 59.29 56.24
CA GLY F 53 -6.99 59.40 55.04
C GLY F 53 -7.38 60.80 54.65
N SER F 54 -7.25 61.14 53.36
CA SER F 54 -7.57 62.48 52.90
C SER F 54 -9.07 62.71 52.77
N SER F 55 -9.86 61.66 52.55
CA SER F 55 -11.29 61.88 52.32
C SER F 55 -11.98 62.41 53.56
N ASP F 56 -11.77 61.76 54.71
CA ASP F 56 -12.47 62.13 55.94
C ASP F 56 -11.56 62.28 57.15
N GLY F 57 -10.25 62.09 57.00
CA GLY F 57 -9.35 62.22 58.12
C GLY F 57 -9.30 61.04 59.06
N ARG F 58 -9.87 59.90 58.67
CA ARG F 58 -9.84 58.72 59.50
C ARG F 58 -8.42 58.20 59.62
N THR F 59 -8.12 57.60 60.76
CA THR F 59 -6.78 57.11 61.03
C THR F 59 -6.78 55.62 61.35
N TYR F 60 -5.63 55.00 61.10
CA TYR F 60 -5.37 53.60 61.36
C TYR F 60 -4.16 53.50 62.28
N TYR F 61 -4.28 52.69 63.31
CA TYR F 61 -3.27 52.51 64.35
C TYR F 61 -2.82 51.06 64.39
N SER F 62 -1.53 50.87 64.57
CA SER F 62 -0.91 49.56 64.65
C SER F 62 -0.45 49.31 66.09
N ASP F 63 0.26 48.21 66.29
CA ASP F 63 0.70 47.86 67.64
C ASP F 63 1.68 48.90 68.17
N SER F 64 2.45 49.55 67.29
CA SER F 64 3.40 50.56 67.77
C SER F 64 2.70 51.80 68.28
N VAL F 65 1.45 52.06 67.86
CA VAL F 65 0.74 53.25 68.33
C VAL F 65 0.41 53.12 69.81
N LYS F 66 -0.14 51.97 70.21
CA LYS F 66 -0.51 51.74 71.60
C LYS F 66 -1.46 52.81 72.10
N GLY F 67 -2.22 53.41 71.19
CA GLY F 67 -3.16 54.44 71.58
C GLY F 67 -2.49 55.74 71.93
N ARG F 68 -1.20 55.88 71.60
CA ARG F 68 -0.39 57.05 71.92
C ARG F 68 -0.18 57.97 70.71
N PHE F 69 0.14 57.40 69.56
CA PHE F 69 0.37 58.19 68.37
C PHE F 69 -0.94 58.78 67.88
N THR F 70 -0.91 60.04 67.46
CA THR F 70 -2.08 60.74 66.95
C THR F 70 -1.67 61.47 65.69
N ILE F 71 -2.45 61.31 64.62
CA ILE F 71 -2.15 61.93 63.33
C ILE F 71 -3.26 62.91 62.99
N SER F 72 -2.88 64.15 62.68
CA SER F 72 -3.82 65.20 62.32
C SER F 72 -3.28 65.95 61.11
N ARG F 73 -3.75 65.57 59.93
CA ARG F 73 -3.32 66.23 58.71
C ARG F 73 -3.93 67.61 58.70
N ASP F 74 -3.15 68.61 58.33
CA ASP F 74 -3.65 69.97 58.27
C ASP F 74 -3.69 70.49 56.84
N ASN F 75 -4.87 70.94 56.43
CA ASN F 75 -4.97 71.47 55.10
C ASN F 75 -4.43 72.88 55.08
N ALA F 76 -4.17 73.45 56.27
CA ALA F 76 -3.65 74.79 56.34
C ALA F 76 -2.27 74.86 55.70
N LYS F 77 -1.43 73.87 55.97
CA LYS F 77 -0.09 73.80 55.42
C LYS F 77 0.11 72.60 54.49
N ASN F 78 -0.93 71.80 54.27
CA ASN F 78 -0.85 70.61 53.43
C ASN F 78 0.27 69.70 53.94
N THR F 79 0.36 69.59 55.27
CA THR F 79 1.38 68.80 55.97
C THR F 79 0.72 67.88 56.99
N VAL F 80 1.22 66.65 57.10
CA VAL F 80 0.69 65.68 58.05
C VAL F 80 1.56 65.71 59.30
N TYR F 81 0.93 65.94 60.46
CA TYR F 81 1.60 66.00 61.76
C TYR F 81 1.18 64.84 62.64
N LEU F 82 2.15 64.12 63.17
CA LEU F 82 1.94 62.99 64.07
C LEU F 82 2.66 63.25 65.40
N GLN F 83 1.94 63.09 66.51
CA GLN F 83 2.52 63.30 67.83
C GLN F 83 2.84 61.96 68.49
N MET F 84 4.00 61.91 69.17
CA MET F 84 4.49 60.71 69.84
C MET F 84 4.64 60.97 71.33
N ASN F 85 4.03 60.10 72.15
CA ASN F 85 4.06 60.19 73.60
C ASN F 85 4.64 58.92 74.19
N SER F 86 5.55 59.04 75.16
CA SER F 86 6.18 57.90 75.84
C SER F 86 6.89 56.99 74.85
N LEU F 87 7.90 57.56 74.19
CA LEU F 87 8.69 56.82 73.22
C LEU F 87 9.48 55.73 73.95
N LYS F 88 9.53 54.55 73.35
CA LYS F 88 10.24 53.44 73.95
C LYS F 88 11.57 53.22 73.25
N PRO F 89 12.56 52.69 73.96
CA PRO F 89 13.87 52.43 73.31
C PRO F 89 13.78 51.47 72.13
N GLU F 90 12.84 50.52 72.15
CA GLU F 90 12.70 49.60 71.04
C GLU F 90 12.11 50.28 69.80
N ASP F 91 11.64 51.51 69.93
CA ASP F 91 11.03 52.27 68.86
C ASP F 91 12.04 53.07 68.05
N THR F 92 13.34 52.93 68.33
CA THR F 92 14.32 53.69 67.55
C THR F 92 14.25 53.22 66.11
N ALA F 93 13.79 54.11 65.22
CA ALA F 93 13.64 53.78 63.81
C ALA F 93 13.55 55.05 63.00
N VAL F 94 13.44 54.87 61.69
CA VAL F 94 13.31 55.94 60.71
C VAL F 94 11.89 55.89 60.20
N TYR F 95 11.18 57.01 60.32
CA TYR F 95 9.77 57.08 59.97
C TYR F 95 9.69 57.67 58.55
N TYR F 96 8.89 57.05 57.70
CA TYR F 96 8.71 57.48 56.32
C TYR F 96 7.24 57.76 56.02
N CYS F 97 6.99 58.80 55.24
CA CYS F 97 5.65 59.16 54.82
C CYS F 97 5.52 58.90 53.33
N ALA F 98 4.31 58.51 52.90
CA ALA F 98 4.08 58.13 51.53
C ALA F 98 2.67 58.50 51.11
N LEU F 99 2.46 58.53 49.80
CA LEU F 99 1.16 58.84 49.22
C LEU F 99 0.67 57.62 48.45
N THR F 100 -0.58 57.24 48.69
CA THR F 100 -1.17 56.11 47.99
C THR F 100 -2.55 56.51 47.48
N VAL F 101 -2.90 56.02 46.29
CA VAL F 101 -4.18 56.41 45.69
C VAL F 101 -5.31 55.72 46.44
N GLY F 102 -6.32 56.50 46.82
CA GLY F 102 -7.43 55.94 47.58
C GLY F 102 -8.32 55.04 46.75
N THR F 103 -9.15 54.25 47.44
CA THR F 103 -10.05 53.30 46.74
C THR F 103 -11.50 53.78 46.91
N TYR F 104 -12.29 53.80 45.84
CA TYR F 104 -13.72 54.15 46.01
C TYR F 104 -14.55 52.90 45.69
N TYR F 105 -15.26 52.36 46.70
CA TYR F 105 -16.15 51.21 46.48
C TYR F 105 -17.40 51.37 47.34
N SER F 106 -18.57 50.95 46.83
CA SER F 106 -19.84 51.01 47.60
C SER F 106 -20.19 52.44 48.03
N GLY F 107 -19.82 53.45 47.24
CA GLY F 107 -20.18 54.85 47.55
C GLY F 107 -19.36 55.41 48.70
N ASN F 108 -18.29 54.72 49.09
CA ASN F 108 -17.48 55.15 50.27
C ASN F 108 -16.00 55.12 49.89
N TYR F 109 -15.17 55.90 50.60
CA TYR F 109 -13.71 55.90 50.34
C TYR F 109 -13.02 54.95 51.31
N HIS F 110 -12.50 53.84 50.80
CA HIS F 110 -11.75 52.87 51.65
C HIS F 110 -10.26 53.06 51.35
N TYR F 111 -9.40 53.04 52.38
CA TYR F 111 -7.97 53.25 52.23
C TYR F 111 -7.21 51.99 52.59
N THR F 112 -6.32 51.60 51.70
CA THR F 112 -5.51 50.41 51.82
C THR F 112 -4.03 50.75 51.81
N CYS F 113 -3.29 50.20 52.76
CA CYS F 113 -1.86 50.41 52.83
C CYS F 113 -1.19 49.06 52.77
N SER F 114 -0.11 48.98 52.00
CA SER F 114 0.61 47.74 51.76
C SER F 114 2.10 47.89 52.03
N ASP F 115 2.89 46.91 51.63
CA ASP F 115 4.33 47.05 51.80
C ASP F 115 4.90 48.01 50.78
N ASP F 116 4.24 48.15 49.63
CA ASP F 116 4.70 49.02 48.56
C ASP F 116 3.75 50.21 48.45
N MET F 117 4.32 51.41 48.45
CA MET F 117 3.60 52.67 48.29
C MET F 117 3.78 53.20 46.88
N ASP F 118 2.72 53.83 46.35
CA ASP F 118 2.83 54.42 45.02
C ASP F 118 3.89 55.51 44.98
N TYR F 119 3.94 56.34 46.02
CA TYR F 119 4.92 57.40 46.13
C TYR F 119 5.72 57.16 47.41
N TRP F 120 6.97 57.63 47.41
CA TRP F 120 7.84 57.44 48.57
C TRP F 120 8.66 58.69 48.83
N GLY F 121 9.10 58.81 50.08
CA GLY F 121 9.93 59.93 50.49
C GLY F 121 10.89 59.50 51.58
N LYS F 122 11.96 60.26 51.71
CA LYS F 122 13.01 59.97 52.69
C LYS F 122 12.62 60.59 54.03
N GLY F 123 12.38 59.74 55.03
CA GLY F 123 12.00 60.21 56.35
C GLY F 123 13.21 60.48 57.21
N THR F 124 12.95 60.66 58.50
CA THR F 124 14.00 60.94 59.47
C THR F 124 14.12 59.86 60.54
N GLN F 125 15.35 59.70 61.04
CA GLN F 125 15.68 58.70 62.04
C GLN F 125 15.56 59.31 63.42
N VAL F 126 14.91 58.60 64.33
CA VAL F 126 14.73 59.05 65.69
C VAL F 126 15.41 58.06 66.63
N THR F 127 16.28 58.59 67.50
CA THR F 127 17.02 57.77 68.44
C THR F 127 16.57 58.16 69.84
N VAL F 128 16.18 57.16 70.63
CA VAL F 128 15.77 57.37 72.01
C VAL F 128 16.81 56.62 72.85
N SER F 129 17.84 57.32 73.29
CA SER F 129 18.93 56.72 74.05
C SER F 129 18.91 57.14 75.51
N SER F 130 19.03 56.16 76.40
CA SER F 130 19.03 56.41 77.84
C SER F 130 20.38 56.94 78.32
N GLN G 1 15.38 49.11 35.92
CA GLN G 1 15.58 47.89 35.15
C GLN G 1 15.73 48.20 33.67
N VAL G 2 14.63 48.10 32.94
CA VAL G 2 14.64 48.37 31.50
C VAL G 2 14.50 49.87 31.28
N GLN G 3 15.45 50.45 30.55
CA GLN G 3 15.46 51.87 30.25
C GLN G 3 15.54 52.06 28.74
N LEU G 4 14.76 53.03 28.25
CA LEU G 4 14.68 53.35 26.84
C LEU G 4 14.99 54.83 26.68
N VAL G 5 15.88 55.15 25.74
CA VAL G 5 16.23 56.53 25.45
C VAL G 5 15.98 56.78 23.98
N GLU G 6 15.39 57.93 23.68
CA GLU G 6 15.03 58.33 22.32
C GLU G 6 15.64 59.68 22.02
N THR G 7 16.33 59.81 20.89
CA THR G 7 16.92 61.07 20.51
C THR G 7 16.56 61.38 19.07
N GLY G 8 16.40 62.67 18.78
CA GLY G 8 16.07 63.09 17.43
C GLY G 8 14.84 63.97 17.30
N GLY G 9 14.14 64.25 18.38
CA GLY G 9 12.96 65.07 18.28
C GLY G 9 13.26 66.54 18.10
N GLY G 10 12.24 67.30 17.69
CA GLY G 10 12.40 68.72 17.49
C GLY G 10 11.43 69.26 16.44
N LEU G 11 11.72 70.48 16.01
CA LEU G 11 10.93 71.18 15.01
C LEU G 11 11.14 70.59 13.63
N VAL G 12 10.12 70.73 12.78
CA VAL G 12 10.17 70.20 11.42
C VAL G 12 9.81 71.27 10.41
N GLN G 13 10.62 71.37 9.38
CA GLN G 13 10.44 72.25 8.24
C GLN G 13 9.44 71.61 7.29
N PRO G 14 8.78 72.39 6.43
CA PRO G 14 7.87 71.79 5.46
C PRO G 14 8.60 70.79 4.61
N GLY G 15 8.21 69.52 4.71
CA GLY G 15 8.97 68.57 3.93
C GLY G 15 10.26 68.07 4.53
N GLY G 16 10.58 68.42 5.79
CA GLY G 16 11.84 67.95 6.34
C GLY G 16 11.82 66.49 6.75
N SER G 17 13.02 66.01 7.07
CA SER G 17 13.25 64.62 7.45
C SER G 17 13.91 64.56 8.82
N LEU G 18 13.51 63.57 9.62
CA LEU G 18 14.06 63.43 10.97
C LEU G 18 14.47 61.99 11.23
N ARG G 19 15.40 61.82 12.14
CA ARG G 19 15.82 60.48 12.52
C ARG G 19 15.69 60.31 14.03
N LEU G 20 15.17 59.17 14.43
CA LEU G 20 14.98 58.86 15.83
C LEU G 20 15.70 57.56 16.16
N SER G 21 16.38 57.54 17.29
CA SER G 21 17.12 56.38 17.75
C SER G 21 16.63 56.00 19.13
N CYS G 22 16.56 54.70 19.40
CA CYS G 22 16.08 54.24 20.71
C CYS G 22 17.07 53.18 21.20
N ALA G 23 17.98 53.61 22.07
CA ALA G 23 19.03 52.74 22.60
C ALA G 23 18.51 52.09 23.88
N ALA G 24 18.03 50.87 23.75
CA ALA G 24 17.52 50.14 24.89
C ALA G 24 18.67 49.56 25.71
N SER G 25 18.37 49.26 26.96
CA SER G 25 19.38 48.71 27.85
C SER G 25 18.66 47.92 28.94
N GLY G 26 19.42 47.08 29.62
CA GLY G 26 18.89 46.28 30.69
C GLY G 26 18.26 44.98 30.24
N PHE G 27 18.27 44.68 28.95
CA PHE G 27 17.70 43.44 28.44
C PHE G 27 18.29 43.13 27.08
N THR G 28 17.93 41.97 26.55
CA THR G 28 18.43 41.48 25.27
C THR G 28 17.71 42.22 24.15
N PHE G 29 18.44 43.07 23.43
CA PHE G 29 17.84 43.85 22.35
C PHE G 29 17.58 43.00 21.11
N SER G 30 18.47 42.04 20.81
CA SER G 30 18.34 41.27 19.58
C SER G 30 17.07 40.41 19.57
N SER G 31 16.76 39.74 20.66
CA SER G 31 15.61 38.85 20.67
C SER G 31 14.30 39.62 20.66
N TYR G 32 14.19 40.66 21.46
CA TYR G 32 12.95 41.40 21.56
C TYR G 32 12.77 42.29 20.34
N ALA G 33 11.51 42.61 20.05
CA ALA G 33 11.18 43.45 18.93
C ALA G 33 10.84 44.85 19.43
N MET G 34 11.15 45.83 18.61
CA MET G 34 10.93 47.23 18.95
C MET G 34 9.69 47.76 18.24
N GLY G 35 9.25 48.92 18.68
CA GLY G 35 8.08 49.54 18.08
C GLY G 35 8.06 51.02 18.34
N TRP G 36 7.32 51.73 17.49
CA TRP G 36 7.18 53.16 17.60
C TRP G 36 5.71 53.49 17.52
N ALA G 37 5.32 54.53 18.23
CA ALA G 37 3.92 54.93 18.24
C ALA G 37 3.86 56.43 18.42
N ARG G 38 2.73 57.01 18.04
CA ARG G 38 2.59 58.45 18.17
C ARG G 38 1.29 58.77 18.90
N GLN G 39 1.28 59.94 19.54
CA GLN G 39 0.14 60.40 20.30
C GLN G 39 -0.09 61.88 20.04
N VAL G 40 -1.10 62.19 19.28
CA VAL G 40 -1.45 63.60 19.08
C VAL G 40 -2.06 64.13 20.38
N PRO G 41 -1.70 65.31 20.84
CA PRO G 41 -2.35 65.85 22.05
C PRO G 41 -3.85 65.92 21.85
N GLY G 42 -4.59 65.55 22.90
CA GLY G 42 -6.03 65.50 22.85
C GLY G 42 -6.63 64.26 22.22
N LYS G 43 -5.81 63.32 21.77
CA LYS G 43 -6.28 62.08 21.17
C LYS G 43 -5.48 60.93 21.76
N GLY G 44 -5.98 59.72 21.55
CA GLY G 44 -5.31 58.56 22.10
C GLY G 44 -4.07 58.18 21.34
N LEU G 45 -3.36 57.21 21.91
CA LEU G 45 -2.13 56.72 21.33
C LEU G 45 -2.44 55.98 20.03
N GLU G 46 -1.55 56.14 19.06
CA GLU G 46 -1.69 55.50 17.75
C GLU G 46 -0.33 55.00 17.31
N TRP G 47 -0.22 53.70 17.10
CA TRP G 47 1.05 53.13 16.66
C TRP G 47 1.37 53.58 15.25
N VAL G 48 2.65 53.80 14.99
CA VAL G 48 3.10 54.26 13.68
C VAL G 48 3.92 53.20 12.96
N SER G 49 4.71 52.42 13.70
CA SER G 49 5.55 51.42 13.07
C SER G 49 5.89 50.34 14.08
N TYR G 50 6.33 49.21 13.55
CA TYR G 50 6.75 48.07 14.33
C TYR G 50 7.82 47.31 13.57
N ILE G 51 8.62 46.56 14.31
CA ILE G 51 9.70 45.77 13.76
C ILE G 51 9.80 44.50 14.57
N TYR G 52 10.15 43.41 13.91
CA TYR G 52 10.27 42.09 14.50
C TYR G 52 11.73 41.71 14.70
N SER G 53 11.92 40.59 15.38
CA SER G 53 13.27 40.09 15.63
C SER G 53 13.86 39.41 14.41
N ASP G 54 13.05 39.13 13.39
CA ASP G 54 13.54 38.50 12.17
C ASP G 54 13.77 39.50 11.04
N GLY G 55 13.76 40.81 11.35
CA GLY G 55 13.94 41.85 10.35
C GLY G 55 12.68 42.38 9.72
N SER G 56 11.54 41.77 10.00
CA SER G 56 10.25 42.21 9.47
C SER G 56 9.81 43.54 10.06
N THR G 57 9.20 44.38 9.22
CA THR G 57 8.72 45.69 9.63
C THR G 57 7.25 45.84 9.23
N GLU G 58 6.48 46.52 10.09
CA GLU G 58 5.07 46.83 9.88
C GLU G 58 4.84 48.34 9.96
N TYR G 59 4.03 48.90 9.06
CA TYR G 59 3.79 50.33 9.04
C TYR G 59 2.28 50.60 8.99
N GLN G 60 1.83 51.59 9.75
CA GLN G 60 0.41 51.95 9.76
C GLN G 60 0.06 52.57 8.41
N ASP G 61 -1.17 52.32 7.95
CA ASP G 61 -1.62 52.82 6.64
C ASP G 61 -1.67 54.33 6.50
N SER G 62 -2.04 55.06 7.56
CA SER G 62 -2.09 56.53 7.41
C SER G 62 -0.72 57.11 7.13
N VAL G 63 0.34 56.42 7.53
CA VAL G 63 1.70 56.88 7.29
C VAL G 63 2.49 55.86 6.48
N LYS G 64 1.78 55.00 5.76
CA LYS G 64 2.42 53.97 4.96
C LYS G 64 3.19 54.61 3.80
N GLY G 65 4.40 54.11 3.55
CA GLY G 65 5.25 54.62 2.50
C GLY G 65 6.06 55.84 2.87
N ARG G 66 5.92 56.34 4.10
CA ARG G 66 6.65 57.51 4.56
C ARG G 66 7.44 57.26 5.84
N PHE G 67 7.23 56.14 6.53
CA PHE G 67 7.92 55.86 7.78
C PHE G 67 8.91 54.73 7.53
N THR G 68 10.11 54.85 8.09
CA THR G 68 11.13 53.82 7.93
C THR G 68 11.63 53.34 9.28
N ILE G 69 11.69 52.02 9.47
CA ILE G 69 12.14 51.42 10.72
C ILE G 69 13.13 50.30 10.42
N SER G 70 14.18 50.19 11.22
CA SER G 70 15.20 49.16 11.03
C SER G 70 15.90 48.89 12.36
N ARG G 71 16.93 48.06 12.31
CA ARG G 71 17.74 47.68 13.47
C ARG G 71 19.22 47.89 13.22
N ASP G 72 19.94 48.23 14.28
CA ASP G 72 21.39 48.36 14.23
C ASP G 72 21.93 47.35 15.25
N ASN G 73 22.14 46.11 14.78
CA ASN G 73 22.59 45.03 15.65
C ASN G 73 23.99 45.28 16.20
N ALA G 74 24.79 46.10 15.51
CA ALA G 74 26.11 46.41 16.03
C ALA G 74 25.96 47.18 17.31
N LYS G 75 25.00 48.09 17.34
CA LYS G 75 24.76 48.90 18.51
C LYS G 75 23.44 48.56 19.19
N SER G 76 22.69 47.60 18.66
CA SER G 76 21.41 47.23 19.26
C SER G 76 20.49 48.43 19.40
N THR G 77 20.43 49.27 18.36
CA THR G 77 19.60 50.47 18.41
C THR G 77 18.62 50.53 17.24
N VAL G 78 17.36 50.80 17.55
CA VAL G 78 16.30 50.91 16.54
C VAL G 78 16.19 52.35 16.05
N TYR G 79 15.96 52.48 14.74
CA TYR G 79 15.92 53.84 14.13
C TYR G 79 14.57 54.09 13.44
N LEU G 80 13.96 55.25 13.68
CA LEU G 80 12.69 55.62 12.97
C LEU G 80 12.96 56.87 12.12
N GLN G 81 12.72 56.78 10.81
CA GLN G 81 13.01 57.91 9.90
C GLN G 81 11.70 58.37 9.27
N MET G 82 11.40 59.67 9.33
CA MET G 82 10.19 60.18 8.65
C MET G 82 10.62 60.94 7.39
N ASN G 83 10.21 60.46 6.22
CA ASN G 83 10.61 61.10 4.94
C ASN G 83 9.39 61.82 4.36
N SER G 84 9.57 63.08 3.93
CA SER G 84 8.43 63.89 3.45
C SER G 84 7.35 63.95 4.53
N LEU G 85 7.77 64.14 5.79
CA LEU G 85 6.82 64.22 6.93
C LEU G 85 5.75 65.26 6.64
N LYS G 86 4.48 64.90 6.83
CA LYS G 86 3.40 65.80 6.52
C LYS G 86 3.22 66.75 7.70
N PRO G 87 2.74 67.96 7.46
CA PRO G 87 2.49 68.88 8.56
C PRO G 87 1.45 68.37 9.53
N GLU G 88 0.58 67.45 9.10
CA GLU G 88 -0.46 66.94 9.97
C GLU G 88 0.02 65.77 10.83
N ASP G 89 1.33 65.63 11.00
CA ASP G 89 1.93 64.57 11.80
C ASP G 89 2.52 65.13 13.09
N THR G 90 1.82 66.09 13.69
CA THR G 90 2.26 66.71 14.93
C THR G 90 1.82 65.83 16.08
N ALA G 91 2.74 65.04 16.61
CA ALA G 91 2.43 64.13 17.70
C ALA G 91 3.71 63.82 18.46
N VAL G 92 3.56 63.07 19.54
CA VAL G 92 4.71 62.69 20.35
C VAL G 92 4.98 61.22 20.07
N TYR G 93 6.20 60.93 19.64
CA TYR G 93 6.61 59.58 19.29
C TYR G 93 7.25 58.85 20.47
N TYR G 94 6.88 57.60 20.65
CA TYR G 94 7.38 56.79 21.74
C TYR G 94 8.00 55.52 21.21
N CYS G 95 9.06 55.08 21.90
CA CYS G 95 9.73 53.83 21.62
C CYS G 95 9.21 52.78 22.59
N ALA G 96 8.83 51.62 22.07
CA ALA G 96 8.23 50.57 22.87
C ALA G 96 8.98 49.27 22.66
N THR G 97 8.94 48.40 23.67
CA THR G 97 9.60 47.12 23.64
C THR G 97 8.60 46.00 23.89
N GLU G 98 8.93 44.81 23.39
CA GLU G 98 8.05 43.67 23.57
C GLU G 98 7.97 43.26 25.02
N GLY G 99 6.75 42.96 25.49
CA GLY G 99 6.57 42.52 26.86
C GLY G 99 6.95 41.08 27.10
N SER G 100 7.04 40.27 26.06
CA SER G 100 7.39 38.87 26.22
C SER G 100 8.12 38.39 24.97
N LEU G 101 8.28 37.07 24.86
CA LEU G 101 8.94 36.46 23.72
C LEU G 101 8.02 35.62 22.85
N GLY G 102 7.25 34.72 23.46
CA GLY G 102 6.33 33.88 22.71
C GLY G 102 5.14 34.64 22.16
N GLY G 103 4.56 34.10 21.10
CA GLY G 103 3.42 34.77 20.51
C GLY G 103 3.80 35.57 19.28
N TRP G 104 2.80 35.80 18.43
CA TRP G 104 3.00 36.54 17.19
C TRP G 104 2.13 37.78 17.18
N GLY G 105 2.73 38.90 16.80
CA GLY G 105 2.04 40.16 16.71
C GLY G 105 2.75 41.26 17.44
N ARG G 106 2.15 42.44 17.40
CA ARG G 106 2.66 43.62 18.06
C ARG G 106 2.60 43.46 19.56
N ASP G 107 3.65 43.86 20.25
CA ASP G 107 3.71 43.75 21.70
C ASP G 107 4.35 45.03 22.25
N PHE G 108 3.54 45.88 22.87
CA PHE G 108 3.99 47.13 23.45
C PHE G 108 3.79 47.04 24.96
N GLY G 109 4.81 46.54 25.65
CA GLY G 109 4.76 46.37 27.09
C GLY G 109 5.37 47.53 27.84
N SER G 110 6.36 48.20 27.23
CA SER G 110 7.06 49.31 27.85
C SER G 110 7.04 50.50 26.91
N TRP G 111 7.19 51.68 27.51
CA TRP G 111 7.21 52.95 26.79
C TRP G 111 8.37 53.82 27.26
N GLY G 112 8.89 54.62 26.33
CA GLY G 112 9.98 55.53 26.61
C GLY G 112 9.49 56.93 26.94
N GLN G 113 10.45 57.86 27.01
CA GLN G 113 10.13 59.25 27.31
C GLN G 113 9.26 59.88 26.21
N GLY G 114 9.59 59.63 24.95
CA GLY G 114 8.83 60.17 23.84
C GLY G 114 9.36 61.52 23.40
N THR G 115 9.48 61.72 22.10
CA THR G 115 9.97 62.96 21.52
C THR G 115 8.79 63.71 20.89
N GLN G 116 8.66 64.97 21.25
CA GLN G 116 7.59 65.82 20.76
C GLN G 116 8.03 66.56 19.50
N VAL G 117 7.21 66.48 18.46
CA VAL G 117 7.49 67.16 17.20
C VAL G 117 6.26 67.97 16.82
N THR G 118 6.49 69.22 16.41
CA THR G 118 5.48 70.18 16.01
C THR G 118 5.98 70.93 14.80
N VAL G 119 5.04 71.48 14.06
CA VAL G 119 5.35 72.18 12.81
C VAL G 119 5.51 73.67 13.05
N SER G 120 6.64 74.22 12.62
CA SER G 120 6.95 75.62 12.73
C SER G 120 7.42 76.08 11.36
N SER G 121 7.18 77.34 11.05
CA SER G 121 7.59 77.87 9.77
C SER G 121 7.88 79.36 9.86
N GLN H 2 0.65 5.40 74.51
CA GLN H 2 0.13 5.36 75.86
C GLN H 2 1.27 5.42 76.88
N VAL H 3 2.29 6.22 76.58
CA VAL H 3 3.45 6.39 77.45
C VAL H 3 3.65 7.87 77.75
N GLN H 4 3.93 8.18 79.01
CA GLN H 4 4.19 9.54 79.46
C GLN H 4 5.57 9.57 80.09
N LEU H 5 6.35 10.59 79.75
CA LEU H 5 7.71 10.74 80.24
C LEU H 5 7.93 12.09 80.91
N VAL H 6 8.63 12.07 82.03
CA VAL H 6 8.98 13.27 82.77
C VAL H 6 10.50 13.32 82.89
N GLU H 7 11.08 14.43 82.48
CA GLU H 7 12.52 14.66 82.51
C GLU H 7 12.84 15.76 83.51
N THR H 8 13.71 15.47 84.47
CA THR H 8 14.07 16.46 85.47
C THR H 8 15.58 16.45 85.71
N GLY H 9 16.08 17.59 86.19
CA GLY H 9 17.49 17.77 86.50
C GLY H 9 18.14 18.92 85.74
N GLY H 10 17.34 19.69 85.02
CA GLY H 10 17.84 20.81 84.27
C GLY H 10 17.87 22.08 85.08
N GLY H 11 18.68 23.03 84.64
CA GLY H 11 18.76 24.29 85.35
C GLY H 11 19.95 25.11 84.91
N PHE H 12 20.11 26.24 85.60
CA PHE H 12 21.20 27.15 85.34
C PHE H 12 22.08 27.17 86.56
N VAL H 13 23.39 27.03 86.33
CA VAL H 13 24.36 26.98 87.41
C VAL H 13 25.70 27.39 86.82
N GLN H 14 26.59 27.90 87.66
CA GLN H 14 27.90 28.29 87.21
C GLN H 14 28.68 27.06 86.78
N PRO H 15 29.64 27.23 85.86
CA PRO H 15 30.43 26.08 85.42
C PRO H 15 31.18 25.43 86.57
N GLY H 16 31.27 24.09 86.51
CA GLY H 16 31.92 23.30 87.53
C GLY H 16 30.96 22.37 88.27
N GLY H 17 29.68 22.70 88.31
CA GLY H 17 28.75 21.84 89.01
C GLY H 17 28.43 20.57 88.26
N SER H 18 27.80 19.65 88.99
CA SER H 18 27.36 18.35 88.53
C SER H 18 25.85 18.27 88.49
N LEU H 19 25.30 17.61 87.46
CA LEU H 19 23.85 17.48 87.33
C LEU H 19 23.44 16.05 86.97
N ARG H 20 22.21 15.70 87.34
CA ARG H 20 21.63 14.38 87.10
C ARG H 20 20.33 14.55 86.35
N LEU H 21 20.16 13.78 85.28
CA LEU H 21 18.96 13.82 84.45
C LEU H 21 18.16 12.54 84.61
N SER H 22 16.86 12.69 84.87
CA SER H 22 15.96 11.56 85.07
C SER H 22 14.84 11.64 84.04
N CYS H 23 14.53 10.50 83.42
CA CYS H 23 13.44 10.38 82.43
C CYS H 23 12.56 9.20 82.83
N ALA H 24 11.54 9.47 83.63
CA ALA H 24 10.65 8.39 84.06
C ALA H 24 9.75 7.92 82.92
N ALA H 25 9.56 6.60 82.85
CA ALA H 25 8.73 5.96 81.83
C ALA H 25 7.68 5.07 82.48
N SER H 26 6.43 5.28 82.11
CA SER H 26 5.32 4.51 82.66
C SER H 26 4.38 4.14 81.52
N GLY H 27 3.75 2.97 81.65
CA GLY H 27 2.81 2.53 80.64
C GLY H 27 3.44 2.06 79.35
N VAL H 28 4.73 1.70 79.37
CA VAL H 28 5.40 1.21 78.18
C VAL H 28 5.09 -0.27 78.01
N THR H 29 4.76 -0.67 76.78
CA THR H 29 4.44 -2.06 76.51
C THR H 29 5.56 -2.82 75.80
N LEU H 30 6.63 -2.15 75.39
CA LEU H 30 7.72 -2.81 74.71
C LEU H 30 8.57 -3.56 75.72
N ASP H 31 8.78 -4.86 75.50
CA ASP H 31 9.62 -5.63 76.40
C ASP H 31 11.05 -5.14 76.39
N TYR H 32 11.60 -4.85 75.22
CA TYR H 32 12.97 -4.36 75.17
C TYR H 32 13.05 -3.06 74.39
N TYR H 33 13.70 -2.06 74.97
CA TYR H 33 13.81 -0.76 74.32
C TYR H 33 15.13 -0.10 74.71
N ALA H 34 15.52 0.87 73.90
CA ALA H 34 16.73 1.65 74.09
C ALA H 34 16.31 3.07 74.43
N ILE H 35 16.93 3.63 75.48
CA ILE H 35 16.65 4.99 75.91
C ILE H 35 17.95 5.78 75.81
N GLY H 36 17.90 6.92 75.12
CA GLY H 36 19.09 7.71 74.95
C GLY H 36 18.83 9.19 75.10
N TRP H 37 19.89 9.92 75.36
CA TRP H 37 19.83 11.36 75.58
C TRP H 37 20.41 12.04 74.34
N PHE H 38 19.65 12.98 73.80
CA PHE H 38 20.02 13.78 72.64
C PHE H 38 20.06 15.24 73.03
N ARG H 39 21.17 15.91 72.76
CA ARG H 39 21.33 17.30 73.13
C ARG H 39 21.05 18.22 71.95
N GLN H 40 20.38 19.34 72.22
CA GLN H 40 20.06 20.33 71.20
C GLN H 40 20.28 21.71 71.80
N ALA H 41 20.97 22.58 71.08
CA ALA H 41 21.22 23.92 71.58
C ALA H 41 20.91 24.93 70.48
N PRO H 42 20.55 26.16 70.85
CA PRO H 42 20.32 27.17 69.82
C PRO H 42 21.58 27.31 68.98
N GLY H 43 21.37 27.41 67.67
CA GLY H 43 22.49 27.45 66.76
C GLY H 43 23.13 26.09 66.59
N LYS H 44 22.52 25.04 67.13
CA LYS H 44 23.07 23.69 67.06
C LYS H 44 21.97 22.70 66.70
N GLU H 45 22.40 21.60 66.09
CA GLU H 45 21.54 20.51 65.65
C GLU H 45 21.43 19.44 66.73
N ARG H 46 20.24 18.89 66.89
CA ARG H 46 20.07 17.84 67.87
C ARG H 46 20.92 16.63 67.50
N GLU H 47 21.60 16.06 68.50
CA GLU H 47 22.47 14.91 68.31
C GLU H 47 22.51 14.13 69.61
N GLY H 48 22.66 12.81 69.49
CA GLY H 48 22.73 11.97 70.67
C GLY H 48 24.09 12.01 71.33
N VAL H 49 24.09 11.79 72.65
CA VAL H 49 25.30 11.78 73.44
C VAL H 49 25.54 10.42 74.10
N SER H 50 24.50 9.81 74.64
CA SER H 50 24.65 8.52 75.31
C SER H 50 23.35 7.75 75.23
N CYS H 51 23.47 6.43 75.32
CA CYS H 51 22.28 5.59 75.23
C CYS H 51 22.40 4.41 76.17
N ILE H 52 21.24 3.83 76.51
CA ILE H 52 21.13 2.69 77.40
C ILE H 52 20.22 1.66 76.74
N GLY H 53 20.37 0.41 77.21
CA GLY H 53 19.63 -0.76 76.77
C GLY H 53 18.82 -1.45 77.86
N SER H 54 17.58 -1.81 77.55
CA SER H 54 16.73 -2.45 78.54
C SER H 54 17.05 -3.92 78.77
N SER H 55 17.61 -4.62 77.79
CA SER H 55 17.82 -6.04 77.96
C SER H 55 18.87 -6.30 79.04
N ASP H 56 20.02 -5.62 78.94
CA ASP H 56 21.12 -5.87 79.86
C ASP H 56 21.73 -4.62 80.48
N GLY H 57 21.22 -3.42 80.17
CA GLY H 57 21.79 -2.23 80.76
C GLY H 57 23.07 -1.72 80.14
N ARG H 58 23.45 -2.21 78.97
CA ARG H 58 24.65 -1.71 78.34
C ARG H 58 24.48 -0.26 77.94
N THR H 59 25.57 0.49 77.96
CA THR H 59 25.51 1.90 77.65
C THR H 59 26.44 2.19 76.50
N TYR H 60 26.12 3.26 75.77
CA TYR H 60 26.91 3.76 74.65
C TYR H 60 27.26 5.20 74.95
N TYR H 61 28.52 5.55 74.74
CA TYR H 61 29.06 6.86 75.03
C TYR H 61 29.60 7.50 73.77
N SER H 62 29.36 8.80 73.64
CA SER H 62 29.78 9.61 72.51
C SER H 62 30.89 10.56 72.97
N ASP H 63 31.29 11.46 72.06
CA ASP H 63 32.35 12.40 72.38
C ASP H 63 31.96 13.31 73.53
N SER H 64 30.65 13.62 73.67
CA SER H 64 30.26 14.49 74.75
C SER H 64 30.39 13.83 76.11
N VAL H 65 30.39 12.49 76.17
CA VAL H 65 30.53 11.80 77.45
C VAL H 65 31.92 12.01 78.02
N LYS H 66 32.95 11.80 77.19
CA LYS H 66 34.33 11.96 77.61
C LYS H 66 34.65 11.07 78.81
N GLY H 67 33.91 9.99 78.95
CA GLY H 67 34.14 9.09 80.07
C GLY H 67 33.65 9.65 81.37
N ARG H 68 32.87 10.73 81.33
CA ARG H 68 32.35 11.43 82.50
C ARG H 68 30.89 11.10 82.75
N PHE H 69 30.08 11.13 81.70
CA PHE H 69 28.67 10.85 81.84
C PHE H 69 28.50 9.37 82.14
N THR H 70 27.61 9.06 83.08
CA THR H 70 27.34 7.69 83.46
C THR H 70 25.83 7.53 83.52
N ILE H 71 25.30 6.48 82.89
CA ILE H 71 23.87 6.25 82.88
C ILE H 71 23.60 4.95 83.60
N SER H 72 22.71 5.01 84.57
CA SER H 72 22.33 3.84 85.36
C SER H 72 20.81 3.89 85.47
N ARG H 73 20.15 3.17 84.59
CA ARG H 73 18.70 3.13 84.60
C ARG H 73 18.27 2.34 85.81
N ASP H 74 17.28 2.84 86.52
CA ASP H 74 16.78 2.14 87.68
C ASP H 74 15.37 1.67 87.42
N ASN H 75 15.16 0.37 87.58
CA ASN H 75 13.85 -0.20 87.38
C ASN H 75 12.99 0.05 88.59
N ALA H 76 13.61 0.54 89.66
CA ALA H 76 12.87 0.81 90.88
C ALA H 76 11.81 1.88 90.63
N LYS H 77 12.16 2.91 89.88
CA LYS H 77 11.26 4.01 89.56
C LYS H 77 10.94 4.08 88.08
N ASN H 78 11.46 3.14 87.27
CA ASN H 78 11.25 3.13 85.83
C ASN H 78 11.70 4.45 85.22
N THR H 79 12.84 4.95 85.72
CA THR H 79 13.44 6.21 85.32
C THR H 79 14.90 6.02 84.98
N VAL H 80 15.36 6.67 83.92
CA VAL H 80 16.76 6.59 83.51
C VAL H 80 17.47 7.80 84.10
N TYR H 81 18.55 7.54 84.85
CA TYR H 81 19.36 8.57 85.49
C TYR H 81 20.75 8.64 84.90
N LEU H 82 21.15 9.84 84.49
CA LEU H 82 22.47 10.10 83.93
C LEU H 82 23.16 11.16 84.77
N GLN H 83 24.40 10.88 85.18
CA GLN H 83 25.19 11.80 85.99
C GLN H 83 26.21 12.51 85.10
N MET H 84 26.39 13.80 85.34
CA MET H 84 27.29 14.65 84.58
C MET H 84 28.40 15.22 85.47
N ASN H 85 29.64 15.04 85.06
CA ASN H 85 30.82 15.51 85.78
C ASN H 85 31.61 16.44 84.87
N SER H 86 32.06 17.57 85.42
CA SER H 86 32.86 18.57 84.69
C SER H 86 32.13 19.09 83.45
N LEU H 87 30.99 19.73 83.72
CA LEU H 87 30.15 20.32 82.68
C LEU H 87 30.88 21.50 82.04
N LYS H 88 30.78 21.61 80.68
CA LYS H 88 31.43 22.69 79.96
C LYS H 88 30.42 23.76 79.55
N PRO H 89 30.87 25.01 79.42
CA PRO H 89 29.97 26.09 79.00
C PRO H 89 29.30 25.88 77.65
N GLU H 90 29.97 25.20 76.73
CA GLU H 90 29.42 24.93 75.40
C GLU H 90 28.28 23.92 75.46
N ASP H 91 28.04 23.31 76.60
CA ASP H 91 27.01 22.29 76.75
C ASP H 91 25.65 22.87 77.07
N THR H 92 25.50 24.19 77.09
CA THR H 92 24.17 24.73 77.37
C THR H 92 23.26 24.24 76.25
N ALA H 93 22.33 23.34 76.59
CA ALA H 93 21.42 22.77 75.60
C ALA H 93 20.24 22.13 76.33
N VAL H 94 19.31 21.60 75.55
CA VAL H 94 18.14 20.90 76.04
C VAL H 94 18.37 19.43 75.73
N TYR H 95 18.33 18.61 76.75
CA TYR H 95 18.63 17.19 76.67
C TYR H 95 17.29 16.44 76.57
N TYR H 96 17.18 15.49 75.65
CA TYR H 96 15.96 14.72 75.43
C TYR H 96 16.17 13.22 75.56
N CYS H 97 15.18 12.56 76.14
CA CYS H 97 15.18 11.10 76.30
C CYS H 97 14.12 10.51 75.38
N ALA H 98 14.40 9.32 74.87
CA ALA H 98 13.51 8.70 73.91
C ALA H 98 13.52 7.19 74.06
N LEU H 99 12.50 6.55 73.51
CA LEU H 99 12.36 5.10 73.54
C LEU H 99 12.39 4.56 72.12
N THR H 100 13.20 3.53 71.90
CA THR H 100 13.31 2.88 70.60
C THR H 100 13.22 1.37 70.78
N VAL H 101 12.57 0.70 69.85
CA VAL H 101 12.37 -0.74 69.96
C VAL H 101 13.71 -1.45 69.72
N GLY H 102 14.06 -2.38 70.61
CA GLY H 102 15.32 -3.07 70.49
C GLY H 102 15.34 -4.05 69.34
N THR H 103 16.54 -4.55 69.01
CA THR H 103 16.68 -5.48 67.86
C THR H 103 17.16 -6.85 68.35
N TYR H 104 16.47 -7.93 67.97
CA TYR H 104 16.96 -9.29 68.33
C TYR H 104 17.54 -9.94 67.08
N TYR H 105 18.87 -10.04 66.99
CA TYR H 105 19.52 -10.73 65.85
C TYR H 105 20.62 -11.65 66.38
N SER H 106 20.69 -12.89 65.87
CA SER H 106 21.72 -13.88 66.29
C SER H 106 21.64 -14.18 67.79
N GLY H 107 20.43 -14.15 68.38
CA GLY H 107 20.26 -14.48 69.81
C GLY H 107 20.74 -13.37 70.72
N ASN H 108 20.98 -12.17 70.18
CA ASN H 108 21.55 -11.06 70.99
C ASN H 108 20.67 -9.81 70.86
N TYR H 109 20.59 -9.00 71.93
CA TYR H 109 19.78 -7.76 71.90
C TYR H 109 20.66 -6.57 71.49
N HIS H 110 20.69 -6.24 70.19
CA HIS H 110 21.47 -5.16 69.64
C HIS H 110 20.59 -3.90 69.70
N TYR H 111 21.22 -2.73 69.77
CA TYR H 111 20.48 -1.48 69.87
C TYR H 111 20.93 -0.48 68.83
N THR H 112 19.97 0.08 68.11
CA THR H 112 20.22 1.04 67.05
C THR H 112 19.51 2.34 67.36
N CYS H 113 20.23 3.46 67.25
CA CYS H 113 19.67 4.79 67.48
C CYS H 113 19.88 5.61 66.22
N SER H 114 18.86 6.37 65.84
CA SER H 114 18.90 7.14 64.61
C SER H 114 18.57 8.59 64.89
N ASP H 115 18.34 9.36 63.83
CA ASP H 115 17.93 10.74 64.05
C ASP H 115 16.49 10.79 64.51
N ASP H 116 15.69 9.78 64.15
CA ASP H 116 14.29 9.71 64.50
C ASP H 116 14.09 8.58 65.50
N MET H 117 13.43 8.89 66.60
CA MET H 117 13.08 7.95 67.66
C MET H 117 11.61 7.57 67.57
N ASP H 118 11.29 6.31 67.89
CA ASP H 118 9.90 5.90 67.87
C ASP H 118 9.09 6.70 68.89
N TYR H 119 9.64 6.92 70.07
CA TYR H 119 8.98 7.71 71.10
C TYR H 119 9.88 8.90 71.44
N TRP H 120 9.25 9.97 71.88
CA TRP H 120 9.96 11.20 72.21
C TRP H 120 9.36 11.85 73.46
N GLY H 121 10.18 12.67 74.10
CA GLY H 121 9.74 13.38 75.30
C GLY H 121 10.42 14.71 75.37
N LYS H 122 9.79 15.62 76.12
CA LYS H 122 10.28 16.98 76.29
C LYS H 122 11.32 16.99 77.41
N GLY H 123 12.56 17.30 77.06
CA GLY H 123 13.63 17.35 78.02
C GLY H 123 13.75 18.71 78.67
N THR H 124 14.87 18.91 79.37
CA THR H 124 15.10 20.16 80.06
C THR H 124 16.32 20.90 79.53
N GLN H 125 16.25 22.23 79.63
CA GLN H 125 17.30 23.12 79.14
C GLN H 125 18.23 23.43 80.29
N VAL H 126 19.53 23.33 80.04
CA VAL H 126 20.54 23.61 81.04
C VAL H 126 21.40 24.76 80.57
N THR H 127 21.54 25.78 81.41
CA THR H 127 22.33 26.98 81.10
C THR H 127 23.49 27.00 82.08
N VAL H 128 24.71 27.10 81.58
CA VAL H 128 25.88 27.18 82.43
C VAL H 128 26.55 28.54 82.22
N SER H 129 26.24 29.50 83.07
CA SER H 129 26.77 30.86 82.95
C SER H 129 27.78 31.11 84.06
N SER H 130 28.94 31.63 83.68
CA SER H 130 30.01 31.93 84.63
C SER H 130 29.78 33.22 85.42
N GLN I 1 0.27 15.76 58.64
CA GLN I 1 0.04 15.92 57.20
C GLN I 1 -1.38 15.51 56.83
N VAL I 2 -1.53 14.26 56.39
CA VAL I 2 -2.84 13.74 56.00
C VAL I 2 -3.57 13.28 57.25
N GLN I 3 -4.77 13.80 57.46
CA GLN I 3 -5.61 13.46 58.61
C GLN I 3 -6.97 12.99 58.13
N LEU I 4 -7.48 11.95 58.77
CA LEU I 4 -8.76 11.35 58.43
C LEU I 4 -9.64 11.35 59.67
N VAL I 5 -10.87 11.82 59.52
CA VAL I 5 -11.84 11.84 60.60
C VAL I 5 -13.09 11.11 60.14
N GLU I 6 -13.64 10.28 61.01
CA GLU I 6 -14.82 9.46 60.73
C GLU I 6 -15.88 9.73 61.77
N THR I 7 -17.10 9.99 61.34
CA THR I 7 -18.19 10.23 62.27
C THR I 7 -19.39 9.38 61.85
N GLY I 8 -20.14 8.92 62.85
CA GLY I 8 -21.33 8.12 62.58
C GLY I 8 -21.40 6.79 63.31
N GLY I 9 -20.37 6.44 64.08
CA GLY I 9 -20.39 5.17 64.77
C GLY I 9 -21.30 5.17 65.99
N GLY I 10 -21.61 3.97 66.47
CA GLY I 10 -22.45 3.82 67.64
C GLY I 10 -23.20 2.50 67.64
N LEU I 11 -24.21 2.43 68.51
CA LEU I 11 -25.07 1.26 68.67
C LEU I 11 -26.02 1.11 67.49
N VAL I 12 -26.43 -0.14 67.23
CA VAL I 12 -27.32 -0.45 66.14
C VAL I 12 -28.51 -1.26 66.65
N GLN I 13 -29.69 -0.85 66.26
CA GLN I 13 -30.95 -1.51 66.56
C GLN I 13 -31.12 -2.71 65.63
N PRO I 14 -31.92 -3.70 66.00
CA PRO I 14 -32.13 -4.82 65.09
C PRO I 14 -32.68 -4.31 63.78
N GLY I 15 -31.90 -4.49 62.72
CA GLY I 15 -32.35 -3.97 61.46
C GLY I 15 -32.07 -2.50 61.21
N GLY I 16 -31.34 -1.80 62.09
CA GLY I 16 -31.11 -0.39 61.87
C GLY I 16 -30.09 -0.09 60.78
N SER I 17 -30.04 1.20 60.43
CA SER I 17 -29.17 1.73 59.40
C SER I 17 -28.29 2.83 59.97
N LEU I 18 -27.05 2.87 59.52
CA LEU I 18 -26.10 3.87 60.00
C LEU I 18 -25.37 4.52 58.83
N ARG I 19 -24.90 5.73 59.06
CA ARG I 19 -24.14 6.45 58.04
C ARG I 19 -22.79 6.86 58.61
N LEU I 20 -21.76 6.69 57.79
CA LEU I 20 -20.41 7.03 58.17
C LEU I 20 -19.83 8.01 57.16
N SER I 21 -19.14 9.02 57.67
CA SER I 21 -18.53 10.05 56.85
C SER I 21 -17.05 10.07 57.18
N CYS I 22 -16.22 10.31 56.18
CA CYS I 22 -14.78 10.36 56.39
C CYS I 22 -14.29 11.61 55.68
N ALA I 23 -14.11 12.67 56.45
CA ALA I 23 -13.70 13.97 55.93
C ALA I 23 -12.18 14.02 55.95
N ALA I 24 -11.59 13.74 54.80
CA ALA I 24 -10.16 13.77 54.65
C ALA I 24 -9.68 15.20 54.51
N SER I 25 -8.40 15.40 54.79
CA SER I 25 -7.81 16.73 54.68
C SER I 25 -6.32 16.57 54.46
N GLY I 26 -5.69 17.65 54.01
CA GLY I 26 -4.27 17.67 53.76
C GLY I 26 -3.85 17.13 52.41
N PHE I 27 -4.80 16.74 51.56
CA PHE I 27 -4.46 16.24 50.23
C PHE I 27 -5.66 16.36 49.32
N THR I 28 -5.44 16.03 48.04
CA THR I 28 -6.48 16.12 47.02
C THR I 28 -7.42 14.95 47.18
N PHE I 29 -8.65 15.23 47.60
CA PHE I 29 -9.63 14.17 47.82
C PHE I 29 -10.18 13.63 46.51
N SER I 30 -10.37 14.49 45.51
CA SER I 30 -10.99 14.05 44.26
C SER I 30 -10.15 13.01 43.53
N SER I 31 -8.85 13.22 43.46
CA SER I 31 -8.01 12.29 42.71
C SER I 31 -7.85 10.97 43.46
N TYR I 32 -7.60 11.03 44.76
CA TYR I 32 -7.35 9.82 45.49
C TYR I 32 -8.66 9.08 45.74
N ALA I 33 -8.54 7.77 45.92
CA ALA I 33 -9.69 6.94 46.18
C ALA I 33 -9.75 6.56 47.65
N MET I 34 -10.98 6.42 48.13
CA MET I 34 -11.25 6.09 49.51
C MET I 34 -11.60 4.63 49.63
N GLY I 35 -11.62 4.14 50.85
CA GLY I 35 -11.95 2.76 51.09
C GLY I 35 -12.41 2.57 52.50
N TRP I 36 -13.16 1.51 52.73
CA TRP I 36 -13.68 1.20 54.04
C TRP I 36 -13.37 -0.26 54.32
N ALA I 37 -13.12 -0.54 55.58
CA ALA I 37 -12.80 -1.92 55.96
C ALA I 37 -13.31 -2.14 57.36
N ARG I 38 -13.49 -3.39 57.72
CA ARG I 38 -13.99 -3.69 59.04
C ARG I 38 -13.09 -4.72 59.68
N GLN I 39 -13.07 -4.71 61.01
CA GLN I 39 -12.24 -5.62 61.79
C GLN I 39 -13.01 -6.13 62.99
N VAL I 40 -13.41 -7.39 62.94
CA VAL I 40 -14.05 -7.98 64.11
C VAL I 40 -12.99 -8.20 65.18
N PRO I 41 -13.25 -7.90 66.44
CA PRO I 41 -12.26 -8.17 67.49
C PRO I 41 -11.88 -9.64 67.51
N GLY I 42 -10.59 -9.90 67.68
CA GLY I 42 -10.04 -11.24 67.66
C GLY I 42 -9.78 -11.81 66.28
N LYS I 43 -10.06 -11.07 65.22
CA LYS I 43 -9.83 -11.51 63.86
C LYS I 43 -9.16 -10.38 63.10
N GLY I 44 -8.61 -10.71 61.94
CA GLY I 44 -7.92 -9.70 61.16
C GLY I 44 -8.83 -8.76 60.41
N LEU I 45 -8.20 -7.76 59.83
CA LEU I 45 -8.89 -6.73 59.08
C LEU I 45 -9.49 -7.32 57.80
N GLU I 46 -10.67 -6.84 57.44
CA GLU I 46 -11.39 -7.31 56.26
C GLU I 46 -12.04 -6.12 55.58
N TRP I 47 -11.67 -5.87 54.33
CA TRP I 47 -12.26 -4.75 53.61
C TRP I 47 -13.73 -5.00 53.31
N VAL I 48 -14.51 -3.92 53.37
CA VAL I 48 -15.94 -3.98 53.16
C VAL I 48 -16.36 -3.28 51.88
N SER I 49 -15.69 -2.19 51.53
CA SER I 49 -16.07 -1.43 50.35
C SER I 49 -14.88 -0.62 49.85
N TYR I 50 -14.99 -0.19 48.61
CA TYR I 50 -13.97 0.62 47.96
C TYR I 50 -14.65 1.54 46.95
N ILE I 51 -13.95 2.62 46.62
CA ILE I 51 -14.41 3.63 45.69
C ILE I 51 -13.22 4.13 44.89
N TYR I 52 -13.46 4.44 43.63
CA TYR I 52 -12.47 4.92 42.67
C TYR I 52 -12.62 6.40 42.39
N SER I 53 -11.65 6.94 41.68
CA SER I 53 -11.71 8.35 41.33
C SER I 53 -12.68 8.61 40.18
N ASP I 54 -13.12 7.56 39.48
CA ASP I 54 -14.06 7.69 38.38
C ASP I 54 -15.51 7.38 38.76
N GLY I 55 -15.83 7.27 40.06
CA GLY I 55 -17.19 6.95 40.49
C GLY I 55 -17.48 5.48 40.69
N SER I 56 -16.57 4.59 40.32
CA SER I 56 -16.72 3.16 40.48
C SER I 56 -16.67 2.74 41.95
N THR I 57 -17.49 1.74 42.30
CA THR I 57 -17.58 1.22 43.66
C THR I 57 -17.36 -0.29 43.67
N GLU I 58 -16.70 -0.79 44.71
CA GLU I 58 -16.44 -2.22 44.92
C GLU I 58 -16.99 -2.64 46.27
N TYR I 59 -17.67 -3.78 46.33
CA TYR I 59 -18.31 -4.27 47.55
C TYR I 59 -17.95 -5.72 47.87
N GLN I 60 -17.73 -6.00 49.15
CA GLN I 60 -17.43 -7.36 49.61
C GLN I 60 -18.63 -8.26 49.45
N ASP I 61 -18.36 -9.53 49.12
CA ASP I 61 -19.44 -10.49 48.94
C ASP I 61 -20.21 -10.74 50.23
N SER I 62 -19.52 -10.74 51.37
CA SER I 62 -20.21 -10.95 52.65
C SER I 62 -21.19 -9.84 52.97
N VAL I 63 -20.97 -8.65 52.44
CA VAL I 63 -21.86 -7.52 52.67
C VAL I 63 -22.42 -6.96 51.36
N LYS I 64 -22.40 -7.78 50.31
CA LYS I 64 -22.89 -7.33 49.02
C LYS I 64 -24.39 -7.10 49.07
N GLY I 65 -24.82 -6.00 48.44
CA GLY I 65 -26.21 -5.60 48.39
C GLY I 65 -26.74 -4.84 49.58
N ARG I 66 -25.91 -4.60 50.60
CA ARG I 66 -26.34 -3.88 51.79
C ARG I 66 -25.48 -2.67 52.13
N PHE I 67 -24.32 -2.51 51.50
CA PHE I 67 -23.41 -1.39 51.76
C PHE I 67 -23.39 -0.46 50.57
N THR I 68 -23.40 0.84 50.86
CA THR I 68 -23.39 1.88 49.84
C THR I 68 -22.21 2.82 50.09
N ILE I 69 -21.45 3.11 49.04
CA ILE I 69 -20.29 4.01 49.13
C ILE I 69 -20.35 5.00 47.98
N SER I 70 -20.01 6.25 48.27
CA SER I 70 -20.04 7.31 47.27
C SER I 70 -19.09 8.43 47.67
N ARG I 71 -19.12 9.52 46.90
CA ARG I 71 -18.31 10.71 47.10
C ARG I 71 -19.18 11.95 47.14
N ASP I 72 -18.75 12.94 47.92
CA ASP I 72 -19.40 14.24 47.99
C ASP I 72 -18.34 15.25 47.57
N ASN I 73 -18.26 15.50 46.25
CA ASN I 73 -17.26 16.39 45.69
C ASN I 73 -17.44 17.83 46.14
N ALA I 74 -18.65 18.23 46.54
CA ALA I 74 -18.84 19.58 47.02
C ALA I 74 -18.05 19.76 48.29
N LYS I 75 -18.05 18.75 49.14
CA LYS I 75 -17.33 18.80 50.39
C LYS I 75 -16.15 17.85 50.41
N SER I 76 -15.91 17.12 49.34
CA SER I 76 -14.79 16.18 49.29
C SER I 76 -14.83 15.18 50.44
N THR I 77 -16.02 14.65 50.73
CA THR I 77 -16.20 13.71 51.84
C THR I 77 -16.82 12.40 51.36
N VAL I 78 -16.22 11.27 51.76
CA VAL I 78 -16.70 9.94 51.40
C VAL I 78 -17.71 9.43 52.44
N TYR I 79 -18.76 8.78 51.94
CA TYR I 79 -19.87 8.25 52.70
C TYR I 79 -19.97 6.73 52.64
N LEU I 80 -20.44 6.15 53.75
CA LEU I 80 -20.65 4.70 53.92
C LEU I 80 -22.01 4.46 54.57
N GLN I 81 -23.01 4.13 53.75
CA GLN I 81 -24.37 3.84 54.29
C GLN I 81 -24.50 2.35 54.54
N MET I 82 -24.96 1.95 55.72
CA MET I 82 -25.18 0.52 56.03
C MET I 82 -26.69 0.33 56.23
N ASN I 83 -27.27 -0.71 55.63
CA ASN I 83 -28.72 -0.99 55.81
C ASN I 83 -28.87 -2.48 56.15
N SER I 84 -29.97 -2.85 56.83
CA SER I 84 -30.23 -4.29 57.14
C SER I 84 -29.06 -4.94 57.88
N LEU I 85 -28.58 -4.32 58.96
CA LEU I 85 -27.44 -4.87 59.75
C LEU I 85 -27.83 -6.22 60.33
N LYS I 86 -26.89 -7.17 60.33
CA LYS I 86 -27.14 -8.50 60.94
C LYS I 86 -26.39 -8.55 62.28
N PRO I 87 -27.04 -8.94 63.40
CA PRO I 87 -26.37 -9.05 64.68
C PRO I 87 -24.95 -9.64 64.65
N GLU I 88 -24.59 -10.38 63.59
CA GLU I 88 -23.25 -10.95 63.53
C GLU I 88 -22.28 -10.06 62.74
N ASP I 89 -22.60 -8.77 62.59
CA ASP I 89 -21.78 -7.80 61.85
C ASP I 89 -21.15 -6.79 62.81
N THR I 90 -20.74 -7.26 63.97
CA THR I 90 -20.12 -6.44 65.02
C THR I 90 -18.63 -6.27 64.76
N ALA I 91 -18.22 -5.12 64.24
CA ALA I 91 -16.80 -4.91 63.96
C ALA I 91 -16.51 -3.41 63.97
N VAL I 92 -15.23 -3.07 63.84
CA VAL I 92 -14.82 -1.67 63.84
C VAL I 92 -14.45 -1.30 62.42
N TYR I 93 -15.09 -0.26 61.91
CA TYR I 93 -14.88 0.20 60.54
C TYR I 93 -13.84 1.31 60.46
N TYR I 94 -12.97 1.22 59.45
CA TYR I 94 -11.90 2.18 59.24
C TYR I 94 -11.99 2.75 57.84
N CYS I 95 -11.65 4.04 57.75
CA CYS I 95 -11.57 4.77 56.49
C CYS I 95 -10.12 4.77 56.05
N ALA I 96 -9.88 4.42 54.79
CA ALA I 96 -8.54 4.29 54.24
C ALA I 96 -8.42 5.12 52.98
N THR I 97 -7.20 5.57 52.70
CA THR I 97 -6.92 6.38 51.51
C THR I 97 -5.85 5.71 50.66
N GLU I 98 -5.87 6.03 49.37
CA GLU I 98 -4.89 5.46 48.45
C GLU I 98 -3.50 5.97 48.76
N GLY I 99 -2.53 5.05 48.71
CA GLY I 99 -1.15 5.41 48.95
C GLY I 99 -0.46 6.10 47.80
N SER I 100 -1.00 5.98 46.60
CA SER I 100 -0.41 6.59 45.41
C SER I 100 -1.52 6.92 44.42
N LEU I 101 -1.13 7.23 43.19
CA LEU I 101 -2.06 7.56 42.12
C LEU I 101 -2.07 6.50 41.02
N GLY I 102 -0.89 6.11 40.54
CA GLY I 102 -0.79 5.10 39.52
C GLY I 102 -1.14 3.71 40.04
N GLY I 103 -1.54 2.85 39.11
CA GLY I 103 -1.91 1.50 39.46
C GLY I 103 -3.41 1.30 39.55
N TRP I 104 -3.82 0.05 39.37
CA TRP I 104 -5.22 -0.33 39.41
C TRP I 104 -5.47 -1.33 40.51
N GLY I 105 -6.51 -1.10 41.30
CA GLY I 105 -6.89 -1.99 42.37
C GLY I 105 -7.07 -1.24 43.67
N ARG I 106 -7.40 -2.01 44.70
CA ARG I 106 -7.59 -1.48 46.03
C ARG I 106 -6.26 -1.00 46.60
N ASP I 107 -6.27 0.17 47.23
CA ASP I 107 -5.06 0.73 47.82
C ASP I 107 -5.41 1.32 49.17
N PHE I 108 -5.00 0.65 50.23
CA PHE I 108 -5.25 1.10 51.59
C PHE I 108 -3.89 1.40 52.19
N GLY I 109 -3.44 2.64 52.04
CA GLY I 109 -2.14 3.05 52.53
C GLY I 109 -2.23 3.70 53.90
N SER I 110 -3.36 4.35 54.18
CA SER I 110 -3.55 5.04 55.44
C SER I 110 -4.85 4.57 56.08
N TRP I 111 -4.92 4.72 57.39
CA TRP I 111 -6.08 4.34 58.19
C TRP I 111 -6.46 5.45 59.16
N GLY I 112 -7.76 5.52 59.43
CA GLY I 112 -8.30 6.50 60.36
C GLY I 112 -8.47 5.92 61.75
N GLN I 113 -9.14 6.71 62.60
CA GLN I 113 -9.37 6.25 63.97
C GLN I 113 -10.24 5.01 64.00
N GLY I 114 -11.29 4.99 63.19
CA GLY I 114 -12.17 3.84 63.13
C GLY I 114 -13.32 3.98 64.11
N THR I 115 -14.51 3.65 63.66
CA THR I 115 -15.70 3.72 64.50
C THR I 115 -16.13 2.32 64.84
N GLN I 116 -16.33 2.07 66.13
CA GLN I 116 -16.74 0.78 66.63
C GLN I 116 -18.25 0.73 66.68
N VAL I 117 -18.82 -0.32 66.10
CA VAL I 117 -20.27 -0.52 66.10
C VAL I 117 -20.54 -1.92 66.63
N THR I 118 -21.52 -2.01 67.53
CA THR I 118 -21.91 -3.26 68.16
C THR I 118 -23.42 -3.31 68.28
N VAL I 119 -23.91 -4.53 68.39
CA VAL I 119 -25.34 -4.80 68.45
C VAL I 119 -25.81 -4.90 69.89
N SER I 120 -26.82 -4.12 70.22
CA SER I 120 -27.43 -4.11 71.54
C SER I 120 -28.92 -4.23 71.30
N SER I 121 -29.62 -4.85 72.23
CA SER I 121 -31.04 -5.00 72.04
C SER I 121 -31.78 -5.03 73.36
C1 NAG J . -3.38 -20.88 53.53
C2 NAG J . -4.44 -20.74 54.61
C3 NAG J . -5.70 -21.48 54.23
C4 NAG J . -6.06 -21.04 52.80
C5 NAG J . -4.97 -21.20 51.75
C6 NAG J . -5.35 -20.56 50.42
C7 NAG J . -3.62 -22.40 56.28
C8 NAG J . -4.36 -22.94 57.47
N2 NAG J . -3.96 -21.15 55.93
O3 NAG J . -6.70 -21.17 55.21
O4 NAG J . -7.24 -21.58 52.25
O5 NAG J . -3.85 -20.52 52.24
O6 NAG J . -6.33 -21.34 49.74
O7 NAG J . -2.77 -23.06 55.72
C1 NAG J . -8.44 -20.96 52.75
C2 NAG J . -8.99 -19.89 51.82
C3 NAG J . -10.47 -19.64 52.14
C4 NAG J . -11.25 -20.95 52.08
C5 NAG J . -10.60 -21.98 53.00
C6 NAG J . -11.24 -23.34 52.92
C7 NAG J . -8.36 -17.61 51.14
C8 NAG J . -7.48 -16.43 51.45
N2 NAG J . -8.22 -18.67 51.96
O3 NAG J . -11.04 -18.71 51.22
O4 NAG J . -12.61 -20.73 52.44
O5 NAG J . -9.23 -22.14 52.63
O6 NAG J . -12.33 -23.35 52.00
O7 NAG J . -9.18 -17.59 50.22
C1 NAG K . 27.05 -43.55 3.49
C2 NAG K . 28.54 -43.28 3.77
C3 NAG K . 29.39 -43.88 2.67
C4 NAG K . 29.08 -45.36 2.49
C5 NAG K . 27.59 -45.55 2.27
C6 NAG K . 27.18 -47.00 2.20
C7 NAG K . 29.41 -41.29 4.94
C8 NAG K . 29.58 -39.81 4.89
N2 NAG K . 28.79 -41.84 3.89
O3 NAG K . 30.77 -43.72 3.01
O4 NAG K . 29.79 -45.88 1.38
O5 NAG K . 26.84 -44.96 3.35
O6 NAG K . 28.02 -47.74 1.33
O7 NAG K . 29.80 -41.98 5.89
C1 NAG L . 47.09 1.32 -11.90
C2 NAG L . 48.39 2.08 -11.68
C3 NAG L . 48.98 2.50 -13.02
C4 NAG L . 49.13 1.29 -13.93
C5 NAG L . 47.81 0.54 -14.04
C6 NAG L . 47.93 -0.76 -14.80
C7 NAG L . 48.53 3.28 -9.55
C8 NAG L . 48.24 4.57 -8.82
N2 NAG L . 48.17 3.25 -10.84
O3 NAG L . 50.25 3.11 -12.81
O4 NAG L . 49.55 1.70 -15.23
O5 NAG L . 47.33 0.21 -12.74
O6 NAG L . 49.14 -1.43 -14.49
O7 NAG L . 49.06 2.33 -8.99
C1 NAG M . 24.69 -44.33 -35.75
C2 NAG M . 25.45 -45.57 -35.28
C3 NAG M . 26.93 -45.26 -35.13
C4 NAG M . 27.48 -44.66 -36.41
C5 NAG M . 26.64 -43.45 -36.84
C6 NAG M . 27.06 -42.89 -38.18
C7 NAG M . 24.00 -47.07 -33.99
C8 NAG M . 23.54 -47.47 -32.62
N2 NAG M . 24.90 -46.08 -34.04
O3 NAG M . 27.63 -46.45 -34.81
O4 NAG M . 28.83 -44.24 -36.22
O5 NAG M . 25.27 -43.84 -36.96
O6 NAG M . 26.31 -41.72 -38.51
O7 NAG M . 23.57 -47.61 -35.01
C1 NAG N . -10.42 -57.44 -70.25
C2 NAG N . -9.74 -58.83 -70.28
C3 NAG N . -10.36 -59.69 -71.38
C4 NAG N . -11.87 -59.76 -71.19
C5 NAG N . -12.45 -58.34 -71.15
C6 NAG N . -13.94 -58.32 -70.86
C7 NAG N . -7.40 -59.12 -69.59
C8 NAG N . -5.96 -58.93 -69.97
N2 NAG N . -8.30 -58.71 -70.49
O3 NAG N . -9.80 -60.98 -71.34
O4 NAG N . -12.46 -60.47 -72.27
O5 NAG N . -11.82 -57.61 -70.09
O6 NAG N . -14.56 -59.51 -71.34
O7 NAG N . -7.73 -59.60 -68.52
C1 NAG O . 56.49 10.08 9.47
C2 NAG O . 56.56 8.69 8.83
C3 NAG O . 55.50 8.55 7.75
C4 NAG O . 54.13 8.86 8.31
C5 NAG O . 54.12 10.23 8.98
C6 NAG O . 52.82 10.50 9.69
C7 NAG O . 58.34 7.21 8.06
C8 NAG O . 59.71 7.11 7.48
N2 NAG O . 57.88 8.44 8.29
O3 NAG O . 55.52 7.23 7.23
O4 NAG O . 53.16 8.85 7.25
O5 NAG O . 55.16 10.32 9.96
O6 NAG O . 51.70 10.18 8.87
O7 NAG O . 57.67 6.21 8.30
C1 NAG P . -11.11 -46.97 9.72
C2 NAG P . -10.53 -47.93 10.74
C3 NAG P . -9.80 -49.06 10.03
C4 NAG P . -10.75 -49.74 9.07
C5 NAG P . -11.32 -48.71 8.10
C6 NAG P . -12.32 -49.36 7.14
C7 NAG P . -10.11 -46.72 12.79
C8 NAG P . -10.37 -47.69 13.91
N2 NAG P . -9.65 -47.26 11.67
O3 NAG P . -9.31 -50.00 10.99
O4 NAG P . -10.06 -50.75 8.34
O5 NAG P . -11.98 -47.66 8.82
O6 NAG P . -12.73 -48.41 6.16
O7 NAG P . -10.30 -45.52 12.91
C1 NAG Q . -0.83 -50.50 -13.87
C2 NAG Q . -0.48 -51.38 -12.64
C3 NAG Q . -1.63 -52.32 -12.34
C4 NAG Q . -2.94 -51.54 -12.21
C5 NAG Q . -3.19 -50.67 -13.44
C6 NAG Q . -4.42 -49.80 -13.35
C7 NAG Q . 1.56 -52.41 -11.75
C8 NAG Q . 2.81 -53.18 -12.07
N2 NAG Q . 0.77 -52.12 -12.78
O3 NAG Q . -1.33 -52.94 -11.10
O4 NAG Q . -4.03 -52.42 -11.98
O5 NAG Q . -2.07 -49.78 -13.62
O6 NAG Q . -5.33 -50.28 -12.37
O7 NAG Q . 1.29 -52.05 -10.60
C1 NAG R . 3.43 -40.63 -71.27
C2 NAG R . 3.12 -40.32 -72.74
C3 NAG R . 4.11 -41.02 -73.65
C4 NAG R . 5.54 -40.68 -73.24
C5 NAG R . 5.75 -40.98 -71.76
C6 NAG R . 7.11 -40.56 -71.26
C7 NAG R . 0.73 -39.87 -73.13
C8 NAG R . -0.60 -40.47 -73.48
N2 NAG R . 1.75 -40.73 -73.07
O3 NAG R . 3.89 -40.61 -75.00
O4 NAG R . 6.46 -41.44 -74.01
O5 NAG R . 4.77 -40.26 -70.98
O6 NAG R . 7.82 -41.66 -70.69
O7 NAG R . 0.87 -38.67 -72.93
C1 NAG S . -14.70 -56.32 -49.87
C2 NAG S . -14.89 -57.66 -50.60
C3 NAG S . -15.69 -58.62 -49.72
C4 NAG S . -15.05 -58.75 -48.34
C5 NAG S . -14.87 -57.37 -47.72
C6 NAG S . -14.14 -57.41 -46.39
C7 NAG S . -15.10 -58.00 -53.01
C8 NAG S . -15.90 -57.71 -54.24
N2 NAG S . -15.55 -57.47 -51.88
O3 NAG S . -15.74 -59.89 -50.35
O4 NAG S . -15.86 -59.55 -47.49
O5 NAG S . -14.10 -56.53 -48.60
O6 NAG S . -13.65 -56.12 -46.05
O7 NAG S . -14.08 -58.70 -53.05
C1 NAG T . 0.41 -50.81 -59.44
C2 NAG T . 1.84 -50.96 -59.96
C3 NAG T . 2.81 -51.10 -58.79
C4 NAG T . 2.63 -49.95 -57.80
C5 NAG T . 1.16 -49.84 -57.39
C6 NAG T . 0.89 -48.63 -56.51
C7 NAG T . 2.62 -52.04 -62.02
C8 NAG T . 2.62 -53.30 -62.83
N2 NAG T . 1.95 -52.10 -60.86
O3 NAG T . 4.14 -51.11 -59.28
O4 NAG T . 3.41 -50.19 -56.64
O5 NAG T . 0.33 -49.70 -58.56
O6 NAG T . -0.23 -48.87 -55.66
O7 NAG T . 3.18 -51.03 -62.40
C1 NAG U . -6.44 -43.54 -84.90
C2 NAG U . -4.94 -43.79 -85.10
C3 NAG U . -4.39 -42.87 -86.17
C4 NAG U . -5.19 -43.02 -87.47
C5 NAG U . -6.67 -42.79 -87.19
C6 NAG U . -7.53 -43.07 -88.40
C7 NAG U . -3.18 -44.45 -83.51
C8 NAG U . -2.53 -44.15 -82.20
N2 NAG U . -4.20 -43.65 -83.86
O3 NAG U . -3.02 -43.17 -86.40
O4 NAG U . -4.73 -42.08 -88.42
O5 NAG U . -7.12 -43.67 -86.16
O6 NAG U . -7.64 -44.47 -88.65
O7 NAG U . -2.81 -45.38 -84.22
C1 NAG V . 29.54 -25.88 -27.54
C2 NAG V . 30.51 -26.73 -26.73
C3 NAG V . 31.27 -27.68 -27.66
C4 NAG V . 30.30 -28.49 -28.49
C5 NAG V . 29.32 -27.57 -29.22
C6 NAG V . 28.24 -28.32 -29.97
C7 NAG V . 31.56 -26.01 -24.64
C8 NAG V . 32.56 -25.08 -24.01
N2 NAG V . 31.42 -25.91 -25.97
O3 NAG V . 32.08 -28.55 -26.87
O4 NAG V . 31.00 -29.27 -29.45
O5 NAG V . 28.65 -26.72 -28.28
O6 NAG V . 27.49 -27.45 -30.81
O7 NAG V . 30.91 -26.81 -23.98
C1 NAG W . -28.36 -55.21 -32.66
C2 NAG W . -29.04 -56.58 -32.87
C3 NAG W . -29.28 -57.27 -31.53
C4 NAG W . -27.99 -57.34 -30.72
C5 NAG W . -27.40 -55.95 -30.56
C6 NAG W . -26.07 -55.94 -29.84
C7 NAG W . -30.86 -57.45 -34.28
C8 NAG W . -32.14 -57.12 -34.96
N2 NAG W . -30.29 -56.45 -33.59
O3 NAG W . -29.78 -58.58 -31.75
O4 NAG W . -28.25 -57.89 -29.44
O5 NAG W . -27.17 -55.37 -31.86
O6 NAG W . -25.00 -56.22 -30.73
O7 NAG W . -30.35 -58.56 -34.33
C1 NAG X . 34.91 50.06 -11.62
C2 NAG X . 35.61 50.73 -10.45
C3 NAG X . 34.67 50.83 -9.25
C4 NAG X . 33.37 51.52 -9.66
C5 NAG X . 32.76 50.82 -10.87
C6 NAG X . 31.54 51.52 -11.41
C7 NAG X . 37.95 50.03 -10.79
C8 NAG X . 39.09 49.23 -10.26
N2 NAG X . 36.81 50.00 -10.08
O3 NAG X . 35.29 51.57 -8.21
O4 NAG X . 32.44 51.48 -8.58
O5 NAG X . 33.72 50.78 -11.94
O6 NAG X . 30.34 50.92 -10.93
O7 NAG X . 38.04 50.68 -11.83
C1 NAG Y . 51.65 29.23 -16.25
C2 NAG Y . 52.82 28.87 -15.33
C3 NAG Y . 52.31 28.50 -13.95
C4 NAG Y . 51.44 29.64 -13.40
C5 NAG Y . 50.33 29.97 -14.37
C6 NAG Y . 49.50 31.15 -13.95
C7 NAG Y . 54.93 27.83 -16.06
C8 NAG Y . 55.57 26.62 -16.64
N2 NAG Y . 53.60 27.77 -15.88
O3 NAG Y . 53.41 28.27 -13.08
O4 NAG Y . 50.86 29.25 -12.15
O5 NAG Y . 50.89 30.30 -15.66
O6 NAG Y . 49.74 31.49 -12.59
O7 NAG Y . 55.57 28.83 -15.76
C1 NAG Z . 37.83 32.38 6.09
C2 NAG Z . 36.78 33.40 6.51
C3 NAG Z . 36.92 33.74 7.99
C4 NAG Z . 36.87 32.48 8.83
C5 NAG Z . 37.93 31.49 8.33
C6 NAG Z . 37.89 30.16 9.05
C7 NAG Z . 36.09 34.83 4.62
C8 NAG Z . 36.32 36.11 3.90
N2 NAG Z . 36.86 34.60 5.69
O3 NAG Z . 35.87 34.63 8.38
O4 NAG Z . 37.10 32.77 10.20
O5 NAG Z . 37.73 31.22 6.94
O6 NAG Z . 38.37 30.27 10.39
O7 NAG Z . 35.24 34.01 4.26
C1 NAG AA . -25.30 39.92 -2.00
C2 NAG AA . -25.38 40.63 -3.35
C3 NAG AA . -26.81 40.66 -3.88
C4 NAG AA . -27.42 39.27 -3.85
C5 NAG AA . -27.27 38.66 -2.47
C6 NAG AA . -27.76 37.23 -2.39
C7 NAG AA . -24.45 42.70 -4.30
C8 NAG AA . -23.95 44.08 -4.01
N2 NAG AA . -24.86 41.99 -3.25
O3 NAG AA . -26.79 41.14 -5.22
O4 NAG AA . -28.80 39.33 -4.19
O5 NAG AA . -25.90 38.65 -2.10
O6 NAG AA . -27.61 36.70 -1.07
O7 NAG AA . -24.47 42.23 -5.44
C1 NAG BA . -15.63 52.33 15.90
C2 NAG BA . -14.59 51.50 15.17
C3 NAG BA . -13.60 52.41 14.45
C4 NAG BA . -14.35 53.37 13.54
C5 NAG BA . -15.45 54.11 14.32
C6 NAG BA . -16.32 54.95 13.43
C7 NAG BA . -13.81 49.28 15.86
C8 NAG BA . -13.06 48.49 16.90
N2 NAG BA . -13.90 50.59 16.09
O3 NAG BA . -12.70 51.62 13.70
O4 NAG BA . -13.45 54.34 13.02
O5 NAG BA . -16.31 53.15 14.97
O6 NAG BA . -17.08 54.16 12.53
O7 NAG BA . -14.32 48.74 14.89
C1 NAG CA . -16.95 25.22 -34.40
C2 NAG CA . -18.29 24.59 -34.74
C3 NAG CA . -19.05 25.46 -35.74
C4 NAG CA . -19.17 26.88 -35.21
C5 NAG CA . -17.80 27.42 -34.83
C6 NAG CA . -17.85 28.79 -34.17
C7 NAG CA . -18.69 22.15 -34.74
C8 NAG CA . -19.55 22.39 -33.53
N2 NAG CA . -18.12 23.24 -35.27
O3 NAG CA . -20.34 24.91 -35.96
O4 NAG CA . -19.75 27.72 -36.19
O5 NAG CA . -17.16 26.54 -33.89
O6 NAG CA . -19.17 29.09 -33.73
O7 NAG CA . -18.52 21.04 -35.21
C1 NAG DA . -15.19 22.16 -54.35
C2 NAG DA . -14.48 23.42 -54.81
C3 NAG DA . -15.16 24.66 -54.22
C4 NAG DA . -16.64 24.65 -54.53
C5 NAG DA . -17.28 23.33 -54.09
C6 NAG DA . -18.73 23.21 -54.51
C7 NAG DA . -12.13 22.92 -55.29
C8 NAG DA . -10.72 22.96 -54.77
N2 NAG DA . -13.07 23.39 -54.46
O3 NAG DA . -14.55 25.82 -54.74
O4 NAG DA . -17.29 25.72 -53.84
O5 NAG DA . -16.58 22.22 -54.70
O6 NAG DA . -18.87 22.36 -55.65
O7 NAG DA . -12.40 22.50 -56.40
C1 NAG EA . -7.85 -16.43 -74.18
C2 NAG EA . -7.69 -16.15 -75.68
C3 NAG EA . -6.30 -16.61 -76.15
C4 NAG EA . -5.22 -15.98 -75.28
C5 NAG EA . -5.49 -16.26 -73.80
C6 NAG EA . -4.52 -15.57 -72.88
C7 NAG EA . -8.97 -18.08 -76.54
C8 NAG EA . -10.11 -18.50 -77.41
N2 NAG EA . -8.74 -16.77 -76.46
O3 NAG EA . -6.12 -16.24 -77.51
O4 NAG EA . -3.95 -16.53 -75.63
O5 NAG EA . -6.80 -15.81 -73.45
O6 NAG EA . -5.19 -14.98 -71.78
O7 NAG EA . -8.30 -18.91 -75.91
C1 NAG FA . -24.79 -6.56 -76.34
C2 NAG FA . -26.24 -6.18 -75.98
C3 NAG FA . -26.93 -5.51 -77.19
C4 NAG FA . -26.10 -4.37 -77.75
C5 NAG FA . -24.73 -4.89 -78.14
C6 NAG FA . -23.81 -3.80 -78.64
C7 NAG FA . -28.25 -7.37 -75.19
C8 NAG FA . -28.83 -8.70 -74.89
N2 NAG FA . -26.98 -7.38 -75.60
O3 NAG FA . -28.21 -5.01 -76.80
O4 NAG FA . -26.73 -3.83 -78.91
O5 NAG FA . -24.12 -5.42 -76.95
O6 NAG FA . -23.10 -3.19 -77.58
O7 NAG FA . -28.89 -6.33 -75.06
C1 NAG GA . -24.87 -17.14 -85.68
C2 NAG GA . -23.88 -16.56 -86.69
C3 NAG GA . -24.06 -17.21 -88.05
C4 NAG GA . -23.98 -18.73 -87.93
C5 NAG GA . -24.96 -19.23 -86.88
C6 NAG GA . -24.85 -20.71 -86.63
C7 NAG GA . -25.08 -14.45 -87.19
C8 NAG GA . -24.97 -12.96 -87.20
N2 NAG GA . -23.98 -15.11 -86.78
O3 NAG GA . -23.06 -16.75 -88.93
O4 NAG GA . -24.27 -19.33 -89.18
O5 NAG GA . -24.72 -18.57 -85.62
O6 NAG GA . -23.52 -21.17 -86.85
O7 NAG GA . -26.11 -15.04 -87.51
C1 NAG HA . -44.08 -20.65 -82.25
C2 NAG HA . -45.02 -19.44 -82.41
C3 NAG HA . -46.43 -19.87 -82.06
C4 NAG HA . -46.86 -21.12 -82.81
C5 NAG HA . -45.80 -22.24 -82.84
C6 NAG HA . -46.11 -23.31 -83.87
C7 NAG HA . -44.63 -17.01 -82.05
C8 NAG HA . -44.19 -15.96 -81.06
N2 NAG HA . -44.62 -18.28 -81.61
O3 NAG HA . -47.28 -18.76 -82.32
O4 NAG HA . -48.01 -21.61 -82.12
O5 NAG HA . -44.49 -21.72 -83.15
O6 NAG HA . -47.38 -23.89 -83.65
O7 NAG HA . -44.94 -16.73 -83.20
C1 NAG IA . -38.99 -7.89 -71.49
C2 NAG IA . -40.09 -8.84 -71.98
C3 NAG IA . -40.76 -8.28 -73.22
C4 NAG IA . -41.25 -6.86 -72.97
C5 NAG IA . -40.11 -6.00 -72.45
C6 NAG IA . -40.54 -4.60 -72.06
C7 NAG IA . -39.69 -11.20 -71.43
C8 NAG IA . -39.05 -12.49 -71.87
N2 NAG IA . -39.54 -10.16 -72.25
O3 NAG IA . -41.86 -9.11 -73.59
O4 NAG IA . -41.74 -6.29 -74.18
O5 NAG IA . -39.55 -6.59 -71.27
O6 NAG IA . -40.16 -4.28 -70.73
O7 NAG IA . -40.33 -11.12 -70.39
C1 NAG JA . 12.77 4.01 -50.59
C2 NAG JA . 12.56 4.66 -51.95
C3 NAG JA . 13.42 3.96 -53.01
C4 NAG JA . 14.88 3.93 -52.57
C5 NAG JA . 15.00 3.33 -51.17
C6 NAG JA . 16.40 3.38 -50.62
C7 NAG JA . 10.33 5.65 -52.20
C8 NAG JA . 8.91 5.42 -52.65
N2 NAG JA . 11.16 4.60 -52.34
O3 NAG JA . 13.30 4.64 -54.25
O4 NAG JA . 15.66 3.16 -53.48
O5 NAG JA . 14.17 4.04 -50.25
O6 NAG JA . 16.90 4.71 -50.59
O7 NAG JA . 10.70 6.72 -51.75
C1 NAG KA . 10.26 -25.14 -64.79
C2 NAG KA . 10.92 -25.91 -65.92
C3 NAG KA . 12.43 -25.96 -65.70
C4 NAG KA . 12.99 -24.56 -65.51
C5 NAG KA . 12.23 -23.83 -64.40
C6 NAG KA . 12.64 -22.39 -64.23
C7 NAG KA . 9.74 -27.70 -67.11
C8 NAG KA . 9.26 -29.11 -67.05
N2 NAG KA . 10.39 -27.25 -66.03
O3 NAG KA . 13.05 -26.57 -66.83
O4 NAG KA . 14.36 -24.62 -65.17
O5 NAG KA . 10.82 -23.83 -64.69
O6 NAG KA . 11.52 -21.58 -63.90
O7 NAG KA . 9.56 -26.98 -68.09
C1 NAG LA . -47.47 18.08 37.68
C2 NAG LA . -46.85 19.00 38.72
C3 NAG LA . -45.42 18.58 39.03
C4 NAG LA . -45.37 17.12 39.43
C5 NAG LA . -46.05 16.26 38.37
C6 NAG LA . -46.16 14.80 38.76
C7 NAG LA . -47.83 21.26 38.66
C8 NAG LA . -47.72 22.64 38.10
N2 NAG LA . -46.89 20.39 38.28
O3 NAG LA . -44.90 19.39 40.08
O4 NAG LA . -44.02 16.70 39.59
O5 NAG LA . -47.39 16.72 38.14
O6 NAG LA . -44.89 14.27 39.13
O7 NAG LA . -48.74 20.93 39.42
C1 NAG MA . -48.85 -1.56 12.47
C2 NAG MA . -49.02 -2.93 13.13
C3 NAG MA . -50.37 -3.54 12.74
C4 NAG MA . -51.50 -2.55 13.02
C5 NAG MA . -51.20 -1.22 12.34
C6 NAG MA . -52.25 -0.16 12.62
C7 NAG MA . -47.64 -4.24 11.54
C8 NAG MA . -46.48 -5.18 11.42
N2 NAG MA . -47.93 -3.83 12.79
O3 NAG MA . -50.59 -4.73 13.50
O4 NAG MA . -52.73 -3.07 12.52
O5 NAG MA . -49.95 -0.70 12.82
O6 NAG MA . -52.95 -0.44 13.83
O7 NAG MA . -48.29 -3.87 10.57
C1 NAG NA . -24.87 27.71 31.46
C2 NAG NA . -24.86 28.20 32.91
C3 NAG NA . -23.42 28.37 33.39
C4 NAG NA . -22.63 27.10 33.19
C5 NAG NA . -22.71 26.67 31.72
C6 NAG NA . -22.04 25.34 31.47
C7 NAG NA . -26.21 29.80 34.19
C8 NAG NA . -26.91 31.12 34.16
N2 NAG NA . -25.60 29.45 33.05
O3 NAG NA . -23.43 28.72 34.77
O4 NAG NA . -21.27 27.30 33.54
O5 NAG NA . -24.08 26.51 31.33
O6 NAG NA . -22.69 24.28 32.17
O7 NAG NA . -26.18 29.09 35.18
C1 NAG OA . -23.30 13.76 23.44
C2 NAG OA . -22.52 14.79 24.24
C3 NAG OA . -21.03 14.54 24.12
C4 NAG OA . -20.69 13.11 24.49
C5 NAG OA . -21.55 12.13 23.70
C6 NAG OA . -21.36 10.69 24.12
C7 NAG OA . -23.68 16.94 24.48
C8 NAG OA . -23.91 18.30 23.90
N2 NAG OA . -22.85 16.14 23.81
O3 NAG OA . -20.32 15.45 24.95
O4 NAG OA . -19.32 12.84 24.24
O5 NAG OA . -22.94 12.44 23.88
O6 NAG OA . -20.88 10.61 25.45
O7 NAG OA . -24.22 16.59 25.53
C1 NAG PA . -14.13 -33.75 32.36
C2 NAG PA . -14.47 -34.68 31.18
C3 NAG PA . -15.80 -35.40 31.44
C4 NAG PA . -15.83 -36.04 32.82
C5 NAG PA . -15.47 -35.01 33.88
C6 NAG PA . -15.40 -35.58 35.28
C7 NAG PA . -13.57 -33.90 29.03
C8 NAG PA . -13.84 -33.07 27.80
N2 NAG PA . -14.55 -33.94 29.94
O3 NAG PA . -16.00 -36.39 30.45
O4 NAG PA . -17.13 -36.55 33.10
O5 NAG PA . -14.17 -34.48 33.58
O6 NAG PA . -16.41 -35.01 36.11
O7 NAG PA . -12.51 -34.51 29.19
C1 NAG QA . -41.24 22.25 -15.15
C2 NAG QA . -40.99 22.09 -16.66
C3 NAG QA . -42.16 22.67 -17.45
C4 NAG QA . -43.49 22.08 -16.97
C5 NAG QA . -43.62 22.27 -15.46
C6 NAG QA . -44.87 21.62 -14.90
C7 NAG QA . -39.12 22.46 -18.20
C8 NAG QA . -37.84 23.21 -18.44
N2 NAG QA . -39.74 22.72 -17.04
O3 NAG QA . -41.99 22.40 -18.83
O4 NAG QA . -44.57 22.74 -17.62
O5 NAG QA . -42.51 21.67 -14.80
O6 NAG QA . -44.60 20.29 -14.45
O7 NAG QA . -39.57 21.66 -19.02
C1 NAG RA . -47.97 -2.77 -21.15
C2 NAG RA . -48.56 -1.37 -20.92
C3 NAG RA . -49.56 -1.04 -22.02
C4 NAG RA . -48.91 -1.21 -23.40
C5 NAG RA . -48.31 -2.61 -23.52
C6 NAG RA . -47.55 -2.81 -24.81
C7 NAG RA . -48.65 -0.60 -18.59
C8 NAG RA . -49.44 -0.61 -17.31
N2 NAG RA . -49.19 -1.28 -19.62
O3 NAG RA . -50.01 0.30 -21.87
O4 NAG RA . -49.89 -1.02 -24.42
O5 NAG RA . -47.38 -2.84 -22.46
O6 NAG RA . -48.29 -3.60 -25.73
O7 NAG RA . -47.58 -0.01 -18.70
C1 NAG SA . -34.15 -30.38 2.91
C2 NAG SA . -33.55 -31.57 2.12
C3 NAG SA . -34.64 -32.55 1.74
C4 NAG SA . -35.41 -32.99 2.98
C5 NAG SA . -35.95 -31.78 3.72
C6 NAG SA . -36.61 -32.13 5.03
C7 NAG SA . -31.66 -31.60 0.55
C8 NAG SA . -31.07 -30.99 -0.70
N2 NAG SA . -32.84 -31.11 0.94
O3 NAG SA . -34.05 -33.68 1.11
O4 NAG SA . -36.48 -33.84 2.60
O5 NAG SA . -34.89 -30.87 4.03
O6 NAG SA . -35.66 -32.07 6.08
O7 NAG SA . -31.07 -32.47 1.17
C1 NAG TA . -51.61 -35.46 -10.44
C2 NAG TA . -50.49 -36.34 -9.87
C3 NAG TA . -50.96 -37.02 -8.59
C4 NAG TA . -51.53 -35.98 -7.64
C5 NAG TA . -52.74 -35.31 -8.27
C6 NAG TA . -52.70 -33.81 -8.19
C7 NAG TA . -48.77 -37.48 -11.19
C8 NAG TA . -47.78 -36.58 -10.51
N2 NAG TA . -50.05 -37.32 -10.84
O3 NAG TA . -49.86 -37.68 -7.97
O4 NAG TA . -51.93 -36.61 -6.42
O5 NAG TA . -52.82 -35.65 -9.67
O6 NAG TA . -53.93 -33.22 -8.57
O7 NAG TA . -48.42 -38.33 -12.02
C1 NAG UA . -40.03 -54.68 -45.76
C2 NAG UA . -39.56 -55.55 -46.94
C3 NAG UA . -40.72 -56.40 -47.46
C4 NAG UA . -41.35 -57.19 -46.32
C5 NAG UA . -41.74 -56.27 -45.18
C6 NAG UA . -42.26 -57.00 -43.96
C7 NAG UA . -37.71 -54.50 -48.13
C8 NAG UA . -37.31 -53.63 -49.29
N2 NAG UA . -39.02 -54.73 -47.99
O3 NAG UA . -40.25 -57.28 -48.47
O4 NAG UA . -42.50 -57.88 -46.79
O5 NAG UA . -40.60 -55.51 -44.74
O6 NAG UA . -43.25 -56.24 -43.28
O7 NAG UA . -36.87 -54.97 -47.36
C1 NAG VA . -49.25 -24.32 -53.15
C2 NAG VA . -50.40 -24.62 -54.11
C3 NAG VA . -51.00 -23.33 -54.64
C4 NAG VA . -51.38 -22.41 -53.48
C5 NAG VA . -50.20 -22.20 -52.56
C6 NAG VA . -50.54 -21.41 -51.32
C7 NAG VA . -50.59 -26.61 -55.54
C8 NAG VA . -50.00 -27.36 -56.70
N2 NAG VA . -49.96 -25.47 -55.20
O3 NAG VA . -52.14 -23.62 -55.44
O4 NAG VA . -51.82 -21.15 -53.98
O5 NAG VA . -49.71 -23.47 -52.10
O6 NAG VA . -49.38 -20.89 -50.69
O7 NAG VA . -51.59 -27.00 -54.95
C1 NAG WA . -49.36 -41.23 -44.25
C2 NAG WA . -49.22 -42.43 -43.28
C3 NAG WA . -49.63 -42.02 -41.87
C4 NAG WA . -48.90 -40.75 -41.44
C5 NAG WA . -49.06 -39.66 -42.50
C6 NAG WA . -48.26 -38.41 -42.19
C7 NAG WA . -51.21 -43.85 -43.97
C8 NAG WA . -52.16 -42.70 -43.74
N2 NAG WA . -49.89 -43.64 -43.74
O3 NAG WA . -49.33 -43.08 -40.97
O4 NAG WA . -49.42 -40.28 -40.20
O5 NAG WA . -48.60 -40.12 -43.77
O6 NAG WA . -47.94 -37.70 -43.36
O7 NAG WA . -51.61 -44.94 -44.35
C1 NAG XA . -52.04 -43.29 -60.66
C2 NAG XA . -53.56 -43.42 -60.58
C3 NAG XA . -54.12 -43.87 -61.93
C4 NAG XA . -53.65 -42.93 -63.03
C5 NAG XA . -52.13 -42.81 -63.02
C6 NAG XA . -51.62 -41.79 -64.00
C7 NAG XA . -54.76 -43.98 -58.53
C8 NAG XA . -55.07 -45.05 -57.53
N2 NAG XA . -53.97 -44.33 -59.54
O3 NAG XA . -55.54 -43.89 -61.87
O4 NAG XA . -54.07 -43.42 -64.30
O5 NAG XA . -51.69 -42.39 -61.72
O6 NAG XA . -52.01 -40.47 -63.65
O7 NAG XA . -55.20 -42.84 -58.42
C1 NAG YA . -41.46 -60.74 -61.74
C2 NAG YA . -42.10 -61.51 -60.59
C3 NAG YA . -41.51 -62.92 -60.49
C4 NAG YA . -41.61 -63.63 -61.84
C5 NAG YA . -40.98 -62.79 -62.93
C6 NAG YA . -41.15 -63.38 -64.31
C7 NAG YA . -42.88 -60.83 -58.37
C8 NAG YA . -42.57 -60.04 -57.13
N2 NAG YA . -41.95 -60.80 -59.33
O3 NAG YA . -42.19 -63.65 -59.49
O4 NAG YA . -40.96 -64.89 -61.77
O5 NAG YA . -41.59 -61.49 -62.97
O6 NAG YA . -41.72 -62.44 -65.21
O7 NAG YA . -43.93 -61.45 -58.49
C1 NAG ZA . -43.33 -3.23 -54.79
C2 NAG ZA . -44.11 -2.75 -56.01
C3 NAG ZA . -44.47 -1.27 -55.85
C4 NAG ZA . -45.18 -1.03 -54.53
C5 NAG ZA . -44.35 -1.59 -53.37
C6 NAG ZA . -45.05 -1.50 -52.04
C7 NAG ZA . -43.74 -3.85 -58.16
C8 NAG ZA . -42.86 -3.95 -59.37
N2 NAG ZA . -43.37 -2.97 -57.24
O3 NAG ZA . -45.29 -0.87 -56.94
O4 NAG ZA . -45.40 0.36 -54.33
O5 NAG ZA . -44.08 -2.99 -53.60
O6 NAG ZA . -44.20 -0.93 -51.05
O7 NAG ZA . -44.74 -4.55 -58.04
#